data_8SPO
#
_entry.id   8SPO
#
_cell.length_a   1.00
_cell.length_b   1.00
_cell.length_c   1.00
_cell.angle_alpha   90.00
_cell.angle_beta   90.00
_cell.angle_gamma   90.00
#
_symmetry.space_group_name_H-M   'P 1'
#
loop_
_entity.id
_entity.type
_entity.pdbx_description
1 polymer 'TIR domain-containing protein'
2 polymer 'Piwi domain-containing protein'
3 polymer 'guide RNA'
4 polymer 'target DNA'
5 non-polymer 'MAGNESIUM ION'
6 non-polymer NICOTINAMIDE-ADENINE-DINUCLEOTIDE
#
loop_
_entity_poly.entity_id
_entity_poly.type
_entity_poly.pdbx_seq_one_letter_code
_entity_poly.pdbx_strand_id
1 'polypeptide(L)'
;RNKIFISHATPDDNDFTRWLALKLIGLGYEVWCDILFLDKGVDFWSNIEKVIREDTCKFLLVSSSYSNQREGVLKELAVA
AKVKKQLKDDKFIIPLAIDEQLSYDDINIDIVRLNAIDFKMSWARGLKDILEAFEKQKVPKEVADASKSNLLYQQIFLHD
KSVIEKEEIYDSNWLSILSFPEELRFHEYNWMLPKRFDVRELTFPAVRYKNYLCTFAWAYDFTYHLPKTETYHKSKTIRI
PTEEILSGSYDSNFIRNAECKRLIVQLLNKAFELRMKDKEVQEYEMSNKTAYWLEKGKLEKDKFEKTMLVGKQKDKNWHF
AISGASKLYPFPVLMISSHIFFTADGKKLIDSSSVQHSSRRRQGKNWWNNTWRTKLLAFIKYLSDDDTSFYLEMGSEEKV
FVSNEPVKFKGNVSYNIPEKNTLEEEAELSGFNQGEDIEELEELIENLEAE
;
A,E,I,M
2 'polypeptide(L)'
;MKELIYIEEPKILFAHGQKCTDARDGLALFGPLNNLYGIKSGVIGTKQGLKIFRDYLDHIQKPIYNSNSITRPMFPGFEA
VFDCKWESTGITFKEVTNEDIGKFLYNSSTHKRTYDLVSLFIDKIISANKNEDENVDVWFVIVPDEIYKYCRPNSVLPKE
MVQTKALMSKSKAKSFRYEPSLFPDINIELKEQEKEAETYNYDAQFHDQFKARLLKHTIPTQIFRESTLAWRDFKNAFGL
PIRDFSKIEGHLAWTISTAAFYKAGGKPWKLSDVRNGVCYLGLVYKKVEKSKNPRNACCAAQMFLDNGDGTVFKGEVGPW
YNPKNGQYHLEPKEAKALLSQSLQSYKEQIGEYPKEVFIHAKTRFNHQEWDAFLEVTPKETNLVGVTISKTKPLKLYKTE
GDYTILRGNAYVVNERSAFLWTVGYVPKIQTALSMEVPNPLFIEINKGEADIKQVLKDILSLTKLNYNACIFADGEPVTL
RFADKIGEILTASTDIKTPPLAFKYYI
;
B,F,L,N
3 'polyribonucleotide' UGACGGCUCUAAUCUAUUAGU C,G,J,O
4 'polydeoxyribonucleotide'
;(DC)(DA)(DA)(DC)(DT)(DA)(DA)(DT)(DA)(DG)(DA)(DT)(DT)(DA)(DG)(DA)(DG)(DC)(DC)(DG)
(DT)(DC)(DA)(DA)(DT)
;
D,H,K,P
#
loop_
_chem_comp.id
_chem_comp.type
_chem_comp.name
_chem_comp.formula
A RNA linking ADENOSINE-5'-MONOPHOSPHATE 'C10 H14 N5 O7 P'
C RNA linking CYTIDINE-5'-MONOPHOSPHATE 'C9 H14 N3 O8 P'
DA DNA linking 2'-DEOXYADENOSINE-5'-MONOPHOSPHATE 'C10 H14 N5 O6 P'
DC DNA linking 2'-DEOXYCYTIDINE-5'-MONOPHOSPHATE 'C9 H14 N3 O7 P'
DG DNA linking 2'-DEOXYGUANOSINE-5'-MONOPHOSPHATE 'C10 H14 N5 O7 P'
DT DNA linking THYMIDINE-5'-MONOPHOSPHATE 'C10 H15 N2 O8 P'
G RNA linking GUANOSINE-5'-MONOPHOSPHATE 'C10 H14 N5 O8 P'
MG non-polymer 'MAGNESIUM ION' 'Mg 2'
NAD non-polymer NICOTINAMIDE-ADENINE-DINUCLEOTIDE 'C21 H27 N7 O14 P2'
U RNA linking URIDINE-5'-MONOPHOSPHATE 'C9 H13 N2 O9 P'
#
# COMPACT_ATOMS: atom_id res chain seq x y z
N ARG A 1 12.73 -5.79 20.76
CA ARG A 1 12.99 -5.43 19.36
C ARG A 1 14.03 -4.33 19.27
N ASN A 2 15.21 -4.69 18.78
CA ASN A 2 16.30 -3.74 18.60
C ASN A 2 16.88 -3.73 17.20
N LYS A 3 16.68 -4.78 16.40
CA LYS A 3 17.36 -4.90 15.11
C LYS A 3 16.73 -3.96 14.09
N ILE A 4 17.56 -3.58 13.11
CA ILE A 4 17.12 -2.82 11.95
C ILE A 4 17.46 -3.65 10.73
N PHE A 5 16.43 -4.11 10.02
CA PHE A 5 16.60 -5.12 8.98
C PHE A 5 16.83 -4.44 7.63
N ILE A 6 17.89 -4.87 6.94
CA ILE A 6 18.25 -4.32 5.63
C ILE A 6 18.11 -5.44 4.61
N SER A 7 17.31 -5.19 3.58
CA SER A 7 17.12 -6.12 2.48
C SER A 7 17.76 -5.56 1.22
N HIS A 8 18.44 -6.43 0.47
CA HIS A 8 19.19 -5.98 -0.70
C HIS A 8 19.45 -7.18 -1.60
N ALA A 9 20.10 -6.93 -2.72
CA ALA A 9 20.57 -7.97 -3.62
C ALA A 9 22.01 -8.31 -3.24
N THR A 10 22.26 -9.60 -2.98
CA THR A 10 23.53 -9.99 -2.37
C THR A 10 24.74 -9.66 -3.22
N PRO A 11 24.81 -10.02 -4.50
CA PRO A 11 26.05 -9.80 -5.26
C PRO A 11 26.15 -8.45 -5.94
N ASP A 12 25.09 -7.65 -5.92
CA ASP A 12 25.03 -6.42 -6.72
C ASP A 12 25.08 -5.14 -5.89
N ASP A 13 24.32 -5.07 -4.80
CA ASP A 13 24.28 -3.88 -3.96
C ASP A 13 25.24 -3.97 -2.78
N ASN A 14 26.33 -4.73 -2.92
CA ASN A 14 27.21 -4.99 -1.79
C ASN A 14 27.89 -3.72 -1.29
N ASP A 15 28.35 -2.86 -2.20
CA ASP A 15 29.10 -1.68 -1.79
C ASP A 15 28.24 -0.75 -0.94
N PHE A 16 27.07 -0.37 -1.45
CA PHE A 16 26.22 0.55 -0.71
C PHE A 16 25.72 -0.09 0.57
N THR A 17 25.35 -1.36 0.52
CA THR A 17 24.83 -2.03 1.71
C THR A 17 25.89 -2.09 2.80
N ARG A 18 27.12 -2.45 2.44
CA ARG A 18 28.20 -2.46 3.43
C ARG A 18 28.44 -1.07 3.99
N TRP A 19 28.50 -0.07 3.10
CA TRP A 19 28.74 1.30 3.56
C TRP A 19 27.68 1.73 4.56
N LEU A 20 26.41 1.53 4.22
CA LEU A 20 25.31 1.99 5.08
C LEU A 20 25.25 1.19 6.36
N ALA A 21 25.41 -0.14 6.28
CA ALA A 21 25.35 -0.96 7.47
C ALA A 21 26.45 -0.59 8.45
N LEU A 22 27.67 -0.39 7.95
CA LEU A 22 28.76 -0.02 8.85
C LEU A 22 28.56 1.39 9.42
N LYS A 23 28.04 2.32 8.62
CA LYS A 23 27.77 3.65 9.13
C LYS A 23 26.72 3.61 10.24
N LEU A 24 25.65 2.84 10.03
CA LEU A 24 24.59 2.74 11.02
C LEU A 24 25.08 2.05 12.28
N ILE A 25 25.90 1.01 12.14
CA ILE A 25 26.46 0.34 13.30
C ILE A 25 27.41 1.27 14.06
N GLY A 26 28.10 2.14 13.34
CA GLY A 26 28.93 3.13 14.01
C GLY A 26 28.12 4.16 14.78
N LEU A 27 26.99 4.59 14.20
CA LEU A 27 26.13 5.54 14.91
C LEU A 27 25.59 4.98 16.21
N GLY A 28 25.58 3.66 16.38
CA GLY A 28 25.11 3.05 17.61
C GLY A 28 23.87 2.17 17.44
N TYR A 29 23.34 2.01 16.23
CA TYR A 29 22.17 1.18 16.01
C TYR A 29 22.56 -0.30 16.00
N GLU A 30 21.54 -1.16 16.03
CA GLU A 30 21.72 -2.59 15.87
C GLU A 30 21.13 -3.02 14.53
N VAL A 31 21.93 -3.70 13.72
CA VAL A 31 21.59 -3.99 12.34
C VAL A 31 21.67 -5.48 12.10
N TRP A 32 20.74 -6.00 11.30
CA TRP A 32 20.78 -7.37 10.82
C TRP A 32 20.91 -7.34 9.31
N CYS A 33 21.95 -7.98 8.78
CA CYS A 33 22.13 -8.07 7.33
C CYS A 33 22.87 -9.35 7.00
N ASP A 34 22.68 -9.81 5.77
CA ASP A 34 23.26 -11.08 5.33
C ASP A 34 24.69 -10.95 4.85
N ILE A 35 25.25 -9.73 4.81
CA ILE A 35 26.68 -9.54 4.57
C ILE A 35 27.45 -9.37 5.87
N LEU A 36 26.78 -9.48 7.02
CA LEU A 36 27.40 -9.32 8.32
C LEU A 36 27.68 -10.65 8.99
N PHE A 37 27.54 -11.76 8.26
CA PHE A 37 27.64 -13.09 8.84
C PHE A 37 28.54 -13.97 7.97
N LEU A 38 29.32 -14.81 8.63
CA LEU A 38 30.08 -15.87 7.98
C LEU A 38 29.51 -17.22 8.38
N ASP A 39 30.01 -18.27 7.72
CA ASP A 39 29.59 -19.64 7.99
C ASP A 39 28.07 -19.77 7.86
N LYS A 40 27.57 -19.40 6.68
CA LYS A 40 26.15 -19.43 6.39
C LYS A 40 25.77 -20.82 5.88
N GLY A 41 24.57 -20.96 5.31
CA GLY A 41 24.05 -22.25 4.94
C GLY A 41 22.58 -22.40 5.25
N VAL A 42 22.23 -23.33 6.14
CA VAL A 42 20.85 -23.60 6.49
C VAL A 42 20.24 -22.39 7.21
N ASP A 43 21.06 -21.37 7.49
CA ASP A 43 20.53 -20.15 8.09
C ASP A 43 19.44 -19.53 7.22
N PHE A 44 19.60 -19.57 5.91
CA PHE A 44 18.61 -18.97 5.01
C PHE A 44 17.25 -19.59 5.24
N TRP A 45 16.25 -18.74 5.46
CA TRP A 45 14.89 -19.19 5.73
C TRP A 45 14.85 -19.94 7.05
N SER A 46 13.70 -19.91 7.73
CA SER A 46 13.50 -20.43 9.08
C SER A 46 14.25 -19.61 10.13
N ASN A 47 15.05 -18.64 9.72
CA ASN A 47 15.69 -17.68 10.60
C ASN A 47 15.47 -16.24 10.16
N ILE A 48 15.34 -16.01 8.84
CA ILE A 48 14.98 -14.69 8.36
C ILE A 48 13.58 -14.33 8.82
N GLU A 49 12.64 -15.27 8.69
CA GLU A 49 11.27 -15.01 9.10
C GLU A 49 11.19 -14.76 10.60
N LYS A 50 11.94 -15.52 11.39
CA LYS A 50 11.92 -15.33 12.84
C LYS A 50 12.40 -13.93 13.22
N VAL A 51 13.50 -13.48 12.62
CA VAL A 51 14.03 -12.16 12.94
C VAL A 51 13.10 -11.07 12.44
N ILE A 52 12.49 -11.25 11.28
CA ILE A 52 11.55 -10.25 10.78
C ILE A 52 10.32 -10.18 11.68
N ARG A 53 9.89 -11.31 12.23
CA ARG A 53 8.63 -11.36 12.95
C ARG A 53 8.77 -11.02 14.42
N GLU A 54 9.96 -11.19 15.00
CA GLU A 54 10.11 -11.09 16.45
C GLU A 54 11.23 -10.16 16.92
N ASP A 55 12.08 -9.65 16.03
CA ASP A 55 13.20 -8.82 16.46
C ASP A 55 13.23 -7.48 15.73
N THR A 56 12.81 -7.46 14.46
CA THR A 56 12.91 -6.26 13.67
C THR A 56 12.00 -5.16 14.22
N CYS A 57 12.51 -3.93 14.21
CA CYS A 57 11.71 -2.75 14.55
C CYS A 57 11.51 -1.81 13.36
N LYS A 58 12.46 -1.78 12.43
CA LYS A 58 12.32 -1.06 11.17
C LYS A 58 12.83 -1.95 10.05
N PHE A 59 12.20 -1.85 8.89
CA PHE A 59 12.54 -2.69 7.74
C PHE A 59 13.04 -1.79 6.61
N LEU A 60 14.34 -1.50 6.63
CA LEU A 60 14.93 -0.72 5.56
C LEU A 60 15.06 -1.57 4.31
N LEU A 61 14.63 -1.04 3.18
CA LEU A 61 14.72 -1.71 1.89
C LEU A 61 15.58 -0.87 0.95
N VAL A 62 16.55 -1.51 0.32
CA VAL A 62 17.37 -0.86 -0.69
C VAL A 62 16.69 -1.08 -2.03
N SER A 63 16.20 0.01 -2.63
CA SER A 63 15.44 -0.05 -3.86
C SER A 63 16.35 0.30 -5.03
N SER A 64 16.49 -0.63 -5.97
CA SER A 64 17.37 -0.45 -7.11
C SER A 64 16.86 -1.30 -8.26
N SER A 65 17.53 -1.18 -9.41
CA SER A 65 17.16 -1.97 -10.57
C SER A 65 17.40 -3.46 -10.35
N TYR A 66 18.22 -3.82 -9.37
CA TYR A 66 18.51 -5.22 -9.06
C TYR A 66 17.54 -5.81 -8.05
N SER A 67 17.11 -5.02 -7.06
CA SER A 67 16.20 -5.50 -6.04
C SER A 67 14.75 -5.49 -6.50
N ASN A 68 14.44 -4.83 -7.61
CA ASN A 68 13.08 -4.83 -8.12
C ASN A 68 12.80 -6.16 -8.84
N GLN A 69 11.75 -6.86 -8.40
CA GLN A 69 11.41 -8.17 -8.93
C GLN A 69 12.50 -9.20 -8.62
N ARG A 70 12.83 -9.33 -7.34
CA ARG A 70 13.71 -10.39 -6.86
C ARG A 70 12.96 -11.20 -5.82
N GLU A 71 13.06 -12.53 -5.93
CA GLU A 71 12.17 -13.40 -5.16
C GLU A 71 12.38 -13.23 -3.66
N GLY A 72 13.64 -13.27 -3.20
CA GLY A 72 13.89 -13.14 -1.77
C GLY A 72 13.42 -11.81 -1.23
N VAL A 73 13.68 -10.73 -1.96
CA VAL A 73 13.25 -9.40 -1.52
C VAL A 73 11.73 -9.33 -1.45
N LEU A 74 11.04 -9.87 -2.46
CA LEU A 74 9.58 -9.81 -2.46
C LEU A 74 8.98 -10.63 -1.33
N LYS A 75 9.52 -11.81 -1.07
CA LYS A 75 9.03 -12.62 0.04
C LYS A 75 9.26 -11.93 1.37
N GLU A 76 10.44 -11.33 1.55
CA GLU A 76 10.71 -10.59 2.78
C GLU A 76 9.78 -9.40 2.92
N LEU A 77 9.46 -8.74 1.81
CA LEU A 77 8.49 -7.64 1.84
C LEU A 77 7.10 -8.13 2.25
N ALA A 78 6.69 -9.30 1.74
CA ALA A 78 5.39 -9.84 2.13
C ALA A 78 5.35 -10.11 3.64
N VAL A 79 6.40 -10.73 4.17
CA VAL A 79 6.45 -10.98 5.61
C VAL A 79 6.43 -9.66 6.37
N ALA A 80 7.18 -8.67 5.88
CA ALA A 80 7.24 -7.38 6.57
C ALA A 80 5.88 -6.68 6.57
N ALA A 81 5.14 -6.80 5.47
CA ALA A 81 3.80 -6.23 5.41
C ALA A 81 2.87 -6.91 6.40
N LYS A 82 2.94 -8.24 6.48
CA LYS A 82 2.13 -8.95 7.48
C LYS A 82 2.50 -8.50 8.89
N VAL A 83 3.79 -8.31 9.15
CA VAL A 83 4.21 -7.87 10.48
C VAL A 83 3.73 -6.44 10.75
N LYS A 84 3.79 -5.58 9.74
CA LYS A 84 3.32 -4.21 9.90
C LYS A 84 1.84 -4.17 10.23
N LYS A 85 1.05 -5.01 9.56
CA LYS A 85 -0.36 -5.13 9.93
C LYS A 85 -0.49 -5.67 11.35
N GLN A 86 0.35 -6.62 11.74
CA GLN A 86 0.26 -7.22 13.07
C GLN A 86 0.46 -6.17 14.15
N LEU A 87 1.41 -5.26 13.97
CA LEU A 87 1.65 -4.18 14.91
C LEU A 87 0.90 -2.92 14.47
N LYS A 88 0.86 -1.94 15.36
CA LYS A 88 0.23 -0.65 15.08
C LYS A 88 1.34 0.32 14.70
N ASP A 89 1.84 0.17 13.46
CA ASP A 89 2.95 0.98 12.99
C ASP A 89 2.84 1.07 11.46
N ASP A 90 2.35 2.20 10.97
CA ASP A 90 2.26 2.41 9.53
C ASP A 90 3.62 2.72 8.91
N LYS A 91 4.53 3.32 9.67
CA LYS A 91 5.87 3.61 9.19
C LYS A 91 6.84 2.53 9.64
N PHE A 92 6.60 1.31 9.15
CA PHE A 92 7.46 0.16 9.45
C PHE A 92 8.40 -0.18 8.31
N ILE A 93 8.09 0.23 7.08
CA ILE A 93 8.91 -0.05 5.91
C ILE A 93 9.29 1.28 5.28
N ILE A 94 10.58 1.46 5.00
CA ILE A 94 11.12 2.70 4.48
C ILE A 94 11.98 2.38 3.27
N PRO A 95 11.46 2.56 2.06
CA PRO A 95 12.29 2.33 0.86
C PRO A 95 13.41 3.36 0.75
N LEU A 96 14.52 2.92 0.17
CA LEU A 96 15.66 3.78 -0.13
C LEU A 96 16.00 3.62 -1.60
N ALA A 97 15.86 4.70 -2.37
CA ALA A 97 16.09 4.65 -3.81
C ALA A 97 17.50 5.14 -4.12
N ILE A 98 18.24 4.32 -4.87
CA ILE A 98 19.62 4.65 -5.21
C ILE A 98 19.92 4.51 -6.70
N ASP A 99 19.13 3.79 -7.48
CA ASP A 99 19.46 3.50 -8.86
C ASP A 99 18.86 4.56 -9.78
N GLU A 100 19.73 5.32 -10.45
CA GLU A 100 19.25 6.36 -11.37
C GLU A 100 18.48 5.77 -12.54
N GLN A 101 18.69 4.48 -12.84
CA GLN A 101 17.97 3.83 -13.92
C GLN A 101 16.62 3.27 -13.48
N LEU A 102 16.31 3.31 -12.19
CA LEU A 102 15.00 2.91 -11.70
C LEU A 102 14.12 4.15 -11.61
N SER A 103 13.29 4.37 -12.62
CA SER A 103 12.38 5.50 -12.61
C SER A 103 11.34 5.36 -11.50
N TYR A 104 10.88 6.46 -10.94
CA TYR A 104 9.96 6.38 -9.77
C TYR A 104 8.58 5.89 -10.24
N ASP A 105 8.36 5.79 -11.56
CA ASP A 105 7.11 5.23 -12.05
C ASP A 105 7.22 3.74 -12.37
N ASP A 106 8.39 3.13 -12.18
CA ASP A 106 8.61 1.71 -12.46
C ASP A 106 8.79 0.90 -11.18
N ILE A 107 8.21 1.35 -10.08
CA ILE A 107 8.39 0.71 -8.79
C ILE A 107 7.35 -0.39 -8.62
N ASN A 108 7.74 -1.46 -7.95
CA ASN A 108 6.85 -2.60 -7.74
C ASN A 108 5.66 -2.21 -6.87
N ILE A 109 4.54 -2.90 -7.09
CA ILE A 109 3.26 -2.51 -6.51
C ILE A 109 3.31 -2.49 -4.98
N ASP A 110 4.27 -3.17 -4.36
CA ASP A 110 4.27 -3.27 -2.91
C ASP A 110 4.66 -1.96 -2.24
N ILE A 111 5.37 -1.08 -2.94
CA ILE A 111 5.91 0.14 -2.33
C ILE A 111 5.63 1.37 -3.19
N VAL A 112 4.71 1.26 -4.15
CA VAL A 112 4.43 2.41 -5.02
C VAL A 112 3.83 3.58 -4.25
N ARG A 113 3.18 3.33 -3.11
CA ARG A 113 2.46 4.36 -2.37
C ARG A 113 3.22 4.83 -1.14
N LEU A 114 4.49 4.48 -1.00
CA LEU A 114 5.26 4.81 0.19
C LEU A 114 6.18 6.00 -0.07
N ASN A 115 6.49 6.72 1.01
CA ASN A 115 7.36 7.89 0.96
C ASN A 115 8.79 7.44 1.20
N ALA A 116 9.65 7.59 0.20
CA ALA A 116 11.00 7.06 0.24
C ALA A 116 12.01 8.14 0.62
N ILE A 117 13.24 7.70 0.84
CA ILE A 117 14.38 8.58 1.09
C ILE A 117 15.29 8.52 -0.14
N ASP A 118 15.65 9.69 -0.66
CA ASP A 118 16.40 9.77 -1.90
C ASP A 118 17.90 9.71 -1.61
N PHE A 119 18.62 8.92 -2.41
CA PHE A 119 20.05 8.77 -2.28
C PHE A 119 20.80 9.05 -3.57
N LYS A 120 20.10 9.30 -4.67
CA LYS A 120 20.74 9.30 -5.98
C LYS A 120 21.74 10.44 -6.12
N MET A 121 21.33 11.66 -5.75
CA MET A 121 22.17 12.82 -6.00
C MET A 121 23.33 12.91 -5.01
N SER A 122 23.19 12.30 -3.83
CA SER A 122 24.27 12.26 -2.87
C SER A 122 23.86 11.36 -1.72
N TRP A 123 24.85 10.71 -1.10
CA TRP A 123 24.58 9.77 -0.02
C TRP A 123 24.61 10.43 1.35
N ALA A 124 25.31 11.56 1.51
CA ALA A 124 25.37 12.22 2.80
C ALA A 124 24.00 12.72 3.23
N ARG A 125 23.27 13.38 2.32
CA ARG A 125 21.95 13.89 2.68
C ARG A 125 20.95 12.76 2.88
N GLY A 126 21.10 11.65 2.14
CA GLY A 126 20.28 10.49 2.42
C GLY A 126 20.52 9.91 3.79
N LEU A 127 21.79 9.83 4.20
CA LEU A 127 22.09 9.36 5.55
C LEU A 127 21.51 10.29 6.61
N LYS A 128 21.61 11.60 6.37
CA LYS A 128 21.01 12.56 7.31
C LYS A 128 19.50 12.39 7.37
N ASP A 129 18.86 12.15 6.22
CA ASP A 129 17.42 11.93 6.22
C ASP A 129 17.06 10.69 7.02
N ILE A 130 17.81 9.60 6.85
CA ILE A 130 17.54 8.39 7.62
C ILE A 130 17.69 8.67 9.11
N LEU A 131 18.76 9.38 9.49
CA LEU A 131 18.99 9.66 10.90
C LEU A 131 17.86 10.50 11.49
N GLU A 132 17.43 11.53 10.76
CA GLU A 132 16.33 12.37 11.24
C GLU A 132 15.03 11.58 11.33
N ALA A 133 14.75 10.71 10.36
CA ALA A 133 13.55 9.89 10.44
C ALA A 133 13.58 8.98 11.66
N PHE A 134 14.72 8.34 11.92
CA PHE A 134 14.82 7.47 13.08
C PHE A 134 14.66 8.25 14.38
N GLU A 135 15.25 9.45 14.45
CA GLU A 135 15.09 10.27 15.65
C GLU A 135 13.64 10.70 15.84
N LYS A 136 12.94 10.98 14.74
CA LYS A 136 11.55 11.42 14.83
C LYS A 136 10.62 10.27 15.20
N GLN A 137 10.94 9.05 14.78
CA GLN A 137 10.13 7.88 15.08
C GLN A 137 10.58 7.14 16.33
N LYS A 138 11.64 7.61 16.99
CA LYS A 138 12.10 7.04 18.27
C LYS A 138 12.50 5.58 18.11
N VAL A 139 13.38 5.33 17.15
CA VAL A 139 13.93 3.97 16.97
C VAL A 139 14.93 3.69 18.08
N PRO A 140 14.97 2.49 18.65
CA PRO A 140 15.92 2.21 19.73
C PRO A 140 17.37 2.36 19.26
N LYS A 141 18.23 2.79 20.18
CA LYS A 141 19.65 2.94 19.89
C LYS A 141 20.41 3.05 21.19
N GLU A 142 21.71 2.75 21.12
CA GLU A 142 22.63 2.91 22.24
C GLU A 142 23.52 4.12 21.96
N VAL A 143 24.47 4.36 22.87
CA VAL A 143 25.41 5.47 22.69
C VAL A 143 26.27 5.20 21.46
N ALA A 144 26.46 6.24 20.66
CA ALA A 144 27.22 6.09 19.41
C ALA A 144 28.62 5.57 19.69
N ASP A 145 29.05 4.60 18.87
CA ASP A 145 30.37 4.03 19.01
C ASP A 145 30.80 3.48 17.65
N ALA A 146 32.02 3.86 17.21
CA ALA A 146 32.57 3.36 15.91
C ALA A 146 33.81 2.46 16.11
N SER A 147 34.36 2.42 17.33
CA SER A 147 35.48 1.48 17.59
C SER A 147 34.88 0.08 17.41
N LYS A 148 33.61 -0.06 17.80
CA LYS A 148 32.89 -1.34 17.67
C LYS A 148 32.88 -1.72 16.20
N SER A 149 32.53 -0.77 15.33
CA SER A 149 32.54 -1.02 13.87
C SER A 149 33.94 -1.46 13.44
N ASN A 150 34.98 -0.76 13.87
CA ASN A 150 36.31 -1.20 13.36
C ASN A 150 36.58 -2.64 13.83
N LEU A 151 36.31 -2.94 15.10
CA LEU A 151 36.58 -4.29 15.66
C LEU A 151 35.84 -5.32 14.82
N LEU A 152 34.56 -5.06 14.50
CA LEU A 152 33.74 -6.02 13.70
C LEU A 152 34.35 -6.18 12.31
N TYR A 153 34.70 -5.09 11.65
CA TYR A 153 35.32 -5.10 10.31
C TYR A 153 36.46 -6.10 10.35
N GLN A 154 37.36 -5.93 11.32
CA GLN A 154 38.51 -6.85 11.48
C GLN A 154 38.03 -8.30 11.53
N GLN A 155 37.07 -8.60 12.40
CA GLN A 155 36.61 -10.01 12.58
C GLN A 155 36.33 -10.67 11.23
N ILE A 156 36.12 -9.90 10.16
CA ILE A 156 35.74 -10.53 8.86
C ILE A 156 36.83 -10.34 7.81
N PHE A 157 37.21 -9.11 7.47
CA PHE A 157 38.17 -8.92 6.33
C PHE A 157 39.62 -8.84 6.79
N LEU A 158 39.90 -9.00 8.09
CA LEU A 158 41.32 -8.99 8.55
C LEU A 158 41.77 -10.38 8.97
N HIS A 159 40.88 -11.21 9.54
CA HIS A 159 41.27 -12.60 9.86
C HIS A 159 41.48 -13.38 8.56
N ASP A 160 40.53 -13.28 7.63
CA ASP A 160 40.59 -13.98 6.32
C ASP A 160 41.86 -13.57 5.58
N LYS A 161 42.63 -12.61 6.13
CA LYS A 161 43.89 -12.11 5.50
C LYS A 161 44.75 -11.28 6.47
N SER A 162 45.80 -11.86 7.07
CA SER A 162 46.77 -11.12 7.96
C SER A 162 48.13 -11.78 7.79
N VAL A 163 49.18 -11.36 8.53
CA VAL A 163 50.41 -12.12 8.30
C VAL A 163 50.38 -13.37 9.17
N ILE A 164 51.09 -14.40 8.73
CA ILE A 164 51.07 -15.71 9.38
C ILE A 164 52.48 -16.14 9.70
N GLU A 165 52.66 -16.77 10.86
CA GLU A 165 53.92 -17.40 11.22
C GLU A 165 54.13 -18.64 10.35
N LYS A 166 55.02 -18.54 9.37
CA LYS A 166 55.23 -19.62 8.41
C LYS A 166 56.65 -19.55 7.90
N GLU A 167 57.39 -20.65 8.00
CA GLU A 167 58.77 -20.67 7.58
C GLU A 167 58.88 -20.84 6.07
N GLU A 168 59.56 -19.90 5.42
CA GLU A 168 59.75 -19.93 3.97
C GLU A 168 61.22 -19.73 3.65
N ILE A 169 61.58 -20.08 2.42
CA ILE A 169 62.93 -19.92 1.92
C ILE A 169 62.86 -19.16 0.60
N TYR A 170 63.86 -18.31 0.35
CA TYR A 170 63.94 -17.50 -0.84
C TYR A 170 65.22 -17.79 -1.62
N ASP A 171 65.20 -17.40 -2.89
CA ASP A 171 66.37 -17.39 -3.74
C ASP A 171 66.74 -15.95 -4.08
N SER A 172 68.03 -15.67 -4.15
CA SER A 172 68.53 -14.34 -4.46
C SER A 172 69.33 -14.39 -5.76
N ASN A 173 69.95 -13.25 -6.10
CA ASN A 173 70.77 -13.12 -7.29
C ASN A 173 72.26 -13.08 -6.97
N TRP A 174 72.66 -13.58 -5.81
CA TRP A 174 74.06 -13.61 -5.39
C TRP A 174 74.61 -15.01 -5.58
N LEU A 175 75.86 -15.09 -6.06
CA LEU A 175 76.60 -16.34 -6.16
C LEU A 175 77.86 -16.22 -5.33
N SER A 176 78.02 -17.12 -4.37
CA SER A 176 79.18 -17.07 -3.51
C SER A 176 80.43 -17.53 -4.26
N ILE A 177 81.56 -16.92 -3.94
CA ILE A 177 82.85 -17.30 -4.50
C ILE A 177 83.48 -18.33 -3.58
N LEU A 178 83.87 -19.47 -4.15
CA LEU A 178 84.30 -20.62 -3.36
C LEU A 178 85.81 -20.69 -3.17
N SER A 179 86.57 -20.45 -4.23
CA SER A 179 88.02 -20.61 -4.21
C SER A 179 88.73 -19.31 -4.53
N PHE A 180 89.90 -19.12 -3.91
CA PHE A 180 90.82 -18.03 -4.21
C PHE A 180 92.21 -18.67 -4.37
N PRO A 181 92.99 -18.27 -5.37
CA PRO A 181 94.38 -18.72 -5.42
C PRO A 181 95.12 -18.35 -4.14
N GLU A 182 96.23 -19.04 -3.89
CA GLU A 182 96.89 -18.92 -2.60
C GLU A 182 97.73 -17.65 -2.49
N GLU A 183 98.41 -17.26 -3.57
CA GLU A 183 99.34 -16.10 -3.43
C GLU A 183 99.35 -15.24 -4.70
N LEU A 184 98.86 -14.00 -4.58
CA LEU A 184 98.94 -13.06 -5.72
C LEU A 184 100.41 -12.64 -5.83
N ARG A 185 100.96 -12.57 -7.06
CA ARG A 185 102.41 -12.29 -7.16
C ARG A 185 102.65 -11.11 -8.12
N PHE A 186 103.62 -10.24 -7.80
CA PHE A 186 103.93 -9.06 -8.65
C PHE A 186 105.26 -9.28 -9.38
N HIS A 187 105.24 -9.31 -10.71
CA HIS A 187 106.48 -9.58 -11.49
C HIS A 187 107.19 -8.26 -11.80
N GLU A 188 108.47 -8.15 -11.41
CA GLU A 188 109.20 -6.86 -11.59
C GLU A 188 109.88 -6.82 -12.97
N TYR A 189 109.16 -6.38 -14.01
CA TYR A 189 109.78 -6.23 -15.35
C TYR A 189 110.30 -4.80 -15.45
N ASN A 190 111.00 -4.33 -14.41
CA ASN A 190 111.53 -2.97 -14.37
C ASN A 190 112.02 -2.54 -15.75
N TRP A 191 111.31 -1.59 -16.36
CA TRP A 191 111.62 -1.08 -17.69
C TRP A 191 112.02 -2.20 -18.64
N MET A 192 111.36 -3.36 -18.53
CA MET A 192 111.53 -4.44 -19.49
C MET A 192 110.34 -4.60 -20.41
N LEU A 193 109.13 -4.33 -19.91
CA LEU A 193 107.94 -4.37 -20.73
C LEU A 193 107.68 -3.00 -21.39
N PRO A 194 107.14 -2.98 -22.60
CA PRO A 194 106.95 -1.70 -23.30
C PRO A 194 106.07 -0.75 -22.50
N LYS A 195 106.33 0.56 -22.68
CA LYS A 195 105.70 1.57 -21.84
C LYS A 195 104.23 1.75 -22.17
N ARG A 196 103.82 1.49 -23.41
CA ARG A 196 102.44 1.68 -23.82
C ARG A 196 101.86 0.37 -24.33
N PHE A 197 102.07 -0.71 -23.57
CA PHE A 197 101.70 -2.04 -24.06
C PHE A 197 100.21 -2.31 -24.00
N ASP A 198 99.43 -1.53 -23.22
CA ASP A 198 97.99 -1.75 -23.09
C ASP A 198 97.72 -3.18 -22.57
N VAL A 199 98.14 -3.39 -21.32
CA VAL A 199 98.20 -4.72 -20.73
C VAL A 199 96.82 -5.37 -20.60
N ARG A 200 95.76 -4.65 -20.98
CA ARG A 200 94.42 -5.23 -20.91
C ARG A 200 94.16 -6.26 -21.99
N GLU A 201 95.09 -6.46 -22.94
CA GLU A 201 94.92 -7.41 -24.02
C GLU A 201 95.75 -8.67 -23.84
N LEU A 202 96.30 -8.89 -22.65
CA LEU A 202 97.12 -10.07 -22.41
C LEU A 202 96.25 -11.31 -22.23
N THR A 203 96.91 -12.46 -22.13
CA THR A 203 96.19 -13.73 -22.05
C THR A 203 95.57 -13.96 -20.68
N PHE A 204 96.14 -13.38 -19.63
CA PHE A 204 95.62 -13.54 -18.28
C PHE A 204 95.42 -12.17 -17.64
N PRO A 205 94.51 -12.07 -16.67
CA PRO A 205 94.18 -10.75 -16.11
C PRO A 205 95.39 -10.15 -15.40
N ALA A 206 95.78 -8.95 -15.83
CA ALA A 206 96.91 -8.24 -15.28
C ALA A 206 96.53 -6.79 -15.04
N VAL A 207 97.23 -6.15 -14.11
CA VAL A 207 96.97 -4.76 -13.75
C VAL A 207 98.30 -4.11 -13.38
N ARG A 208 98.67 -3.07 -14.13
CA ARG A 208 99.91 -2.36 -13.84
C ARG A 208 99.81 -1.66 -12.49
N TYR A 209 100.92 -1.65 -11.76
CA TYR A 209 100.96 -1.01 -10.45
C TYR A 209 102.42 -0.66 -10.16
N LYS A 210 102.75 0.62 -10.22
CA LYS A 210 104.13 1.09 -10.07
C LYS A 210 104.92 0.47 -11.23
N ASN A 211 106.17 0.04 -11.00
CA ASN A 211 106.94 -0.68 -12.01
C ASN A 211 106.75 -2.19 -11.92
N TYR A 212 105.62 -2.64 -11.38
CA TYR A 212 105.32 -4.04 -11.16
C TYR A 212 104.16 -4.46 -12.05
N LEU A 213 103.74 -5.72 -11.91
CA LEU A 213 102.56 -6.24 -12.58
C LEU A 213 101.74 -7.03 -11.58
N CYS A 214 100.51 -6.57 -11.33
CA CYS A 214 99.61 -7.23 -10.40
C CYS A 214 98.80 -8.27 -11.16
N THR A 215 99.04 -9.54 -10.86
CA THR A 215 98.30 -10.63 -11.49
C THR A 215 98.35 -11.85 -10.58
N PHE A 216 97.41 -12.76 -10.81
CA PHE A 216 97.44 -14.07 -10.18
C PHE A 216 98.27 -15.07 -10.95
N ALA A 217 98.76 -14.71 -12.13
CA ALA A 217 99.40 -15.64 -13.04
C ALA A 217 100.79 -16.04 -12.54
N TRP A 218 101.46 -16.85 -13.34
CA TRP A 218 102.73 -17.47 -12.98
C TRP A 218 103.89 -16.69 -13.60
N ALA A 219 105.06 -16.79 -12.96
CA ALA A 219 106.13 -15.83 -13.18
C ALA A 219 106.41 -15.62 -14.66
N TYR A 220 106.59 -16.71 -15.42
CA TYR A 220 106.87 -16.62 -16.84
C TYR A 220 105.66 -16.96 -17.71
N ASP A 221 104.47 -16.64 -17.23
CA ASP A 221 103.29 -16.69 -18.08
C ASP A 221 103.35 -15.55 -19.10
N PHE A 222 102.32 -15.48 -19.95
CA PHE A 222 102.20 -14.46 -20.99
C PHE A 222 103.56 -14.12 -21.60
N THR A 223 104.21 -15.15 -22.14
CA THR A 223 105.49 -14.98 -22.81
C THR A 223 105.34 -14.66 -24.28
N TYR A 224 104.20 -15.00 -24.89
CA TYR A 224 103.96 -14.67 -26.29
C TYR A 224 103.95 -13.17 -26.50
N HIS A 225 103.23 -12.44 -25.63
CA HIS A 225 103.13 -10.99 -25.76
C HIS A 225 104.37 -10.27 -25.27
N LEU A 226 105.05 -10.80 -24.25
CA LEU A 226 106.27 -10.21 -23.71
C LEU A 226 107.43 -11.15 -24.00
N PRO A 227 108.08 -11.03 -25.15
CA PRO A 227 109.13 -12.00 -25.50
C PRO A 227 110.28 -12.05 -24.51
N LYS A 228 110.69 -10.90 -23.96
CA LYS A 228 111.90 -10.85 -23.13
C LYS A 228 111.49 -10.98 -21.67
N THR A 229 111.07 -12.19 -21.30
CA THR A 229 110.67 -12.49 -19.94
C THR A 229 111.31 -13.75 -19.36
N GLU A 230 111.88 -14.62 -20.20
CA GLU A 230 112.52 -15.83 -19.66
C GLU A 230 113.66 -15.48 -18.73
N THR A 231 114.49 -14.51 -19.11
CA THR A 231 115.57 -14.03 -18.25
C THR A 231 114.96 -13.08 -17.22
N TYR A 232 114.46 -13.66 -16.13
CA TYR A 232 113.82 -12.90 -15.08
C TYR A 232 114.07 -13.61 -13.76
N HIS A 233 114.68 -12.90 -12.81
CA HIS A 233 115.02 -13.50 -11.52
C HIS A 233 113.77 -13.54 -10.66
N LYS A 234 113.32 -14.76 -10.33
CA LYS A 234 112.01 -14.92 -9.71
C LYS A 234 111.97 -14.44 -8.27
N SER A 235 113.13 -14.27 -7.63
CA SER A 235 113.14 -13.89 -6.22
C SER A 235 112.65 -12.47 -6.00
N LYS A 236 112.65 -11.63 -7.04
CA LYS A 236 112.18 -10.26 -6.95
C LYS A 236 110.67 -10.14 -7.05
N THR A 237 109.94 -11.25 -6.91
CA THR A 237 108.48 -11.24 -6.96
C THR A 237 107.96 -11.05 -5.54
N ILE A 238 107.26 -9.96 -5.30
CA ILE A 238 106.71 -9.66 -3.98
C ILE A 238 105.42 -10.45 -3.83
N ARG A 239 105.47 -11.52 -3.02
CA ARG A 239 104.36 -12.46 -2.90
C ARG A 239 103.58 -12.19 -1.62
N ILE A 240 102.27 -11.98 -1.76
CA ILE A 240 101.38 -11.76 -0.63
C ILE A 240 100.24 -12.76 -0.73
N PRO A 241 99.96 -13.57 0.29
CA PRO A 241 98.85 -14.52 0.20
C PRO A 241 97.51 -13.81 0.12
N THR A 242 96.55 -14.45 -0.53
CA THR A 242 95.25 -13.85 -0.73
C THR A 242 94.43 -13.80 0.56
N GLU A 243 94.57 -14.80 1.44
CA GLU A 243 93.75 -14.85 2.64
C GLU A 243 94.04 -13.66 3.56
N GLU A 244 95.32 -13.32 3.72
CA GLU A 244 95.68 -12.25 4.64
C GLU A 244 95.12 -10.90 4.17
N ILE A 245 95.21 -10.63 2.88
CA ILE A 245 94.70 -9.36 2.37
C ILE A 245 93.17 -9.36 2.29
N LEU A 246 92.56 -10.54 2.15
CA LEU A 246 91.10 -10.60 2.18
C LEU A 246 90.58 -10.34 3.59
N SER A 247 91.21 -10.92 4.60
CA SER A 247 90.80 -10.71 5.98
C SER A 247 91.11 -9.32 6.49
N GLY A 248 91.89 -8.53 5.75
CA GLY A 248 92.24 -7.19 6.15
C GLY A 248 93.43 -7.10 7.08
N SER A 249 94.18 -8.19 7.27
CA SER A 249 95.30 -8.21 8.20
C SER A 249 96.64 -8.03 7.49
N TYR A 250 96.66 -7.23 6.42
CA TYR A 250 97.90 -6.91 5.72
C TYR A 250 97.89 -5.45 5.30
N ASP A 251 99.02 -4.79 5.52
CA ASP A 251 99.18 -3.39 5.14
C ASP A 251 100.65 -3.04 5.21
N SER A 252 101.16 -2.36 4.18
CA SER A 252 102.56 -1.98 4.13
C SER A 252 102.70 -0.77 3.21
N ASN A 253 103.85 -0.12 3.30
CA ASN A 253 104.09 1.08 2.49
C ASN A 253 103.98 0.78 1.01
N PHE A 254 104.24 -0.46 0.60
CA PHE A 254 104.18 -0.81 -0.82
C PHE A 254 102.76 -0.76 -1.33
N ILE A 255 101.78 -1.22 -0.56
CA ILE A 255 100.39 -1.21 -0.97
C ILE A 255 99.52 -1.32 0.27
N ARG A 256 98.42 -0.57 0.28
CA ARG A 256 97.46 -0.62 1.37
C ARG A 256 96.46 -1.74 1.15
N ASN A 257 95.71 -2.06 2.19
CA ASN A 257 94.75 -3.16 2.12
C ASN A 257 93.61 -2.85 1.15
N ALA A 258 93.08 -1.62 1.22
CA ALA A 258 91.98 -1.25 0.34
C ALA A 258 92.40 -1.30 -1.12
N GLU A 259 93.62 -0.87 -1.42
CA GLU A 259 94.12 -0.93 -2.79
C GLU A 259 94.22 -2.38 -3.26
N CYS A 260 94.71 -3.28 -2.39
CA CYS A 260 94.79 -4.68 -2.76
C CYS A 260 93.40 -5.24 -3.05
N LYS A 261 92.42 -4.92 -2.21
CA LYS A 261 91.06 -5.39 -2.47
C LYS A 261 90.52 -4.86 -3.78
N ARG A 262 90.80 -3.58 -4.08
CA ARG A 262 90.33 -3.00 -5.33
C ARG A 262 90.94 -3.70 -6.53
N LEU A 263 92.25 -3.97 -6.48
CA LEU A 263 92.90 -4.66 -7.59
C LEU A 263 92.39 -6.08 -7.74
N ILE A 264 92.09 -6.76 -6.62
CA ILE A 264 91.51 -8.09 -6.69
C ILE A 264 90.16 -8.04 -7.36
N VAL A 265 89.35 -7.03 -7.04
CA VAL A 265 88.04 -6.89 -7.67
C VAL A 265 88.20 -6.66 -9.17
N GLN A 266 89.17 -5.83 -9.55
CA GLN A 266 89.44 -5.61 -10.96
C GLN A 266 89.82 -6.91 -11.66
N LEU A 267 90.69 -7.71 -11.03
CA LEU A 267 91.08 -8.98 -11.62
C LEU A 267 89.87 -9.90 -11.79
N LEU A 268 89.01 -9.95 -10.78
CA LEU A 268 87.82 -10.80 -10.88
C LEU A 268 86.91 -10.36 -12.02
N ASN A 269 86.71 -9.05 -12.15
CA ASN A 269 85.85 -8.56 -13.22
C ASN A 269 86.42 -8.88 -14.60
N LYS A 270 87.73 -8.67 -14.78
CA LYS A 270 88.33 -8.96 -16.07
C LYS A 270 88.28 -10.45 -16.37
N ALA A 271 88.47 -11.29 -15.35
CA ALA A 271 88.38 -12.73 -15.55
C ALA A 271 86.97 -13.15 -15.96
N PHE A 272 85.96 -12.57 -15.32
CA PHE A 272 84.58 -12.86 -15.73
C PHE A 272 84.33 -12.45 -17.17
N GLU A 273 84.83 -11.27 -17.56
CA GLU A 273 84.65 -10.81 -18.93
C GLU A 273 85.30 -11.77 -19.92
N LEU A 274 86.56 -12.15 -19.65
CA LEU A 274 87.27 -13.04 -20.55
C LEU A 274 86.58 -14.40 -20.65
N ARG A 275 86.12 -14.94 -19.50
CA ARG A 275 85.45 -16.23 -19.53
C ARG A 275 84.15 -16.16 -20.31
N MET A 276 83.36 -15.09 -20.11
CA MET A 276 82.15 -14.94 -20.92
C MET A 276 82.47 -14.83 -22.39
N LYS A 277 83.63 -14.28 -22.74
CA LYS A 277 84.09 -14.35 -24.12
C LYS A 277 84.38 -15.80 -24.52
N ASP A 278 84.95 -16.58 -23.60
CA ASP A 278 85.20 -18.00 -23.88
C ASP A 278 83.89 -18.76 -24.04
N LYS A 279 82.87 -18.41 -23.25
CA LYS A 279 81.60 -19.13 -23.29
C LYS A 279 80.86 -18.93 -24.60
N GLU A 280 81.28 -17.99 -25.45
CA GLU A 280 80.63 -17.72 -26.73
C GLU A 280 79.18 -17.31 -26.53
N VAL A 281 79.01 -16.18 -25.85
CA VAL A 281 77.70 -15.58 -25.61
C VAL A 281 77.73 -14.16 -26.16
N GLN A 282 76.61 -13.71 -26.72
CA GLN A 282 76.57 -12.40 -27.35
C GLN A 282 76.74 -11.29 -26.32
N GLU A 283 77.20 -10.14 -26.78
CA GLU A 283 77.44 -8.98 -25.94
C GLU A 283 76.39 -7.90 -26.21
N TYR A 284 76.28 -6.96 -25.27
CA TYR A 284 75.39 -5.81 -25.42
C TYR A 284 75.93 -4.71 -24.52
N GLU A 285 76.61 -3.73 -25.12
CA GLU A 285 77.20 -2.63 -24.37
C GLU A 285 76.09 -1.70 -23.90
N MET A 286 75.75 -1.78 -22.62
CA MET A 286 74.77 -0.87 -22.03
C MET A 286 75.46 0.47 -21.74
N SER A 287 74.78 1.34 -20.99
CA SER A 287 75.32 2.68 -20.77
C SER A 287 76.68 2.65 -20.09
N ASN A 288 76.82 1.83 -19.04
CA ASN A 288 78.08 1.73 -18.30
C ASN A 288 78.60 0.31 -18.16
N LYS A 289 77.78 -0.72 -18.35
CA LYS A 289 78.18 -2.11 -18.20
C LYS A 289 77.83 -2.88 -19.47
N THR A 290 78.19 -4.17 -19.48
CA THR A 290 77.96 -5.05 -20.62
C THR A 290 77.04 -6.19 -20.20
N ALA A 291 76.10 -6.53 -21.08
CA ALA A 291 75.16 -7.61 -20.86
C ALA A 291 75.46 -8.76 -21.81
N TYR A 292 74.84 -9.92 -21.53
CA TYR A 292 75.09 -11.14 -22.27
C TYR A 292 73.76 -11.84 -22.52
N TRP A 293 73.65 -12.48 -23.69
CA TRP A 293 72.38 -13.06 -24.10
C TRP A 293 72.65 -14.13 -25.16
N LEU A 294 71.64 -14.97 -25.39
CA LEU A 294 71.76 -16.14 -26.25
C LEU A 294 70.99 -15.92 -27.55
N GLU A 295 71.63 -16.23 -28.67
CA GLU A 295 71.00 -16.07 -29.97
C GLU A 295 69.82 -17.03 -30.10
N MET A 308 62.34 -21.25 -21.14
CA MET A 308 62.66 -20.46 -22.33
C MET A 308 63.56 -19.29 -21.97
N LEU A 309 64.63 -19.10 -22.75
CA LEU A 309 65.47 -17.92 -22.64
C LEU A 309 65.39 -17.03 -23.87
N VAL A 310 64.76 -17.48 -24.95
CA VAL A 310 64.53 -16.69 -26.15
C VAL A 310 63.10 -16.93 -26.61
N GLY A 311 62.39 -15.86 -26.97
CA GLY A 311 61.00 -15.98 -27.35
C GLY A 311 60.55 -14.95 -28.36
N LYS A 312 59.24 -14.82 -28.53
CA LYS A 312 58.65 -13.98 -29.58
C LYS A 312 57.77 -12.92 -28.95
N GLN A 313 57.75 -11.74 -29.58
CA GLN A 313 56.81 -10.68 -29.21
C GLN A 313 56.47 -9.92 -30.50
N LYS A 314 55.38 -10.31 -31.15
CA LYS A 314 54.98 -9.70 -32.40
C LYS A 314 56.07 -9.87 -33.45
N ASP A 315 56.69 -8.77 -33.89
CA ASP A 315 57.76 -8.82 -34.89
C ASP A 315 59.15 -8.90 -34.28
N LYS A 316 59.27 -8.87 -32.95
CA LYS A 316 60.55 -8.82 -32.27
C LYS A 316 60.67 -9.97 -31.29
N ASN A 317 61.82 -10.65 -31.31
CA ASN A 317 62.10 -11.70 -30.34
C ASN A 317 62.76 -11.10 -29.11
N TRP A 318 62.34 -11.56 -27.93
CA TRP A 318 62.92 -11.10 -26.68
C TRP A 318 63.99 -12.08 -26.22
N HIS A 319 65.04 -11.54 -25.60
CA HIS A 319 66.20 -12.31 -25.18
C HIS A 319 66.51 -11.98 -23.73
N PHE A 320 66.39 -12.97 -22.85
CA PHE A 320 66.81 -12.79 -21.47
C PHE A 320 68.31 -12.62 -21.39
N ALA A 321 68.77 -11.68 -20.58
CA ALA A 321 70.17 -11.33 -20.49
C ALA A 321 70.56 -11.09 -19.04
N ILE A 322 71.85 -11.23 -18.75
CA ILE A 322 72.39 -11.02 -17.42
C ILE A 322 73.65 -10.16 -17.51
N SER A 323 73.95 -9.50 -16.40
CA SER A 323 75.21 -8.80 -16.22
C SER A 323 75.74 -9.13 -14.83
N GLY A 324 77.05 -9.28 -14.72
CA GLY A 324 77.65 -9.71 -13.47
C GLY A 324 78.75 -8.81 -12.96
N ALA A 325 78.69 -8.47 -11.67
CA ALA A 325 79.72 -7.69 -11.00
C ALA A 325 80.10 -8.38 -9.70
N SER A 326 81.40 -8.41 -9.42
CA SER A 326 81.93 -9.12 -8.26
C SER A 326 82.27 -8.12 -7.17
N LYS A 327 81.87 -8.43 -5.94
CA LYS A 327 82.07 -7.56 -4.79
C LYS A 327 82.64 -8.37 -3.63
N LEU A 328 83.26 -7.67 -2.68
CA LEU A 328 83.85 -8.31 -1.51
C LEU A 328 83.08 -7.97 -0.24
N TYR A 329 81.96 -7.26 -0.34
CA TYR A 329 81.11 -6.92 0.79
C TYR A 329 79.68 -7.21 0.37
N PRO A 330 78.86 -7.82 1.25
CA PRO A 330 79.13 -8.28 2.61
C PRO A 330 80.12 -9.44 2.66
N PHE A 331 80.03 -10.34 1.70
CA PHE A 331 80.96 -11.45 1.55
C PHE A 331 81.27 -11.61 0.07
N PRO A 332 82.38 -12.25 -0.26
CA PRO A 332 82.75 -12.40 -1.69
C PRO A 332 81.62 -13.05 -2.48
N VAL A 333 81.05 -12.29 -3.40
CA VAL A 333 79.88 -12.71 -4.18
C VAL A 333 80.07 -12.26 -5.62
N LEU A 334 79.14 -12.68 -6.47
CA LEU A 334 79.07 -12.26 -7.87
C LEU A 334 77.61 -11.92 -8.14
N MET A 335 77.27 -10.64 -8.02
CA MET A 335 75.89 -10.21 -8.12
C MET A 335 75.43 -10.20 -9.57
N ILE A 336 74.18 -10.62 -9.80
CA ILE A 336 73.63 -10.81 -11.12
C ILE A 336 72.44 -9.88 -11.30
N SER A 337 72.23 -9.42 -12.54
CA SER A 337 71.09 -8.58 -12.90
C SER A 337 70.35 -9.20 -14.07
N SER A 338 69.11 -8.76 -14.27
CA SER A 338 68.24 -9.32 -15.30
C SER A 338 67.81 -8.22 -16.27
N HIS A 339 67.86 -8.53 -17.56
CA HIS A 339 67.47 -7.60 -18.61
C HIS A 339 66.74 -8.36 -19.71
N ILE A 340 66.12 -7.61 -20.60
CA ILE A 340 65.53 -8.16 -21.82
C ILE A 340 66.01 -7.33 -23.00
N PHE A 341 66.39 -8.00 -24.08
CA PHE A 341 66.84 -7.34 -25.30
C PHE A 341 66.11 -7.94 -26.49
N PHE A 342 65.92 -7.12 -27.52
CA PHE A 342 65.03 -7.45 -28.63
C PHE A 342 65.76 -7.35 -29.96
N THR A 343 65.40 -8.25 -30.88
CA THR A 343 66.06 -8.34 -32.18
C THR A 343 65.00 -8.43 -33.28
N ALA A 344 65.40 -8.02 -34.48
CA ALA A 344 64.50 -8.09 -35.63
C ALA A 344 64.27 -9.54 -36.07
N ASP A 345 65.34 -10.36 -36.05
CA ASP A 345 65.21 -11.74 -36.50
C ASP A 345 66.00 -12.71 -35.61
N GLY A 346 66.23 -12.37 -34.34
CA GLY A 346 66.92 -13.26 -33.43
C GLY A 346 68.42 -13.23 -33.53
N LYS A 347 69.00 -12.43 -34.41
CA LYS A 347 70.45 -12.38 -34.60
C LYS A 347 71.04 -10.98 -34.64
N LYS A 348 70.25 -9.95 -34.93
CA LYS A 348 70.74 -8.58 -35.00
C LYS A 348 69.91 -7.70 -34.08
N LEU A 349 70.57 -7.04 -33.13
CA LEU A 349 69.89 -6.15 -32.22
C LEU A 349 69.32 -4.95 -32.97
N ILE A 350 68.12 -4.52 -32.58
CA ILE A 350 67.55 -3.31 -33.15
C ILE A 350 68.35 -2.10 -32.66
N ASP A 351 68.77 -1.26 -33.59
CA ASP A 351 69.61 -0.11 -33.26
C ASP A 351 68.75 1.11 -32.94
N SER A 352 67.89 0.92 -31.94
CA SER A 352 67.01 2.00 -31.49
C SER A 352 66.80 1.83 -29.98
N SER A 353 67.42 2.71 -29.20
CA SER A 353 67.32 2.60 -27.75
C SER A 353 65.91 2.93 -27.25
N SER A 354 65.23 3.86 -27.90
CA SER A 354 63.85 4.17 -27.51
C SER A 354 62.94 2.97 -27.75
N VAL A 355 63.11 2.29 -28.89
CA VAL A 355 62.31 1.10 -29.17
C VAL A 355 62.63 0.01 -28.17
N GLN A 356 63.91 -0.12 -27.81
CA GLN A 356 64.29 -1.11 -26.81
C GLN A 356 63.65 -0.81 -25.47
N HIS A 357 63.63 0.46 -25.07
CA HIS A 357 63.00 0.84 -23.81
C HIS A 357 61.51 0.51 -23.83
N SER A 358 60.82 0.87 -24.90
CA SER A 358 59.39 0.59 -24.99
C SER A 358 59.10 -0.90 -24.97
N SER A 359 59.88 -1.67 -25.73
CA SER A 359 59.68 -3.11 -25.78
C SER A 359 59.94 -3.76 -24.43
N ARG A 360 61.02 -3.37 -23.75
CA ARG A 360 61.32 -3.94 -22.45
C ARG A 360 60.31 -3.51 -21.40
N ARG A 361 59.68 -2.35 -21.59
CA ARG A 361 58.65 -1.92 -20.65
C ARG A 361 57.35 -2.69 -20.86
N ARG A 362 57.01 -3.00 -22.11
CA ARG A 362 55.78 -3.73 -22.37
C ARG A 362 55.94 -5.24 -22.31
N GLN A 363 57.16 -5.76 -22.21
CA GLN A 363 57.37 -7.20 -22.14
C GLN A 363 57.44 -7.72 -20.71
N GLY A 364 58.02 -6.95 -19.80
CA GLY A 364 58.06 -7.32 -18.40
C GLY A 364 56.76 -7.09 -17.66
N LYS A 365 55.74 -6.62 -18.37
CA LYS A 365 54.45 -6.35 -17.74
C LYS A 365 53.81 -7.62 -17.20
N ASN A 366 53.86 -8.70 -17.97
CA ASN A 366 53.20 -9.95 -17.58
C ASN A 366 54.14 -10.94 -16.89
N TRP A 367 55.40 -10.58 -16.69
CA TRP A 367 56.36 -11.47 -16.04
C TRP A 367 56.30 -11.26 -14.53
N TRP A 368 55.91 -12.29 -13.80
CA TRP A 368 55.79 -12.25 -12.36
C TRP A 368 57.05 -12.81 -11.71
N ASN A 369 56.98 -13.02 -10.40
CA ASN A 369 58.13 -13.48 -9.63
C ASN A 369 58.71 -14.78 -10.20
N ASN A 370 57.85 -15.77 -10.40
CA ASN A 370 58.32 -17.09 -10.81
C ASN A 370 59.03 -17.02 -12.16
N THR A 371 58.50 -16.26 -13.10
CA THR A 371 59.15 -16.11 -14.41
C THR A 371 60.56 -15.57 -14.25
N TRP A 372 60.71 -14.47 -13.52
CA TRP A 372 62.02 -13.87 -13.34
C TRP A 372 63.00 -14.87 -12.73
N ARG A 373 62.62 -15.49 -11.60
CA ARG A 373 63.57 -16.33 -10.89
C ARG A 373 63.90 -17.58 -11.70
N THR A 374 62.91 -18.18 -12.35
CA THR A 374 63.17 -19.38 -13.15
C THR A 374 64.10 -19.08 -14.31
N LYS A 375 63.87 -17.96 -15.01
CA LYS A 375 64.76 -17.61 -16.10
C LYS A 375 66.17 -17.32 -15.61
N LEU A 376 66.30 -16.63 -14.47
CA LEU A 376 67.61 -16.34 -13.93
C LEU A 376 68.36 -17.63 -13.59
N LEU A 377 67.70 -18.54 -12.88
CA LEU A 377 68.37 -19.79 -12.50
C LEU A 377 68.65 -20.67 -13.71
N ALA A 378 67.82 -20.59 -14.75
CA ALA A 378 68.10 -21.32 -15.98
C ALA A 378 69.35 -20.79 -16.67
N PHE A 379 69.46 -19.47 -16.79
CA PHE A 379 70.64 -18.89 -17.42
C PHE A 379 71.90 -19.19 -16.61
N ILE A 380 71.85 -19.04 -15.29
CA ILE A 380 73.04 -19.26 -14.48
C ILE A 380 73.46 -20.72 -14.51
N LYS A 381 72.50 -21.63 -14.42
CA LYS A 381 72.81 -23.06 -14.46
C LYS A 381 73.39 -23.48 -15.80
N TYR A 382 73.16 -22.71 -16.86
CA TYR A 382 73.69 -23.06 -18.17
C TYR A 382 75.18 -22.78 -18.27
N LEU A 383 75.70 -21.85 -17.47
CA LEU A 383 77.12 -21.53 -17.45
C LEU A 383 77.93 -22.45 -16.54
N SER A 384 77.26 -23.33 -15.78
CA SER A 384 77.97 -24.19 -14.85
C SER A 384 78.98 -25.07 -15.60
N ASP A 385 80.12 -25.31 -14.95
CA ASP A 385 81.23 -25.97 -15.65
C ASP A 385 81.03 -27.48 -15.70
N ASP A 386 81.06 -28.15 -14.55
CA ASP A 386 80.91 -29.60 -14.53
C ASP A 386 79.65 -30.06 -13.80
N ASP A 387 79.54 -29.80 -12.49
CA ASP A 387 78.37 -30.28 -11.76
C ASP A 387 77.74 -29.24 -10.85
N THR A 388 78.55 -28.44 -10.15
CA THR A 388 78.02 -27.53 -9.14
C THR A 388 78.77 -26.21 -9.07
N SER A 389 79.75 -25.97 -9.94
CA SER A 389 80.60 -24.81 -9.82
C SER A 389 80.90 -24.25 -11.20
N PHE A 390 81.55 -23.09 -11.21
CA PHE A 390 81.93 -22.41 -12.45
C PHE A 390 83.23 -21.66 -12.15
N TYR A 391 84.27 -21.90 -12.93
CA TYR A 391 85.60 -21.39 -12.62
C TYR A 391 85.97 -20.26 -13.57
N LEU A 392 86.66 -19.27 -13.02
CA LEU A 392 87.25 -18.17 -13.77
C LEU A 392 88.75 -18.41 -13.83
N GLU A 393 89.27 -18.60 -15.04
CA GLU A 393 90.66 -19.01 -15.23
C GLU A 393 91.56 -17.78 -15.06
N MET A 394 92.26 -17.71 -13.94
CA MET A 394 93.14 -16.59 -13.63
C MET A 394 94.57 -16.80 -14.08
N GLY A 395 94.92 -17.98 -14.58
CA GLY A 395 96.28 -18.25 -14.99
C GLY A 395 96.40 -19.64 -15.56
N SER A 396 97.64 -20.01 -15.90
CA SER A 396 97.89 -21.34 -16.45
C SER A 396 97.49 -22.43 -15.48
N GLU A 397 97.81 -22.24 -14.19
CA GLU A 397 97.46 -23.20 -13.14
C GLU A 397 96.74 -22.51 -11.99
N GLU A 398 95.90 -21.53 -12.28
CA GLU A 398 95.18 -20.78 -11.27
C GLU A 398 93.72 -20.63 -11.69
N LYS A 399 92.81 -20.80 -10.75
CA LYS A 399 91.38 -20.71 -11.03
C LYS A 399 90.64 -20.16 -9.82
N VAL A 400 89.53 -19.48 -10.09
CA VAL A 400 88.60 -19.01 -9.06
C VAL A 400 87.28 -19.71 -9.30
N PHE A 401 86.82 -20.47 -8.31
CA PHE A 401 85.64 -21.29 -8.43
C PHE A 401 84.43 -20.56 -7.87
N VAL A 402 83.35 -20.52 -8.65
CA VAL A 402 82.13 -19.80 -8.29
C VAL A 402 80.96 -20.78 -8.33
N SER A 403 79.97 -20.54 -7.49
CA SER A 403 78.82 -21.43 -7.40
C SER A 403 77.82 -21.14 -8.50
N ASN A 404 76.94 -22.11 -8.74
CA ASN A 404 75.87 -21.98 -9.73
C ASN A 404 74.49 -21.96 -9.09
N GLU A 405 74.40 -22.01 -7.76
CA GLU A 405 73.16 -21.89 -7.04
C GLU A 405 73.19 -20.64 -6.18
N PRO A 406 72.17 -19.79 -6.22
CA PRO A 406 72.21 -18.55 -5.45
C PRO A 406 71.97 -18.78 -3.96
N VAL A 407 72.30 -17.75 -3.17
CA VAL A 407 72.24 -17.82 -1.72
C VAL A 407 70.80 -17.80 -1.26
N LYS A 408 70.50 -18.57 -0.22
CA LYS A 408 69.16 -18.68 0.34
C LYS A 408 69.01 -17.84 1.60
N PHE A 409 67.80 -17.36 1.83
CA PHE A 409 67.45 -16.62 3.04
C PHE A 409 66.20 -17.24 3.65
N LYS A 410 66.10 -17.15 4.97
CA LYS A 410 65.01 -17.78 5.71
C LYS A 410 64.22 -16.74 6.48
N GLY A 411 62.92 -16.98 6.61
CA GLY A 411 62.04 -16.07 7.34
C GLY A 411 60.89 -16.83 7.96
N ASN A 412 60.34 -16.25 9.03
CA ASN A 412 59.31 -16.91 9.82
C ASN A 412 57.93 -16.30 9.66
N VAL A 413 57.77 -15.28 8.82
CA VAL A 413 56.50 -14.59 8.64
C VAL A 413 56.15 -14.61 7.15
N SER A 414 54.90 -14.91 6.84
CA SER A 414 54.44 -14.95 5.46
C SER A 414 52.93 -14.72 5.43
N TYR A 415 52.34 -14.86 4.26
CA TYR A 415 50.90 -14.71 4.05
C TYR A 415 50.35 -15.99 3.44
N ASN A 416 49.02 -16.06 3.34
CA ASN A 416 48.33 -17.29 2.98
C ASN A 416 47.90 -17.34 1.51
N ILE A 417 48.26 -16.33 0.72
CA ILE A 417 47.93 -16.30 -0.71
C ILE A 417 46.53 -16.84 -0.95
N PRO A 418 45.47 -16.16 -0.44
CA PRO A 418 44.10 -16.68 -0.54
C PRO A 418 43.43 -16.35 -1.89
N GLU A 419 44.15 -16.59 -2.98
CA GLU A 419 43.66 -16.35 -4.33
C GLU A 419 42.84 -15.08 -4.43
N MET B 1 72.77 -20.58 5.33
CA MET B 1 71.42 -19.95 5.34
C MET B 1 71.46 -18.62 6.09
N LYS B 2 70.85 -17.60 5.50
CA LYS B 2 70.79 -16.28 6.10
C LYS B 2 69.40 -16.06 6.69
N GLU B 3 69.36 -15.32 7.79
CA GLU B 3 68.15 -15.16 8.59
C GLU B 3 67.56 -13.77 8.35
N LEU B 4 66.25 -13.71 8.14
CA LEU B 4 65.52 -12.46 8.00
C LEU B 4 64.75 -12.16 9.27
N ILE B 5 64.39 -10.88 9.43
CA ILE B 5 63.56 -10.44 10.55
C ILE B 5 62.37 -9.68 9.98
N TYR B 6 61.29 -9.65 10.75
CA TYR B 6 60.06 -8.98 10.37
C TYR B 6 59.85 -7.76 11.26
N ILE B 7 59.25 -6.71 10.68
CA ILE B 7 58.93 -5.49 11.40
C ILE B 7 57.44 -5.20 11.20
N GLU B 8 56.73 -4.97 12.31
CA GLU B 8 55.29 -4.80 12.28
C GLU B 8 54.90 -3.42 11.78
N GLU B 9 53.66 -3.31 11.32
CA GLU B 9 53.17 -2.07 10.75
C GLU B 9 53.07 -0.96 11.81
N PRO B 10 53.39 0.29 11.46
CA PRO B 10 53.40 1.36 12.47
C PRO B 10 52.04 1.89 12.91
N LYS B 11 51.02 1.83 12.06
CA LYS B 11 49.69 2.37 12.35
C LYS B 11 49.68 3.90 12.39
N ILE B 12 48.58 4.50 11.95
CA ILE B 12 48.39 5.94 11.94
C ILE B 12 47.10 6.27 12.69
N LEU B 13 46.93 7.55 13.02
CA LEU B 13 45.89 8.00 13.93
C LEU B 13 44.88 8.91 13.23
N PHE B 14 43.64 8.87 13.71
CA PHE B 14 42.53 9.59 13.12
C PHE B 14 41.66 10.24 14.18
N ALA B 15 40.47 10.70 13.80
CA ALA B 15 39.56 11.34 14.74
C ALA B 15 39.05 10.33 15.76
N HIS B 16 38.74 10.84 16.96
CA HIS B 16 38.23 10.02 18.06
C HIS B 16 39.30 9.07 18.59
N GLY B 17 40.57 9.41 18.39
CA GLY B 17 41.65 8.59 18.92
C GLY B 17 41.64 7.16 18.43
N GLN B 18 41.29 6.95 17.16
CA GLN B 18 41.19 5.61 16.59
C GLN B 18 42.35 5.37 15.65
N LYS B 19 42.97 4.19 15.75
CA LYS B 19 44.15 3.86 14.98
C LYS B 19 43.81 2.89 13.86
N CYS B 20 44.51 3.04 12.74
CA CYS B 20 44.33 2.18 11.58
C CYS B 20 45.65 2.13 10.83
N THR B 21 45.80 1.09 10.01
CA THR B 21 46.99 0.96 9.18
C THR B 21 46.84 1.60 7.81
N ASP B 22 45.63 1.96 7.41
CA ASP B 22 45.36 2.57 6.11
C ASP B 22 44.73 3.94 6.31
N ALA B 23 45.04 4.84 5.37
CA ALA B 23 44.50 6.20 5.43
C ALA B 23 43.12 6.27 4.80
N ARG B 24 42.90 5.52 3.72
CA ARG B 24 41.59 5.50 3.09
C ARG B 24 40.54 4.91 4.03
N ASP B 25 40.86 3.77 4.64
CA ASP B 25 39.92 3.13 5.56
C ASP B 25 39.64 4.00 6.76
N GLY B 26 40.68 4.60 7.36
CA GLY B 26 40.49 5.40 8.54
C GLY B 26 39.79 6.72 8.26
N LEU B 27 39.94 7.24 7.03
CA LEU B 27 39.21 8.45 6.67
C LEU B 27 37.75 8.14 6.39
N ALA B 28 37.47 6.99 5.78
CA ALA B 28 36.08 6.62 5.52
C ALA B 28 35.35 6.19 6.79
N LEU B 29 36.06 5.64 7.76
CA LEU B 29 35.44 5.17 9.00
C LEU B 29 35.29 6.28 10.04
N PHE B 30 36.33 7.07 10.24
CA PHE B 30 36.41 7.98 11.38
C PHE B 30 36.42 9.44 11.01
N GLY B 31 37.30 9.85 10.09
CA GLY B 31 37.42 11.24 9.70
C GLY B 31 38.71 11.87 10.18
N PRO B 32 38.94 13.12 9.77
CA PRO B 32 40.22 13.79 10.05
C PRO B 32 40.23 14.44 11.43
N LEU B 33 41.40 14.97 11.79
CA LEU B 33 41.61 15.50 13.14
C LEU B 33 40.82 16.78 13.37
N ASN B 34 41.11 17.82 12.58
CA ASN B 34 40.57 19.14 12.84
C ASN B 34 39.25 19.36 12.09
N ASN B 35 38.62 20.49 12.37
CA ASN B 35 37.30 20.82 11.84
C ASN B 35 37.40 22.06 10.95
N LEU B 36 37.52 21.85 9.64
CA LEU B 36 37.30 22.93 8.71
C LEU B 36 35.79 23.12 8.49
N TYR B 37 35.44 24.25 7.91
CA TYR B 37 34.04 24.56 7.61
C TYR B 37 33.70 24.44 6.15
N GLY B 38 34.63 24.76 5.26
CA GLY B 38 34.40 24.67 3.83
C GLY B 38 35.51 25.32 3.04
N ILE B 39 35.74 24.83 1.82
CA ILE B 39 36.83 25.30 0.98
C ILE B 39 36.26 26.30 -0.03
N LYS B 40 36.73 27.54 0.05
CA LYS B 40 36.43 28.57 -0.94
C LYS B 40 37.59 28.65 -1.90
N SER B 41 37.33 28.34 -3.18
CA SER B 41 38.38 28.15 -4.16
C SER B 41 38.39 29.29 -5.17
N GLY B 42 39.60 29.66 -5.61
CA GLY B 42 39.78 30.58 -6.71
C GLY B 42 40.33 29.84 -7.91
N VAL B 43 39.67 30.04 -9.05
CA VAL B 43 40.00 29.31 -10.28
C VAL B 43 40.44 30.32 -11.33
N ILE B 44 41.70 30.21 -11.74
CA ILE B 44 42.26 31.03 -12.82
C ILE B 44 42.51 30.12 -14.01
N GLY B 45 41.88 30.43 -15.14
CA GLY B 45 42.04 29.64 -16.34
C GLY B 45 41.09 30.11 -17.41
N THR B 46 41.14 29.41 -18.55
CA THR B 46 40.25 29.70 -19.65
C THR B 46 38.82 29.34 -19.27
N LYS B 47 37.89 29.61 -20.19
CA LYS B 47 36.48 29.30 -19.94
C LYS B 47 36.24 27.80 -19.89
N GLN B 48 36.77 27.06 -20.87
CA GLN B 48 36.59 25.61 -20.87
C GLN B 48 37.25 24.98 -19.66
N GLY B 49 38.39 25.51 -19.23
CA GLY B 49 39.01 25.01 -18.02
C GLY B 49 38.12 25.20 -16.80
N LEU B 50 37.47 26.37 -16.71
CA LEU B 50 36.54 26.59 -15.62
C LEU B 50 35.40 25.60 -15.66
N LYS B 51 34.84 25.36 -16.85
CA LYS B 51 33.75 24.39 -16.95
C LYS B 51 34.22 23.00 -16.54
N ILE B 52 35.43 22.62 -16.94
CA ILE B 52 35.96 21.30 -16.60
C ILE B 52 36.11 21.17 -15.08
N PHE B 53 36.66 22.20 -14.44
CA PHE B 53 36.81 22.16 -12.99
C PHE B 53 35.45 22.08 -12.29
N ARG B 54 34.48 22.85 -12.77
CA ARG B 54 33.14 22.80 -12.19
C ARG B 54 32.54 21.40 -12.32
N ASP B 55 32.66 20.80 -13.50
CA ASP B 55 32.12 19.47 -13.71
C ASP B 55 32.81 18.45 -12.79
N TYR B 56 34.12 18.57 -12.62
CA TYR B 56 34.81 17.64 -11.73
C TYR B 56 34.33 17.81 -10.29
N LEU B 57 34.17 19.05 -9.82
CA LEU B 57 33.68 19.26 -8.47
C LEU B 57 32.28 18.68 -8.30
N ASP B 58 31.43 18.83 -9.31
CA ASP B 58 30.11 18.23 -9.26
C ASP B 58 30.18 16.70 -9.27
N HIS B 59 31.34 16.14 -9.64
CA HIS B 59 31.46 14.69 -9.77
C HIS B 59 31.88 14.02 -8.46
N ILE B 60 32.59 14.73 -7.59
CA ILE B 60 33.14 14.14 -6.37
C ILE B 60 32.29 14.47 -5.15
N GLN B 61 31.06 14.95 -5.34
CA GLN B 61 30.11 15.07 -4.24
C GLN B 61 29.37 13.76 -4.00
N LYS B 62 29.54 12.78 -4.89
CA LYS B 62 28.82 11.51 -4.85
C LYS B 62 29.81 10.37 -4.64
N PRO B 63 29.34 9.15 -4.38
CA PRO B 63 30.26 8.01 -4.35
C PRO B 63 30.91 7.76 -5.71
N ILE B 64 32.19 7.38 -5.68
CA ILE B 64 32.92 6.97 -6.86
C ILE B 64 33.62 5.66 -6.55
N TYR B 65 33.51 4.69 -7.44
CA TYR B 65 34.00 3.34 -7.22
C TYR B 65 35.18 3.02 -8.12
N ASN B 66 35.98 2.06 -7.67
CA ASN B 66 37.03 1.45 -8.49
C ASN B 66 36.50 0.14 -9.06
N SER B 67 37.39 -0.59 -9.74
CA SER B 67 37.02 -1.90 -10.25
C SER B 67 36.97 -2.94 -9.13
N ASN B 68 37.90 -2.87 -8.18
CA ASN B 68 38.00 -3.83 -7.10
C ASN B 68 38.04 -3.10 -5.77
N SER B 69 37.12 -3.43 -4.87
CA SER B 69 37.02 -2.75 -3.59
C SER B 69 38.02 -3.26 -2.56
N ILE B 70 38.66 -4.41 -2.79
CA ILE B 70 39.67 -4.91 -1.87
C ILE B 70 41.02 -4.27 -2.17
N THR B 71 41.45 -4.31 -3.43
CA THR B 71 42.73 -3.73 -3.80
C THR B 71 42.72 -2.21 -3.69
N ARG B 72 41.54 -1.59 -3.70
CA ARG B 72 41.44 -0.14 -3.71
C ARG B 72 40.15 0.30 -3.02
N PRO B 73 40.22 0.85 -1.80
CA PRO B 73 39.00 1.34 -1.16
C PRO B 73 38.32 2.42 -1.99
N MET B 74 36.99 2.45 -1.91
CA MET B 74 36.20 3.35 -2.73
C MET B 74 36.02 4.69 -2.03
N PHE B 75 35.50 5.66 -2.78
CA PHE B 75 35.35 7.04 -2.31
C PHE B 75 33.89 7.32 -2.00
N PRO B 76 33.51 7.55 -0.75
CA PRO B 76 32.10 7.81 -0.43
C PRO B 76 31.65 9.25 -0.56
N GLY B 77 32.40 10.12 -1.22
CA GLY B 77 32.02 11.50 -1.38
C GLY B 77 32.84 12.42 -0.50
N PHE B 78 33.04 13.66 -0.98
CA PHE B 78 33.94 14.57 -0.26
C PHE B 78 33.38 14.94 1.10
N GLU B 79 32.08 15.23 1.19
CA GLU B 79 31.51 15.63 2.47
C GLU B 79 31.35 14.44 3.40
N ALA B 80 31.12 13.25 2.85
CA ALA B 80 31.08 12.06 3.68
C ALA B 80 32.43 11.81 4.34
N VAL B 81 33.52 12.05 3.62
CA VAL B 81 34.85 11.78 4.16
C VAL B 81 35.29 12.90 5.09
N PHE B 82 35.41 14.12 4.57
CA PHE B 82 36.13 15.19 5.24
C PHE B 82 35.24 16.09 6.09
N ASP B 83 33.93 15.87 6.10
CA ASP B 83 33.02 16.64 6.94
C ASP B 83 33.18 18.14 6.73
N CYS B 84 33.32 18.55 5.47
CA CYS B 84 33.39 19.96 5.12
C CYS B 84 32.92 20.11 3.68
N LYS B 85 32.62 21.36 3.31
CA LYS B 85 32.00 21.66 2.04
C LYS B 85 33.04 22.16 1.05
N TRP B 86 33.13 21.50 -0.11
CA TRP B 86 33.98 21.94 -1.22
C TRP B 86 33.13 21.75 -2.48
N GLU B 87 32.37 22.78 -2.84
CA GLU B 87 31.37 22.68 -3.89
C GLU B 87 31.53 23.82 -4.88
N SER B 88 31.04 23.59 -6.09
CA SER B 88 31.26 24.52 -7.19
C SER B 88 30.27 25.68 -7.15
N THR B 89 30.17 26.34 -6.00
CA THR B 89 29.36 27.55 -5.88
C THR B 89 30.18 28.64 -5.18
N GLY B 90 31.14 28.22 -4.35
CA GLY B 90 32.07 29.14 -3.74
C GLY B 90 33.32 29.30 -4.59
N ILE B 91 33.13 29.64 -5.85
CA ILE B 91 34.21 29.75 -6.84
C ILE B 91 34.26 31.19 -7.34
N THR B 92 35.47 31.71 -7.48
CA THR B 92 35.72 33.00 -8.11
C THR B 92 36.59 32.77 -9.34
N PHE B 93 36.19 33.36 -10.46
CA PHE B 93 36.82 33.11 -11.74
C PHE B 93 37.67 34.30 -12.17
N LYS B 94 38.88 34.01 -12.64
CA LYS B 94 39.77 35.02 -13.23
C LYS B 94 40.10 34.54 -14.64
N GLU B 95 39.42 35.11 -15.63
CA GLU B 95 39.55 34.61 -16.99
C GLU B 95 40.93 34.91 -17.56
N VAL B 96 41.45 33.96 -18.32
CA VAL B 96 42.71 34.11 -19.05
C VAL B 96 42.40 33.84 -20.51
N THR B 97 42.45 34.88 -21.33
CA THR B 97 42.10 34.75 -22.74
C THR B 97 43.10 33.85 -23.46
N ASN B 98 42.58 33.05 -24.39
CA ASN B 98 43.41 32.10 -25.12
C ASN B 98 44.35 32.78 -26.10
N GLU B 99 44.00 33.98 -26.59
CA GLU B 99 44.86 34.67 -27.53
C GLU B 99 46.20 35.03 -26.91
N ASP B 100 46.19 35.47 -25.66
CA ASP B 100 47.46 35.75 -24.97
C ASP B 100 48.29 34.48 -24.84
N ILE B 101 47.65 33.38 -24.44
CA ILE B 101 48.37 32.12 -24.29
C ILE B 101 49.02 31.71 -25.59
N GLY B 102 48.28 31.80 -26.70
CA GLY B 102 48.86 31.51 -28.00
C GLY B 102 49.98 32.46 -28.35
N LYS B 103 49.81 33.74 -28.02
CA LYS B 103 50.81 34.75 -28.36
C LYS B 103 52.15 34.43 -27.72
N PHE B 104 52.14 34.17 -26.40
CA PHE B 104 53.40 34.07 -25.67
C PHE B 104 54.11 32.74 -25.87
N LEU B 105 53.42 31.70 -26.34
CA LEU B 105 54.04 30.39 -26.51
C LEU B 105 54.57 30.18 -27.92
N TYR B 106 55.33 31.15 -28.44
CA TYR B 106 55.89 31.04 -29.78
C TYR B 106 57.30 31.60 -29.93
N ASN B 107 57.90 32.15 -28.87
CA ASN B 107 59.12 32.92 -29.00
C ASN B 107 60.35 32.10 -29.40
N SER B 108 60.19 30.80 -29.66
CA SER B 108 61.28 29.93 -30.09
C SER B 108 62.39 29.82 -29.05
N SER B 109 62.18 30.34 -27.85
CA SER B 109 63.13 30.24 -26.75
C SER B 109 62.39 29.77 -25.51
N THR B 110 62.79 28.61 -24.97
CA THR B 110 62.06 28.03 -23.86
C THR B 110 62.01 28.98 -22.67
N HIS B 111 63.15 29.57 -22.32
CA HIS B 111 63.23 30.41 -21.12
C HIS B 111 62.29 31.61 -21.24
N LYS B 112 62.32 32.30 -22.39
CA LYS B 112 61.54 33.52 -22.52
C LYS B 112 60.04 33.25 -22.48
N ARG B 113 59.58 32.23 -23.22
CA ARG B 113 58.16 31.94 -23.22
C ARG B 113 57.69 31.40 -21.87
N THR B 114 58.53 30.61 -21.21
CA THR B 114 58.18 30.14 -19.87
C THR B 114 58.04 31.32 -18.91
N TYR B 115 58.98 32.25 -18.97
CA TYR B 115 58.90 33.43 -18.11
C TYR B 115 57.65 34.23 -18.41
N ASP B 116 57.33 34.41 -19.69
CA ASP B 116 56.15 35.18 -20.06
C ASP B 116 54.88 34.53 -19.55
N LEU B 117 54.77 33.21 -19.66
CA LEU B 117 53.55 32.53 -19.22
C LEU B 117 53.41 32.57 -17.71
N VAL B 118 54.50 32.32 -16.99
CA VAL B 118 54.43 32.38 -15.53
C VAL B 118 54.07 33.79 -15.08
N SER B 119 54.63 34.81 -15.75
CA SER B 119 54.26 36.18 -15.42
C SER B 119 52.78 36.42 -15.68
N LEU B 120 52.28 35.94 -16.82
CA LEU B 120 50.87 36.10 -17.14
C LEU B 120 50.00 35.58 -16.01
N PHE B 121 50.26 34.36 -15.55
CA PHE B 121 49.37 33.76 -14.55
C PHE B 121 49.54 34.43 -13.18
N ILE B 122 50.78 34.60 -12.73
CA ILE B 122 50.99 35.13 -11.39
C ILE B 122 50.59 36.59 -11.30
N ASP B 123 50.58 37.33 -12.41
CA ASP B 123 50.10 38.71 -12.36
C ASP B 123 48.64 38.75 -11.93
N LYS B 124 47.80 37.94 -12.58
CA LYS B 124 46.39 37.91 -12.21
C LYS B 124 46.20 37.39 -10.78
N ILE B 125 46.93 36.33 -10.41
CA ILE B 125 46.76 35.80 -9.05
C ILE B 125 47.13 36.86 -8.02
N ILE B 126 48.26 37.54 -8.22
CA ILE B 126 48.73 38.53 -7.26
C ILE B 126 47.78 39.72 -7.20
N SER B 127 47.33 40.21 -8.35
CA SER B 127 46.41 41.34 -8.35
C SER B 127 45.12 40.99 -7.63
N ALA B 128 44.57 39.80 -7.89
CA ALA B 128 43.36 39.38 -7.20
C ALA B 128 43.59 39.32 -5.69
N ASN B 129 44.73 38.77 -5.26
CA ASN B 129 44.99 38.68 -3.83
C ASN B 129 45.11 40.07 -3.19
N LYS B 130 45.77 41.00 -3.85
CA LYS B 130 46.06 42.29 -3.23
C LYS B 130 44.82 43.18 -3.13
N ASN B 131 44.04 43.26 -4.20
CA ASN B 131 43.06 44.33 -4.34
C ASN B 131 41.63 43.81 -4.51
N GLU B 132 41.19 42.89 -3.66
CA GLU B 132 39.84 42.36 -3.77
C GLU B 132 39.34 41.91 -2.40
N ASP B 133 38.04 41.62 -2.35
CA ASP B 133 37.35 41.28 -1.11
C ASP B 133 37.15 39.79 -0.91
N GLU B 134 36.89 39.04 -1.97
CA GLU B 134 36.68 37.60 -1.82
C GLU B 134 37.89 36.97 -1.15
N ASN B 135 37.62 36.04 -0.24
CA ASN B 135 38.66 35.27 0.43
C ASN B 135 38.79 33.92 -0.24
N VAL B 136 40.02 33.52 -0.53
CA VAL B 136 40.30 32.28 -1.26
C VAL B 136 41.22 31.43 -0.40
N ASP B 137 40.90 30.14 -0.28
CA ASP B 137 41.72 29.22 0.50
C ASP B 137 42.79 28.56 -0.35
N VAL B 138 42.46 28.21 -1.59
CA VAL B 138 43.41 27.60 -2.52
C VAL B 138 43.11 28.13 -3.91
N TRP B 139 44.17 28.27 -4.72
CA TRP B 139 44.05 28.72 -6.10
C TRP B 139 44.32 27.55 -7.03
N PHE B 140 43.39 27.30 -7.94
CA PHE B 140 43.46 26.17 -8.85
C PHE B 140 43.80 26.67 -10.25
N VAL B 141 44.97 26.31 -10.75
CA VAL B 141 45.49 26.81 -12.01
C VAL B 141 45.28 25.71 -13.06
N ILE B 142 44.36 25.95 -13.98
CA ILE B 142 44.07 24.99 -15.05
C ILE B 142 44.96 25.34 -16.23
N VAL B 143 45.71 24.37 -16.72
CA VAL B 143 46.74 24.57 -17.72
C VAL B 143 46.39 23.73 -18.95
N PRO B 144 46.35 24.30 -20.15
CA PRO B 144 46.16 23.49 -21.35
C PRO B 144 47.32 22.53 -21.58
N ASP B 145 47.09 21.56 -22.46
CA ASP B 145 48.11 20.56 -22.75
C ASP B 145 49.22 21.12 -23.64
N GLU B 146 48.88 22.08 -24.50
CA GLU B 146 49.91 22.67 -25.35
C GLU B 146 50.97 23.39 -24.53
N ILE B 147 50.57 24.01 -23.42
CA ILE B 147 51.54 24.65 -22.53
C ILE B 147 52.40 23.59 -21.84
N TYR B 148 51.81 22.46 -21.49
CA TYR B 148 52.55 21.42 -20.78
C TYR B 148 53.52 20.69 -21.70
N LYS B 149 53.23 20.67 -23.00
CA LYS B 149 54.07 19.90 -23.93
C LYS B 149 55.42 20.57 -24.15
N TYR B 150 55.44 21.89 -24.36
CA TYR B 150 56.60 22.59 -24.87
C TYR B 150 57.42 23.31 -23.80
N CYS B 151 57.03 23.22 -22.53
CA CYS B 151 57.68 23.99 -21.48
C CYS B 151 58.66 23.17 -20.64
N ARG B 152 58.95 21.94 -21.05
CA ARG B 152 59.95 21.15 -20.33
C ARG B 152 61.36 21.58 -20.73
N PRO B 153 62.33 21.43 -19.82
CA PRO B 153 63.70 21.87 -20.16
C PRO B 153 64.26 21.21 -21.42
N ASN B 154 64.04 19.90 -21.59
CA ASN B 154 64.45 19.20 -22.80
C ASN B 154 63.32 19.13 -23.82
N SER B 155 62.74 20.28 -24.12
CA SER B 155 61.64 20.38 -25.07
C SER B 155 62.11 21.15 -26.29
N VAL B 156 61.94 20.55 -27.46
CA VAL B 156 62.24 21.19 -28.72
C VAL B 156 60.94 21.69 -29.34
N LEU B 157 61.05 22.70 -30.19
CA LEU B 157 59.88 23.29 -30.83
C LEU B 157 59.79 22.77 -32.25
N PRO B 158 58.80 21.95 -32.60
CA PRO B 158 58.74 21.40 -33.96
C PRO B 158 58.42 22.46 -35.01
N ALA B 197 68.68 36.38 -21.95
CA ALA B 197 69.69 36.72 -20.97
C ALA B 197 69.03 37.25 -19.70
N GLU B 198 68.15 38.25 -19.85
CA GLU B 198 67.46 38.81 -18.70
C GLU B 198 66.60 37.76 -18.01
N THR B 199 65.86 36.98 -18.80
CA THR B 199 65.01 35.91 -18.27
C THR B 199 65.74 34.57 -18.21
N TYR B 200 67.05 34.55 -18.47
CA TYR B 200 67.82 33.32 -18.44
C TYR B 200 68.27 32.94 -17.03
N ASN B 201 68.07 33.80 -16.04
CA ASN B 201 68.37 33.46 -14.65
C ASN B 201 67.14 32.85 -13.96
N TYR B 202 66.55 31.86 -14.62
CA TYR B 202 65.40 31.14 -14.09
C TYR B 202 65.41 29.73 -14.67
N ASP B 203 64.71 28.83 -13.98
CA ASP B 203 64.56 27.49 -14.50
C ASP B 203 63.58 27.49 -15.68
N ALA B 204 63.84 26.64 -16.66
CA ALA B 204 63.01 26.55 -17.85
C ALA B 204 61.78 25.67 -17.64
N GLN B 205 61.40 25.41 -16.40
CA GLN B 205 60.24 24.59 -16.07
C GLN B 205 59.13 25.49 -15.56
N PHE B 206 57.93 25.34 -16.13
CA PHE B 206 56.80 26.18 -15.73
C PHE B 206 56.43 25.96 -14.28
N HIS B 207 56.36 24.71 -13.83
CA HIS B 207 55.86 24.40 -12.49
C HIS B 207 56.77 24.99 -11.43
N ASP B 208 58.08 24.74 -11.51
CA ASP B 208 58.99 25.16 -10.46
C ASP B 208 59.13 26.68 -10.43
N GLN B 209 59.26 27.30 -11.60
CA GLN B 209 59.36 28.75 -11.66
C GLN B 209 58.08 29.40 -11.15
N PHE B 210 56.92 28.85 -11.51
CA PHE B 210 55.65 29.36 -11.02
C PHE B 210 55.59 29.29 -9.49
N LYS B 211 55.98 28.14 -8.92
CA LYS B 211 55.89 27.98 -7.48
C LYS B 211 56.90 28.85 -6.75
N ALA B 212 58.07 29.09 -7.34
CA ALA B 212 59.08 29.90 -6.70
C ALA B 212 58.75 31.39 -6.77
N ARG B 213 58.18 31.84 -7.89
CA ARG B 213 57.89 33.26 -8.05
C ARG B 213 56.66 33.72 -7.27
N LEU B 214 55.90 32.78 -6.70
CA LEU B 214 54.78 33.10 -5.82
C LEU B 214 55.12 32.91 -4.35
N LEU B 215 56.39 32.68 -4.03
CA LEU B 215 56.75 32.31 -2.66
C LEU B 215 56.64 33.49 -1.71
N LYS B 216 57.06 34.68 -2.15
CA LYS B 216 57.06 35.83 -1.27
C LYS B 216 55.66 36.40 -1.02
N HIS B 217 54.64 35.82 -1.65
CA HIS B 217 53.26 36.20 -1.39
C HIS B 217 52.51 35.18 -0.53
N THR B 218 52.99 33.93 -0.48
CA THR B 218 52.40 32.88 0.36
C THR B 218 50.93 32.64 -0.03
N ILE B 219 50.76 32.15 -1.26
CA ILE B 219 49.44 31.83 -1.79
C ILE B 219 49.39 30.33 -2.09
N PRO B 220 48.72 29.52 -1.29
CA PRO B 220 48.59 28.10 -1.65
C PRO B 220 47.91 27.95 -3.01
N THR B 221 48.45 27.04 -3.82
CA THR B 221 47.92 26.85 -5.16
C THR B 221 48.05 25.38 -5.54
N GLN B 222 47.16 24.94 -6.42
CA GLN B 222 47.18 23.59 -6.97
C GLN B 222 47.12 23.69 -8.49
N ILE B 223 48.09 23.07 -9.16
CA ILE B 223 48.18 23.10 -10.61
C ILE B 223 47.53 21.84 -11.16
N PHE B 224 46.60 22.03 -12.10
CA PHE B 224 45.92 20.93 -12.78
C PHE B 224 46.12 21.07 -14.27
N ARG B 225 46.40 19.94 -14.93
CA ARG B 225 46.29 19.89 -16.37
C ARG B 225 44.82 19.78 -16.77
N GLU B 226 44.53 20.15 -18.01
CA GLU B 226 43.16 20.02 -18.49
C GLU B 226 42.82 18.57 -18.80
N SER B 227 43.82 17.75 -19.12
CA SER B 227 43.60 16.34 -19.42
C SER B 227 43.55 15.48 -18.17
N THR B 228 43.70 16.07 -16.99
CA THR B 228 43.64 15.31 -15.74
C THR B 228 42.24 15.32 -15.14
N LEU B 229 41.52 16.45 -15.26
CA LEU B 229 40.19 16.54 -14.68
C LEU B 229 39.12 16.02 -15.65
N ALA B 230 39.29 16.26 -16.95
CA ALA B 230 38.43 15.71 -17.98
C ALA B 230 39.31 14.84 -18.88
N TRP B 231 39.51 13.59 -18.47
CA TRP B 231 40.34 12.66 -19.21
C TRP B 231 39.58 11.92 -20.29
N ARG B 232 38.26 11.76 -20.13
CA ARG B 232 37.48 11.02 -21.11
C ARG B 232 37.44 11.72 -22.47
N ASP B 233 37.66 13.03 -22.50
CA ASP B 233 37.55 13.81 -23.73
C ASP B 233 38.82 13.83 -24.55
N PHE B 234 39.99 13.73 -23.92
CA PHE B 234 41.26 13.78 -24.62
C PHE B 234 41.64 12.38 -25.07
N LYS B 235 41.80 12.19 -26.37
CA LYS B 235 42.02 10.88 -26.96
C LYS B 235 43.18 10.94 -27.95
N ASN B 236 43.71 9.77 -28.27
CA ASN B 236 44.75 9.64 -29.28
C ASN B 236 44.08 9.32 -30.62
N ALA B 237 44.88 9.04 -31.65
CA ALA B 237 44.32 8.80 -32.97
C ALA B 237 43.84 7.35 -33.11
N PHE B 238 43.08 6.88 -32.13
CA PHE B 238 42.33 5.64 -32.26
C PHE B 238 40.95 5.70 -31.63
N GLY B 239 40.59 6.80 -30.99
CA GLY B 239 39.30 6.94 -30.33
C GLY B 239 39.28 6.59 -28.87
N LEU B 240 40.44 6.39 -28.24
CA LEU B 240 40.50 5.99 -26.84
C LEU B 240 41.26 7.02 -26.02
N PRO B 241 40.97 7.11 -24.71
CA PRO B 241 41.69 8.08 -23.87
C PRO B 241 43.19 7.81 -23.88
N ILE B 242 43.97 8.89 -23.87
CA ILE B 242 45.41 8.76 -23.74
C ILE B 242 45.77 8.20 -22.37
N ARG B 243 45.16 8.74 -21.32
CA ARG B 243 45.27 8.22 -19.97
C ARG B 243 43.92 7.64 -19.58
N ASP B 244 43.90 6.35 -19.22
CA ASP B 244 42.67 5.65 -18.89
C ASP B 244 42.56 5.53 -17.38
N PHE B 245 41.61 6.26 -16.78
CA PHE B 245 41.33 6.18 -15.36
C PHE B 245 40.08 5.37 -15.06
N SER B 246 39.57 4.63 -16.05
CA SER B 246 38.25 4.01 -15.92
C SER B 246 38.16 3.16 -14.66
N LYS B 247 39.24 2.45 -14.32
CA LYS B 247 39.24 1.53 -13.20
C LYS B 247 39.77 2.15 -11.91
N ILE B 248 40.36 3.34 -11.96
CA ILE B 248 40.99 3.94 -10.79
C ILE B 248 40.45 5.34 -10.54
N GLU B 249 39.18 5.57 -10.88
CA GLU B 249 38.59 6.89 -10.65
C GLU B 249 38.56 7.22 -9.17
N GLY B 250 38.20 6.25 -8.33
CA GLY B 250 38.17 6.50 -6.90
C GLY B 250 39.52 6.82 -6.32
N HIS B 251 40.58 6.20 -6.85
CA HIS B 251 41.94 6.52 -6.40
C HIS B 251 42.29 7.97 -6.74
N LEU B 252 41.94 8.42 -7.94
CA LEU B 252 42.17 9.80 -8.33
C LEU B 252 41.39 10.76 -7.44
N ALA B 253 40.13 10.42 -7.14
CA ALA B 253 39.33 11.25 -6.27
C ALA B 253 39.95 11.34 -4.88
N TRP B 254 40.39 10.21 -4.32
CA TRP B 254 41.05 10.22 -3.03
C TRP B 254 42.25 11.15 -3.04
N THR B 255 43.12 11.00 -4.06
CA THR B 255 44.35 11.78 -4.11
C THR B 255 44.04 13.28 -4.20
N ILE B 256 43.18 13.66 -5.15
CA ILE B 256 42.89 15.08 -5.36
C ILE B 256 42.21 15.66 -4.13
N SER B 257 41.26 14.94 -3.53
CA SER B 257 40.56 15.45 -2.37
C SER B 257 41.51 15.64 -1.20
N THR B 258 42.41 14.68 -0.97
CA THR B 258 43.35 14.81 0.14
C THR B 258 44.29 15.98 -0.08
N ALA B 259 44.78 16.15 -1.31
CA ALA B 259 45.67 17.29 -1.58
C ALA B 259 44.96 18.61 -1.37
N ALA B 260 43.72 18.73 -1.86
CA ALA B 260 42.97 19.97 -1.69
C ALA B 260 42.66 20.23 -0.21
N PHE B 261 42.32 19.17 0.54
CA PHE B 261 42.02 19.33 1.95
C PHE B 261 43.25 19.77 2.73
N TYR B 262 44.42 19.19 2.41
CA TYR B 262 45.63 19.54 3.14
C TYR B 262 46.11 20.94 2.78
N LYS B 263 45.98 21.33 1.51
CA LYS B 263 46.44 22.64 1.09
C LYS B 263 45.58 23.78 1.61
N ALA B 264 44.38 23.49 2.11
CA ALA B 264 43.49 24.50 2.67
C ALA B 264 43.56 24.56 4.19
N GLY B 265 44.55 23.93 4.81
CA GLY B 265 44.70 23.98 6.25
C GLY B 265 44.08 22.82 7.01
N GLY B 266 43.91 21.67 6.38
CA GLY B 266 43.35 20.51 7.03
C GLY B 266 44.43 19.53 7.47
N LYS B 267 44.16 18.84 8.59
CA LYS B 267 45.05 17.80 9.09
C LYS B 267 44.42 16.44 8.85
N PRO B 268 44.87 15.68 7.85
CA PRO B 268 44.21 14.40 7.58
C PRO B 268 44.53 13.31 8.59
N TRP B 269 45.77 13.23 9.08
CA TRP B 269 46.14 12.19 10.03
C TRP B 269 47.53 12.51 10.57
N LYS B 270 47.98 11.66 11.50
CA LYS B 270 49.27 11.84 12.16
C LYS B 270 49.81 10.50 12.60
N LEU B 271 51.09 10.47 12.95
CA LEU B 271 51.73 9.25 13.41
C LEU B 271 51.30 8.94 14.84
N SER B 272 51.23 7.65 15.17
CA SER B 272 50.62 7.20 16.41
C SER B 272 51.62 6.80 17.49
N ASP B 273 52.87 6.52 17.14
CA ASP B 273 53.86 6.02 18.11
C ASP B 273 55.19 6.75 17.95
N VAL B 274 55.14 8.07 17.84
CA VAL B 274 56.38 8.86 17.83
C VAL B 274 56.84 9.04 19.28
N ARG B 275 58.11 8.73 19.53
CA ARG B 275 58.63 8.83 20.88
C ARG B 275 59.16 10.24 21.14
N ASN B 276 59.27 10.57 22.42
CA ASN B 276 59.59 11.92 22.86
C ASN B 276 61.10 12.12 22.91
N GLY B 277 61.52 13.35 22.58
CA GLY B 277 62.91 13.72 22.63
C GLY B 277 63.73 13.29 21.43
N VAL B 278 63.10 12.87 20.34
CA VAL B 278 63.78 12.42 19.14
C VAL B 278 63.44 13.38 18.01
N CYS B 279 64.45 13.77 17.24
CA CYS B 279 64.29 14.68 16.11
C CYS B 279 64.84 14.01 14.86
N TYR B 280 64.09 14.12 13.76
CA TYR B 280 64.48 13.54 12.48
C TYR B 280 64.79 14.67 11.50
N LEU B 281 65.95 14.58 10.86
CA LEU B 281 66.46 15.66 10.01
C LEU B 281 66.92 15.06 8.69
N GLY B 282 66.31 15.52 7.60
CA GLY B 282 66.70 15.08 6.27
C GLY B 282 67.61 16.11 5.61
N LEU B 283 68.51 15.62 4.75
CA LEU B 283 69.38 16.46 3.95
C LEU B 283 69.40 15.93 2.53
N VAL B 284 69.36 16.84 1.55
CA VAL B 284 69.39 16.48 0.14
C VAL B 284 70.13 17.59 -0.61
N TYR B 285 70.87 17.20 -1.64
CA TYR B 285 71.64 18.13 -2.44
C TYR B 285 71.05 18.27 -3.84
N LYS B 286 71.12 19.48 -4.36
CA LYS B 286 70.73 19.78 -5.73
C LYS B 286 71.83 20.60 -6.38
N LYS B 287 71.78 20.70 -7.70
CA LYS B 287 72.75 21.46 -8.48
C LYS B 287 72.09 22.72 -9.02
N VAL B 288 72.62 23.87 -8.59
CA VAL B 288 72.11 25.19 -9.06
C VAL B 288 72.68 25.41 -10.46
N GLU B 289 72.12 24.72 -11.46
CA GLU B 289 72.66 24.81 -12.84
C GLU B 289 72.35 26.18 -13.43
N LYS B 290 72.86 26.47 -14.61
CA LYS B 290 72.58 27.75 -15.31
C LYS B 290 73.41 28.89 -14.68
N SER B 291 74.53 28.57 -14.03
CA SER B 291 75.36 29.67 -13.56
C SER B 291 76.81 29.28 -13.82
N LYS B 292 77.70 30.28 -13.67
CA LYS B 292 79.12 29.99 -13.82
C LYS B 292 79.56 28.88 -12.86
N ASN B 293 79.05 28.92 -11.63
CA ASN B 293 79.38 27.93 -10.62
C ASN B 293 78.25 26.94 -10.46
N PRO B 294 78.49 25.63 -10.57
CA PRO B 294 77.41 24.68 -10.22
C PRO B 294 76.91 24.87 -8.81
N ARG B 295 77.81 25.18 -7.87
CA ARG B 295 77.46 25.72 -6.57
C ARG B 295 76.33 24.94 -5.91
N ASN B 296 76.64 23.69 -5.59
CA ASN B 296 75.69 22.81 -4.92
C ASN B 296 75.02 23.53 -3.76
N ALA B 297 73.77 23.16 -3.48
CA ALA B 297 73.00 23.72 -2.38
C ALA B 297 72.35 22.60 -1.59
N CYS B 298 72.06 22.87 -0.33
CA CYS B 298 71.53 21.89 0.60
C CYS B 298 70.26 22.42 1.25
N CYS B 299 69.27 21.54 1.38
CA CYS B 299 68.01 21.86 2.04
C CYS B 299 67.64 20.73 2.98
N ALA B 300 67.01 21.09 4.10
CA ALA B 300 66.67 20.13 5.14
C ALA B 300 65.19 20.20 5.47
N ALA B 301 64.68 19.09 6.01
CA ALA B 301 63.32 18.99 6.49
C ALA B 301 63.35 18.42 7.91
N GLN B 302 62.43 18.87 8.74
CA GLN B 302 62.44 18.57 10.17
C GLN B 302 61.14 17.89 10.57
N MET B 303 61.21 17.07 11.61
CA MET B 303 60.04 16.37 12.13
C MET B 303 60.29 15.94 13.57
N PHE B 304 59.36 16.25 14.45
CA PHE B 304 59.44 15.82 15.84
C PHE B 304 58.04 15.85 16.45
N LEU B 305 57.96 15.73 17.76
CA LEU B 305 56.71 15.67 18.49
C LEU B 305 56.41 17.02 19.11
N ASP B 306 55.14 17.43 19.05
CA ASP B 306 54.76 18.77 19.46
C ASP B 306 54.85 18.96 20.96
N ASN B 307 54.69 17.89 21.74
CA ASN B 307 54.52 17.81 23.19
C ASN B 307 53.07 18.12 23.56
N GLY B 308 52.27 18.51 22.57
CA GLY B 308 50.83 18.55 22.72
C GLY B 308 50.20 17.33 22.07
N ASP B 309 51.03 16.30 21.83
CA ASP B 309 50.63 15.10 21.13
C ASP B 309 50.31 15.38 19.66
N GLY B 310 50.86 16.45 19.12
CA GLY B 310 50.72 16.78 17.71
C GLY B 310 51.82 16.18 16.87
N THR B 311 52.11 16.84 15.75
CA THR B 311 53.18 16.39 14.85
C THR B 311 53.69 17.60 14.09
N VAL B 312 54.84 18.12 14.52
CA VAL B 312 55.51 19.22 13.81
C VAL B 312 56.30 18.62 12.66
N PHE B 313 55.93 19.01 11.43
CA PHE B 313 56.58 18.49 10.22
C PHE B 313 56.67 19.65 9.23
N LYS B 314 57.78 20.38 9.27
CA LYS B 314 57.97 21.55 8.43
C LYS B 314 59.39 21.57 7.90
N GLY B 315 59.57 22.23 6.76
CA GLY B 315 60.89 22.37 6.19
C GLY B 315 61.78 23.25 7.05
N GLU B 316 63.06 22.93 7.03
CA GLU B 316 64.08 23.71 7.74
C GLU B 316 65.12 24.10 6.70
N VAL B 317 64.93 25.25 6.08
CA VAL B 317 65.74 25.59 4.91
C VAL B 317 66.09 27.08 4.93
N GLY B 318 67.38 27.34 4.91
CA GLY B 318 67.92 28.46 4.20
C GLY B 318 69.06 27.90 3.37
N PRO B 319 68.92 27.86 2.04
CA PRO B 319 69.82 27.03 1.25
C PRO B 319 71.29 27.33 1.50
N TRP B 320 72.05 26.30 1.88
CA TRP B 320 73.46 26.42 2.19
C TRP B 320 74.27 25.88 1.02
N TYR B 321 75.37 26.55 0.70
CA TYR B 321 76.07 26.35 -0.56
C TYR B 321 77.48 25.80 -0.34
N ASN B 322 77.97 25.12 -1.38
CA ASN B 322 79.35 24.62 -1.43
C ASN B 322 79.93 25.03 -2.78
N PRO B 323 80.94 25.91 -2.82
CA PRO B 323 81.45 26.38 -4.12
C PRO B 323 82.07 25.29 -4.98
N LYS B 324 82.70 24.28 -4.39
CA LYS B 324 83.42 23.28 -5.16
C LYS B 324 82.45 22.36 -5.90
N ASN B 325 82.72 22.14 -7.19
CA ASN B 325 81.85 21.32 -8.01
C ASN B 325 82.02 19.85 -7.70
N GLY B 326 80.92 19.10 -7.78
CA GLY B 326 80.94 17.67 -7.60
C GLY B 326 81.00 17.20 -6.17
N GLN B 327 81.14 18.10 -5.21
CA GLN B 327 81.31 17.75 -3.80
C GLN B 327 80.00 18.00 -3.06
N TYR B 328 79.57 17.01 -2.28
CA TYR B 328 78.29 17.04 -1.58
C TYR B 328 78.50 17.03 -0.08
N HIS B 329 79.46 17.83 0.40
CA HIS B 329 79.75 17.95 1.82
C HIS B 329 79.73 19.42 2.20
N LEU B 330 79.25 19.71 3.41
CA LEU B 330 79.19 21.08 3.90
C LEU B 330 80.54 21.51 4.46
N GLU B 331 80.91 22.76 4.20
CA GLU B 331 82.04 23.34 4.89
C GLU B 331 81.69 23.55 6.35
N PRO B 332 82.68 23.66 7.23
CA PRO B 332 82.37 23.76 8.67
C PRO B 332 81.39 24.87 9.00
N LYS B 333 81.53 26.04 8.36
CA LYS B 333 80.64 27.15 8.69
C LYS B 333 79.19 26.81 8.39
N GLU B 334 78.93 26.25 7.20
CA GLU B 334 77.56 25.93 6.81
C GLU B 334 76.98 24.82 7.67
N ALA B 335 77.78 23.80 8.00
CA ALA B 335 77.30 22.73 8.87
C ALA B 335 76.94 23.27 10.25
N LYS B 336 77.80 24.12 10.80
CA LYS B 336 77.50 24.73 12.10
C LYS B 336 76.20 25.53 12.02
N ALA B 337 76.03 26.33 10.96
CA ALA B 337 74.83 27.15 10.84
C ALA B 337 73.58 26.27 10.75
N LEU B 338 73.64 25.22 9.91
CA LEU B 338 72.48 24.36 9.73
C LEU B 338 72.08 23.69 11.04
N LEU B 339 73.04 23.06 11.72
CA LEU B 339 72.71 22.35 12.95
C LEU B 339 72.26 23.32 14.04
N SER B 340 72.89 24.49 14.13
CA SER B 340 72.48 25.47 15.12
C SER B 340 71.05 25.91 14.88
N GLN B 341 70.69 26.19 13.63
CA GLN B 341 69.32 26.60 13.32
C GLN B 341 68.32 25.51 13.69
N SER B 342 68.62 24.26 13.33
CA SER B 342 67.69 23.17 13.62
C SER B 342 67.51 22.99 15.12
N LEU B 343 68.62 23.00 15.87
CA LEU B 343 68.52 22.86 17.32
C LEU B 343 67.73 24.00 17.93
N GLN B 344 67.96 25.23 17.47
CA GLN B 344 67.24 26.37 18.03
C GLN B 344 65.75 26.28 17.72
N SER B 345 65.39 25.84 16.51
CA SER B 345 63.98 25.67 16.19
C SER B 345 63.32 24.64 17.11
N TYR B 346 63.99 23.50 17.29
CA TYR B 346 63.44 22.49 18.19
C TYR B 346 63.30 23.04 19.61
N LYS B 347 64.32 23.74 20.09
CA LYS B 347 64.26 24.28 21.45
C LYS B 347 63.11 25.27 21.60
N GLU B 348 62.95 26.17 20.63
CA GLU B 348 61.90 27.17 20.74
C GLU B 348 60.52 26.52 20.73
N GLN B 349 60.31 25.52 19.88
CA GLN B 349 59.02 24.85 19.86
C GLN B 349 58.76 24.07 21.15
N ILE B 350 59.78 23.35 21.64
CA ILE B 350 59.57 22.42 22.74
C ILE B 350 59.88 23.09 24.07
N GLY B 351 61.01 23.78 24.15
CA GLY B 351 61.49 24.38 25.38
C GLY B 351 62.75 23.74 25.93
N GLU B 352 63.23 22.67 25.29
CA GLU B 352 64.46 21.99 25.69
C GLU B 352 65.13 21.44 24.45
N TYR B 353 66.42 21.14 24.58
CA TYR B 353 67.15 20.56 23.47
C TYR B 353 66.74 19.10 23.28
N PRO B 354 66.93 18.56 22.07
CA PRO B 354 66.55 17.16 21.84
C PRO B 354 67.45 16.21 22.63
N LYS B 355 66.92 15.01 22.87
CA LYS B 355 67.70 13.93 23.45
C LYS B 355 68.32 13.03 22.39
N GLU B 356 68.00 13.24 21.12
CA GLU B 356 68.48 12.39 20.04
C GLU B 356 68.17 13.06 18.71
N VAL B 357 69.13 13.07 17.81
CA VAL B 357 68.96 13.66 16.48
C VAL B 357 69.43 12.65 15.45
N PHE B 358 68.55 12.27 14.54
CA PHE B 358 68.88 11.38 13.43
C PHE B 358 68.91 12.19 12.15
N ILE B 359 70.07 12.24 11.51
CA ILE B 359 70.26 12.98 10.27
C ILE B 359 70.21 11.96 9.14
N HIS B 360 69.02 11.75 8.59
CA HIS B 360 68.91 10.92 7.40
C HIS B 360 69.50 11.66 6.20
N ALA B 361 70.15 10.92 5.31
CA ALA B 361 70.78 11.52 4.14
C ALA B 361 71.00 10.45 3.10
N LYS B 362 71.17 10.89 1.86
CA LYS B 362 71.44 9.99 0.74
C LYS B 362 72.93 9.86 0.44
N THR B 363 73.78 10.55 1.19
CA THR B 363 75.23 10.52 0.99
C THR B 363 75.90 10.14 2.30
N ARG B 364 77.22 9.97 2.24
CA ARG B 364 78.02 9.76 3.44
C ARG B 364 78.50 11.11 3.98
N PHE B 365 78.96 11.09 5.22
CA PHE B 365 79.55 12.26 5.87
C PHE B 365 81.05 12.06 5.98
N ASN B 366 81.79 13.16 5.87
CA ASN B 366 83.23 13.14 6.06
C ASN B 366 83.57 13.63 7.47
N HIS B 367 84.86 13.62 7.80
CA HIS B 367 85.25 13.96 9.16
C HIS B 367 85.16 15.46 9.43
N GLN B 368 85.42 16.31 8.44
CA GLN B 368 85.23 17.73 8.62
C GLN B 368 83.76 18.05 8.88
N GLU B 369 82.88 17.45 8.08
CA GLU B 369 81.45 17.66 8.25
C GLU B 369 81.00 17.31 9.67
N TRP B 370 81.37 16.11 10.13
CA TRP B 370 80.87 15.66 11.43
C TRP B 370 81.56 16.36 12.58
N ASP B 371 82.83 16.75 12.42
CA ASP B 371 83.48 17.56 13.43
C ASP B 371 82.80 18.92 13.56
N ALA B 372 82.43 19.54 12.44
CA ALA B 372 81.68 20.79 12.51
C ALA B 372 80.32 20.57 13.15
N PHE B 373 79.67 19.45 12.83
CA PHE B 373 78.38 19.14 13.45
C PHE B 373 78.50 19.02 14.96
N LEU B 374 79.56 18.35 15.43
CA LEU B 374 79.70 18.04 16.85
C LEU B 374 80.19 19.23 17.67
N GLU B 375 80.66 20.30 17.03
CA GLU B 375 81.17 21.46 17.75
C GLU B 375 80.08 22.42 18.19
N VAL B 376 78.83 22.16 17.83
CA VAL B 376 77.71 22.97 18.29
C VAL B 376 76.65 22.15 19.03
N THR B 377 76.66 20.84 18.91
CA THR B 377 75.65 20.01 19.57
C THR B 377 75.82 20.08 21.08
N PRO B 378 74.74 20.08 21.86
CA PRO B 378 74.88 20.11 23.32
C PRO B 378 75.55 18.86 23.85
N LYS B 379 76.09 18.97 25.06
CA LYS B 379 76.81 17.85 25.66
C LYS B 379 75.94 16.60 25.74
N GLU B 380 74.74 16.74 26.31
CA GLU B 380 73.85 15.61 26.53
C GLU B 380 72.83 15.47 25.40
N THR B 381 73.34 15.34 24.19
CA THR B 381 72.54 14.99 23.03
C THR B 381 73.30 13.96 22.21
N ASN B 382 72.57 13.06 21.56
CA ASN B 382 73.15 12.00 20.76
C ASN B 382 72.86 12.29 19.29
N LEU B 383 73.93 12.41 18.49
CA LEU B 383 73.84 12.75 17.08
C LEU B 383 74.21 11.51 16.26
N VAL B 384 73.26 11.00 15.48
CA VAL B 384 73.45 9.81 14.67
C VAL B 384 73.25 10.19 13.22
N GLY B 385 74.18 9.79 12.36
CA GLY B 385 74.08 10.05 10.93
C GLY B 385 73.83 8.80 10.12
N VAL B 386 72.63 8.68 9.54
CA VAL B 386 72.23 7.51 8.79
C VAL B 386 72.29 7.82 7.30
N THR B 387 72.67 6.83 6.50
CA THR B 387 72.68 6.93 5.05
C THR B 387 71.70 5.91 4.48
N ILE B 388 70.76 6.39 3.67
CA ILE B 388 69.78 5.54 3.00
C ILE B 388 70.12 5.51 1.53
N SER B 389 70.54 4.35 1.04
CA SER B 389 70.97 4.17 -0.34
C SER B 389 70.02 3.23 -1.06
N LYS B 390 69.84 3.49 -2.36
CA LYS B 390 68.98 2.67 -3.20
C LYS B 390 69.74 1.91 -4.26
N THR B 391 70.98 2.28 -4.55
CA THR B 391 71.78 1.63 -5.58
C THR B 391 72.59 0.50 -4.95
N LYS B 392 71.92 -0.62 -4.74
CA LYS B 392 72.57 -1.81 -4.19
C LYS B 392 71.82 -3.06 -4.66
N PRO B 393 72.34 -3.81 -5.63
CA PRO B 393 71.58 -4.93 -6.19
C PRO B 393 71.35 -6.04 -5.16
N LEU B 394 70.07 -6.36 -4.91
CA LEU B 394 69.70 -7.54 -4.17
C LEU B 394 68.21 -7.75 -4.35
N LYS B 395 67.82 -8.97 -4.70
CA LYS B 395 66.43 -9.29 -4.96
C LYS B 395 66.14 -10.70 -4.46
N LEU B 396 65.11 -10.83 -3.63
CA LEU B 396 64.70 -12.12 -3.09
C LEU B 396 63.48 -12.63 -3.85
N TYR B 397 63.55 -13.88 -4.29
CA TYR B 397 62.47 -14.52 -5.03
C TYR B 397 61.87 -15.64 -4.20
N LYS B 398 60.56 -15.58 -3.97
CA LYS B 398 59.84 -16.74 -3.47
C LYS B 398 59.91 -17.87 -4.48
N THR B 399 60.07 -19.09 -3.98
CA THR B 399 60.35 -20.23 -4.84
C THR B 399 59.12 -20.83 -5.52
N GLU B 400 57.90 -20.47 -5.07
CA GLU B 400 56.70 -21.12 -5.57
C GLU B 400 55.77 -20.17 -6.32
N GLY B 401 55.35 -19.08 -5.69
CA GLY B 401 54.26 -18.28 -6.19
C GLY B 401 54.69 -17.14 -7.10
N ASP B 402 53.68 -16.45 -7.64
CA ASP B 402 53.88 -15.26 -8.46
C ASP B 402 53.63 -13.97 -7.68
N TYR B 403 53.78 -14.02 -6.36
CA TYR B 403 53.62 -12.86 -5.49
C TYR B 403 54.92 -12.64 -4.73
N THR B 404 55.32 -11.37 -4.62
CA THR B 404 56.68 -11.05 -4.18
C THR B 404 56.81 -11.17 -2.66
N ILE B 405 58.00 -10.84 -2.17
CA ILE B 405 58.32 -10.98 -0.76
C ILE B 405 57.42 -10.07 0.08
N LEU B 406 57.16 -10.50 1.31
CA LEU B 406 56.37 -9.69 2.23
C LEU B 406 57.05 -8.36 2.49
N ARG B 407 56.25 -7.34 2.79
CA ARG B 407 56.76 -5.97 2.82
C ARG B 407 57.84 -5.77 3.88
N GLY B 408 57.47 -5.88 5.15
CA GLY B 408 58.35 -5.42 6.21
C GLY B 408 59.49 -6.34 6.58
N ASN B 409 60.01 -7.09 5.62
CA ASN B 409 61.15 -7.95 5.87
C ASN B 409 62.45 -7.15 5.83
N ALA B 410 63.45 -7.66 6.54
CA ALA B 410 64.75 -7.00 6.60
C ALA B 410 65.85 -8.05 6.79
N TYR B 411 67.02 -7.74 6.26
CA TYR B 411 68.20 -8.59 6.39
C TYR B 411 69.30 -7.76 7.02
N VAL B 412 69.80 -8.20 8.17
CA VAL B 412 70.80 -7.46 8.93
C VAL B 412 72.16 -8.05 8.62
N VAL B 413 72.95 -7.32 7.82
CA VAL B 413 74.30 -7.76 7.49
C VAL B 413 75.20 -7.67 8.72
N ASN B 414 75.09 -6.59 9.47
CA ASN B 414 76.08 -6.24 10.49
C ASN B 414 75.39 -5.29 11.46
N GLU B 415 76.05 -5.06 12.61
CA GLU B 415 75.49 -4.18 13.62
C GLU B 415 75.33 -2.75 13.14
N ARG B 416 75.96 -2.39 12.01
CA ARG B 416 75.87 -1.04 11.47
C ARG B 416 75.28 -1.00 10.07
N SER B 417 74.70 -2.10 9.59
CA SER B 417 74.13 -2.13 8.25
C SER B 417 72.97 -3.11 8.22
N ALA B 418 72.06 -2.90 7.28
CA ALA B 418 70.92 -3.78 7.11
C ALA B 418 70.14 -3.35 5.88
N PHE B 419 69.51 -4.33 5.22
CA PHE B 419 68.58 -4.07 4.13
C PHE B 419 67.17 -4.03 4.67
N LEU B 420 66.30 -3.30 3.97
CA LEU B 420 64.92 -3.13 4.39
C LEU B 420 64.02 -3.09 3.18
N TRP B 421 62.95 -3.89 3.21
CA TRP B 421 61.96 -3.94 2.14
C TRP B 421 60.81 -3.02 2.52
N THR B 422 60.82 -1.79 2.02
CA THR B 422 59.69 -0.89 2.16
C THR B 422 58.67 -1.07 1.05
N VAL B 423 59.04 -1.76 -0.03
CA VAL B 423 58.14 -2.09 -1.13
C VAL B 423 57.98 -3.59 -1.15
N GLY B 424 56.75 -4.06 -1.20
CA GLY B 424 56.49 -5.49 -1.23
C GLY B 424 55.03 -5.79 -0.99
N TYR B 425 54.74 -7.08 -0.93
CA TYR B 425 53.36 -7.53 -0.75
C TYR B 425 52.82 -7.04 0.58
N VAL B 426 51.61 -6.48 0.54
CA VAL B 426 50.86 -6.07 1.73
C VAL B 426 49.63 -6.97 1.82
N PRO B 427 49.55 -7.86 2.82
CA PRO B 427 48.39 -8.76 2.88
C PRO B 427 47.06 -8.06 3.10
N LYS B 428 47.08 -6.85 3.64
CA LYS B 428 45.82 -6.14 3.92
C LYS B 428 45.04 -5.86 2.64
N ILE B 429 45.73 -5.45 1.57
CA ILE B 429 45.07 -5.11 0.32
C ILE B 429 45.21 -6.21 -0.73
N GLN B 430 45.75 -7.36 -0.33
CA GLN B 430 45.89 -8.53 -1.24
C GLN B 430 46.63 -8.16 -2.53
N THR B 431 47.68 -7.36 -2.40
CA THR B 431 48.52 -6.98 -3.52
C THR B 431 49.81 -6.38 -2.98
N ALA B 432 50.72 -6.08 -3.90
CA ALA B 432 51.99 -5.45 -3.57
C ALA B 432 51.99 -3.98 -3.99
N LEU B 433 53.02 -3.27 -3.55
CA LEU B 433 53.20 -1.87 -3.88
C LEU B 433 54.01 -1.66 -5.14
N SER B 434 54.46 -2.73 -5.79
CA SER B 434 55.18 -2.65 -7.06
C SER B 434 54.62 -3.65 -8.05
N MET B 435 55.28 -3.78 -9.21
CA MET B 435 54.84 -4.69 -10.26
C MET B 435 55.84 -5.80 -10.52
N GLU B 436 57.12 -5.48 -10.64
CA GLU B 436 58.16 -6.49 -10.74
C GLU B 436 58.69 -6.79 -9.33
N VAL B 437 59.80 -7.52 -9.25
CA VAL B 437 60.41 -7.84 -7.97
C VAL B 437 60.97 -6.55 -7.37
N PRO B 438 60.56 -6.16 -6.16
CA PRO B 438 60.98 -4.87 -5.61
C PRO B 438 62.42 -4.89 -5.10
N ASN B 439 62.99 -3.69 -5.01
CA ASN B 439 64.33 -3.52 -4.48
C ASN B 439 64.28 -3.04 -3.03
N PRO B 440 65.22 -3.43 -2.18
CA PRO B 440 65.24 -2.91 -0.81
C PRO B 440 66.13 -1.68 -0.68
N LEU B 441 66.03 -1.04 0.48
CA LEU B 441 66.87 0.10 0.83
C LEU B 441 68.05 -0.39 1.66
N PHE B 442 69.23 0.14 1.36
CA PHE B 442 70.43 -0.18 2.12
C PHE B 442 70.64 0.93 3.16
N ILE B 443 70.40 0.60 4.43
CA ILE B 443 70.54 1.54 5.53
C ILE B 443 71.86 1.28 6.23
N GLU B 444 72.62 2.34 6.49
CA GLU B 444 73.93 2.24 7.11
C GLU B 444 74.06 3.31 8.17
N ILE B 445 74.45 2.91 9.38
CA ILE B 445 74.74 3.86 10.45
C ILE B 445 76.16 4.37 10.20
N ASN B 446 76.26 5.52 9.54
CA ASN B 446 77.56 6.01 9.09
C ASN B 446 78.36 6.61 10.24
N LYS B 447 77.67 7.29 11.16
CA LYS B 447 78.35 7.96 12.26
C LYS B 447 77.44 7.98 13.47
N GLY B 448 78.06 8.05 14.65
CA GLY B 448 77.33 7.91 15.89
C GLY B 448 77.23 6.46 16.31
N GLU B 449 76.42 6.24 17.35
CA GLU B 449 76.19 4.90 17.89
C GLU B 449 74.71 4.73 18.16
N ALA B 450 74.06 3.83 17.42
CA ALA B 450 72.63 3.60 17.54
C ALA B 450 72.36 2.10 17.44
N ASP B 451 71.08 1.74 17.49
CA ASP B 451 70.63 0.36 17.33
C ASP B 451 69.93 0.24 15.99
N ILE B 452 70.44 -0.64 15.13
CA ILE B 452 69.98 -0.67 13.75
C ILE B 452 68.51 -1.08 13.65
N LYS B 453 68.05 -1.95 14.54
CA LYS B 453 66.65 -2.37 14.50
C LYS B 453 65.72 -1.20 14.74
N GLN B 454 66.04 -0.34 15.70
CA GLN B 454 65.23 0.85 15.93
C GLN B 454 65.29 1.81 14.75
N VAL B 455 66.46 1.92 14.11
CA VAL B 455 66.58 2.77 12.94
C VAL B 455 65.65 2.29 11.84
N LEU B 456 65.60 0.97 11.61
CA LEU B 456 64.69 0.42 10.62
C LEU B 456 63.24 0.67 11.01
N LYS B 457 62.91 0.50 12.29
CA LYS B 457 61.55 0.73 12.75
C LYS B 457 61.12 2.16 12.53
N ASP B 458 62.04 3.11 12.72
CA ASP B 458 61.70 4.52 12.52
C ASP B 458 61.63 4.86 11.03
N ILE B 459 62.47 4.25 10.21
CA ILE B 459 62.43 4.51 8.78
C ILE B 459 61.13 3.98 8.18
N LEU B 460 60.62 2.86 8.69
CA LEU B 460 59.40 2.30 8.14
C LEU B 460 58.19 3.18 8.46
N SER B 461 58.17 3.80 9.65
CA SER B 461 57.04 4.63 10.03
C SER B 461 57.01 5.94 9.26
N LEU B 462 58.18 6.49 8.92
CA LEU B 462 58.23 7.73 8.16
C LEU B 462 57.66 7.59 6.76
N THR B 463 57.46 6.36 6.29
CA THR B 463 56.83 6.12 4.99
C THR B 463 55.32 6.29 5.02
N LYS B 464 54.75 6.80 6.11
CA LYS B 464 53.31 6.91 6.29
C LYS B 464 52.88 8.36 6.47
N LEU B 465 53.55 9.31 5.81
CA LEU B 465 53.20 10.71 5.96
C LEU B 465 53.22 11.47 4.64
N ASN B 466 53.06 10.79 3.51
CA ASN B 466 53.05 11.44 2.20
C ASN B 466 51.72 12.16 2.03
N TYR B 467 51.64 13.38 2.56
CA TYR B 467 50.42 14.17 2.41
C TYR B 467 50.18 14.60 0.98
N ASN B 468 51.17 14.48 0.11
CA ASN B 468 51.02 14.79 -1.31
C ASN B 468 50.40 13.65 -2.09
N ALA B 469 49.97 12.59 -1.41
CA ALA B 469 49.32 11.46 -2.05
C ALA B 469 48.44 10.76 -1.02
N CYS B 470 47.53 9.92 -1.53
CA CYS B 470 46.68 9.09 -0.68
C CYS B 470 46.97 7.63 -1.07
N ILE B 471 47.99 7.06 -0.43
CA ILE B 471 48.48 5.73 -0.73
C ILE B 471 48.53 4.94 0.56
N PHE B 472 48.68 3.62 0.44
CA PHE B 472 48.81 2.78 1.62
C PHE B 472 50.08 3.11 2.38
N ALA B 473 51.21 3.19 1.69
CA ALA B 473 52.47 3.57 2.30
C ALA B 473 53.47 3.90 1.20
N ASP B 474 54.45 4.73 1.56
CA ASP B 474 55.48 5.15 0.63
C ASP B 474 56.65 4.17 0.64
N GLY B 475 57.51 4.29 -0.38
CA GLY B 475 58.72 3.50 -0.46
C GLY B 475 59.96 4.15 0.10
N GLU B 476 59.87 5.42 0.49
CA GLU B 476 60.99 6.18 1.02
C GLU B 476 60.50 7.04 2.18
N PRO B 477 61.35 7.28 3.18
CA PRO B 477 60.95 8.20 4.25
C PRO B 477 60.65 9.59 3.70
N VAL B 478 59.64 10.24 4.29
CA VAL B 478 59.20 11.54 3.80
C VAL B 478 60.13 12.67 4.23
N THR B 479 61.08 12.41 5.13
CA THR B 479 62.08 13.42 5.43
C THR B 479 63.00 13.68 4.25
N LEU B 480 63.27 12.65 3.44
CA LEU B 480 64.16 12.77 2.30
C LEU B 480 63.43 13.11 1.01
N ARG B 481 62.10 13.15 1.01
CA ARG B 481 61.31 13.44 -0.18
C ARG B 481 60.83 14.89 -0.21
N PHE B 482 60.30 15.38 0.92
CA PHE B 482 59.85 16.76 0.97
C PHE B 482 61.03 17.72 0.98
N ALA B 483 62.15 17.32 1.58
CA ALA B 483 63.36 18.13 1.46
C ALA B 483 63.81 18.25 0.02
N ASP B 484 63.71 17.15 -0.74
CA ASP B 484 64.04 17.20 -2.16
C ASP B 484 63.08 18.11 -2.92
N LYS B 485 61.79 18.04 -2.60
CA LYS B 485 60.83 18.92 -3.27
C LYS B 485 61.14 20.39 -2.99
N ILE B 486 61.42 20.73 -1.73
CA ILE B 486 61.79 22.10 -1.39
C ILE B 486 63.04 22.51 -2.14
N GLY B 487 64.05 21.63 -2.17
CA GLY B 487 65.28 21.97 -2.86
C GLY B 487 65.09 22.23 -4.33
N GLU B 488 64.23 21.43 -4.98
CA GLU B 488 64.01 21.64 -6.41
C GLU B 488 63.07 22.81 -6.68
N ILE B 489 62.34 23.29 -5.66
CA ILE B 489 61.53 24.48 -5.86
C ILE B 489 62.37 25.74 -5.74
N LEU B 490 63.12 25.89 -4.65
CA LEU B 490 63.96 27.07 -4.47
C LEU B 490 65.36 26.85 -5.02
N THR B 491 65.40 26.35 -6.26
CA THR B 491 66.60 26.31 -7.08
C THR B 491 66.31 26.81 -8.47
N ALA B 492 65.08 27.26 -8.74
CA ALA B 492 64.68 27.79 -10.02
C ALA B 492 64.72 29.32 -10.07
N SER B 493 65.16 29.97 -8.99
CA SER B 493 65.27 31.41 -8.97
C SER B 493 66.34 31.80 -7.96
N THR B 494 66.85 33.03 -8.11
CA THR B 494 67.90 33.55 -7.27
C THR B 494 67.45 34.68 -6.34
N ASP B 495 66.22 35.16 -6.51
CA ASP B 495 65.73 36.30 -5.75
C ASP B 495 65.10 35.93 -4.41
N ILE B 496 65.00 34.65 -4.09
CA ILE B 496 64.28 34.20 -2.92
C ILE B 496 65.12 34.47 -1.67
N LYS B 497 64.50 35.11 -0.67
CA LYS B 497 65.15 35.39 0.60
C LYS B 497 64.21 35.01 1.73
N THR B 498 64.75 34.38 2.77
CA THR B 498 63.99 33.91 3.93
C THR B 498 62.66 33.31 3.48
N PRO B 499 62.69 32.16 2.81
CA PRO B 499 61.44 31.60 2.26
C PRO B 499 60.54 31.06 3.35
N PRO B 500 59.27 30.79 3.03
CA PRO B 500 58.39 30.14 4.01
C PRO B 500 58.79 28.69 4.24
N LEU B 501 58.39 28.17 5.40
CA LEU B 501 58.70 26.80 5.78
C LEU B 501 57.52 25.85 5.71
N ALA B 502 56.29 26.35 5.80
CA ALA B 502 55.12 25.49 5.68
C ALA B 502 55.11 24.80 4.31
N PHE B 503 54.84 23.50 4.32
CA PHE B 503 54.95 22.72 3.09
C PHE B 503 53.88 23.08 2.06
N LYS B 504 52.78 23.69 2.48
CA LYS B 504 51.69 23.96 1.55
C LYS B 504 52.05 24.99 0.49
N TYR B 505 53.18 25.70 0.63
CA TYR B 505 53.62 26.66 -0.36
C TYR B 505 54.63 26.08 -1.35
N TYR B 506 55.00 24.80 -1.21
CA TYR B 506 55.87 24.14 -2.16
C TYR B 506 55.21 22.95 -2.83
N ILE B 507 54.59 22.06 -2.04
CA ILE B 507 53.99 20.87 -2.61
C ILE B 507 52.66 21.21 -3.26
N ARG E 1 -9.29 21.77 13.66
CA ARG E 1 -9.47 22.50 12.41
C ARG E 1 -8.90 23.91 12.52
N ASN E 2 -7.60 24.00 12.80
CA ASN E 2 -6.94 25.28 13.00
C ASN E 2 -5.55 25.29 12.35
N LYS E 3 -5.45 24.80 11.11
CA LYS E 3 -4.18 24.72 10.41
C LYS E 3 -4.31 25.36 9.03
N ILE E 4 -3.36 26.23 8.70
CA ILE E 4 -3.32 26.87 7.39
C ILE E 4 -2.65 25.92 6.41
N PHE E 5 -3.32 25.63 5.30
CA PHE E 5 -2.82 24.73 4.28
C PHE E 5 -2.30 25.55 3.10
N ILE E 6 -1.05 25.29 2.71
CA ILE E 6 -0.43 25.97 1.59
C ILE E 6 -0.26 24.96 0.46
N SER E 7 -0.94 25.21 -0.65
CA SER E 7 -0.77 24.43 -1.87
C SER E 7 0.06 25.22 -2.86
N HIS E 8 0.86 24.52 -3.65
CA HIS E 8 1.79 25.18 -4.55
C HIS E 8 2.37 24.15 -5.52
N ALA E 9 3.07 24.66 -6.53
CA ALA E 9 3.83 23.79 -7.42
C ALA E 9 5.17 23.44 -6.79
N THR E 10 5.72 22.29 -7.20
CA THR E 10 6.96 21.79 -6.65
C THR E 10 7.84 21.31 -7.82
N PRO E 11 9.15 21.54 -7.76
CA PRO E 11 9.92 22.29 -6.76
C PRO E 11 10.11 23.75 -7.14
N ASP E 12 9.21 24.33 -7.93
CA ASP E 12 9.41 25.66 -8.49
C ASP E 12 9.10 26.80 -7.51
N ASP E 13 8.23 26.58 -6.53
CA ASP E 13 7.81 27.63 -5.61
C ASP E 13 8.25 27.35 -4.18
N ASN E 14 9.29 26.52 -3.99
CA ASN E 14 9.70 26.16 -2.64
C ASN E 14 10.31 27.33 -1.90
N ASP E 15 10.96 28.26 -2.62
CA ASP E 15 11.60 29.40 -1.96
C ASP E 15 10.57 30.31 -1.32
N PHE E 16 9.64 30.82 -2.14
CA PHE E 16 8.59 31.70 -1.62
C PHE E 16 7.73 30.96 -0.60
N THR E 17 7.38 29.71 -0.90
CA THR E 17 6.54 28.94 0.02
C THR E 17 7.21 28.77 1.37
N ARG E 18 8.51 28.45 1.37
CA ARG E 18 9.23 28.29 2.63
C ARG E 18 9.29 29.60 3.39
N TRP E 19 9.58 30.71 2.68
CA TRP E 19 9.58 32.02 3.32
C TRP E 19 8.25 32.29 4.00
N LEU E 20 7.15 32.11 3.26
CA LEU E 20 5.82 32.41 3.79
C LEU E 20 5.49 31.50 4.98
N ALA E 21 5.77 30.21 4.86
CA ALA E 21 5.45 29.27 5.93
C ALA E 21 6.23 29.61 7.20
N LEU E 22 7.53 29.88 7.07
CA LEU E 22 8.33 30.23 8.24
C LEU E 22 7.84 31.52 8.87
N LYS E 23 7.51 32.52 8.05
CA LYS E 23 7.01 33.78 8.59
C LYS E 23 5.70 33.56 9.35
N LEU E 24 4.78 32.78 8.77
CA LEU E 24 3.51 32.54 9.43
C LEU E 24 3.69 31.78 10.73
N ILE E 25 4.57 30.78 10.73
CA ILE E 25 4.84 30.05 11.98
C ILE E 25 5.42 30.99 13.02
N GLY E 26 6.36 31.85 12.62
CA GLY E 26 6.94 32.79 13.56
C GLY E 26 5.93 33.74 14.14
N LEU E 27 4.94 34.14 13.33
CA LEU E 27 3.88 35.01 13.84
C LEU E 27 2.83 34.25 14.65
N GLY E 28 2.86 32.92 14.65
CA GLY E 28 2.02 32.13 15.52
C GLY E 28 0.95 31.29 14.85
N TYR E 29 0.95 31.20 13.53
CA TYR E 29 -0.09 30.46 12.80
C TYR E 29 0.41 29.06 12.47
N GLU E 30 -0.43 28.06 12.75
CA GLU E 30 -0.09 26.68 12.44
C GLU E 30 -0.21 26.44 10.94
N VAL E 31 0.88 26.02 10.29
CA VAL E 31 0.81 25.93 8.80
C VAL E 31 1.12 24.51 8.34
N TRP E 32 0.93 24.21 7.05
CA TRP E 32 1.29 22.86 6.53
C TRP E 32 1.73 22.94 5.07
N CYS E 33 2.65 22.06 4.66
CA CYS E 33 3.16 22.02 3.26
C CYS E 33 4.14 20.84 3.19
N ASP E 34 4.38 20.25 2.02
CA ASP E 34 5.24 19.03 1.97
C ASP E 34 6.49 19.25 2.83
N ILE E 35 7.33 20.22 2.46
CA ILE E 35 8.59 20.48 3.20
C ILE E 35 8.29 20.74 4.66
N LEU E 36 9.10 20.20 5.57
CA LEU E 36 8.96 20.47 7.03
C LEU E 36 7.72 19.79 7.62
N PHE E 37 6.87 19.14 6.80
CA PHE E 37 5.61 18.59 7.38
C PHE E 37 5.37 17.15 6.92
N LEU E 38 5.33 16.89 5.61
CA LEU E 38 5.03 15.52 5.11
C LEU E 38 6.01 14.54 5.76
N ASP E 39 5.53 13.38 6.23
CA ASP E 39 6.43 12.36 6.83
C ASP E 39 6.92 11.38 5.76
N LYS E 40 8.16 10.93 5.88
CA LYS E 40 8.68 9.96 4.93
C LYS E 40 8.15 8.57 5.24
N GLY E 41 7.75 7.84 4.21
CA GLY E 41 7.23 6.50 4.38
C GLY E 41 5.74 6.42 4.64
N VAL E 42 4.99 7.45 4.31
CA VAL E 42 3.55 7.50 4.57
C VAL E 42 2.81 7.54 3.24
N ASP E 43 1.55 7.11 3.30
CA ASP E 43 0.64 7.27 2.16
C ASP E 43 0.28 8.75 2.07
N PHE E 44 0.99 9.43 1.15
CA PHE E 44 0.84 10.89 0.97
C PHE E 44 -0.52 11.23 0.33
N TRP E 45 -0.79 10.75 -0.89
CA TRP E 45 -2.04 11.17 -1.56
C TRP E 45 -3.19 11.06 -0.56
N SER E 46 -3.10 10.08 0.35
CA SER E 46 -4.19 9.87 1.34
C SER E 46 -3.90 10.63 2.64
N ASN E 47 -2.82 11.42 2.69
CA ASN E 47 -2.61 12.27 3.88
C ASN E 47 -2.77 13.72 3.37
N ILE E 48 -2.83 13.89 2.04
CA ILE E 48 -3.08 15.23 1.43
C ILE E 48 -4.54 15.52 1.67
N GLU E 49 -5.33 14.48 1.86
CA GLU E 49 -6.79 14.58 1.89
C GLU E 49 -7.30 14.67 3.31
N LYS E 50 -6.73 13.89 4.22
CA LYS E 50 -7.15 13.92 5.61
C LYS E 50 -6.91 15.31 6.22
N VAL E 51 -5.75 15.89 5.96
CA VAL E 51 -5.42 17.20 6.52
C VAL E 51 -6.34 18.27 5.93
N ILE E 52 -6.64 18.18 4.64
CA ILE E 52 -7.52 19.16 4.02
C ILE E 52 -8.93 19.04 4.58
N ARG E 53 -9.38 17.81 4.86
CA ARG E 53 -10.78 17.58 5.19
C ARG E 53 -11.06 17.76 6.67
N GLU E 54 -10.08 17.53 7.55
CA GLU E 54 -10.34 17.53 8.98
C GLU E 54 -9.51 18.53 9.79
N ASP E 55 -8.44 19.08 9.22
CA ASP E 55 -7.50 19.90 9.97
C ASP E 55 -7.11 21.15 9.18
N THR E 56 -8.10 21.88 8.67
CA THR E 56 -7.84 23.06 7.86
C THR E 56 -8.87 24.13 8.18
N CYS E 57 -8.38 25.34 8.47
CA CYS E 57 -9.24 26.50 8.67
C CYS E 57 -9.18 27.49 7.51
N LYS E 58 -8.04 27.57 6.82
CA LYS E 58 -7.89 28.39 5.63
C LYS E 58 -7.05 27.64 4.61
N PHE E 59 -7.24 27.99 3.33
CA PHE E 59 -6.61 27.28 2.22
C PHE E 59 -5.91 28.28 1.32
N LEU E 60 -4.67 28.62 1.64
CA LEU E 60 -3.88 29.49 0.79
C LEU E 60 -3.42 28.75 -0.46
N LEU E 61 -3.37 29.47 -1.58
CA LEU E 61 -2.91 28.93 -2.84
C LEU E 61 -1.94 29.91 -3.47
N VAL E 62 -0.70 29.47 -3.69
CA VAL E 62 0.30 30.28 -4.35
C VAL E 62 0.10 30.13 -5.86
N SER E 63 -0.37 31.18 -6.51
CA SER E 63 -0.71 31.14 -7.93
C SER E 63 0.42 31.74 -8.76
N SER E 64 0.68 31.11 -9.89
CA SER E 64 1.73 31.53 -10.82
C SER E 64 1.55 30.74 -12.11
N SER E 65 2.46 30.93 -13.05
CA SER E 65 2.43 30.14 -14.28
C SER E 65 2.56 28.66 -13.97
N TYR E 66 3.39 28.30 -12.99
CA TYR E 66 3.57 26.91 -12.62
C TYR E 66 2.27 26.32 -12.08
N SER E 67 1.56 27.07 -11.25
CA SER E 67 0.29 26.61 -10.69
C SER E 67 -0.80 26.76 -11.75
N ASN E 68 -2.05 26.49 -11.34
CA ASN E 68 -3.26 26.63 -12.16
C ASN E 68 -3.25 25.69 -13.36
N GLN E 69 -2.24 24.82 -13.46
CA GLN E 69 -2.24 23.72 -14.40
C GLN E 69 -1.76 22.41 -13.80
N ARG E 70 -1.00 22.42 -12.71
CA ARG E 70 -0.50 21.19 -12.11
C ARG E 70 -1.66 20.34 -11.61
N GLU E 71 -1.56 19.03 -11.82
CA GLU E 71 -2.65 18.14 -11.43
C GLU E 71 -2.83 18.12 -9.91
N GLY E 72 -1.73 18.08 -9.15
CA GLY E 72 -1.85 17.99 -7.71
C GLY E 72 -2.53 19.19 -7.10
N VAL E 73 -2.13 20.39 -7.52
CA VAL E 73 -2.75 21.60 -6.98
C VAL E 73 -4.23 21.65 -7.36
N LEU E 74 -4.58 21.17 -8.56
CA LEU E 74 -5.98 21.17 -8.95
C LEU E 74 -6.79 20.18 -8.11
N LYS E 75 -6.23 19.00 -7.80
CA LYS E 75 -6.91 18.06 -6.92
C LYS E 75 -7.13 18.67 -5.54
N GLU E 76 -6.08 19.31 -5.01
CA GLU E 76 -6.22 19.93 -3.69
C GLU E 76 -7.24 21.05 -3.72
N LEU E 77 -7.28 21.81 -4.81
CA LEU E 77 -8.26 22.89 -4.95
C LEU E 77 -9.68 22.33 -5.02
N ALA E 78 -9.87 21.21 -5.72
CA ALA E 78 -11.20 20.61 -5.79
C ALA E 78 -11.67 20.14 -4.42
N VAL E 79 -10.79 19.46 -3.68
CA VAL E 79 -11.17 19.02 -2.34
C VAL E 79 -11.44 20.23 -1.45
N ALA E 80 -10.64 21.30 -1.61
CA ALA E 80 -10.86 22.51 -0.83
C ALA E 80 -12.22 23.14 -1.16
N ALA E 81 -12.59 23.16 -2.44
CA ALA E 81 -13.88 23.71 -2.82
C ALA E 81 -15.02 22.90 -2.21
N LYS E 82 -14.90 21.57 -2.22
CA LYS E 82 -15.94 20.74 -1.61
C LYS E 82 -16.03 21.00 -0.11
N VAL E 83 -14.88 21.14 0.56
CA VAL E 83 -14.89 21.41 2.00
C VAL E 83 -15.47 22.78 2.28
N LYS E 84 -15.22 23.76 1.40
CA LYS E 84 -15.81 25.08 1.56
C LYS E 84 -17.32 25.02 1.41
N LYS E 85 -17.80 24.26 0.42
CA LYS E 85 -19.24 24.12 0.26
C LYS E 85 -19.87 23.48 1.49
N GLN E 86 -19.20 22.47 2.05
CA GLN E 86 -19.72 21.84 3.27
C GLN E 86 -19.72 22.81 4.45
N LEU E 87 -18.65 23.57 4.62
CA LEU E 87 -18.48 24.43 5.80
C LEU E 87 -19.36 25.67 5.76
N LYS E 88 -19.89 26.05 4.59
CA LYS E 88 -20.69 27.26 4.45
C LYS E 88 -19.86 28.50 4.77
N ASP E 89 -18.56 28.45 4.48
CA ASP E 89 -17.65 29.56 4.72
C ASP E 89 -17.31 30.23 3.40
N ASP E 90 -17.42 31.56 3.37
CA ASP E 90 -17.24 32.29 2.11
C ASP E 90 -15.77 32.47 1.74
N LYS E 91 -14.88 32.56 2.72
CA LYS E 91 -13.48 32.91 2.49
C LYS E 91 -12.55 31.75 2.84
N PHE E 92 -12.93 30.54 2.41
CA PHE E 92 -12.08 29.37 2.65
C PHE E 92 -10.80 29.45 1.83
N ILE E 93 -10.88 29.93 0.59
CA ILE E 93 -9.78 29.89 -0.37
C ILE E 93 -9.24 31.29 -0.56
N ILE E 94 -7.93 31.45 -0.44
CA ILE E 94 -7.26 32.73 -0.60
C ILE E 94 -6.21 32.58 -1.69
N PRO E 95 -6.52 33.02 -2.92
CA PRO E 95 -5.55 32.85 -4.03
C PRO E 95 -4.41 33.86 -4.03
N LEU E 96 -3.32 33.55 -3.33
CA LEU E 96 -2.14 34.39 -3.40
C LEU E 96 -1.65 34.51 -4.83
N ALA E 97 -1.13 35.69 -5.17
CA ALA E 97 -0.58 35.96 -6.50
C ALA E 97 0.86 36.45 -6.33
N ILE E 98 1.80 35.74 -6.95
CA ILE E 98 3.22 36.05 -6.82
C ILE E 98 3.91 36.22 -8.17
N ASP E 99 3.21 35.96 -9.28
CA ASP E 99 3.77 36.07 -10.61
C ASP E 99 3.20 37.30 -11.31
N GLU E 100 3.74 37.57 -12.51
CA GLU E 100 3.26 38.69 -13.32
C GLU E 100 3.09 38.36 -14.79
N GLN E 101 3.61 37.23 -15.28
CA GLN E 101 3.59 36.95 -16.71
C GLN E 101 2.28 36.35 -17.20
N LEU E 102 1.36 36.01 -16.30
CA LEU E 102 0.05 35.48 -16.68
C LEU E 102 -1.01 36.54 -16.41
N SER E 103 -1.91 36.72 -17.37
CA SER E 103 -2.86 37.82 -17.35
C SER E 103 -4.15 37.40 -16.64
N TYR E 104 -5.15 38.28 -16.66
CA TYR E 104 -6.43 38.00 -16.02
C TYR E 104 -7.11 36.80 -16.66
N ASP E 105 -7.10 36.73 -17.99
CA ASP E 105 -7.81 35.66 -18.68
C ASP E 105 -7.23 34.29 -18.36
N ASP E 106 -5.90 34.19 -18.29
CA ASP E 106 -5.25 32.89 -18.11
C ASP E 106 -5.47 32.31 -16.72
N ILE E 107 -5.99 33.09 -15.77
CA ILE E 107 -6.16 32.60 -14.41
C ILE E 107 -7.20 31.48 -14.39
N ASN E 108 -7.03 30.54 -13.47
CA ASN E 108 -7.98 29.46 -13.32
C ASN E 108 -9.37 30.01 -13.04
N ILE E 109 -10.36 29.44 -13.71
CA ILE E 109 -11.73 29.98 -13.61
C ILE E 109 -12.26 29.84 -12.18
N ASP E 110 -11.90 28.77 -11.47
CA ASP E 110 -12.43 28.53 -10.14
C ASP E 110 -11.88 29.49 -9.10
N ILE E 111 -10.88 30.30 -9.43
CA ILE E 111 -10.24 31.21 -8.47
C ILE E 111 -10.25 32.66 -8.93
N VAL E 112 -10.47 32.93 -10.22
CA VAL E 112 -10.35 34.29 -10.71
C VAL E 112 -11.34 35.21 -10.02
N ARG E 113 -12.56 34.73 -9.77
CA ARG E 113 -13.60 35.56 -9.18
C ARG E 113 -13.37 35.84 -7.70
N LEU E 114 -12.41 35.17 -7.07
CA LEU E 114 -12.15 35.33 -5.65
C LEU E 114 -11.20 36.49 -5.39
N ASN E 115 -11.37 37.12 -4.23
CA ASN E 115 -10.42 38.15 -3.80
C ASN E 115 -9.04 37.53 -3.64
N ALA E 116 -8.03 38.19 -4.22
CA ALA E 116 -6.66 37.70 -4.19
C ALA E 116 -5.77 38.73 -3.51
N ILE E 117 -4.76 38.26 -2.78
CA ILE E 117 -3.78 39.10 -2.13
C ILE E 117 -2.52 39.11 -2.98
N ASP E 118 -1.97 40.30 -3.20
CA ASP E 118 -0.99 40.54 -4.26
C ASP E 118 0.43 40.55 -3.68
N PHE E 119 1.28 39.66 -4.21
CA PHE E 119 2.68 39.59 -3.83
C PHE E 119 3.59 40.02 -4.98
N LYS E 120 3.04 40.74 -5.97
CA LYS E 120 3.78 41.02 -7.19
C LYS E 120 4.89 42.03 -6.97
N MET E 121 4.64 43.08 -6.18
CA MET E 121 5.60 44.17 -6.05
C MET E 121 6.52 43.98 -4.85
N SER E 122 6.15 43.13 -3.90
CA SER E 122 7.01 42.79 -2.78
C SER E 122 6.31 41.71 -1.96
N TRP E 123 7.08 41.06 -1.08
CA TRP E 123 6.53 40.07 -0.17
C TRP E 123 6.17 40.65 1.19
N ALA E 124 6.39 41.95 1.40
CA ALA E 124 6.18 42.55 2.71
C ALA E 124 4.79 43.15 2.87
N ARG E 125 4.37 43.99 1.93
CA ARG E 125 3.00 44.49 1.96
C ARG E 125 2.00 43.36 1.70
N GLY E 126 2.41 42.34 0.94
CA GLY E 126 1.58 41.16 0.82
C GLY E 126 1.34 40.48 2.16
N LEU E 127 2.40 40.34 2.96
CA LEU E 127 2.22 39.76 4.29
C LEU E 127 1.40 40.68 5.18
N LYS E 128 1.56 41.99 5.03
CA LYS E 128 0.71 42.93 5.76
C LYS E 128 -0.75 42.67 5.45
N ASP E 129 -1.08 42.55 4.16
CA ASP E 129 -2.46 42.29 3.75
C ASP E 129 -2.94 40.94 4.27
N ILE E 130 -2.07 39.93 4.23
CA ILE E 130 -2.45 38.61 4.72
C ILE E 130 -2.81 38.65 6.19
N LEU E 131 -1.99 39.34 6.99
CA LEU E 131 -2.28 39.40 8.43
C LEU E 131 -3.53 40.22 8.70
N GLU E 132 -3.73 41.32 7.96
CA GLU E 132 -4.99 42.06 8.08
C GLU E 132 -6.18 41.15 7.80
N ALA E 133 -6.14 40.40 6.69
CA ALA E 133 -7.26 39.55 6.32
C ALA E 133 -7.49 38.46 7.36
N PHE E 134 -6.42 37.82 7.84
CA PHE E 134 -6.59 36.76 8.83
C PHE E 134 -7.19 37.29 10.11
N GLU E 135 -6.65 38.39 10.64
CA GLU E 135 -7.19 38.95 11.87
C GLU E 135 -8.61 39.48 11.68
N LYS E 136 -8.98 39.87 10.46
CA LYS E 136 -10.36 40.28 10.21
C LYS E 136 -11.29 39.09 10.19
N GLN E 137 -10.89 38.00 9.54
CA GLN E 137 -11.72 36.82 9.36
C GLN E 137 -11.65 35.86 10.54
N LYS E 138 -10.95 36.23 11.61
CA LYS E 138 -10.91 35.45 12.84
C LYS E 138 -10.33 34.05 12.58
N VAL E 139 -9.07 34.03 12.18
CA VAL E 139 -8.31 32.78 12.07
C VAL E 139 -7.76 32.47 13.46
N PRO E 140 -7.75 31.19 13.90
CA PRO E 140 -7.29 30.89 15.27
C PRO E 140 -5.79 30.97 15.44
N LYS E 141 -5.27 32.16 15.74
CA LYS E 141 -3.86 32.31 16.06
C LYS E 141 -3.64 31.94 17.52
N GLU E 142 -2.73 30.99 17.77
CA GLU E 142 -2.37 30.56 19.11
C GLU E 142 -0.96 31.05 19.40
N VAL E 143 -0.86 32.28 19.90
CA VAL E 143 0.44 32.88 20.18
C VAL E 143 1.08 32.10 21.33
N ALA E 144 2.12 31.33 21.02
CA ALA E 144 2.89 30.61 22.03
C ALA E 144 4.17 31.34 22.41
N ASP E 145 4.84 31.96 21.45
CA ASP E 145 6.04 32.75 21.74
C ASP E 145 5.63 34.19 22.01
N ALA E 146 5.97 34.68 23.20
CA ALA E 146 5.63 36.03 23.62
C ALA E 146 6.85 36.94 23.50
N SER E 147 6.60 38.19 23.12
CA SER E 147 7.66 39.19 22.93
C SER E 147 8.47 38.89 21.67
N LYS E 148 8.09 37.84 20.94
CA LYS E 148 8.68 37.52 19.65
C LYS E 148 7.67 37.64 18.52
N SER E 149 6.54 36.92 18.63
CA SER E 149 5.54 36.96 17.56
C SER E 149 4.96 38.36 17.41
N ASN E 150 4.71 39.05 18.52
CA ASN E 150 4.19 40.40 18.45
C ASN E 150 5.17 41.34 17.76
N LEU E 151 6.47 41.22 18.09
CA LEU E 151 7.46 42.09 17.48
C LEU E 151 7.58 41.84 15.99
N LEU E 152 7.52 40.57 15.56
CA LEU E 152 7.57 40.26 14.14
C LEU E 152 6.31 40.74 13.43
N TYR E 153 5.17 40.62 14.09
CA TYR E 153 3.92 41.18 13.57
C TYR E 153 4.05 42.68 13.36
N GLN E 154 4.68 43.38 14.31
CA GLN E 154 4.86 44.82 14.22
C GLN E 154 5.92 45.23 13.20
N GLN E 155 6.91 44.38 12.93
CA GLN E 155 7.95 44.74 11.97
C GLN E 155 7.36 44.96 10.59
N ILE E 156 6.46 44.08 10.18
CA ILE E 156 5.76 44.32 8.89
C ILE E 156 4.60 45.28 9.23
N PHE E 157 4.08 46.04 8.25
CA PHE E 157 3.01 47.06 8.48
C PHE E 157 3.67 48.43 8.68
N LEU E 158 4.99 48.46 8.88
CA LEU E 158 5.69 49.69 9.33
C LEU E 158 6.84 50.04 8.37
N VAL E 163 6.45 60.39 3.70
CA VAL E 163 6.15 61.76 4.08
C VAL E 163 4.74 62.11 3.60
N ILE E 164 4.13 63.08 4.27
CA ILE E 164 2.77 63.52 3.97
C ILE E 164 2.81 64.95 3.45
N GLU E 165 2.00 65.21 2.43
CA GLU E 165 1.94 66.52 1.79
C GLU E 165 1.16 67.48 2.70
N LYS E 166 1.89 68.18 3.56
CA LYS E 166 1.32 69.19 4.44
C LYS E 166 2.21 70.41 4.40
N GLU E 167 1.62 71.59 4.22
CA GLU E 167 2.39 72.81 4.08
C GLU E 167 3.20 73.06 5.35
N GLU E 168 4.43 73.53 5.16
CA GLU E 168 5.34 73.82 6.26
C GLU E 168 6.07 75.13 5.99
N ILE E 169 6.40 75.84 7.06
CA ILE E 169 7.06 77.13 6.98
C ILE E 169 8.18 77.16 8.01
N TYR E 170 9.36 77.65 7.60
CA TYR E 170 10.54 77.65 8.43
C TYR E 170 11.08 79.06 8.61
N ASP E 171 11.88 79.23 9.66
CA ASP E 171 12.64 80.44 9.91
C ASP E 171 14.09 80.20 9.49
N SER E 172 14.96 81.17 9.74
CA SER E 172 16.37 81.04 9.42
C SER E 172 17.15 82.03 10.26
N ASN E 173 18.45 82.14 9.99
CA ASN E 173 19.33 83.08 10.68
C ASN E 173 19.86 84.13 9.71
N TRP E 174 19.13 84.38 8.63
CA TRP E 174 19.48 85.41 7.65
C TRP E 174 18.61 86.63 7.86
N LEU E 175 19.23 87.80 8.00
CA LEU E 175 18.53 89.07 8.05
C LEU E 175 18.84 89.83 6.76
N SER E 176 17.80 90.23 6.04
CA SER E 176 17.98 90.89 4.75
C SER E 176 18.16 92.39 4.98
N ILE E 177 19.27 92.93 4.48
CA ILE E 177 19.49 94.36 4.54
C ILE E 177 18.45 95.06 3.66
N LEU E 178 17.85 96.12 4.19
CA LEU E 178 16.72 96.75 3.52
C LEU E 178 17.13 97.93 2.64
N SER E 179 17.97 98.82 3.16
CA SER E 179 18.30 100.07 2.48
C SER E 179 19.80 100.27 2.46
N PHE E 180 20.27 100.93 1.40
CA PHE E 180 21.67 101.28 1.21
C PHE E 180 21.78 102.77 0.92
N PRO E 181 22.84 103.43 1.36
CA PRO E 181 23.06 104.82 0.94
C PRO E 181 23.20 104.92 -0.57
N GLU E 182 22.72 106.03 -1.12
CA GLU E 182 22.67 106.18 -2.57
C GLU E 182 24.06 106.23 -3.18
N GLU E 183 25.06 106.71 -2.46
CA GLU E 183 26.35 107.07 -3.04
C GLU E 183 27.48 106.44 -2.24
N LEU E 184 28.50 105.95 -2.94
CA LEU E 184 29.65 105.34 -2.29
C LEU E 184 30.78 106.35 -2.07
N ARG E 185 31.19 107.02 -3.14
CA ARG E 185 32.11 108.16 -3.12
C ARG E 185 33.49 107.81 -2.54
N VAL E 199 43.74 104.29 9.10
CA VAL E 199 42.40 104.79 8.81
C VAL E 199 41.34 104.11 9.66
N ARG E 200 41.53 102.84 9.99
CA ARG E 200 40.50 102.08 10.70
C ARG E 200 40.27 102.60 12.12
N GLU E 201 41.01 103.63 12.52
CA GLU E 201 40.83 104.23 13.84
C GLU E 201 39.96 105.48 13.81
N LEU E 202 39.30 105.77 12.69
CA LEU E 202 38.46 106.94 12.58
C LEU E 202 37.18 106.75 13.40
N THR E 203 36.31 107.75 13.36
CA THR E 203 35.02 107.69 14.04
C THR E 203 33.92 107.10 13.16
N PHE E 204 34.19 106.85 11.89
CA PHE E 204 33.23 106.26 10.96
C PHE E 204 33.94 105.20 10.14
N PRO E 205 33.19 104.25 9.58
CA PRO E 205 33.81 103.23 8.74
C PRO E 205 34.56 103.84 7.56
N ALA E 206 35.72 103.28 7.25
CA ALA E 206 36.53 103.75 6.14
C ALA E 206 37.59 102.71 5.81
N VAL E 207 38.17 102.85 4.62
CA VAL E 207 39.25 101.96 4.19
C VAL E 207 40.12 102.72 3.19
N ARG E 208 41.43 102.56 3.33
CA ARG E 208 42.39 103.26 2.49
C ARG E 208 42.53 102.54 1.15
N TYR E 209 42.48 103.31 0.06
CA TYR E 209 42.58 102.75 -1.29
C TYR E 209 43.33 103.76 -2.16
N LYS E 210 44.64 103.55 -2.29
CA LYS E 210 45.50 104.49 -3.02
C LYS E 210 45.53 105.80 -2.23
N ASN E 211 45.80 106.91 -2.91
CA ASN E 211 45.73 108.22 -2.25
C ASN E 211 44.31 108.61 -1.88
N TYR E 212 43.31 107.94 -2.45
CA TYR E 212 41.93 108.23 -2.14
C TYR E 212 41.52 107.60 -0.81
N LEU E 213 40.30 107.91 -0.38
CA LEU E 213 39.73 107.33 0.83
C LEU E 213 38.30 106.91 0.52
N CYS E 214 37.94 105.69 0.94
CA CYS E 214 36.62 105.12 0.68
C CYS E 214 35.78 105.17 1.95
N THR E 237 36.08 114.22 -5.89
CA THR E 237 35.62 112.98 -5.30
C THR E 237 35.00 112.10 -6.39
N ILE E 238 35.45 110.85 -6.46
CA ILE E 238 34.86 109.89 -7.38
C ILE E 238 33.61 109.31 -6.74
N ARG E 239 32.45 109.64 -7.29
CA ARG E 239 31.16 109.27 -6.73
C ARG E 239 30.57 108.11 -7.52
N ILE E 240 30.22 107.03 -6.82
CA ILE E 240 29.66 105.85 -7.46
C ILE E 240 28.38 105.46 -6.73
N PRO E 241 27.23 105.35 -7.42
CA PRO E 241 26.02 104.89 -6.72
C PRO E 241 26.15 103.46 -6.24
N THR E 242 25.50 103.18 -5.11
CA THR E 242 25.53 101.83 -4.56
C THR E 242 24.69 100.87 -5.38
N GLU E 243 23.58 101.35 -5.95
CA GLU E 243 22.73 100.48 -6.76
C GLU E 243 23.50 99.94 -7.96
N GLU E 244 24.30 100.80 -8.61
CA GLU E 244 25.06 100.34 -9.77
C GLU E 244 26.06 99.26 -9.38
N ILE E 245 26.75 99.43 -8.26
CA ILE E 245 27.73 98.45 -7.83
C ILE E 245 27.06 97.13 -7.48
N LEU E 246 25.97 97.20 -6.70
CA LEU E 246 25.29 95.97 -6.30
C LEU E 246 24.73 95.24 -7.50
N SER E 247 24.13 95.97 -8.45
CA SER E 247 23.60 95.34 -9.65
C SER E 247 24.69 94.64 -10.44
N GLY E 248 25.93 95.12 -10.34
CA GLY E 248 27.04 94.53 -11.05
C GLY E 248 27.29 95.09 -12.43
N SER E 249 26.69 96.22 -12.77
CA SER E 249 26.85 96.85 -14.08
C SER E 249 27.88 97.98 -14.06
N TYR E 250 28.92 97.86 -13.24
CA TYR E 250 29.96 98.86 -13.12
C TYR E 250 31.31 98.18 -13.25
N ASP E 251 32.18 98.73 -14.10
CA ASP E 251 33.52 98.22 -14.28
C ASP E 251 34.36 99.28 -14.96
N SER E 252 35.49 99.63 -14.37
CA SER E 252 36.34 100.69 -14.87
C SER E 252 37.78 100.44 -14.45
N ASN E 253 38.71 101.14 -15.09
CA ASN E 253 40.12 100.95 -14.81
C ASN E 253 40.51 101.45 -13.42
N PHE E 254 39.71 102.33 -12.82
CA PHE E 254 40.02 102.79 -11.47
C PHE E 254 39.86 101.68 -10.45
N ILE E 255 38.73 100.98 -10.49
CA ILE E 255 38.46 99.89 -9.56
C ILE E 255 37.47 98.95 -10.21
N ARG E 256 37.68 97.65 -10.02
CA ARG E 256 36.86 96.63 -10.66
C ARG E 256 35.61 96.35 -9.82
N ASN E 257 34.66 95.64 -10.44
CA ASN E 257 33.39 95.36 -9.79
C ASN E 257 33.59 94.54 -8.52
N ALA E 258 34.33 93.44 -8.61
CA ALA E 258 34.51 92.57 -7.46
C ALA E 258 35.23 93.31 -6.33
N GLU E 259 36.21 94.14 -6.67
CA GLU E 259 36.90 94.93 -5.66
C GLU E 259 35.93 95.89 -4.98
N CYS E 260 35.03 96.50 -5.75
CA CYS E 260 34.02 97.38 -5.17
C CYS E 260 33.15 96.63 -4.18
N LYS E 261 32.68 95.44 -4.57
CA LYS E 261 31.81 94.68 -3.68
C LYS E 261 32.56 94.24 -2.42
N ARG E 262 33.83 93.85 -2.57
CA ARG E 262 34.64 93.50 -1.41
C ARG E 262 34.78 94.67 -0.45
N LEU E 263 35.03 95.87 -0.99
CA LEU E 263 35.15 97.05 -0.14
C LEU E 263 33.83 97.36 0.55
N ILE E 264 32.71 97.20 -0.16
CA ILE E 264 31.41 97.43 0.45
C ILE E 264 31.18 96.45 1.60
N VAL E 265 31.54 95.18 1.40
CA VAL E 265 31.39 94.18 2.46
C VAL E 265 32.23 94.56 3.67
N GLN E 266 33.47 95.01 3.43
CA GLN E 266 34.32 95.42 4.54
C GLN E 266 33.69 96.59 5.30
N LEU E 267 33.16 97.58 4.57
CA LEU E 267 32.51 98.71 5.23
C LEU E 267 31.33 98.25 6.07
N LEU E 268 30.51 97.35 5.53
CA LEU E 268 29.35 96.87 6.27
C LEU E 268 29.77 96.14 7.54
N ASN E 269 30.79 95.27 7.45
CA ASN E 269 31.24 94.56 8.65
C ASN E 269 31.79 95.51 9.69
N LYS E 270 32.58 96.49 9.27
CA LYS E 270 33.11 97.46 10.22
C LYS E 270 32.00 98.27 10.88
N ALA E 271 31.00 98.67 10.10
CA ALA E 271 29.87 99.40 10.66
C ALA E 271 29.12 98.55 11.68
N PHE E 272 28.91 97.27 11.37
CA PHE E 272 28.23 96.40 12.31
C PHE E 272 29.03 96.27 13.61
N GLU E 273 30.34 96.11 13.50
CA GLU E 273 31.16 95.98 14.70
C GLU E 273 31.10 97.26 15.54
N LEU E 274 31.20 98.42 14.88
CA LEU E 274 31.15 99.68 15.61
C LEU E 274 29.82 99.87 16.30
N ARG E 275 28.71 99.56 15.60
CA ARG E 275 27.40 99.69 16.21
C ARG E 275 27.25 98.75 17.40
N MET E 276 27.70 97.51 17.25
CA MET E 276 27.55 96.55 18.35
C MET E 276 28.37 96.96 19.56
N LYS E 277 29.56 97.52 19.36
CA LYS E 277 30.28 98.10 20.49
C LYS E 277 29.50 99.27 21.08
N ASP E 278 28.88 100.08 20.23
CA ASP E 278 28.08 101.19 20.71
C ASP E 278 26.90 100.72 21.56
N LYS E 279 26.44 99.48 21.34
CA LYS E 279 25.27 98.95 22.05
C LYS E 279 25.62 98.43 23.45
N GLU E 280 26.80 98.74 23.96
CA GLU E 280 27.23 98.35 25.31
C GLU E 280 26.90 96.88 25.59
N VAL E 281 27.54 96.01 24.82
CA VAL E 281 27.47 94.57 25.04
C VAL E 281 28.88 94.00 25.02
N GLN E 282 29.07 92.87 25.68
CA GLN E 282 30.39 92.31 25.87
C GLN E 282 30.88 91.64 24.60
N GLU E 283 32.16 91.29 24.59
CA GLU E 283 32.82 90.70 23.43
C GLU E 283 33.61 89.47 23.83
N TYR E 284 33.62 88.49 22.94
CA TYR E 284 34.41 87.27 23.11
C TYR E 284 35.26 87.10 21.85
N GLU E 285 36.58 87.08 22.02
CA GLU E 285 37.50 86.94 20.90
C GLU E 285 37.71 85.46 20.63
N MET E 286 37.05 84.95 19.60
CA MET E 286 37.16 83.54 19.23
C MET E 286 38.47 83.33 18.48
N SER E 287 38.63 82.15 17.87
CA SER E 287 39.86 81.86 17.14
C SER E 287 40.12 82.92 16.06
N ASN E 288 39.11 83.23 15.27
CA ASN E 288 39.24 84.23 14.22
C ASN E 288 38.23 85.37 14.32
N LYS E 289 36.98 85.07 14.65
CA LYS E 289 35.93 86.07 14.66
C LYS E 289 35.66 86.54 16.09
N THR E 290 34.63 87.39 16.24
CA THR E 290 34.24 87.92 17.54
C THR E 290 32.76 87.68 17.75
N ALA E 291 32.38 87.41 19.00
CA ALA E 291 31.01 87.11 19.35
C ALA E 291 30.56 88.03 20.49
N TYR E 292 29.28 88.39 20.47
CA TYR E 292 28.70 89.34 21.41
C TYR E 292 27.66 88.66 22.27
N TRP E 293 27.74 88.89 23.58
CA TRP E 293 26.83 88.27 24.54
C TRP E 293 26.42 89.28 25.59
N LEU E 294 25.26 89.05 26.20
CA LEU E 294 24.77 89.88 27.27
C LEU E 294 25.29 89.40 28.61
N GLU E 295 25.40 90.35 29.55
CA GLU E 295 25.91 90.06 30.88
C GLU E 295 24.79 89.47 31.73
N LYS E 296 25.04 89.34 33.03
CA LYS E 296 24.09 88.77 33.97
C LYS E 296 23.31 89.88 34.65
N GLY E 297 21.98 89.75 34.68
CA GLY E 297 21.13 90.70 35.35
C GLY E 297 20.83 91.97 34.58
N LYS E 298 21.33 92.10 33.35
CA LYS E 298 21.05 93.30 32.57
C LYS E 298 19.63 93.31 32.02
N LEU E 299 18.91 92.19 32.11
CA LEU E 299 17.54 92.11 31.65
C LEU E 299 16.60 91.88 32.84
N GLU E 300 15.32 91.71 32.55
CA GLU E 300 14.32 91.41 33.58
C GLU E 300 14.37 89.91 33.86
N LYS E 301 15.03 89.54 34.96
CA LYS E 301 15.24 88.14 35.30
C LYS E 301 16.01 87.40 34.22
N ASP E 302 16.91 88.11 33.54
CA ASP E 302 17.71 87.53 32.46
C ASP E 302 16.83 86.92 31.38
N LYS E 303 15.72 87.60 31.07
CA LYS E 303 14.78 87.13 30.07
C LYS E 303 14.38 88.27 29.15
N PHE E 304 14.16 87.95 27.89
CA PHE E 304 13.60 88.88 26.91
C PHE E 304 12.39 88.23 26.28
N GLU E 305 11.22 88.87 26.43
CA GLU E 305 9.98 88.35 25.90
C GLU E 305 9.75 86.91 26.36
N LYS E 306 9.99 86.68 27.64
CA LYS E 306 9.80 85.37 28.28
C LYS E 306 10.79 84.33 27.76
N THR E 307 11.89 84.78 27.13
CA THR E 307 12.94 83.89 26.66
C THR E 307 14.21 84.15 27.46
N MET E 308 14.72 83.10 28.09
CA MET E 308 15.91 83.23 28.93
C MET E 308 17.15 83.20 28.04
N LEU E 309 17.99 84.25 28.15
CA LEU E 309 19.23 84.33 27.41
C LEU E 309 20.46 84.10 28.26
N VAL E 310 20.31 84.09 29.59
CA VAL E 310 21.41 83.79 30.51
C VAL E 310 20.88 82.82 31.56
N GLY E 311 21.58 81.71 31.74
CA GLY E 311 21.17 80.72 32.71
C GLY E 311 22.30 80.29 33.63
N LYS E 312 22.11 79.18 34.33
CA LYS E 312 23.08 78.72 35.32
C LYS E 312 23.31 77.23 35.13
N GLN E 313 24.58 76.81 35.23
CA GLN E 313 24.96 75.41 35.14
C GLN E 313 25.94 75.10 36.26
N LYS E 314 25.47 74.37 37.27
CA LYS E 314 26.31 73.96 38.40
C LYS E 314 27.02 75.18 39.01
N ASP E 315 28.34 75.21 38.92
CA ASP E 315 29.13 76.32 39.44
C ASP E 315 29.42 77.39 38.39
N LYS E 316 28.89 77.24 37.17
CA LYS E 316 29.15 78.16 36.08
C LYS E 316 27.84 78.68 35.52
N ASN E 317 27.92 79.85 34.89
CA ASN E 317 26.81 80.43 34.14
C ASN E 317 27.07 80.23 32.65
N TRP E 318 26.00 80.32 31.86
CA TRP E 318 26.10 80.22 30.41
C TRP E 318 25.38 81.40 29.76
N HIS E 319 25.97 81.93 28.69
CA HIS E 319 25.45 83.08 27.98
C HIS E 319 25.26 82.73 26.52
N PHE E 320 24.08 83.05 25.98
CA PHE E 320 23.84 82.89 24.56
C PHE E 320 24.48 84.04 23.79
N ALA E 321 25.18 83.71 22.71
CA ALA E 321 25.91 84.71 21.93
C ALA E 321 25.66 84.49 20.44
N ILE E 322 25.93 85.52 19.65
CA ILE E 322 25.86 85.43 18.20
C ILE E 322 27.08 86.11 17.61
N SER E 323 27.37 85.78 16.35
CA SER E 323 28.31 86.51 15.52
C SER E 323 27.72 86.65 14.13
N GLY E 324 27.89 87.82 13.54
CA GLY E 324 27.27 88.11 12.25
C GLY E 324 28.28 88.61 11.25
N ALA E 325 28.12 88.17 10.01
CA ALA E 325 28.99 88.56 8.91
C ALA E 325 28.14 88.93 7.71
N SER E 326 28.43 90.08 7.11
CA SER E 326 27.67 90.55 5.95
C SER E 326 28.13 89.84 4.69
N LYS E 327 27.17 89.52 3.83
CA LYS E 327 27.45 88.87 2.56
C LYS E 327 26.56 89.46 1.50
N LEU E 328 26.99 89.35 0.25
CA LEU E 328 26.24 89.85 -0.90
C LEU E 328 25.79 88.74 -1.85
N TYR E 329 25.90 87.48 -1.44
CA TYR E 329 25.46 86.36 -2.26
C TYR E 329 24.64 85.42 -1.40
N PRO E 330 23.43 85.02 -1.84
CA PRO E 330 22.75 85.37 -3.10
C PRO E 330 22.26 86.83 -3.09
N PHE E 331 21.82 87.33 -1.96
CA PHE E 331 21.37 88.71 -1.81
C PHE E 331 21.97 89.28 -0.53
N PRO E 332 22.01 90.61 -0.40
CA PRO E 332 22.60 91.21 0.81
C PRO E 332 21.89 90.70 2.06
N VAL E 333 22.65 90.04 2.93
CA VAL E 333 22.13 89.45 4.15
C VAL E 333 23.10 89.72 5.28
N LEU E 334 22.69 89.34 6.49
CA LEU E 334 23.52 89.41 7.70
C LEU E 334 23.43 88.03 8.36
N MET E 335 24.31 87.12 7.95
CA MET E 335 24.24 85.74 8.42
C MET E 335 24.70 85.67 9.88
N ILE E 336 23.81 85.24 10.76
CA ILE E 336 24.05 85.22 12.20
C ILE E 336 24.25 83.78 12.63
N SER E 337 25.25 83.54 13.49
CA SER E 337 25.56 82.23 14.00
C SER E 337 25.35 82.21 15.51
N SER E 338 25.22 81.00 16.06
CA SER E 338 24.85 80.80 17.46
C SER E 338 26.01 80.17 18.23
N HIS E 339 26.16 80.58 19.48
CA HIS E 339 27.20 80.05 20.37
C HIS E 339 26.73 80.10 21.81
N ILE E 340 27.42 79.36 22.67
CA ILE E 340 27.24 79.44 24.12
C ILE E 340 28.62 79.62 24.75
N PHE E 341 28.75 80.65 25.58
CA PHE E 341 29.98 80.92 26.31
C PHE E 341 29.69 80.97 27.80
N PHE E 342 30.67 80.54 28.59
CA PHE E 342 30.48 80.33 30.01
C PHE E 342 31.36 81.27 30.81
N THR E 343 30.90 81.63 32.02
CA THR E 343 31.53 82.65 32.83
C THR E 343 31.74 82.12 34.24
N ALA E 344 32.84 82.58 34.86
CA ALA E 344 33.19 82.08 36.19
C ALA E 344 32.14 82.46 37.22
N ASP E 345 31.67 83.71 37.19
CA ASP E 345 30.63 84.16 38.12
C ASP E 345 29.60 85.05 37.43
N GLY E 346 29.41 84.90 36.13
CA GLY E 346 28.48 85.71 35.38
C GLY E 346 29.08 86.94 34.74
N LYS E 347 30.32 87.31 35.08
CA LYS E 347 30.96 88.50 34.53
C LYS E 347 32.33 88.24 33.94
N LYS E 348 33.14 87.37 34.54
CA LYS E 348 34.52 87.16 34.14
C LYS E 348 34.67 85.80 33.46
N LEU E 349 35.21 85.81 32.24
CA LEU E 349 35.29 84.60 31.44
C LEU E 349 36.42 83.70 31.93
N ILE E 350 36.26 82.40 31.66
CA ILE E 350 37.26 81.40 31.97
C ILE E 350 38.30 81.40 30.85
N ASP E 351 39.58 81.49 31.21
CA ASP E 351 40.67 81.51 30.23
C ASP E 351 41.19 80.08 30.04
N SER E 352 40.34 79.25 29.44
CA SER E 352 40.71 77.88 29.12
C SER E 352 39.76 77.37 28.05
N SER E 353 40.29 77.05 26.87
CA SER E 353 39.42 76.67 25.76
C SER E 353 38.90 75.24 25.92
N SER E 354 39.66 74.35 26.56
CA SER E 354 39.16 73.00 26.79
C SER E 354 37.96 73.01 27.74
N VAL E 355 38.04 73.79 28.81
CA VAL E 355 36.93 73.88 29.75
C VAL E 355 35.70 74.45 29.06
N GLN E 356 35.89 75.51 28.28
CA GLN E 356 34.76 76.11 27.56
C GLN E 356 34.18 75.12 26.56
N HIS E 357 35.02 74.37 25.86
CA HIS E 357 34.52 73.40 24.90
C HIS E 357 33.69 72.32 25.58
N SER E 358 34.18 71.80 26.70
CA SER E 358 33.43 70.77 27.42
C SER E 358 32.09 71.34 27.90
N SER E 359 32.12 72.54 28.47
CA SER E 359 30.88 73.16 28.95
C SER E 359 29.88 73.38 27.81
N ARG E 360 30.36 73.85 26.67
CA ARG E 360 29.49 74.12 25.55
C ARG E 360 28.88 72.83 25.00
N ARG E 361 29.68 71.77 24.88
CA ARG E 361 29.15 70.51 24.40
C ARG E 361 28.12 69.94 25.37
N ARG E 362 28.36 70.06 26.68
CA ARG E 362 27.42 69.50 27.65
C ARG E 362 26.13 70.30 27.69
N GLN E 363 26.22 71.63 27.64
CA GLN E 363 25.02 72.46 27.82
C GLN E 363 24.10 72.38 26.61
N GLY E 364 24.65 72.30 25.41
CA GLY E 364 23.85 72.17 24.21
C GLY E 364 23.28 70.79 23.99
N LYS E 365 23.55 69.85 24.89
CA LYS E 365 23.07 68.48 24.73
C LYS E 365 21.55 68.43 24.77
N ASN E 366 20.92 69.19 25.66
CA ASN E 366 19.48 69.14 25.85
C ASN E 366 18.72 70.16 25.02
N TRP E 367 19.41 71.07 24.33
CA TRP E 367 18.73 72.04 23.50
C TRP E 367 18.36 71.42 22.16
N TRP E 368 17.13 71.68 21.74
CA TRP E 368 16.59 71.16 20.48
C TRP E 368 16.21 72.33 19.58
N ASN E 369 15.52 71.99 18.49
CA ASN E 369 15.19 72.99 17.47
C ASN E 369 14.54 74.23 18.07
N ASN E 370 13.49 74.02 18.88
CA ASN E 370 12.73 75.15 19.40
C ASN E 370 13.58 76.01 20.31
N THR E 371 14.43 75.40 21.13
CA THR E 371 15.25 76.19 22.05
C THR E 371 16.18 77.12 21.28
N TRP E 372 16.91 76.58 20.32
CA TRP E 372 17.82 77.39 19.50
C TRP E 372 17.05 78.50 18.79
N ARG E 373 15.95 78.14 18.14
CA ARG E 373 15.19 79.12 17.37
C ARG E 373 14.70 80.26 18.26
N THR E 374 14.07 79.92 19.39
CA THR E 374 13.52 80.95 20.27
C THR E 374 14.62 81.82 20.85
N LYS E 375 15.74 81.22 21.25
CA LYS E 375 16.82 82.01 21.82
C LYS E 375 17.40 82.98 20.78
N LEU E 376 17.59 82.51 19.56
CA LEU E 376 18.09 83.40 18.51
C LEU E 376 17.12 84.54 18.24
N LEU E 377 15.84 84.21 18.04
CA LEU E 377 14.84 85.24 17.76
C LEU E 377 14.75 86.24 18.90
N ALA E 378 14.81 85.76 20.14
CA ALA E 378 14.76 86.66 21.29
C ALA E 378 15.96 87.59 21.30
N PHE E 379 17.17 87.07 21.04
CA PHE E 379 18.32 87.94 21.16
C PHE E 379 18.34 88.98 20.05
N ILE E 380 18.00 88.58 18.84
CA ILE E 380 17.97 89.52 17.73
C ILE E 380 16.98 90.64 18.01
N LYS E 381 15.79 90.29 18.51
CA LYS E 381 14.78 91.30 18.81
C LYS E 381 15.28 92.30 19.85
N TYR E 382 16.27 91.93 20.65
CA TYR E 382 16.79 92.85 21.66
C TYR E 382 17.48 94.06 21.03
N LEU E 383 18.12 93.87 19.88
CA LEU E 383 18.83 94.96 19.21
C LEU E 383 17.92 95.79 18.32
N SER E 384 16.67 95.39 18.13
CA SER E 384 15.77 96.13 17.24
C SER E 384 15.74 97.60 17.63
N ASP E 385 15.68 98.47 16.62
CA ASP E 385 15.80 99.90 16.88
C ASP E 385 14.48 100.49 17.37
N ASP E 386 13.46 100.52 16.52
CA ASP E 386 12.14 101.00 16.94
C ASP E 386 11.06 99.93 16.82
N ASP E 387 10.76 99.46 15.61
CA ASP E 387 9.65 98.52 15.45
C ASP E 387 9.99 97.31 14.59
N THR E 388 10.73 97.49 13.50
CA THR E 388 10.92 96.43 12.53
C THR E 388 12.30 96.38 11.90
N SER E 389 13.24 97.21 12.35
CA SER E 389 14.53 97.31 11.67
C SER E 389 15.62 97.59 12.70
N PHE E 390 16.83 97.80 12.19
CA PHE E 390 18.00 98.04 13.03
C PHE E 390 19.04 98.71 12.15
N TYR E 391 19.50 99.89 12.54
CA TYR E 391 20.33 100.70 11.65
C TYR E 391 21.80 100.59 12.02
N LEU E 392 22.65 100.60 11.00
CA LEU E 392 24.09 100.63 11.14
C LEU E 392 24.60 101.98 10.66
N GLU E 393 25.28 102.71 11.54
CA GLU E 393 25.77 104.02 11.17
C GLU E 393 26.84 103.91 10.10
N MET E 394 26.75 104.77 9.09
CA MET E 394 27.76 104.87 8.05
C MET E 394 28.45 106.23 8.09
N GLY E 395 27.69 107.31 8.03
CA GLY E 395 28.20 108.66 8.23
C GLY E 395 27.42 109.33 9.35
N SER E 396 27.14 110.61 9.15
CA SER E 396 26.29 111.36 10.08
C SER E 396 24.88 111.58 9.55
N GLU E 397 24.63 111.26 8.28
CA GLU E 397 23.30 111.41 7.70
C GLU E 397 22.90 110.26 6.78
N GLU E 398 23.72 109.24 6.64
CA GLU E 398 23.43 108.08 5.80
C GLU E 398 23.34 106.86 6.68
N LYS E 399 22.32 106.02 6.43
CA LYS E 399 21.98 104.91 7.31
C LYS E 399 21.79 103.64 6.50
N VAL E 400 22.09 102.51 7.12
CA VAL E 400 21.84 101.19 6.55
C VAL E 400 20.86 100.48 7.47
N PHE E 401 19.74 100.05 6.91
CA PHE E 401 18.66 99.44 7.68
C PHE E 401 18.67 97.93 7.49
N VAL E 402 18.68 97.20 8.60
CA VAL E 402 18.69 95.75 8.60
C VAL E 402 17.43 95.25 9.29
N SER E 403 16.72 94.32 8.66
CA SER E 403 15.51 93.79 9.24
C SER E 403 15.82 93.02 10.53
N ASN E 404 14.88 93.09 11.47
CA ASN E 404 15.01 92.44 12.76
C ASN E 404 14.24 91.12 12.84
N GLU E 405 13.78 90.60 11.70
CA GLU E 405 13.07 89.33 11.65
C GLU E 405 13.71 88.48 10.55
N PRO E 406 14.09 87.24 10.85
CA PRO E 406 14.79 86.44 9.83
C PRO E 406 13.90 86.08 8.66
N VAL E 407 14.56 85.74 7.54
CA VAL E 407 13.86 85.37 6.32
C VAL E 407 13.13 84.05 6.52
N LYS E 408 12.11 83.82 5.69
CA LYS E 408 11.21 82.69 5.82
C LYS E 408 11.30 81.77 4.61
N PHE E 409 11.05 80.48 4.85
CA PHE E 409 11.05 79.48 3.80
C PHE E 409 9.79 78.62 3.93
N LYS E 410 9.35 78.07 2.80
CA LYS E 410 8.11 77.32 2.73
C LYS E 410 8.31 76.03 1.95
N GLY E 411 7.78 74.94 2.47
CA GLY E 411 7.86 73.65 1.81
C GLY E 411 6.51 72.96 1.80
N ASN E 412 6.33 72.07 0.82
CA ASN E 412 5.07 71.38 0.61
C ASN E 412 5.03 69.99 1.21
N VAL E 413 6.08 69.57 1.92
CA VAL E 413 6.18 68.22 2.46
C VAL E 413 6.61 68.32 3.91
N SER E 414 5.96 67.54 4.78
CA SER E 414 6.33 67.46 6.18
C SER E 414 5.94 66.09 6.71
N TYR E 415 6.13 65.89 8.01
CA TYR E 415 5.87 64.61 8.66
C TYR E 415 4.84 64.80 9.76
N ASN E 416 4.20 63.69 10.14
CA ASN E 416 3.08 63.73 11.06
C ASN E 416 3.49 63.80 12.53
N ILE E 417 4.74 63.50 12.85
CA ILE E 417 5.19 63.43 14.24
C ILE E 417 4.26 62.50 15.01
N PRO E 418 4.33 61.18 14.80
CA PRO E 418 3.49 60.23 15.55
C PRO E 418 4.09 59.86 16.91
N GLU E 419 4.55 60.88 17.64
CA GLU E 419 5.16 60.70 18.97
C GLU E 419 6.04 59.45 19.04
N MET F 1 9.97 84.67 1.43
CA MET F 1 9.30 83.33 1.35
C MET F 1 9.85 82.53 0.18
N LYS F 2 11.04 81.97 0.36
CA LYS F 2 11.61 81.10 -0.66
C LYS F 2 10.98 79.71 -0.58
N GLU F 3 11.14 78.95 -1.64
CA GLU F 3 10.47 77.66 -1.80
C GLU F 3 11.47 76.51 -1.64
N LEU F 4 11.04 75.46 -0.94
CA LEU F 4 11.83 74.25 -0.75
C LEU F 4 11.28 73.15 -1.64
N ILE F 5 12.17 72.30 -2.13
CA ILE F 5 11.81 71.15 -2.94
C ILE F 5 12.36 69.90 -2.26
N TYR F 6 11.56 68.84 -2.25
CA TYR F 6 11.90 67.61 -1.53
C TYR F 6 12.25 66.53 -2.54
N ILE F 7 13.25 65.71 -2.19
CA ILE F 7 13.79 64.67 -3.05
C ILE F 7 13.57 63.33 -2.37
N GLU F 8 13.03 62.38 -3.11
CA GLU F 8 12.69 61.08 -2.55
C GLU F 8 13.92 60.24 -2.29
N GLU F 9 13.78 59.25 -1.41
CA GLU F 9 14.90 58.41 -1.04
C GLU F 9 15.25 57.46 -2.19
N PRO F 10 16.52 57.06 -2.33
CA PRO F 10 16.92 56.31 -3.54
C PRO F 10 16.60 54.83 -3.51
N LYS F 11 16.59 54.17 -2.34
CA LYS F 11 16.41 52.73 -2.23
C LYS F 11 17.66 51.96 -2.65
N ILE F 12 17.97 50.90 -1.91
CA ILE F 12 19.14 50.06 -2.16
C ILE F 12 18.70 48.60 -2.21
N LEU F 13 19.28 47.87 -3.17
CA LEU F 13 18.79 46.57 -3.62
C LEU F 13 19.51 45.43 -2.91
N PHE F 14 18.75 44.38 -2.61
CA PHE F 14 19.20 43.28 -1.76
C PHE F 14 18.92 41.96 -2.50
N ALA F 15 19.05 40.85 -1.77
CA ALA F 15 18.78 39.53 -2.35
C ALA F 15 17.34 39.44 -2.84
N HIS F 16 17.07 38.38 -3.60
CA HIS F 16 15.78 38.11 -4.21
C HIS F 16 15.33 39.20 -5.16
N GLY F 17 16.19 40.16 -5.46
CA GLY F 17 15.75 41.34 -6.18
C GLY F 17 14.74 42.17 -5.43
N GLN F 18 14.96 42.38 -4.14
CA GLN F 18 14.02 43.08 -3.27
C GLN F 18 14.63 44.40 -2.82
N LYS F 19 13.90 45.50 -3.04
CA LYS F 19 14.37 46.84 -2.74
C LYS F 19 13.75 47.33 -1.44
N CYS F 20 14.58 47.73 -0.50
CA CYS F 20 14.16 48.43 0.70
C CYS F 20 14.85 49.79 0.72
N THR F 21 14.68 50.53 1.82
CA THR F 21 15.30 51.83 1.98
C THR F 21 16.36 51.85 3.07
N ASP F 22 16.22 50.99 4.08
CA ASP F 22 17.18 50.89 5.18
C ASP F 22 18.03 49.65 4.98
N ALA F 23 19.33 49.77 5.28
CA ALA F 23 20.23 48.63 5.11
C ALA F 23 19.93 47.53 6.12
N ARG F 24 19.71 47.90 7.38
CA ARG F 24 19.51 46.91 8.44
C ARG F 24 18.27 46.05 8.15
N ASP F 25 17.15 46.70 7.86
CA ASP F 25 15.89 45.96 7.72
C ASP F 25 15.95 44.96 6.58
N GLY F 26 16.54 45.34 5.45
CA GLY F 26 16.58 44.44 4.32
C GLY F 26 17.81 43.54 4.27
N LEU F 27 18.76 43.72 5.19
CA LEU F 27 19.66 42.63 5.50
C LEU F 27 18.99 41.60 6.40
N ALA F 28 18.04 42.04 7.22
CA ALA F 28 17.30 41.13 8.09
C ALA F 28 16.02 40.60 7.45
N LEU F 29 15.71 41.01 6.22
CA LEU F 29 14.55 40.51 5.50
C LEU F 29 14.90 39.64 4.31
N PHE F 30 16.01 39.92 3.62
CA PHE F 30 16.42 39.16 2.45
C PHE F 30 17.90 38.78 2.45
N GLY F 31 18.72 39.37 3.30
CA GLY F 31 20.11 38.98 3.41
C GLY F 31 20.99 39.58 2.32
N PRO F 32 22.28 39.24 2.36
CA PRO F 32 23.25 39.83 1.41
C PRO F 32 23.04 39.35 -0.02
N LEU F 33 23.79 39.93 -0.96
CA LEU F 33 23.63 39.59 -2.37
C LEU F 33 24.38 38.31 -2.73
N ASN F 34 25.70 38.32 -2.58
CA ASN F 34 26.50 37.18 -2.99
C ASN F 34 26.47 36.09 -1.93
N ASN F 35 26.86 34.89 -2.34
CA ASN F 35 26.79 33.69 -1.50
C ASN F 35 28.19 33.21 -1.19
N LEU F 36 28.67 33.52 0.01
CA LEU F 36 29.90 32.95 0.53
C LEU F 36 29.59 31.60 1.18
N TYR F 37 30.55 31.04 1.90
CA TYR F 37 30.36 29.80 2.63
C TYR F 37 30.76 29.88 4.09
N GLY F 38 31.48 30.91 4.50
CA GLY F 38 31.98 31.05 5.85
C GLY F 38 33.30 31.79 5.83
N ILE F 39 33.61 32.43 6.95
CA ILE F 39 34.78 33.28 7.08
C ILE F 39 35.76 32.60 8.03
N LYS F 40 36.91 32.20 7.51
CA LYS F 40 38.01 31.72 8.33
C LYS F 40 38.84 32.92 8.77
N SER F 41 39.14 32.99 10.07
CA SER F 41 39.76 34.17 10.65
C SER F 41 41.14 33.86 11.19
N GLY F 42 42.01 34.86 11.14
CA GLY F 42 43.27 34.82 11.87
C GLY F 42 43.26 35.91 12.92
N VAL F 43 43.85 35.60 14.08
CA VAL F 43 43.93 36.53 15.20
C VAL F 43 45.40 36.69 15.58
N ILE F 44 45.84 37.94 15.72
CA ILE F 44 47.20 38.25 16.15
C ILE F 44 47.11 39.20 17.34
N GLY F 45 47.72 38.81 18.45
CA GLY F 45 47.66 39.60 19.66
C GLY F 45 48.15 38.77 20.84
N THR F 46 47.70 39.16 22.03
CA THR F 46 48.06 38.44 23.24
C THR F 46 47.02 37.36 23.55
N LYS F 47 47.20 36.67 24.67
CA LYS F 47 46.23 35.67 25.08
C LYS F 47 44.88 36.31 25.40
N GLN F 48 44.91 37.45 26.10
CA GLN F 48 43.68 38.16 26.40
C GLN F 48 42.98 38.64 25.13
N GLY F 49 43.74 39.00 24.10
CA GLY F 49 43.12 39.37 22.84
C GLY F 49 42.32 38.23 22.24
N LEU F 50 42.90 37.03 22.23
CA LEU F 50 42.16 35.86 21.74
C LEU F 50 40.93 35.59 22.60
N LYS F 51 41.07 35.72 23.92
CA LYS F 51 39.93 35.53 24.81
C LYS F 51 38.79 36.48 24.45
N ILE F 52 39.10 37.78 24.34
CA ILE F 52 38.09 38.77 24.06
C ILE F 52 37.44 38.51 22.70
N PHE F 53 38.26 38.22 21.69
CA PHE F 53 37.71 37.99 20.35
C PHE F 53 36.80 36.77 20.33
N ARG F 54 37.22 35.68 20.98
CA ARG F 54 36.40 34.48 21.01
C ARG F 54 35.07 34.75 21.71
N ASP F 55 35.13 35.42 22.86
CA ASP F 55 33.91 35.80 23.55
C ASP F 55 32.98 36.57 22.63
N TYR F 56 33.51 37.60 21.97
CA TYR F 56 32.65 38.44 21.14
C TYR F 56 32.05 37.66 19.98
N LEU F 57 32.84 36.81 19.33
CA LEU F 57 32.30 36.03 18.21
C LEU F 57 31.20 35.09 18.68
N ASP F 58 31.36 34.47 19.85
CA ASP F 58 30.30 33.61 20.37
C ASP F 58 29.04 34.41 20.69
N HIS F 59 29.20 35.67 21.09
CA HIS F 59 28.06 36.47 21.52
C HIS F 59 27.10 36.76 20.37
N ILE F 60 27.63 37.05 19.18
CA ILE F 60 26.81 37.59 18.10
C ILE F 60 26.25 36.48 17.22
N GLN F 61 26.32 35.23 17.69
CA GLN F 61 25.66 34.14 16.98
C GLN F 61 24.19 34.05 17.34
N LYS F 62 23.77 34.73 18.40
CA LYS F 62 22.40 34.78 18.88
C LYS F 62 21.81 36.17 18.62
N PRO F 63 20.49 36.29 18.49
CA PRO F 63 19.90 37.61 18.25
C PRO F 63 20.21 38.59 19.38
N ILE F 64 20.49 39.84 19.01
CA ILE F 64 20.72 40.92 19.96
C ILE F 64 19.70 42.02 19.69
N TYR F 65 19.21 42.63 20.77
CA TYR F 65 18.22 43.69 20.70
C TYR F 65 18.79 44.98 21.28
N ASN F 66 18.19 46.10 20.88
CA ASN F 66 18.49 47.40 21.43
C ASN F 66 17.38 47.82 22.40
N SER F 67 17.53 49.00 22.99
CA SER F 67 16.49 49.54 23.85
C SER F 67 15.29 50.00 23.02
N ASN F 68 15.54 50.71 21.92
CA ASN F 68 14.49 51.17 21.01
C ASN F 68 14.64 50.41 19.70
N SER F 69 13.59 49.66 19.34
CA SER F 69 13.61 48.84 18.14
C SER F 69 13.17 49.59 16.90
N ILE F 70 12.66 50.81 17.04
CA ILE F 70 12.30 51.61 15.88
C ILE F 70 13.50 52.39 15.38
N THR F 71 14.20 53.09 16.29
CA THR F 71 15.39 53.83 15.90
C THR F 71 16.49 52.89 15.43
N ARG F 72 16.66 51.76 16.10
CA ARG F 72 17.75 50.83 15.83
C ARG F 72 17.20 49.42 15.68
N PRO F 73 16.92 48.95 14.47
CA PRO F 73 16.39 47.60 14.29
C PRO F 73 17.31 46.55 14.90
N MET F 74 16.69 45.49 15.41
CA MET F 74 17.41 44.46 16.17
C MET F 74 18.50 43.80 15.31
N PHE F 75 19.35 43.03 15.98
CA PHE F 75 20.30 42.15 15.32
C PHE F 75 19.82 40.72 15.51
N PRO F 76 19.48 39.98 14.45
CA PRO F 76 18.91 38.64 14.65
C PRO F 76 19.94 37.52 14.72
N GLY F 77 21.21 37.87 14.87
CA GLY F 77 22.26 36.86 14.89
C GLY F 77 23.03 36.82 13.58
N PHE F 78 24.29 36.39 13.67
CA PHE F 78 25.19 36.51 12.52
C PHE F 78 24.74 35.63 11.36
N GLU F 79 24.49 34.34 11.63
CA GLU F 79 24.13 33.42 10.57
C GLU F 79 22.71 33.62 10.07
N ALA F 80 21.81 34.04 10.97
CA ALA F 80 20.45 34.36 10.54
C ALA F 80 20.41 35.53 9.57
N VAL F 81 21.47 36.33 9.52
CA VAL F 81 21.53 37.49 8.64
C VAL F 81 22.34 37.17 7.40
N PHE F 82 23.60 36.79 7.59
CA PHE F 82 24.57 36.79 6.51
C PHE F 82 24.72 35.43 5.81
N ASP F 83 23.97 34.41 6.24
CA ASP F 83 23.91 33.14 5.53
C ASP F 83 25.30 32.53 5.35
N CYS F 84 26.14 32.63 6.38
CA CYS F 84 27.48 32.06 6.33
C CYS F 84 27.93 31.77 7.75
N LYS F 85 28.97 30.95 7.86
CA LYS F 85 29.45 30.46 9.14
C LYS F 85 30.70 31.24 9.56
N TRP F 86 30.64 31.86 10.73
CA TRP F 86 31.78 32.56 11.31
C TRP F 86 31.75 32.33 12.82
N GLU F 87 32.48 31.32 13.27
CA GLU F 87 32.56 30.95 14.68
C GLU F 87 34.03 30.84 15.07
N SER F 88 34.26 30.48 16.34
CA SER F 88 35.62 30.30 16.86
C SER F 88 36.12 28.87 16.63
N THR F 89 36.00 28.41 15.38
CA THR F 89 36.54 27.11 14.98
C THR F 89 37.46 27.31 13.78
N GLY F 90 37.30 28.44 13.08
CA GLY F 90 38.16 28.78 11.98
C GLY F 90 39.12 29.90 12.33
N ILE F 91 39.65 29.86 13.56
CA ILE F 91 40.62 30.84 14.03
C ILE F 91 42.01 30.22 13.96
N THR F 92 43.02 31.07 13.83
CA THR F 92 44.42 30.64 13.81
C THR F 92 45.24 31.64 14.61
N PHE F 93 45.41 31.38 15.90
CA PHE F 93 46.06 32.32 16.80
C PHE F 93 47.56 32.43 16.50
N LYS F 94 48.10 33.62 16.74
CA LYS F 94 49.55 33.88 16.66
C LYS F 94 49.94 34.69 17.89
N GLU F 95 50.28 33.99 18.97
CA GLU F 95 50.58 34.64 20.24
C GLU F 95 51.72 35.64 20.06
N VAL F 96 51.55 36.82 20.64
CA VAL F 96 52.60 37.82 20.75
C VAL F 96 52.81 38.11 22.23
N THR F 97 53.99 37.78 22.74
CA THR F 97 54.27 37.96 24.15
C THR F 97 54.24 39.44 24.52
N ASN F 98 53.63 39.74 25.68
CA ASN F 98 53.55 41.12 26.14
C ASN F 98 54.93 41.70 26.46
N GLU F 99 55.95 40.85 26.62
CA GLU F 99 57.28 41.35 26.93
C GLU F 99 57.79 42.28 25.83
N ASP F 100 57.72 41.83 24.58
CA ASP F 100 58.21 42.66 23.48
C ASP F 100 57.40 43.95 23.37
N ILE F 101 56.08 43.85 23.44
CA ILE F 101 55.23 45.04 23.29
C ILE F 101 55.55 46.06 24.37
N GLY F 102 55.68 45.60 25.62
CA GLY F 102 56.04 46.51 26.69
C GLY F 102 57.42 47.11 26.49
N LYS F 103 58.38 46.28 26.07
CA LYS F 103 59.76 46.75 25.90
C LYS F 103 59.83 47.86 24.86
N PHE F 104 59.15 47.69 23.73
CA PHE F 104 59.27 48.66 22.65
C PHE F 104 58.62 49.99 23.03
N LEU F 105 57.49 49.97 23.74
CA LEU F 105 56.73 51.19 23.97
C LEU F 105 57.27 51.99 25.14
N TYR F 106 58.58 52.23 25.17
CA TYR F 106 59.20 53.06 26.20
C TYR F 106 60.33 53.93 25.66
N ASN F 107 60.48 54.04 24.34
CA ASN F 107 61.67 54.66 23.76
C ASN F 107 61.62 56.19 23.77
N SER F 108 60.48 56.79 24.11
CA SER F 108 60.29 58.24 24.19
C SER F 108 60.32 58.92 22.82
N SER F 109 60.55 58.18 21.74
CA SER F 109 60.51 58.73 20.39
C SER F 109 59.34 58.08 19.65
N THR F 110 58.32 58.89 19.34
CA THR F 110 57.07 58.33 18.82
C THR F 110 57.30 57.59 17.50
N HIS F 111 58.07 58.18 16.59
CA HIS F 111 58.28 57.54 15.29
C HIS F 111 58.98 56.20 15.44
N LYS F 112 60.00 56.14 16.30
CA LYS F 112 60.75 54.91 16.49
C LYS F 112 59.85 53.79 17.01
N ARG F 113 59.08 54.07 18.06
CA ARG F 113 58.25 53.02 18.66
C ARG F 113 57.11 52.62 17.74
N THR F 114 56.55 53.57 17.00
CA THR F 114 55.53 53.21 16.01
C THR F 114 56.13 52.28 14.96
N TYR F 115 57.32 52.61 14.47
CA TYR F 115 57.99 51.75 13.49
C TYR F 115 58.21 50.36 14.06
N ASP F 116 58.70 50.28 15.30
CA ASP F 116 59.01 48.99 15.89
C ASP F 116 57.75 48.14 16.05
N LEU F 117 56.67 48.74 16.54
CA LEU F 117 55.43 47.99 16.73
C LEU F 117 54.89 47.48 15.39
N VAL F 118 54.87 48.36 14.39
CA VAL F 118 54.34 47.96 13.09
C VAL F 118 55.17 46.85 12.49
N SER F 119 56.51 46.96 12.58
CA SER F 119 57.36 45.89 12.08
C SER F 119 57.09 44.59 12.80
N LEU F 120 56.99 44.65 14.14
CA LEU F 120 56.74 43.45 14.93
C LEU F 120 55.50 42.73 14.45
N PHE F 121 54.41 43.49 14.23
CA PHE F 121 53.16 42.85 13.84
C PHE F 121 53.21 42.33 12.39
N ILE F 122 53.71 43.15 11.47
CA ILE F 122 53.61 42.78 10.07
C ILE F 122 54.57 41.66 9.72
N ASP F 123 55.70 41.55 10.40
CA ASP F 123 56.58 40.41 10.16
C ASP F 123 55.84 39.11 10.43
N LYS F 124 55.15 39.03 11.57
CA LYS F 124 54.39 37.83 11.90
C LYS F 124 53.30 37.58 10.88
N ILE F 125 52.54 38.61 10.52
CA ILE F 125 51.43 38.40 9.59
C ILE F 125 51.95 37.92 8.23
N ILE F 126 53.04 38.51 7.75
CA ILE F 126 53.56 38.15 6.43
C ILE F 126 54.13 36.75 6.44
N SER F 127 54.85 36.38 7.51
CA SER F 127 55.35 35.02 7.61
C SER F 127 54.21 34.02 7.59
N ALA F 128 53.15 34.30 8.36
CA ALA F 128 51.99 33.41 8.37
C ALA F 128 51.37 33.30 7.00
N ASN F 129 51.26 34.43 6.28
CA ASN F 129 50.67 34.39 4.95
C ASN F 129 51.50 33.53 4.00
N LYS F 130 52.82 33.71 4.01
CA LYS F 130 53.66 33.15 2.97
C LYS F 130 54.05 31.70 3.21
N ASN F 131 54.54 31.38 4.41
CA ASN F 131 55.23 30.12 4.63
C ASN F 131 54.34 29.00 5.18
N GLU F 132 53.02 29.12 5.06
CA GLU F 132 52.12 28.15 5.65
C GLU F 132 50.98 27.82 4.69
N ASP F 133 50.42 26.63 4.85
CA ASP F 133 49.34 26.14 3.99
C ASP F 133 47.97 26.62 4.44
N GLU F 134 47.86 27.30 5.58
CA GLU F 134 46.57 27.70 6.10
C GLU F 134 45.97 28.82 5.25
N ASN F 135 44.64 28.79 5.10
CA ASN F 135 43.89 29.83 4.43
C ASN F 135 43.20 30.68 5.49
N VAL F 136 43.59 31.95 5.58
CA VAL F 136 42.99 32.90 6.51
C VAL F 136 42.60 34.14 5.72
N ASP F 137 41.35 34.57 5.87
CA ASP F 137 40.77 35.59 4.99
C ASP F 137 40.96 37.00 5.56
N VAL F 138 40.42 37.25 6.75
CA VAL F 138 40.56 38.53 7.42
C VAL F 138 41.48 38.33 8.62
N TRP F 139 42.52 39.15 8.71
CA TRP F 139 43.49 39.08 9.80
C TRP F 139 43.12 40.16 10.83
N PHE F 140 42.45 39.75 11.89
CA PHE F 140 42.00 40.69 12.91
C PHE F 140 43.14 40.97 13.88
N VAL F 141 43.35 42.24 14.19
CA VAL F 141 44.46 42.68 15.02
C VAL F 141 43.88 43.29 16.29
N ILE F 142 44.06 42.59 17.41
CA ILE F 142 43.61 43.07 18.71
C ILE F 142 44.79 43.80 19.34
N VAL F 143 44.62 45.09 19.62
CA VAL F 143 45.70 45.97 20.04
C VAL F 143 45.34 46.53 21.41
N PRO F 144 46.23 46.47 22.40
CA PRO F 144 45.92 47.07 23.71
C PRO F 144 45.62 48.55 23.59
N ASP F 145 44.92 49.06 24.61
CA ASP F 145 44.49 50.45 24.59
C ASP F 145 45.69 51.41 24.65
N GLU F 146 46.69 51.09 25.48
CA GLU F 146 47.81 51.99 25.65
C GLU F 146 48.57 52.19 24.35
N ILE F 147 48.62 51.17 23.49
CA ILE F 147 49.25 51.32 22.18
C ILE F 147 48.50 52.35 21.34
N TYR F 148 47.17 52.25 21.30
CA TYR F 148 46.39 53.21 20.54
C TYR F 148 46.57 54.62 21.08
N LYS F 149 46.57 54.77 22.41
CA LYS F 149 46.64 56.11 22.99
C LYS F 149 47.94 56.81 22.64
N TYR F 150 49.07 56.09 22.72
CA TYR F 150 50.38 56.70 22.62
C TYR F 150 50.94 56.69 21.20
N CYS F 151 50.10 56.46 20.20
CA CYS F 151 50.52 56.40 18.80
C CYS F 151 49.97 57.58 18.00
N ARG F 152 49.97 58.77 18.60
CA ARG F 152 49.57 59.99 17.93
C ARG F 152 50.78 60.91 17.74
N PRO F 153 50.79 61.73 16.69
CA PRO F 153 51.89 62.72 16.57
C PRO F 153 52.00 63.64 17.77
N ASN F 154 50.87 64.08 18.31
CA ASN F 154 50.84 64.93 19.49
C ASN F 154 50.62 64.08 20.75
N SER F 155 51.53 63.12 20.95
CA SER F 155 51.49 62.23 22.10
C SER F 155 52.75 62.42 22.93
N VAL F 156 52.60 62.22 24.24
CA VAL F 156 53.70 62.39 25.19
C VAL F 156 53.80 61.13 26.05
N LEU F 157 55.00 60.89 26.57
CA LEU F 157 55.25 59.72 27.40
C LEU F 157 55.26 60.14 28.85
N PRO F 158 54.30 59.70 29.68
CA PRO F 158 54.28 60.11 31.09
C PRO F 158 55.32 59.40 31.93
N ALA F 197 66.36 59.31 11.44
CA ALA F 197 66.52 59.70 10.04
C ALA F 197 66.05 58.58 9.12
N GLU F 198 66.58 57.37 9.33
CA GLU F 198 66.18 56.23 8.53
C GLU F 198 64.69 55.92 8.73
N THR F 199 64.22 55.97 9.97
CA THR F 199 62.84 55.65 10.31
C THR F 199 61.99 56.89 10.53
N TYR F 200 62.50 58.07 10.19
CA TYR F 200 61.72 59.31 10.30
C TYR F 200 60.93 59.62 9.03
N ASN F 201 61.14 58.86 7.96
CA ASN F 201 60.34 59.02 6.74
C ASN F 201 59.11 58.12 6.81
N TYR F 202 58.28 58.38 7.82
CA TYR F 202 57.09 57.60 8.10
C TYR F 202 56.09 58.50 8.82
N ASP F 203 55.02 57.88 9.33
CA ASP F 203 54.04 58.57 10.15
C ASP F 203 54.24 58.20 11.62
N ALA F 204 53.50 58.88 12.49
CA ALA F 204 53.50 58.58 13.92
C ALA F 204 52.22 57.86 14.34
N GLN F 205 51.55 57.20 13.40
CA GLN F 205 50.29 56.52 13.64
C GLN F 205 50.44 55.04 13.37
N PHE F 206 49.96 54.21 14.30
CA PHE F 206 49.98 52.77 14.09
C PHE F 206 49.11 52.37 12.91
N HIS F 207 47.90 52.94 12.83
CA HIS F 207 46.93 52.51 11.83
C HIS F 207 47.46 52.76 10.41
N ASP F 208 47.91 53.99 10.14
CA ASP F 208 48.29 54.35 8.78
C ASP F 208 49.52 53.59 8.32
N GLN F 209 50.55 53.52 9.17
CA GLN F 209 51.74 52.77 8.82
C GLN F 209 51.41 51.30 8.62
N PHE F 210 50.59 50.73 9.51
CA PHE F 210 50.25 49.33 9.43
C PHE F 210 49.53 49.01 8.12
N LYS F 211 48.59 49.88 7.72
CA LYS F 211 47.85 49.63 6.49
C LYS F 211 48.71 49.89 5.26
N ALA F 212 49.66 50.83 5.33
CA ALA F 212 50.48 51.15 4.18
C ALA F 212 51.52 50.06 3.94
N ARG F 213 52.16 49.56 4.99
CA ARG F 213 53.25 48.63 4.84
C ARG F 213 52.79 47.23 4.44
N LEU F 214 51.49 46.96 4.43
CA LEU F 214 50.96 45.66 4.02
C LEU F 214 50.27 45.71 2.67
N LEU F 215 50.44 46.79 1.91
CA LEU F 215 49.75 46.92 0.63
C LEU F 215 50.38 46.06 -0.45
N LYS F 216 51.71 45.90 -0.45
CA LYS F 216 52.36 45.10 -1.48
C LYS F 216 51.99 43.63 -1.37
N HIS F 217 51.67 43.16 -0.17
CA HIS F 217 51.28 41.77 0.04
C HIS F 217 49.77 41.55 -0.02
N THR F 218 48.98 42.59 0.26
CA THR F 218 47.52 42.55 0.14
C THR F 218 46.90 41.49 1.06
N ILE F 219 47.04 41.73 2.36
CA ILE F 219 46.39 40.92 3.39
C ILE F 219 45.26 41.75 3.99
N PRO F 220 43.97 41.35 3.79
CA PRO F 220 42.88 42.09 4.43
C PRO F 220 42.88 41.94 5.94
N THR F 221 43.05 43.05 6.66
CA THR F 221 43.17 43.05 8.10
C THR F 221 42.12 43.97 8.71
N GLN F 222 41.79 43.70 9.97
CA GLN F 222 40.88 44.54 10.75
C GLN F 222 41.55 44.85 12.07
N ILE F 223 41.58 46.12 12.43
CA ILE F 223 42.21 46.57 13.67
C ILE F 223 41.10 46.82 14.68
N PHE F 224 41.15 46.09 15.79
CA PHE F 224 40.24 46.27 16.90
C PHE F 224 40.98 46.90 18.08
N ARG F 225 40.21 47.31 19.08
CA ARG F 225 40.74 47.73 20.36
C ARG F 225 40.16 46.83 21.44
N GLU F 226 40.91 46.67 22.54
CA GLU F 226 40.43 45.85 23.64
C GLU F 226 39.17 46.46 24.26
N SER F 227 39.14 47.77 24.42
CA SER F 227 37.99 48.45 25.00
C SER F 227 36.75 48.39 24.11
N THR F 228 36.90 47.99 22.84
CA THR F 228 35.77 47.95 21.92
C THR F 228 35.06 46.61 21.97
N LEU F 229 35.81 45.51 21.94
CA LEU F 229 35.19 44.18 21.95
C LEU F 229 34.72 43.79 23.35
N ALA F 230 35.42 44.23 24.39
CA ALA F 230 35.03 43.96 25.77
C ALA F 230 35.03 45.29 26.52
N TRP F 231 33.91 46.00 26.43
CA TRP F 231 33.76 47.30 27.07
C TRP F 231 33.39 47.18 28.54
N ARG F 232 32.95 46.00 28.99
CA ARG F 232 32.59 45.83 30.40
C ARG F 232 33.80 46.00 31.30
N ASP F 233 34.89 45.29 30.99
CA ASP F 233 36.06 45.29 31.87
C ASP F 233 36.69 46.67 31.95
N PHE F 234 36.86 47.35 30.82
CA PHE F 234 37.53 48.64 30.79
C PHE F 234 36.60 49.70 31.34
N LYS F 235 36.89 50.19 32.54
CA LYS F 235 36.03 51.15 33.21
C LYS F 235 36.85 52.34 33.72
N ASN F 236 36.20 53.21 34.48
CA ASN F 236 36.85 54.37 35.10
C ASN F 236 36.75 54.22 36.62
N ALA F 237 37.15 55.27 37.33
CA ALA F 237 37.07 55.25 38.79
C ALA F 237 35.67 55.61 39.25
N PHE F 238 34.65 54.95 38.67
CA PHE F 238 33.28 55.10 39.12
C PHE F 238 32.50 53.79 39.05
N GLY F 239 33.14 52.68 38.67
CA GLY F 239 32.48 51.40 38.57
C GLY F 239 31.67 51.19 37.31
N LEU F 240 31.77 52.08 36.32
CA LEU F 240 31.00 51.99 35.10
C LEU F 240 31.91 52.07 33.89
N PRO F 241 31.52 51.46 32.77
CA PRO F 241 32.38 51.45 31.59
C PRO F 241 32.57 52.83 31.00
N ILE F 242 33.75 53.04 30.41
CA ILE F 242 34.04 54.30 29.74
C ILE F 242 33.23 54.43 28.46
N ARG F 243 33.09 53.34 27.71
CA ARG F 243 32.27 53.29 26.51
C ARG F 243 31.03 52.47 26.83
N ASP F 244 29.91 53.15 27.05
CA ASP F 244 28.67 52.51 27.49
C ASP F 244 27.86 52.14 26.27
N PHE F 245 27.87 50.85 25.91
CA PHE F 245 27.12 50.34 24.77
C PHE F 245 25.83 49.63 25.19
N SER F 246 25.36 49.89 26.42
CA SER F 246 24.28 49.09 26.98
C SER F 246 23.04 49.11 26.08
N LYS F 247 22.68 50.29 25.58
CA LYS F 247 21.48 50.43 24.75
C LYS F 247 21.76 50.28 23.27
N ILE F 248 23.02 50.18 22.86
CA ILE F 248 23.38 50.18 21.45
C ILE F 248 24.27 48.98 21.11
N GLU F 249 24.09 47.88 21.82
CA GLU F 249 24.85 46.67 21.51
C GLU F 249 24.53 46.17 20.12
N GLY F 250 23.26 46.21 19.73
CA GLY F 250 22.88 45.73 18.42
C GLY F 250 23.53 46.51 17.29
N HIS F 251 23.67 47.81 17.46
CA HIS F 251 24.29 48.63 16.42
C HIS F 251 25.77 48.28 16.27
N LEU F 252 26.46 48.08 17.40
CA LEU F 252 27.85 47.64 17.35
C LEU F 252 27.98 46.29 16.65
N ALA F 253 27.11 45.34 16.98
CA ALA F 253 27.15 44.04 16.33
C ALA F 253 26.89 44.18 14.83
N TRP F 254 25.91 45.00 14.45
CA TRP F 254 25.61 45.22 13.04
C TRP F 254 26.84 45.72 12.30
N THR F 255 27.46 46.77 12.81
CA THR F 255 28.59 47.37 12.09
C THR F 255 29.78 46.43 12.04
N ILE F 256 30.11 45.77 13.15
CA ILE F 256 31.25 44.86 13.14
C ILE F 256 31.01 43.71 12.17
N SER F 257 29.81 43.13 12.19
CA SER F 257 29.52 42.01 11.30
C SER F 257 29.54 42.45 9.85
N THR F 258 29.00 43.63 9.55
CA THR F 258 29.00 44.11 8.16
C THR F 258 30.42 44.34 7.67
N ALA F 259 31.27 44.94 8.51
CA ALA F 259 32.65 45.16 8.11
C ALA F 259 33.37 43.84 7.88
N ALA F 260 33.15 42.86 8.76
CA ALA F 260 33.79 41.55 8.57
C ALA F 260 33.29 40.89 7.30
N PHE F 261 31.99 41.00 7.01
CA PHE F 261 31.44 40.41 5.79
C PHE F 261 32.03 41.07 4.55
N TYR F 262 32.25 42.39 4.59
CA TYR F 262 32.75 43.08 3.42
C TYR F 262 34.25 42.84 3.21
N LYS F 263 35.02 42.76 4.29
CA LYS F 263 36.45 42.53 4.15
C LYS F 263 36.78 41.11 3.72
N ALA F 264 35.80 40.21 3.69
CA ALA F 264 36.01 38.81 3.35
C ALA F 264 35.28 38.46 2.07
N GLY F 265 35.35 39.34 1.08
CA GLY F 265 34.79 39.04 -0.22
C GLY F 265 33.28 39.06 -0.28
N GLY F 266 32.63 39.77 0.63
CA GLY F 266 31.17 39.84 0.71
C GLY F 266 30.65 41.10 0.05
N LYS F 267 29.52 40.96 -0.63
CA LYS F 267 28.80 42.09 -1.24
C LYS F 267 27.43 42.21 -0.58
N PRO F 268 27.24 43.14 0.38
CA PRO F 268 25.97 43.16 1.11
C PRO F 268 24.81 43.78 0.34
N TRP F 269 25.07 44.80 -0.48
CA TRP F 269 24.02 45.42 -1.27
C TRP F 269 24.63 46.31 -2.34
N LYS F 270 23.76 46.82 -3.21
CA LYS F 270 24.17 47.67 -4.32
C LYS F 270 23.06 48.68 -4.60
N LEU F 271 23.41 49.73 -5.33
CA LEU F 271 22.45 50.78 -5.63
C LEU F 271 21.30 50.22 -6.48
N SER F 272 20.31 51.07 -6.75
CA SER F 272 19.08 50.64 -7.39
C SER F 272 18.87 51.28 -8.76
N ASP F 273 19.02 52.59 -8.88
CA ASP F 273 18.66 53.30 -10.11
C ASP F 273 19.74 54.32 -10.49
N VAL F 274 21.00 53.92 -10.42
CA VAL F 274 22.08 54.71 -11.00
C VAL F 274 22.24 54.29 -12.46
N ARG F 275 22.16 55.26 -13.35
CA ARG F 275 21.90 54.99 -14.75
C ARG F 275 23.17 54.70 -15.53
N ASN F 276 22.99 54.06 -16.69
CA ASN F 276 24.11 53.64 -17.52
C ASN F 276 24.70 54.83 -18.27
N GLY F 277 25.98 54.71 -18.61
CA GLY F 277 26.68 55.74 -19.35
C GLY F 277 27.19 56.89 -18.52
N VAL F 278 27.22 56.76 -17.20
CA VAL F 278 27.63 57.83 -16.30
C VAL F 278 28.76 57.33 -15.42
N CYS F 279 29.82 58.13 -15.31
CA CYS F 279 30.97 57.82 -14.46
C CYS F 279 31.12 58.92 -13.41
N TYR F 280 31.22 58.51 -12.15
CA TYR F 280 31.36 59.44 -11.04
C TYR F 280 32.77 59.36 -10.49
N LEU F 281 33.40 60.51 -10.31
CA LEU F 281 34.80 60.60 -9.89
C LEU F 281 34.91 61.40 -8.60
N GLY F 282 35.86 61.01 -7.76
CA GLY F 282 36.18 61.78 -6.57
C GLY F 282 37.55 62.40 -6.68
N LEU F 283 37.83 63.41 -5.87
CA LEU F 283 39.13 64.09 -5.92
C LEU F 283 39.32 64.85 -4.60
N VAL F 284 40.35 64.47 -3.85
CA VAL F 284 40.68 65.11 -2.59
C VAL F 284 42.17 65.39 -2.57
N TYR F 285 42.57 66.31 -1.69
CA TYR F 285 43.94 66.77 -1.59
C TYR F 285 44.46 66.51 -0.18
N LYS F 286 45.63 65.89 -0.08
CA LYS F 286 46.21 65.50 1.20
C LYS F 286 47.63 66.01 1.30
N LYS F 287 47.93 66.70 2.39
CA LYS F 287 49.29 67.17 2.64
C LYS F 287 50.17 66.02 3.12
N VAL F 288 51.38 65.94 2.56
CA VAL F 288 52.32 64.88 2.95
C VAL F 288 53.04 65.20 4.25
N GLU F 289 52.90 66.42 4.77
CA GLU F 289 53.43 66.78 6.08
C GLU F 289 54.94 66.61 6.17
N LYS F 290 55.42 65.47 6.66
CA LYS F 290 56.84 65.28 6.89
C LYS F 290 57.59 65.12 5.58
N SER F 291 58.14 66.22 5.05
CA SER F 291 58.84 66.18 3.78
C SER F 291 59.49 67.54 3.54
N LYS F 292 60.55 67.53 2.73
CA LYS F 292 61.25 68.77 2.42
C LYS F 292 60.32 69.77 1.75
N ASN F 293 59.63 69.35 0.70
CA ASN F 293 58.69 70.21 -0.01
C ASN F 293 57.30 70.11 0.62
N PRO F 294 56.44 71.11 0.39
CA PRO F 294 55.03 70.93 0.77
C PRO F 294 54.41 69.73 0.09
N ARG F 295 54.46 69.69 -1.23
CA ARG F 295 54.23 68.49 -2.01
C ARG F 295 52.83 67.90 -1.73
N ASN F 296 51.81 68.69 -2.03
CA ASN F 296 50.45 68.21 -1.90
C ASN F 296 50.20 67.06 -2.86
N ALA F 297 49.37 66.12 -2.43
CA ALA F 297 49.04 64.93 -3.21
C ALA F 297 47.56 64.97 -3.62
N CYS F 298 47.16 63.97 -4.40
CA CYS F 298 45.79 63.86 -4.88
C CYS F 298 45.44 62.40 -5.07
N CYS F 299 44.14 62.11 -4.99
CA CYS F 299 43.63 60.75 -5.18
C CYS F 299 42.23 60.85 -5.78
N ALA F 300 41.56 59.71 -5.89
CA ALA F 300 40.26 59.68 -6.55
C ALA F 300 39.58 58.35 -6.27
N ALA F 301 38.27 58.33 -6.53
CA ALA F 301 37.45 57.13 -6.43
C ALA F 301 36.54 57.06 -7.65
N GLN F 302 36.15 55.85 -8.02
CA GLN F 302 35.39 55.63 -9.25
C GLN F 302 34.17 54.77 -8.96
N MET F 303 33.07 55.07 -9.65
CA MET F 303 31.80 54.36 -9.46
C MET F 303 30.98 54.48 -10.73
N PHE F 304 30.43 53.36 -11.18
CA PHE F 304 29.66 53.35 -12.44
C PHE F 304 28.95 52.01 -12.55
N LEU F 305 28.15 51.87 -13.62
CA LEU F 305 27.40 50.67 -13.91
C LEU F 305 28.16 49.83 -14.94
N ASP F 306 28.24 48.52 -14.69
CA ASP F 306 29.11 47.63 -15.46
C ASP F 306 28.38 46.85 -16.54
N ASN F 307 27.12 47.19 -16.81
CA ASN F 307 26.34 46.49 -17.84
C ASN F 307 25.99 45.07 -17.42
N GLY F 308 26.42 44.67 -16.23
CA GLY F 308 26.01 43.40 -15.65
C GLY F 308 25.25 43.65 -14.38
N ASP F 309 24.71 44.86 -14.23
CA ASP F 309 23.96 45.34 -13.08
C ASP F 309 24.84 45.51 -11.85
N GLY F 310 26.14 45.22 -11.93
CA GLY F 310 27.01 45.40 -10.80
C GLY F 310 27.62 46.80 -10.76
N THR F 311 27.89 47.25 -9.54
CA THR F 311 28.41 48.60 -9.29
C THR F 311 29.90 48.48 -9.01
N VAL F 312 30.71 48.54 -10.06
CA VAL F 312 32.15 48.61 -9.89
C VAL F 312 32.47 49.81 -9.01
N PHE F 313 33.25 49.58 -7.95
CA PHE F 313 33.52 50.62 -6.96
C PHE F 313 34.90 50.36 -6.37
N LYS F 314 35.90 51.05 -6.90
CA LYS F 314 37.26 50.96 -6.37
C LYS F 314 38.03 52.22 -6.75
N GLY F 315 39.08 52.48 -5.99
CA GLY F 315 39.89 53.66 -6.24
C GLY F 315 40.63 53.59 -7.55
N GLU F 316 40.98 54.76 -8.07
CA GLU F 316 41.83 54.91 -9.24
C GLU F 316 42.90 55.90 -8.81
N VAL F 317 43.96 55.40 -8.16
CA VAL F 317 44.84 56.25 -7.38
C VAL F 317 46.29 55.83 -7.60
N GLY F 318 47.07 56.71 -8.21
CA GLY F 318 48.49 56.79 -7.99
C GLY F 318 48.83 58.22 -7.61
N PRO F 319 49.24 58.44 -6.35
CA PRO F 319 49.27 59.82 -5.83
C PRO F 319 49.98 60.81 -6.73
N TRP F 320 49.23 61.76 -7.26
CA TRP F 320 49.80 62.82 -8.10
C TRP F 320 50.15 64.00 -7.22
N TYR F 321 51.32 64.59 -7.45
CA TYR F 321 51.93 65.52 -6.51
C TYR F 321 52.02 66.92 -7.10
N ASN F 322 51.68 67.92 -6.29
CA ASN F 322 51.87 69.32 -6.63
C ASN F 322 52.99 69.88 -5.75
N PRO F 323 54.11 70.35 -6.31
CA PRO F 323 55.21 70.80 -5.45
C PRO F 323 54.96 72.15 -4.78
N LYS F 324 53.95 72.89 -5.21
CA LYS F 324 53.72 74.23 -4.68
C LYS F 324 53.04 74.16 -3.31
N ASN F 325 53.49 75.02 -2.40
CA ASN F 325 52.88 75.10 -1.09
C ASN F 325 51.48 75.71 -1.19
N GLY F 326 50.54 75.14 -0.44
CA GLY F 326 49.21 75.70 -0.30
C GLY F 326 48.36 75.66 -1.55
N GLN F 327 48.91 75.29 -2.70
CA GLN F 327 48.13 75.22 -3.94
C GLN F 327 47.47 73.85 -4.05
N TYR F 328 46.17 73.85 -4.32
CA TYR F 328 45.36 72.64 -4.38
C TYR F 328 44.86 72.41 -5.80
N HIS F 329 45.74 72.59 -6.78
CA HIS F 329 45.42 72.39 -8.19
C HIS F 329 46.47 71.50 -8.83
N LEU F 330 46.02 70.56 -9.67
CA LEU F 330 46.95 69.75 -10.45
C LEU F 330 47.61 70.59 -11.54
N GLU F 331 48.81 70.17 -11.93
CA GLU F 331 49.42 70.70 -13.14
C GLU F 331 48.73 70.08 -14.35
N PRO F 332 48.83 70.73 -15.52
CA PRO F 332 48.20 70.14 -16.72
C PRO F 332 48.67 68.72 -17.00
N LYS F 333 49.95 68.43 -16.75
CA LYS F 333 50.48 67.09 -17.00
C LYS F 333 49.78 66.05 -16.13
N GLU F 334 49.74 66.28 -14.82
CA GLU F 334 49.13 65.32 -13.92
C GLU F 334 47.62 65.24 -14.13
N ALA F 335 46.99 66.37 -14.43
CA ALA F 335 45.57 66.37 -14.74
C ALA F 335 45.28 65.48 -15.93
N LYS F 336 46.07 65.62 -17.00
CA LYS F 336 45.91 64.77 -18.17
C LYS F 336 46.13 63.31 -17.81
N ALA F 337 47.16 63.03 -17.00
CA ALA F 337 47.45 61.66 -16.61
C ALA F 337 46.26 61.04 -15.88
N LEU F 338 45.72 61.75 -14.90
CA LEU F 338 44.60 61.23 -14.11
C LEU F 338 43.37 61.00 -14.98
N LEU F 339 43.00 61.99 -15.79
CA LEU F 339 41.81 61.83 -16.62
C LEU F 339 41.99 60.67 -17.59
N SER F 340 43.18 60.55 -18.20
CA SER F 340 43.44 59.45 -19.11
C SER F 340 43.32 58.11 -18.40
N GLN F 341 43.87 58.00 -17.19
CA GLN F 341 43.78 56.73 -16.46
C GLN F 341 42.32 56.37 -16.18
N SER F 342 41.53 57.34 -15.74
CA SER F 342 40.13 57.03 -15.43
C SER F 342 39.36 56.62 -16.69
N LEU F 343 39.55 57.35 -17.79
CA LEU F 343 38.86 56.99 -19.03
C LEU F 343 39.31 55.63 -19.54
N GLN F 344 40.61 55.33 -19.44
CA GLN F 344 41.12 54.04 -19.89
C GLN F 344 40.56 52.91 -19.04
N SER F 345 40.48 53.09 -17.73
CA SER F 345 39.90 52.06 -16.87
C SER F 345 38.44 51.81 -17.24
N TYR F 346 37.68 52.89 -17.43
CA TYR F 346 36.29 52.72 -17.83
C TYR F 346 36.19 51.98 -19.17
N LYS F 347 37.00 52.38 -20.14
CA LYS F 347 36.91 51.77 -21.47
C LYS F 347 37.28 50.28 -21.41
N GLU F 348 38.40 49.95 -20.79
CA GLU F 348 38.78 48.55 -20.71
C GLU F 348 37.77 47.73 -19.93
N GLN F 349 37.07 48.33 -18.96
CA GLN F 349 36.01 47.60 -18.28
C GLN F 349 34.83 47.34 -19.20
N ILE F 350 34.35 48.36 -19.90
CA ILE F 350 33.13 48.27 -20.68
C ILE F 350 33.40 48.26 -22.17
N GLY F 351 34.42 48.98 -22.63
CA GLY F 351 34.76 49.09 -24.04
C GLY F 351 34.29 50.36 -24.70
N GLU F 352 33.32 51.05 -24.10
CA GLU F 352 32.79 52.30 -24.63
C GLU F 352 33.04 53.42 -23.62
N TYR F 353 33.41 54.59 -24.12
CA TYR F 353 33.67 55.72 -23.24
C TYR F 353 32.37 56.17 -22.56
N PRO F 354 32.45 56.76 -21.38
CA PRO F 354 31.23 57.21 -20.69
C PRO F 354 30.54 58.32 -21.48
N LYS F 355 29.21 58.33 -21.40
CA LYS F 355 28.44 59.40 -22.01
C LYS F 355 28.50 60.67 -21.18
N GLU F 356 28.54 60.54 -19.86
CA GLU F 356 28.61 61.67 -18.94
C GLU F 356 29.59 61.36 -17.83
N VAL F 357 30.37 62.37 -17.43
CA VAL F 357 31.39 62.24 -16.40
C VAL F 357 31.20 63.36 -15.39
N PHE F 358 31.27 63.01 -14.10
CA PHE F 358 31.08 63.96 -13.02
C PHE F 358 32.33 63.95 -12.14
N ILE F 359 32.95 65.11 -11.97
CA ILE F 359 34.14 65.26 -11.14
C ILE F 359 33.71 66.02 -9.89
N HIS F 360 33.56 65.31 -8.78
CA HIS F 360 33.20 65.91 -7.51
C HIS F 360 34.45 66.28 -6.75
N ALA F 361 34.32 67.26 -5.86
CA ALA F 361 35.47 67.77 -5.12
C ALA F 361 35.00 68.80 -4.10
N LYS F 362 35.91 69.16 -3.20
CA LYS F 362 35.68 70.23 -2.24
C LYS F 362 36.37 71.53 -2.64
N THR F 363 37.06 71.55 -3.78
CA THR F 363 37.84 72.69 -4.23
C THR F 363 37.25 73.23 -5.53
N ARG F 364 37.70 74.42 -5.91
CA ARG F 364 37.30 75.07 -7.14
C ARG F 364 38.42 74.96 -8.16
N PHE F 365 38.12 74.41 -9.33
CA PHE F 365 39.11 74.32 -10.39
C PHE F 365 39.52 75.70 -10.86
N ASN F 366 40.78 75.82 -11.29
CA ASN F 366 41.22 77.00 -12.02
C ASN F 366 41.02 76.74 -13.52
N HIS F 367 41.54 77.63 -14.36
CA HIS F 367 41.28 77.50 -15.79
C HIS F 367 42.27 76.54 -16.47
N GLN F 368 43.54 76.57 -16.07
CA GLN F 368 44.52 75.69 -16.70
C GLN F 368 44.23 74.23 -16.39
N GLU F 369 43.85 73.93 -15.15
CA GLU F 369 43.50 72.57 -14.78
C GLU F 369 42.37 72.03 -15.67
N TRP F 370 41.28 72.79 -15.77
CA TRP F 370 40.14 72.33 -16.54
C TRP F 370 40.44 72.29 -18.03
N ASP F 371 41.26 73.23 -18.53
CA ASP F 371 41.66 73.17 -19.92
C ASP F 371 42.45 71.91 -20.21
N ALA F 372 43.35 71.53 -19.31
CA ALA F 372 44.04 70.26 -19.45
C ALA F 372 43.06 69.11 -19.45
N PHE F 373 42.06 69.15 -18.56
CA PHE F 373 41.03 68.12 -18.56
C PHE F 373 40.39 67.98 -19.93
N LEU F 374 40.17 69.09 -20.64
CA LEU F 374 39.38 69.06 -21.86
C LEU F 374 40.14 68.49 -23.04
N GLU F 375 41.46 68.68 -23.10
CA GLU F 375 42.23 68.29 -24.28
C GLU F 375 42.29 66.77 -24.46
N VAL F 376 42.15 66.00 -23.40
CA VAL F 376 42.31 64.55 -23.47
C VAL F 376 40.97 63.86 -23.26
N THR F 377 39.89 64.52 -23.67
CA THR F 377 38.54 63.98 -23.50
C THR F 377 37.93 63.64 -24.86
N PRO F 378 37.07 62.63 -24.95
CA PRO F 378 36.42 62.33 -26.23
C PRO F 378 35.37 63.37 -26.59
N LYS F 379 34.89 63.27 -27.83
CA LYS F 379 33.87 64.20 -28.29
C LYS F 379 32.49 63.85 -27.73
N GLU F 380 32.18 62.57 -27.64
CA GLU F 380 30.87 62.12 -27.16
C GLU F 380 30.91 61.81 -25.66
N THR F 381 31.27 62.84 -24.89
CA THR F 381 31.35 62.72 -23.44
C THR F 381 31.24 64.10 -22.82
N ASN F 382 30.53 64.18 -21.70
CA ASN F 382 30.27 65.45 -21.02
C ASN F 382 31.04 65.49 -19.70
N LEU F 383 31.86 66.53 -19.54
CA LEU F 383 32.63 66.74 -18.32
C LEU F 383 31.94 67.79 -17.46
N VAL F 384 31.52 67.40 -16.26
CA VAL F 384 30.84 68.28 -15.33
C VAL F 384 31.56 68.20 -13.99
N GLY F 385 31.88 69.35 -13.42
CA GLY F 385 32.54 69.43 -12.12
C GLY F 385 31.61 70.05 -11.10
N VAL F 386 31.67 69.54 -9.87
CA VAL F 386 30.80 69.98 -8.78
C VAL F 386 31.64 70.22 -7.54
N THR F 387 31.32 71.27 -6.80
CA THR F 387 31.97 71.58 -5.54
C THR F 387 30.98 71.36 -4.41
N ILE F 388 31.35 70.49 -3.47
CA ILE F 388 30.54 70.22 -2.29
C ILE F 388 31.24 70.87 -1.10
N SER F 389 30.59 71.87 -0.52
CA SER F 389 31.17 72.65 0.55
C SER F 389 30.33 72.51 1.82
N LYS F 390 30.94 72.84 2.95
CA LYS F 390 30.26 72.80 4.23
C LYS F 390 30.51 74.05 5.06
N THR F 391 31.27 75.01 4.55
CA THR F 391 31.53 76.27 5.26
C THR F 391 30.62 77.38 4.74
N LYS F 392 29.31 77.19 4.97
CA LYS F 392 28.32 78.16 4.53
C LYS F 392 27.13 78.10 5.49
N PRO F 393 26.99 79.07 6.41
CA PRO F 393 25.94 78.97 7.43
C PRO F 393 24.56 79.30 6.88
N LEU F 394 23.72 78.27 6.76
CA LEU F 394 22.30 78.44 6.47
C LEU F 394 21.55 77.40 7.29
N LYS F 395 20.89 77.85 8.34
CA LYS F 395 20.16 76.98 9.25
C LYS F 395 18.68 77.34 9.20
N LEU F 396 17.83 76.34 8.96
CA LEU F 396 16.39 76.50 8.97
C LEU F 396 15.81 75.88 10.23
N TYR F 397 14.82 76.55 10.81
CA TYR F 397 14.17 76.11 12.04
C TYR F 397 12.67 75.95 11.83
N LYS F 398 12.15 74.78 12.17
CA LYS F 398 10.71 74.60 12.27
C LYS F 398 10.15 75.51 13.37
N THR F 399 8.93 75.98 13.15
CA THR F 399 8.38 77.02 14.01
C THR F 399 7.96 76.47 15.38
N GLU F 400 7.28 75.32 15.41
CA GLU F 400 6.55 74.89 16.59
C GLU F 400 7.22 73.76 17.36
N GLY F 401 7.50 72.64 16.70
CA GLY F 401 7.85 71.42 17.40
C GLY F 401 9.25 71.42 17.97
N ASP F 402 9.67 70.24 18.41
CA ASP F 402 11.01 70.03 18.95
C ASP F 402 11.85 69.15 18.03
N TYR F 403 11.43 68.98 16.78
CA TYR F 403 12.13 68.15 15.81
C TYR F 403 12.60 69.02 14.65
N THR F 404 13.67 68.58 13.99
CA THR F 404 14.34 69.39 13.00
C THR F 404 13.68 69.22 11.63
N ILE F 405 14.31 69.74 10.59
CA ILE F 405 13.77 69.74 9.25
C ILE F 405 13.90 68.35 8.63
N LEU F 406 12.99 68.04 7.71
CA LEU F 406 13.07 66.82 6.94
C LEU F 406 14.43 66.73 6.23
N ARG F 407 14.76 65.52 5.77
CA ARG F 407 16.06 65.32 5.13
C ARG F 407 16.09 65.91 3.72
N GLY F 408 15.29 65.36 2.82
CA GLY F 408 15.45 65.63 1.41
C GLY F 408 15.22 67.06 0.96
N ASN F 409 14.89 67.97 1.87
CA ASN F 409 14.64 69.35 1.48
C ASN F 409 15.88 69.98 0.87
N ALA F 410 15.68 70.72 -0.22
CA ALA F 410 16.75 71.45 -0.88
C ALA F 410 16.24 72.81 -1.35
N TYR F 411 17.05 73.84 -1.14
CA TYR F 411 16.72 75.22 -1.54
C TYR F 411 17.58 75.59 -2.75
N VAL F 412 16.95 75.68 -3.91
CA VAL F 412 17.65 76.03 -5.14
C VAL F 412 17.84 77.54 -5.19
N VAL F 413 19.09 77.96 -5.34
CA VAL F 413 19.43 79.38 -5.39
C VAL F 413 19.44 79.89 -6.82
N ASN F 414 20.11 79.17 -7.71
CA ASN F 414 20.30 79.58 -9.09
C ASN F 414 20.17 78.35 -9.97
N GLU F 415 20.54 78.50 -11.25
CA GLU F 415 20.69 77.36 -12.13
C GLU F 415 22.01 76.63 -11.91
N ARG F 416 22.91 77.18 -11.09
CA ARG F 416 24.22 76.60 -10.83
C ARG F 416 24.57 76.64 -9.35
N SER F 417 23.58 76.48 -8.47
CA SER F 417 23.83 76.55 -7.04
C SER F 417 22.57 76.11 -6.30
N ALA F 418 22.77 75.55 -5.11
CA ALA F 418 21.67 75.05 -4.30
C ALA F 418 22.20 74.64 -2.94
N PHE F 419 21.28 74.37 -2.02
CA PHE F 419 21.58 73.78 -0.73
C PHE F 419 20.83 72.46 -0.60
N LEU F 420 21.45 71.48 0.05
CA LEU F 420 20.88 70.16 0.23
C LEU F 420 21.00 69.77 1.70
N TRP F 421 19.99 69.06 2.20
CA TRP F 421 19.97 68.58 3.58
C TRP F 421 20.15 67.07 3.56
N THR F 422 21.40 66.62 3.60
CA THR F 422 21.68 65.20 3.71
C THR F 422 21.51 64.67 5.13
N VAL F 423 21.41 65.57 6.11
CA VAL F 423 21.22 65.23 7.51
C VAL F 423 19.93 65.87 7.97
N GLY F 424 19.06 65.09 8.60
CA GLY F 424 17.80 65.62 9.06
C GLY F 424 16.87 64.50 9.50
N TYR F 425 15.60 64.87 9.67
CA TYR F 425 14.61 63.94 10.18
C TYR F 425 14.21 62.93 9.12
N VAL F 426 14.29 61.66 9.46
CA VAL F 426 13.85 60.55 8.62
C VAL F 426 12.56 59.99 9.22
N PRO F 427 11.43 60.02 8.50
CA PRO F 427 10.16 59.63 9.13
C PRO F 427 10.01 58.13 9.35
N LYS F 428 10.94 57.31 8.85
CA LYS F 428 10.80 55.87 9.01
C LYS F 428 11.44 55.37 10.30
N ILE F 429 12.50 56.04 10.76
CA ILE F 429 13.13 55.71 12.03
C ILE F 429 12.70 56.63 13.15
N GLN F 430 11.72 57.51 12.91
CA GLN F 430 11.15 58.36 13.95
C GLN F 430 12.21 59.22 14.64
N THR F 431 13.24 59.61 13.92
CA THR F 431 14.32 60.42 14.49
C THR F 431 15.12 61.03 13.35
N ALA F 432 16.22 61.69 13.72
CA ALA F 432 17.10 62.36 12.79
C ALA F 432 18.46 61.67 12.77
N LEU F 433 19.31 62.13 11.84
CA LEU F 433 20.66 61.63 11.73
C LEU F 433 21.68 62.44 12.54
N SER F 434 21.25 63.54 13.14
CA SER F 434 22.13 64.36 13.98
C SER F 434 21.46 64.64 15.32
N MET F 435 22.06 65.52 16.12
CA MET F 435 21.55 65.87 17.43
C MET F 435 21.07 67.32 17.50
N GLU F 436 21.93 68.27 17.20
CA GLU F 436 21.54 69.67 17.16
C GLU F 436 20.91 69.99 15.81
N VAL F 437 20.66 71.26 15.54
CA VAL F 437 20.13 71.64 14.23
C VAL F 437 21.21 71.42 13.17
N PRO F 438 20.94 70.70 12.10
CA PRO F 438 22.00 70.37 11.14
C PRO F 438 22.30 71.53 10.19
N ASN F 439 23.36 71.34 9.40
CA ASN F 439 23.83 72.34 8.46
C ASN F 439 23.89 71.73 7.06
N PRO F 440 23.33 72.37 6.04
CA PRO F 440 23.24 71.74 4.73
C PRO F 440 24.55 71.80 3.94
N LEU F 441 24.62 70.96 2.92
CA LEU F 441 25.68 71.03 1.93
C LEU F 441 25.38 72.12 0.92
N PHE F 442 26.41 72.86 0.53
CA PHE F 442 26.30 73.84 -0.54
C PHE F 442 26.90 73.23 -1.81
N ILE F 443 26.08 73.11 -2.85
CA ILE F 443 26.46 72.44 -4.09
C ILE F 443 26.37 73.44 -5.22
N GLU F 444 27.45 73.56 -5.99
CA GLU F 444 27.50 74.44 -7.15
C GLU F 444 28.09 73.68 -8.33
N ILE F 445 27.46 73.81 -9.49
CA ILE F 445 28.00 73.26 -10.73
C ILE F 445 29.09 74.23 -11.19
N ASN F 446 30.34 73.91 -10.85
CA ASN F 446 31.44 74.84 -11.09
C ASN F 446 31.71 74.99 -12.59
N LYS F 447 31.69 73.88 -13.32
CA LYS F 447 32.00 73.91 -14.74
C LYS F 447 31.18 72.84 -15.46
N GLY F 448 30.92 73.09 -16.75
CA GLY F 448 30.08 72.20 -17.53
C GLY F 448 28.65 72.69 -17.57
N GLU F 449 27.79 71.84 -18.14
CA GLU F 449 26.37 72.11 -18.25
C GLU F 449 25.60 70.88 -17.77
N ALA F 450 24.74 71.07 -16.77
CA ALA F 450 23.93 69.99 -16.24
C ALA F 450 22.77 70.59 -15.45
N ASP F 451 21.93 69.71 -14.89
CA ASP F 451 20.77 70.12 -14.12
C ASP F 451 21.07 69.95 -12.64
N ILE F 452 20.87 71.03 -11.86
CA ILE F 452 21.19 70.98 -10.44
C ILE F 452 20.31 69.98 -9.72
N LYS F 453 19.09 69.76 -10.21
CA LYS F 453 18.22 68.75 -9.60
C LYS F 453 18.80 67.36 -9.78
N GLN F 454 19.27 67.04 -10.99
CA GLN F 454 19.89 65.73 -11.21
C GLN F 454 21.18 65.59 -10.42
N VAL F 455 21.95 66.68 -10.30
CA VAL F 455 23.17 66.63 -9.50
C VAL F 455 22.85 66.31 -8.05
N LEU F 456 21.84 67.00 -7.50
CA LEU F 456 21.43 66.73 -6.12
C LEU F 456 20.92 65.30 -5.96
N LYS F 457 20.12 64.82 -6.93
CA LYS F 457 19.58 63.48 -6.85
C LYS F 457 20.69 62.43 -6.87
N ASP F 458 21.69 62.63 -7.73
CA ASP F 458 22.80 61.69 -7.79
C ASP F 458 23.69 61.79 -6.56
N ILE F 459 23.78 62.97 -5.95
CA ILE F 459 24.58 63.12 -4.74
C ILE F 459 23.90 62.43 -3.56
N LEU F 460 22.57 62.46 -3.52
CA LEU F 460 21.87 61.85 -2.39
C LEU F 460 22.00 60.34 -2.41
N SER F 461 22.04 59.72 -3.59
CA SER F 461 22.22 58.28 -3.69
C SER F 461 23.65 57.84 -3.46
N LEU F 462 24.62 58.74 -3.60
CA LEU F 462 26.02 58.44 -3.31
C LEU F 462 26.32 58.40 -1.82
N THR F 463 25.29 58.47 -0.98
CA THR F 463 25.44 58.38 0.47
C THR F 463 25.00 57.03 1.01
N LYS F 464 24.55 56.11 0.16
CA LYS F 464 24.05 54.80 0.55
C LYS F 464 25.08 53.70 0.25
N LEU F 465 26.36 53.98 0.43
CA LEU F 465 27.41 53.05 0.04
C LEU F 465 28.49 52.91 1.12
N ASN F 466 28.23 53.35 2.35
CA ASN F 466 29.23 53.33 3.39
C ASN F 466 29.32 51.92 3.97
N TYR F 467 30.00 51.04 3.22
CA TYR F 467 30.19 49.67 3.68
C TYR F 467 31.02 49.59 4.94
N ASN F 468 31.77 50.64 5.27
CA ASN F 468 32.47 50.72 6.54
C ASN F 468 31.52 50.81 7.72
N ALA F 469 30.24 51.08 7.47
CA ALA F 469 29.25 51.21 8.52
C ALA F 469 27.95 50.55 8.06
N CYS F 470 27.02 50.39 8.99
CA CYS F 470 25.66 49.94 8.68
C CYS F 470 24.73 50.98 9.30
N ILE F 471 24.41 52.00 8.50
CA ILE F 471 23.61 53.13 8.94
C ILE F 471 22.57 53.43 7.87
N PHE F 472 21.60 54.28 8.22
CA PHE F 472 20.54 54.60 7.28
C PHE F 472 21.10 55.29 6.05
N ALA F 473 22.01 56.23 6.25
CA ALA F 473 22.64 56.93 5.13
C ALA F 473 23.78 57.79 5.66
N ASP F 474 24.57 58.32 4.74
CA ASP F 474 25.73 59.13 5.06
C ASP F 474 25.40 60.62 4.94
N GLY F 475 26.17 61.44 5.64
CA GLY F 475 26.04 62.87 5.58
C GLY F 475 26.77 63.54 4.44
N GLU F 476 27.68 62.84 3.77
CA GLU F 476 28.40 63.34 2.62
C GLU F 476 28.57 62.21 1.62
N PRO F 477 28.70 62.53 0.33
CA PRO F 477 28.78 61.48 -0.69
C PRO F 477 29.99 60.58 -0.48
N VAL F 478 29.82 59.30 -0.82
CA VAL F 478 30.85 58.31 -0.53
C VAL F 478 32.01 58.41 -1.51
N THR F 479 31.79 59.03 -2.67
CA THR F 479 32.89 59.24 -3.61
C THR F 479 33.98 60.13 -3.02
N LEU F 480 33.66 60.92 -1.99
CA LEU F 480 34.61 61.84 -1.39
C LEU F 480 35.13 61.37 -0.04
N ARG F 481 34.66 60.24 0.47
CA ARG F 481 35.12 59.74 1.76
C ARG F 481 36.09 58.57 1.64
N PHE F 482 35.89 57.68 0.67
CA PHE F 482 36.87 56.61 0.46
C PHE F 482 38.12 57.13 -0.25
N ALA F 483 37.97 58.14 -1.09
CA ALA F 483 39.14 58.80 -1.65
C ALA F 483 40.00 59.40 -0.56
N ASP F 484 39.36 60.05 0.43
CA ASP F 484 40.10 60.59 1.56
C ASP F 484 40.79 59.49 2.34
N LYS F 485 40.09 58.37 2.57
CA LYS F 485 40.67 57.27 3.33
C LYS F 485 41.90 56.71 2.62
N ILE F 486 41.81 56.53 1.30
CA ILE F 486 42.97 56.06 0.55
C ILE F 486 44.10 57.05 0.64
N GLY F 487 43.82 58.33 0.36
CA GLY F 487 44.86 59.34 0.37
C GLY F 487 45.55 59.46 1.71
N GLU F 488 44.85 59.18 2.81
CA GLU F 488 45.46 59.20 4.12
C GLU F 488 46.33 57.98 4.36
N ILE F 489 45.98 56.83 3.78
CA ILE F 489 46.79 55.62 3.95
C ILE F 489 48.09 55.75 3.15
N LEU F 490 47.98 55.92 1.83
CA LEU F 490 49.16 55.98 0.99
C LEU F 490 49.72 57.40 0.94
N THR F 491 49.89 58.00 2.12
CA THR F 491 50.58 59.27 2.26
C THR F 491 51.61 59.17 3.37
N ALA F 492 51.45 58.16 4.25
CA ALA F 492 52.41 57.91 5.31
C ALA F 492 53.64 57.15 4.84
N SER F 493 53.61 56.57 3.65
CA SER F 493 54.70 55.75 3.15
C SER F 493 55.17 56.28 1.80
N THR F 494 56.46 56.05 1.51
CA THR F 494 57.05 56.46 0.25
C THR F 494 57.78 55.31 -0.45
N ASP F 495 57.61 54.08 0.02
CA ASP F 495 58.17 52.91 -0.62
C ASP F 495 57.14 52.14 -1.46
N ILE F 496 56.01 52.77 -1.76
CA ILE F 496 54.89 52.08 -2.40
C ILE F 496 54.85 52.47 -3.88
N LYS F 497 54.67 51.47 -4.73
CA LYS F 497 54.48 51.67 -6.16
C LYS F 497 53.28 50.86 -6.62
N THR F 498 52.55 51.42 -7.60
CA THR F 498 51.33 50.82 -8.14
C THR F 498 50.52 50.13 -7.06
N PRO F 499 49.98 50.87 -6.09
CA PRO F 499 49.21 50.23 -5.01
C PRO F 499 47.91 49.66 -5.55
N PRO F 500 47.28 48.74 -4.82
CA PRO F 500 46.02 48.17 -5.30
C PRO F 500 44.93 49.21 -5.38
N LEU F 501 43.79 48.80 -5.95
CA LEU F 501 42.62 49.65 -6.04
C LEU F 501 41.50 49.21 -5.11
N ALA F 502 41.40 47.93 -4.82
CA ALA F 502 40.33 47.44 -3.96
C ALA F 502 40.36 48.11 -2.60
N PHE F 503 39.18 48.47 -2.09
CA PHE F 503 39.10 49.16 -0.81
C PHE F 503 39.34 48.25 0.38
N LYS F 504 39.23 46.93 0.20
CA LYS F 504 39.33 46.02 1.33
C LYS F 504 40.68 46.06 2.01
N TYR F 505 41.70 46.61 1.36
CA TYR F 505 43.03 46.73 1.96
C TYR F 505 43.28 48.11 2.56
N TYR F 506 42.31 49.01 2.52
CA TYR F 506 42.43 50.31 3.18
C TYR F 506 41.42 50.48 4.31
N ILE F 507 40.12 50.30 4.04
CA ILE F 507 39.11 50.52 5.05
C ILE F 507 39.13 49.40 6.07
N ARG I 1 -3.86 -4.31 -23.04
CA ARG I 1 -4.65 -3.54 -22.08
C ARG I 1 -6.12 -3.52 -22.49
N ASN I 2 -6.81 -4.62 -22.21
CA ASN I 2 -8.23 -4.73 -22.55
C ASN I 2 -9.02 -5.45 -21.45
N LYS I 3 -8.59 -5.32 -20.20
CA LYS I 3 -9.29 -5.91 -19.06
C LYS I 3 -9.85 -4.81 -18.19
N ILE I 4 -11.14 -4.90 -17.87
CA ILE I 4 -11.80 -3.98 -16.96
C ILE I 4 -11.63 -4.51 -15.55
N PHE I 5 -10.85 -3.80 -14.74
CA PHE I 5 -10.65 -4.16 -13.34
C PHE I 5 -11.82 -3.62 -12.50
N ILE I 6 -12.22 -4.40 -11.51
CA ILE I 6 -13.29 -4.02 -10.60
C ILE I 6 -12.76 -4.09 -9.19
N SER I 7 -12.76 -2.95 -8.49
CA SER I 7 -12.28 -2.85 -7.13
C SER I 7 -13.46 -2.71 -6.19
N HIS I 8 -13.45 -3.48 -5.11
CA HIS I 8 -14.57 -3.50 -4.17
C HIS I 8 -14.04 -3.92 -2.80
N ALA I 9 -14.95 -3.96 -1.83
CA ALA I 9 -14.65 -4.45 -0.50
C ALA I 9 -15.23 -5.85 -0.35
N THR I 10 -14.39 -6.81 0.02
CA THR I 10 -14.82 -8.19 0.17
C THR I 10 -15.01 -8.53 1.64
N PRO I 11 -16.10 -9.22 2.02
CA PRO I 11 -17.22 -9.73 1.23
C PRO I 11 -18.47 -8.88 1.35
N ASP I 12 -18.34 -7.60 1.71
CA ASP I 12 -19.52 -6.80 2.01
C ASP I 12 -20.28 -6.41 0.74
N ASP I 13 -19.58 -6.25 -0.38
CA ASP I 13 -20.18 -5.82 -1.64
C ASP I 13 -20.05 -6.89 -2.70
N ASN I 14 -20.24 -8.16 -2.31
CA ASN I 14 -20.06 -9.26 -3.23
C ASN I 14 -21.24 -9.41 -4.19
N ASP I 15 -22.47 -9.16 -3.72
CA ASP I 15 -23.63 -9.35 -4.59
C ASP I 15 -23.59 -8.42 -5.79
N PHE I 16 -23.43 -7.12 -5.54
CA PHE I 16 -23.39 -6.16 -6.63
C PHE I 16 -22.19 -6.42 -7.54
N THR I 17 -21.04 -6.74 -6.96
CA THR I 17 -19.85 -6.97 -7.77
C THR I 17 -20.03 -8.17 -8.69
N ARG I 18 -20.57 -9.27 -8.15
CA ARG I 18 -20.81 -10.45 -8.99
C ARG I 18 -21.83 -10.17 -10.07
N TRP I 19 -22.91 -9.46 -9.72
CA TRP I 19 -23.90 -9.07 -10.73
C TRP I 19 -23.24 -8.27 -11.85
N LEU I 20 -22.46 -7.25 -11.49
CA LEU I 20 -21.85 -6.38 -12.48
C LEU I 20 -20.85 -7.14 -13.35
N ALA I 21 -20.03 -8.00 -12.73
CA ALA I 21 -19.07 -8.78 -13.49
C ALA I 21 -19.77 -9.71 -14.48
N LEU I 22 -20.81 -10.41 -14.02
CA LEU I 22 -21.53 -11.30 -14.92
C LEU I 22 -22.19 -10.53 -16.06
N LYS I 23 -22.74 -9.35 -15.76
CA LYS I 23 -23.37 -8.54 -16.80
C LYS I 23 -22.33 -8.11 -17.83
N LEU I 24 -21.19 -7.59 -17.38
CA LEU I 24 -20.18 -7.11 -18.30
C LEU I 24 -19.57 -8.25 -19.12
N ILE I 25 -19.44 -9.44 -18.52
CA ILE I 25 -18.99 -10.60 -19.29
C ILE I 25 -20.03 -10.97 -20.34
N GLY I 26 -21.31 -10.96 -19.97
CA GLY I 26 -22.34 -11.28 -20.94
C GLY I 26 -22.37 -10.30 -22.09
N LEU I 27 -22.12 -9.02 -21.82
CA LEU I 27 -22.13 -8.03 -22.89
C LEU I 27 -20.94 -8.16 -23.81
N GLY I 28 -19.84 -8.74 -23.34
CA GLY I 28 -18.74 -9.09 -24.22
C GLY I 28 -17.37 -8.64 -23.75
N TYR I 29 -17.30 -7.90 -22.65
CA TYR I 29 -16.03 -7.36 -22.19
C TYR I 29 -15.26 -8.39 -21.39
N GLU I 30 -14.00 -8.07 -21.11
CA GLU I 30 -13.12 -8.89 -20.28
C GLU I 30 -13.00 -8.24 -18.91
N VAL I 31 -13.34 -8.99 -17.87
CA VAL I 31 -13.44 -8.47 -16.52
C VAL I 31 -12.53 -9.30 -15.61
N TRP I 32 -11.77 -8.61 -14.76
CA TRP I 32 -10.98 -9.24 -13.72
C TRP I 32 -11.54 -8.83 -12.37
N CYS I 33 -11.81 -9.82 -11.52
CA CYS I 33 -12.48 -9.58 -10.25
C CYS I 33 -11.80 -10.39 -9.15
N ASP I 34 -11.84 -9.83 -7.93
CA ASP I 34 -11.16 -10.45 -6.80
C ASP I 34 -11.77 -11.78 -6.43
N ILE I 35 -13.03 -12.02 -6.79
CA ILE I 35 -13.76 -13.19 -6.32
C ILE I 35 -14.03 -14.22 -7.41
N LEU I 36 -13.66 -13.94 -8.66
CA LEU I 36 -13.97 -14.83 -9.77
C LEU I 36 -12.76 -15.24 -10.61
N PHE I 37 -11.62 -14.57 -10.50
CA PHE I 37 -10.47 -14.87 -11.34
C PHE I 37 -9.15 -14.98 -10.59
N LEU I 38 -9.08 -14.58 -9.32
CA LEU I 38 -7.86 -14.79 -8.56
C LEU I 38 -7.63 -16.29 -8.35
N ASP I 39 -6.38 -16.70 -8.46
CA ASP I 39 -6.04 -18.11 -8.35
C ASP I 39 -5.86 -18.51 -6.89
N LYS I 40 -5.83 -19.82 -6.66
CA LYS I 40 -5.67 -20.37 -5.32
C LYS I 40 -4.22 -20.77 -5.12
N GLY I 41 -3.59 -20.25 -4.07
CA GLY I 41 -2.20 -20.54 -3.81
C GLY I 41 -1.22 -19.68 -4.57
N VAL I 42 -1.64 -18.52 -5.06
CA VAL I 42 -0.79 -17.62 -5.82
C VAL I 42 -0.50 -16.38 -4.99
N ASP I 43 0.67 -15.78 -5.22
CA ASP I 43 1.02 -14.50 -4.61
C ASP I 43 0.06 -13.45 -5.14
N PHE I 44 -0.85 -12.96 -4.28
CA PHE I 44 -2.01 -12.24 -4.79
C PHE I 44 -1.75 -10.74 -4.92
N TRP I 45 -1.01 -10.13 -4.00
CA TRP I 45 -0.69 -8.71 -4.17
C TRP I 45 0.12 -8.49 -5.44
N SER I 46 1.12 -9.35 -5.69
CA SER I 46 1.94 -9.19 -6.87
C SER I 46 1.11 -9.37 -8.14
N ASN I 47 0.25 -10.37 -8.17
CA ASN I 47 -0.59 -10.60 -9.34
C ASN I 47 -1.56 -9.44 -9.56
N ILE I 48 -2.14 -8.92 -8.48
CA ILE I 48 -3.06 -7.79 -8.60
C ILE I 48 -2.33 -6.57 -9.16
N GLU I 49 -1.13 -6.29 -8.64
CA GLU I 49 -0.37 -5.16 -9.14
C GLU I 49 0.01 -5.35 -10.61
N LYS I 50 0.40 -6.58 -10.98
CA LYS I 50 0.71 -6.86 -12.38
C LYS I 50 -0.51 -6.63 -13.26
N VAL I 51 -1.68 -7.08 -12.82
CA VAL I 51 -2.89 -6.90 -13.62
C VAL I 51 -3.21 -5.41 -13.78
N ILE I 52 -3.07 -4.65 -12.69
CA ILE I 52 -3.39 -3.22 -12.75
C ILE I 52 -2.40 -2.50 -13.67
N ARG I 53 -1.14 -2.92 -13.66
CA ARG I 53 -0.10 -2.16 -14.36
C ARG I 53 0.09 -2.57 -15.82
N GLU I 54 -0.15 -3.83 -16.17
CA GLU I 54 0.19 -4.34 -17.49
C GLU I 54 -1.00 -4.51 -18.42
N ASP I 55 -2.14 -4.99 -17.93
CA ASP I 55 -3.33 -5.18 -18.75
C ASP I 55 -4.54 -4.65 -17.99
N THR I 56 -4.88 -3.40 -18.24
CA THR I 56 -6.06 -2.78 -17.62
C THR I 56 -6.39 -1.53 -18.42
N CYS I 57 -7.62 -1.45 -18.94
CA CYS I 57 -8.07 -0.29 -19.69
C CYS I 57 -9.01 0.60 -18.88
N LYS I 58 -9.86 0.02 -18.04
CA LYS I 58 -10.74 0.76 -17.15
C LYS I 58 -10.56 0.25 -15.73
N PHE I 59 -10.76 1.16 -14.77
CA PHE I 59 -10.68 0.84 -13.35
C PHE I 59 -12.01 1.26 -12.73
N LEU I 60 -13.00 0.35 -12.77
CA LEU I 60 -14.30 0.62 -12.17
C LEU I 60 -14.22 0.36 -10.68
N LEU I 61 -14.52 1.39 -9.89
CA LEU I 61 -14.49 1.29 -8.44
C LEU I 61 -15.92 1.24 -7.91
N VAL I 62 -16.18 0.26 -7.04
CA VAL I 62 -17.45 0.19 -6.33
C VAL I 62 -17.33 1.03 -5.08
N SER I 63 -18.08 2.13 -5.01
CA SER I 63 -18.00 3.08 -3.91
C SER I 63 -19.21 2.92 -3.01
N SER I 64 -18.96 2.66 -1.74
CA SER I 64 -20.02 2.49 -0.76
C SER I 64 -19.46 2.81 0.62
N SER I 65 -20.31 2.66 1.64
CA SER I 65 -19.86 2.89 3.00
C SER I 65 -18.79 1.90 3.44
N TYR I 66 -18.68 0.76 2.75
CA TYR I 66 -17.66 -0.24 3.07
C TYR I 66 -16.38 -0.02 2.27
N SER I 67 -16.51 0.22 0.96
CA SER I 67 -15.35 0.40 0.11
C SER I 67 -14.60 1.70 0.38
N ASN I 68 -15.19 2.62 1.14
CA ASN I 68 -14.51 3.85 1.51
C ASN I 68 -13.60 3.58 2.71
N GLN I 69 -12.35 4.03 2.60
CA GLN I 69 -11.35 3.83 3.65
C GLN I 69 -11.07 2.34 3.89
N ARG I 70 -10.69 1.65 2.81
CA ARG I 70 -10.26 0.26 2.88
C ARG I 70 -8.86 0.15 2.30
N GLU I 71 -8.00 -0.60 2.98
CA GLU I 71 -6.57 -0.61 2.61
C GLU I 71 -6.37 -1.17 1.21
N GLY I 72 -6.98 -2.32 0.90
CA GLY I 72 -6.81 -2.89 -0.42
C GLY I 72 -7.32 -1.97 -1.51
N VAL I 73 -8.51 -1.40 -1.30
CA VAL I 73 -9.08 -0.47 -2.27
C VAL I 73 -8.17 0.74 -2.45
N LEU I 74 -7.63 1.26 -1.34
CA LEU I 74 -6.80 2.47 -1.43
C LEU I 74 -5.48 2.19 -2.13
N LYS I 75 -4.87 1.03 -1.86
CA LYS I 75 -3.63 0.67 -2.55
C LYS I 75 -3.88 0.49 -4.05
N GLU I 76 -4.98 -0.18 -4.40
CA GLU I 76 -5.33 -0.32 -5.81
C GLU I 76 -5.57 1.05 -6.44
N LEU I 77 -6.22 1.97 -5.71
CA LEU I 77 -6.45 3.31 -6.22
C LEU I 77 -5.15 4.04 -6.46
N ALA I 78 -4.18 3.90 -5.54
CA ALA I 78 -2.89 4.56 -5.71
C ALA I 78 -2.18 4.05 -6.96
N VAL I 79 -2.12 2.73 -7.11
CA VAL I 79 -1.44 2.18 -8.29
C VAL I 79 -2.16 2.58 -9.56
N ALA I 80 -3.50 2.60 -9.53
CA ALA I 80 -4.27 3.00 -10.70
C ALA I 80 -4.05 4.47 -11.03
N ALA I 81 -3.87 5.32 -10.01
CA ALA I 81 -3.54 6.72 -10.26
C ALA I 81 -2.17 6.84 -10.93
N LYS I 82 -1.20 6.03 -10.49
CA LYS I 82 0.09 6.02 -11.17
C LYS I 82 -0.07 5.60 -12.63
N VAL I 83 -0.89 4.59 -12.88
CA VAL I 83 -1.07 4.11 -14.26
C VAL I 83 -1.81 5.16 -15.09
N LYS I 84 -2.76 5.88 -14.48
CA LYS I 84 -3.45 6.95 -15.20
C LYS I 84 -2.48 8.07 -15.57
N LYS I 85 -1.60 8.44 -14.64
CA LYS I 85 -0.60 9.45 -14.96
C LYS I 85 0.31 8.97 -16.09
N GLN I 86 0.75 7.71 -16.05
CA GLN I 86 1.62 7.19 -17.08
C GLN I 86 0.91 7.03 -18.43
N LEU I 87 -0.41 6.87 -18.43
CA LEU I 87 -1.16 6.57 -19.64
C LEU I 87 -1.85 7.80 -20.24
N LYS I 88 -1.86 8.92 -19.52
CA LYS I 88 -2.42 10.18 -20.04
C LYS I 88 -3.88 10.02 -20.45
N ASP I 89 -4.65 9.29 -19.63
CA ASP I 89 -6.08 9.11 -19.85
C ASP I 89 -6.81 9.67 -18.63
N ASP I 90 -7.49 10.81 -18.82
CA ASP I 90 -8.14 11.48 -17.71
C ASP I 90 -9.39 10.76 -17.21
N LYS I 91 -9.86 9.73 -17.93
CA LYS I 91 -11.04 8.97 -17.55
C LYS I 91 -10.67 7.51 -17.33
N PHE I 92 -9.51 7.27 -16.71
CA PHE I 92 -9.09 5.90 -16.40
C PHE I 92 -9.83 5.33 -15.20
N ILE I 93 -10.14 6.16 -14.21
CA ILE I 93 -10.82 5.75 -12.99
C ILE I 93 -12.27 6.22 -13.07
N ILE I 94 -13.20 5.34 -12.69
CA ILE I 94 -14.62 5.66 -12.73
C ILE I 94 -15.29 5.11 -11.47
N PRO I 95 -15.57 5.94 -10.47
CA PRO I 95 -16.29 5.45 -9.29
C PRO I 95 -17.73 5.13 -9.61
N LEU I 96 -18.25 4.12 -8.91
CA LEU I 96 -19.64 3.71 -9.03
C LEU I 96 -20.29 3.84 -7.67
N ALA I 97 -21.36 4.62 -7.58
CA ALA I 97 -22.04 4.89 -6.33
C ALA I 97 -23.25 3.97 -6.22
N ILE I 98 -23.23 3.08 -5.23
CA ILE I 98 -24.30 2.09 -5.05
C ILE I 98 -24.95 2.18 -3.67
N ASP I 99 -24.35 2.88 -2.72
CA ASP I 99 -24.86 2.95 -1.36
C ASP I 99 -25.59 4.27 -1.15
N GLU I 100 -26.82 4.18 -0.63
CA GLU I 100 -27.59 5.39 -0.35
C GLU I 100 -27.15 6.08 0.92
N GLN I 101 -26.34 5.42 1.75
CA GLN I 101 -25.92 5.95 3.04
C GLN I 101 -24.58 6.68 2.98
N LEU I 102 -23.97 6.80 1.81
CA LEU I 102 -22.68 7.47 1.65
C LEU I 102 -22.93 8.88 1.10
N SER I 103 -22.69 9.89 1.93
CA SER I 103 -22.86 11.27 1.51
C SER I 103 -21.74 11.68 0.57
N TYR I 104 -22.06 12.60 -0.35
CA TYR I 104 -21.07 13.08 -1.32
C TYR I 104 -20.01 13.96 -0.68
N ASP I 105 -20.17 14.36 0.57
CA ASP I 105 -19.17 15.17 1.26
C ASP I 105 -18.17 14.32 2.05
N ASP I 106 -18.27 12.99 1.97
CA ASP I 106 -17.42 12.10 2.74
C ASP I 106 -16.64 11.12 1.87
N ILE I 107 -16.62 11.33 0.56
CA ILE I 107 -15.93 10.42 -0.35
C ILE I 107 -14.42 10.52 -0.14
N ASN I 108 -13.68 9.54 -0.66
CA ASN I 108 -12.22 9.54 -0.55
C ASN I 108 -11.65 10.85 -1.07
N ILE I 109 -10.45 11.18 -0.59
CA ILE I 109 -9.73 12.33 -1.12
C ILE I 109 -9.18 12.05 -2.51
N ASP I 110 -9.12 10.79 -2.91
CA ASP I 110 -8.59 10.40 -4.20
C ASP I 110 -9.64 10.40 -5.31
N ILE I 111 -10.91 10.64 -4.99
CA ILE I 111 -11.97 10.56 -5.98
C ILE I 111 -12.87 11.80 -5.90
N VAL I 112 -12.43 12.84 -5.18
CA VAL I 112 -13.26 14.03 -5.03
C VAL I 112 -13.48 14.69 -6.39
N ARG I 113 -12.43 14.76 -7.22
CA ARG I 113 -12.48 15.46 -8.49
C ARG I 113 -12.93 14.56 -9.64
N LEU I 114 -13.67 13.50 -9.35
CA LEU I 114 -14.09 12.53 -10.36
C LEU I 114 -15.61 12.43 -10.37
N ASN I 115 -16.15 12.25 -11.58
CA ASN I 115 -17.60 12.18 -11.80
C ASN I 115 -18.06 10.76 -11.52
N ALA I 116 -18.71 10.57 -10.37
CA ALA I 116 -19.24 9.27 -10.01
C ALA I 116 -20.54 8.98 -10.77
N ILE I 117 -20.95 7.72 -10.74
CA ILE I 117 -22.16 7.26 -11.41
C ILE I 117 -23.12 6.77 -10.33
N ASP I 118 -24.40 7.07 -10.51
CA ASP I 118 -25.42 6.79 -9.51
C ASP I 118 -26.11 5.47 -9.82
N PHE I 119 -25.93 4.49 -8.94
CA PHE I 119 -26.70 3.25 -8.94
C PHE I 119 -27.77 3.24 -7.86
N LYS I 120 -27.91 4.33 -7.12
CA LYS I 120 -28.79 4.33 -5.95
C LYS I 120 -30.25 4.16 -6.35
N MET I 121 -30.66 4.80 -7.46
CA MET I 121 -32.06 4.73 -7.88
C MET I 121 -32.38 3.37 -8.49
N SER I 122 -31.61 2.94 -9.49
CA SER I 122 -31.83 1.67 -10.13
C SER I 122 -30.52 1.18 -10.74
N TRP I 123 -30.33 -0.14 -10.73
CA TRP I 123 -29.07 -0.69 -11.23
C TRP I 123 -29.00 -0.69 -12.75
N ALA I 124 -30.15 -0.79 -13.43
CA ALA I 124 -30.14 -0.73 -14.88
C ALA I 124 -29.81 0.68 -15.37
N ARG I 125 -30.27 1.69 -14.65
CA ARG I 125 -29.95 3.07 -14.99
C ARG I 125 -28.44 3.29 -14.92
N GLY I 126 -27.81 2.87 -13.82
CA GLY I 126 -26.37 3.00 -13.73
C GLY I 126 -25.64 2.13 -14.75
N LEU I 127 -26.20 0.96 -15.05
CA LEU I 127 -25.60 0.09 -16.05
C LEU I 127 -25.56 0.80 -17.41
N LYS I 128 -26.64 1.47 -17.78
CA LYS I 128 -26.62 2.21 -19.04
C LYS I 128 -25.78 3.48 -18.95
N ASP I 129 -25.67 4.08 -17.77
CA ASP I 129 -24.70 5.17 -17.62
C ASP I 129 -23.31 4.69 -18.00
N ILE I 130 -22.89 3.55 -17.43
CA ILE I 130 -21.54 3.05 -17.71
C ILE I 130 -21.43 2.57 -19.15
N LEU I 131 -22.48 1.97 -19.71
CA LEU I 131 -22.42 1.56 -21.11
C LEU I 131 -22.28 2.77 -22.05
N GLU I 132 -23.02 3.85 -21.79
CA GLU I 132 -22.85 5.06 -22.58
C GLU I 132 -21.42 5.59 -22.46
N ALA I 133 -20.89 5.62 -21.24
CA ALA I 133 -19.51 6.09 -21.07
C ALA I 133 -18.54 5.23 -21.85
N PHE I 134 -18.75 3.90 -21.83
CA PHE I 134 -17.86 3.00 -22.55
C PHE I 134 -17.97 3.19 -24.05
N GLU I 135 -19.19 3.38 -24.55
CA GLU I 135 -19.36 3.67 -25.97
C GLU I 135 -18.60 4.94 -26.35
N LYS I 136 -18.72 5.98 -25.54
CA LYS I 136 -18.03 7.25 -25.85
C LYS I 136 -16.53 7.08 -25.80
N GLN I 137 -16.00 6.41 -24.76
CA GLN I 137 -14.56 6.27 -24.59
C GLN I 137 -13.97 5.17 -25.45
N LYS I 138 -14.80 4.35 -26.10
CA LYS I 138 -14.34 3.34 -27.05
C LYS I 138 -13.47 2.29 -26.33
N VAL I 139 -14.04 1.69 -25.29
CA VAL I 139 -13.37 0.59 -24.62
C VAL I 139 -13.43 -0.65 -25.52
N PRO I 140 -12.34 -1.42 -25.68
CA PRO I 140 -12.39 -2.55 -26.62
C PRO I 140 -13.43 -3.58 -26.24
N LYS I 141 -14.45 -3.74 -27.09
CA LYS I 141 -15.51 -4.72 -26.89
C LYS I 141 -15.17 -5.96 -27.71
N GLU I 142 -14.74 -7.02 -27.03
CA GLU I 142 -14.44 -8.28 -27.69
C GLU I 142 -15.76 -8.94 -28.03
N VAL I 143 -16.33 -8.56 -29.17
CA VAL I 143 -17.62 -9.10 -29.62
C VAL I 143 -17.32 -10.46 -30.26
N ALA I 144 -17.36 -11.52 -29.46
CA ALA I 144 -17.20 -12.88 -29.94
C ALA I 144 -18.53 -13.60 -30.06
N ASP I 145 -19.64 -12.87 -30.00
CA ASP I 145 -20.97 -13.46 -30.03
C ASP I 145 -21.85 -12.63 -30.96
N ALA I 146 -22.79 -13.31 -31.62
CA ALA I 146 -23.71 -12.67 -32.54
C ALA I 146 -25.13 -13.11 -32.23
N SER I 147 -26.07 -12.16 -32.31
CA SER I 147 -27.49 -12.36 -32.07
C SER I 147 -27.80 -12.66 -30.61
N LYS I 148 -26.81 -12.71 -29.73
CA LYS I 148 -27.02 -12.89 -28.29
C LYS I 148 -26.54 -11.70 -27.49
N SER I 149 -25.29 -11.29 -27.67
CA SER I 149 -24.78 -10.13 -26.94
C SER I 149 -25.41 -8.84 -27.44
N ASN I 150 -25.70 -8.74 -28.74
CA ASN I 150 -26.40 -7.57 -29.25
C ASN I 150 -27.83 -7.53 -28.74
N LEU I 151 -28.46 -8.70 -28.57
CA LEU I 151 -29.78 -8.72 -27.96
C LEU I 151 -29.72 -8.36 -26.47
N LEU I 152 -28.63 -8.69 -25.78
CA LEU I 152 -28.48 -8.23 -24.40
C LEU I 152 -28.27 -6.72 -24.35
N TYR I 153 -27.58 -6.17 -25.34
CA TYR I 153 -27.47 -4.73 -25.46
C TYR I 153 -28.84 -4.09 -25.71
N GLN I 154 -29.64 -4.72 -26.56
CA GLN I 154 -30.96 -4.20 -26.91
C GLN I 154 -31.94 -4.29 -25.75
N GLN I 155 -31.83 -5.33 -24.93
CA GLN I 155 -32.79 -5.51 -23.83
C GLN I 155 -32.79 -4.31 -22.90
N GLU I 168 -53.86 14.38 -29.57
CA GLU I 168 -54.45 13.49 -30.56
C GLU I 168 -55.96 13.65 -30.53
N ILE I 169 -56.58 13.53 -31.70
CA ILE I 169 -58.02 13.63 -31.86
C ILE I 169 -58.52 12.31 -32.43
N TYR I 170 -59.53 11.74 -31.79
CA TYR I 170 -60.11 10.47 -32.19
C TYR I 170 -61.53 10.65 -32.68
N ASP I 171 -61.98 9.74 -33.53
CA ASP I 171 -63.37 9.66 -33.93
C ASP I 171 -64.08 8.66 -33.02
N SER I 172 -65.39 8.49 -33.24
CA SER I 172 -66.18 7.56 -32.46
C SER I 172 -67.39 7.13 -33.28
N ASN I 173 -68.26 6.32 -32.68
CA ASN I 173 -69.45 5.81 -33.33
C ASN I 173 -70.71 6.37 -32.69
N TRP I 174 -70.64 7.58 -32.15
CA TRP I 174 -71.77 8.25 -31.54
C TRP I 174 -72.21 9.41 -32.41
N LEU I 175 -73.50 9.48 -32.71
CA LEU I 175 -74.07 10.55 -33.51
C LEU I 175 -75.03 11.34 -32.62
N SER I 176 -74.61 12.54 -32.23
CA SER I 176 -75.41 13.35 -31.33
C SER I 176 -76.73 13.77 -31.99
N ILE I 177 -77.75 13.95 -31.16
CA ILE I 177 -79.06 14.37 -31.63
C ILE I 177 -79.12 15.89 -31.50
N LEU I 178 -79.30 16.57 -32.64
CA LEU I 178 -79.21 18.02 -32.65
C LEU I 178 -80.46 18.69 -32.09
N SER I 179 -81.64 18.12 -32.31
CA SER I 179 -82.87 18.78 -31.91
C SER I 179 -83.95 17.74 -31.62
N PHE I 180 -84.94 18.17 -30.84
CA PHE I 180 -86.12 17.39 -30.48
C PHE I 180 -87.37 18.18 -30.80
N PRO I 181 -88.48 17.50 -31.11
CA PRO I 181 -89.75 18.20 -31.19
C PRO I 181 -90.16 18.75 -29.82
N GLU I 182 -90.94 19.83 -29.85
CA GLU I 182 -91.17 20.62 -28.64
C GLU I 182 -92.00 19.84 -27.62
N GLU I 183 -93.11 19.25 -28.04
CA GLU I 183 -94.07 18.65 -27.13
C GLU I 183 -94.15 17.15 -27.33
N LEU I 184 -94.42 16.44 -26.24
CA LEU I 184 -94.57 14.98 -26.26
C LEU I 184 -96.02 14.56 -26.41
N ARG I 185 -96.90 15.09 -25.55
CA ARG I 185 -98.35 15.03 -25.71
C ARG I 185 -98.91 13.61 -25.72
N VAL I 199 -100.99 -0.86 -32.53
CA VAL I 199 -100.61 0.49 -32.92
C VAL I 199 -99.26 0.56 -33.61
N ARG I 200 -98.42 -0.47 -33.47
CA ARG I 200 -97.10 -0.44 -34.08
C ARG I 200 -97.14 -0.55 -35.60
N GLU I 201 -98.30 -0.87 -36.18
CA GLU I 201 -98.43 -1.02 -37.62
C GLU I 201 -98.95 0.23 -38.32
N LEU I 202 -99.15 1.33 -37.60
CA LEU I 202 -99.62 2.55 -38.23
C LEU I 202 -98.45 3.36 -38.77
N THR I 203 -98.76 4.43 -39.51
CA THR I 203 -97.75 5.09 -40.32
C THR I 203 -96.64 5.70 -39.47
N PHE I 204 -96.99 6.46 -38.44
CA PHE I 204 -96.00 7.15 -37.63
C PHE I 204 -95.70 6.38 -36.36
N PRO I 205 -94.63 6.72 -35.64
CA PRO I 205 -94.31 6.03 -34.39
C PRO I 205 -95.33 6.38 -33.31
N ALA I 206 -96.00 5.35 -32.78
CA ALA I 206 -97.00 5.53 -31.74
C ALA I 206 -96.80 4.45 -30.68
N VAL I 207 -97.10 4.80 -29.43
CA VAL I 207 -96.94 3.91 -28.29
C VAL I 207 -98.22 3.93 -27.47
N ARG I 208 -98.70 2.74 -27.11
CA ARG I 208 -99.86 2.62 -26.23
C ARG I 208 -99.47 2.88 -24.78
N TYR I 209 -100.34 3.56 -24.05
CA TYR I 209 -100.10 3.83 -22.63
C TYR I 209 -101.44 4.12 -21.98
N LYS I 210 -101.88 3.21 -21.11
CA LYS I 210 -103.17 3.35 -20.43
C LYS I 210 -104.24 3.47 -21.51
N ASN I 211 -105.27 4.29 -21.30
CA ASN I 211 -106.24 4.59 -22.35
C ASN I 211 -105.79 5.73 -23.24
N TYR I 212 -104.62 6.32 -22.97
CA TYR I 212 -104.07 7.38 -23.77
C TYR I 212 -103.24 6.81 -24.92
N LEU I 213 -102.67 7.70 -25.73
CA LEU I 213 -101.72 7.32 -26.76
C LEU I 213 -100.57 8.31 -26.73
N CYS I 214 -99.34 7.79 -26.73
CA CYS I 214 -98.14 8.62 -26.67
C CYS I 214 -97.52 8.68 -28.05
N THR I 215 -97.26 9.90 -28.53
CA THR I 215 -96.66 10.10 -29.85
C THR I 215 -96.38 11.58 -30.03
N PHE I 216 -95.45 11.88 -30.95
CA PHE I 216 -95.16 13.24 -31.33
C PHE I 216 -96.12 13.79 -32.38
N ILE I 240 -96.38 17.76 -22.42
CA ILE I 240 -95.24 17.95 -21.54
C ILE I 240 -94.08 18.44 -22.40
N PRO I 241 -93.49 19.60 -22.11
CA PRO I 241 -92.29 20.01 -22.85
C PRO I 241 -91.17 18.97 -22.70
N THR I 242 -90.45 18.73 -23.79
CA THR I 242 -89.37 17.77 -23.77
C THR I 242 -88.07 18.34 -23.21
N GLU I 243 -87.95 19.66 -23.10
CA GLU I 243 -86.77 20.25 -22.47
C GLU I 243 -86.71 19.90 -21.00
N GLU I 244 -87.86 19.75 -20.34
CA GLU I 244 -87.89 19.42 -18.93
C GLU I 244 -87.98 17.92 -18.68
N ILE I 245 -88.45 17.13 -19.65
CA ILE I 245 -88.41 15.68 -19.50
C ILE I 245 -86.98 15.20 -19.42
N LEU I 246 -86.11 15.74 -20.27
CA LEU I 246 -84.71 15.35 -20.29
C LEU I 246 -83.88 16.25 -19.37
N SER I 247 -84.37 16.44 -18.15
CA SER I 247 -83.62 17.15 -17.12
C SER I 247 -83.85 16.58 -15.73
N GLY I 248 -84.61 15.50 -15.59
CA GLY I 248 -84.97 15.00 -14.27
C GLY I 248 -85.84 15.96 -13.49
N SER I 249 -86.78 16.62 -14.15
CA SER I 249 -87.64 17.62 -13.53
C SER I 249 -89.10 17.17 -13.44
N TYR I 250 -89.73 16.86 -14.57
CA TYR I 250 -91.14 16.53 -14.56
C TYR I 250 -91.39 15.26 -13.75
N ASP I 251 -92.43 15.31 -12.91
CA ASP I 251 -92.89 14.14 -12.17
C ASP I 251 -94.37 14.33 -11.87
N SER I 252 -95.12 13.25 -11.94
CA SER I 252 -96.56 13.29 -11.71
C SER I 252 -97.08 11.88 -11.56
N ASN I 253 -98.25 11.76 -10.91
CA ASN I 253 -98.87 10.45 -10.74
C ASN I 253 -99.37 9.87 -12.05
N PHE I 254 -99.41 10.66 -13.13
CA PHE I 254 -99.76 10.12 -14.42
C PHE I 254 -98.61 9.29 -15.00
N ILE I 255 -97.38 9.75 -14.84
CA ILE I 255 -96.22 9.06 -15.38
C ILE I 255 -94.99 9.55 -14.63
N ARG I 256 -93.97 8.70 -14.56
CA ARG I 256 -92.70 9.05 -13.96
C ARG I 256 -91.70 9.47 -15.02
N ASN I 257 -90.68 10.22 -14.59
CA ASN I 257 -89.72 10.76 -15.53
C ASN I 257 -88.92 9.66 -16.23
N ALA I 258 -88.49 8.64 -15.47
CA ALA I 258 -87.74 7.55 -16.08
C ALA I 258 -88.56 6.81 -17.11
N GLU I 259 -89.83 6.55 -16.80
CA GLU I 259 -90.72 5.90 -17.76
C GLU I 259 -90.90 6.77 -19.00
N CYS I 260 -90.99 8.09 -18.80
CA CYS I 260 -91.14 8.99 -19.94
C CYS I 260 -89.90 8.96 -20.84
N LYS I 261 -88.71 8.93 -20.23
CA LYS I 261 -87.49 8.81 -21.02
C LYS I 261 -87.46 7.49 -21.77
N ARG I 262 -87.89 6.40 -21.13
CA ARG I 262 -87.95 5.11 -21.79
C ARG I 262 -88.89 5.16 -23.00
N LEU I 263 -90.05 5.79 -22.83
CA LEU I 263 -91.00 5.89 -23.94
C LEU I 263 -90.42 6.73 -25.07
N ILE I 264 -89.71 7.81 -24.74
CA ILE I 264 -89.08 8.62 -25.79
C ILE I 264 -88.04 7.80 -26.54
N VAL I 265 -87.26 6.98 -25.82
CA VAL I 265 -86.26 6.14 -26.48
C VAL I 265 -86.94 5.15 -27.40
N GLN I 266 -88.04 4.55 -26.95
CA GLN I 266 -88.78 3.62 -27.81
C GLN I 266 -89.29 4.31 -29.06
N LEU I 267 -89.83 5.52 -28.92
CA LEU I 267 -90.29 6.27 -30.09
C LEU I 267 -89.15 6.55 -31.05
N LEU I 268 -87.99 6.94 -30.52
CA LEU I 268 -86.84 7.22 -31.37
C LEU I 268 -86.39 5.97 -32.12
N ASN I 269 -86.36 4.82 -31.44
CA ASN I 269 -85.95 3.59 -32.10
C ASN I 269 -86.92 3.20 -33.20
N LYS I 270 -88.23 3.31 -32.95
CA LYS I 270 -89.20 3.01 -33.99
C LYS I 270 -89.05 3.97 -35.17
N ALA I 271 -88.81 5.26 -34.88
CA ALA I 271 -88.62 6.22 -35.95
C ALA I 271 -87.41 5.86 -36.80
N PHE I 272 -86.31 5.46 -36.17
CA PHE I 272 -85.13 5.07 -36.93
C PHE I 272 -85.40 3.84 -37.78
N GLU I 273 -86.12 2.86 -37.22
CA GLU I 273 -86.47 1.67 -37.99
C GLU I 273 -87.26 2.06 -39.24
N LEU I 274 -88.30 2.86 -39.07
CA LEU I 274 -89.10 3.27 -40.22
C LEU I 274 -88.28 4.09 -41.21
N ARG I 275 -87.40 4.95 -40.70
CA ARG I 275 -86.60 5.80 -41.58
C ARG I 275 -85.67 4.98 -42.45
N MET I 276 -85.03 3.96 -41.87
CA MET I 276 -84.17 3.10 -42.66
C MET I 276 -84.98 2.18 -43.57
N LYS I 277 -86.21 1.87 -43.22
CA LYS I 277 -87.10 1.20 -44.17
C LYS I 277 -87.41 2.11 -45.36
N ASP I 278 -87.49 3.41 -45.11
CA ASP I 278 -87.78 4.38 -46.18
C ASP I 278 -86.55 4.75 -46.99
N LYS I 279 -85.36 4.31 -46.58
CA LYS I 279 -84.14 4.53 -47.34
C LYS I 279 -83.85 3.41 -48.33
N GLU I 280 -84.66 2.35 -48.33
CA GLU I 280 -84.45 1.21 -49.22
C GLU I 280 -83.08 0.58 -48.99
N VAL I 281 -82.89 0.07 -47.77
CA VAL I 281 -81.66 -0.63 -47.39
C VAL I 281 -82.05 -2.00 -46.88
N GLN I 282 -81.43 -3.04 -47.43
CA GLN I 282 -81.76 -4.41 -47.05
C GLN I 282 -81.38 -4.66 -45.60
N GLU I 283 -82.14 -5.54 -44.95
CA GLU I 283 -82.04 -5.77 -43.52
C GLU I 283 -81.68 -7.21 -43.21
N TYR I 284 -80.91 -7.38 -42.14
CA TYR I 284 -80.50 -8.70 -41.65
C TYR I 284 -80.89 -8.79 -40.18
N GLU I 285 -81.67 -9.81 -39.83
CA GLU I 285 -82.19 -9.98 -38.47
C GLU I 285 -81.16 -10.74 -37.63
N MET I 286 -80.49 -10.02 -36.74
CA MET I 286 -79.50 -10.64 -35.85
C MET I 286 -80.24 -11.34 -34.70
N SER I 287 -79.49 -11.76 -33.68
CA SER I 287 -80.08 -12.55 -32.61
C SER I 287 -81.13 -11.76 -31.84
N ASN I 288 -80.85 -10.49 -31.55
CA ASN I 288 -81.80 -9.64 -30.83
C ASN I 288 -82.07 -8.35 -31.57
N LYS I 289 -81.06 -7.83 -32.27
CA LYS I 289 -81.14 -6.55 -32.97
C LYS I 289 -81.23 -6.80 -34.48
N THR I 290 -81.24 -5.70 -35.23
CA THR I 290 -81.33 -5.73 -36.69
C THR I 290 -80.20 -4.92 -37.28
N ALA I 291 -79.78 -5.30 -38.49
CA ALA I 291 -78.70 -4.64 -39.20
C ALA I 291 -79.17 -4.29 -40.62
N TYR I 292 -78.50 -3.31 -41.21
CA TYR I 292 -78.85 -2.82 -42.54
C TYR I 292 -77.62 -2.80 -43.43
N TRP I 293 -77.80 -3.16 -44.70
CA TRP I 293 -76.70 -3.24 -45.65
C TRP I 293 -77.24 -2.94 -47.04
N LEU I 294 -76.32 -2.61 -47.95
CA LEU I 294 -76.66 -2.17 -49.30
C LEU I 294 -76.42 -3.30 -50.30
N GLU I 295 -77.36 -3.44 -51.24
CA GLU I 295 -77.27 -4.46 -52.26
C GLU I 295 -76.13 -4.16 -53.24
N LYS I 296 -75.57 -5.23 -53.80
CA LYS I 296 -74.52 -5.08 -54.80
C LYS I 296 -75.08 -4.41 -56.05
N GLY I 297 -74.33 -3.42 -56.57
CA GLY I 297 -74.79 -2.63 -57.69
C GLY I 297 -75.57 -1.39 -57.31
N LYS I 298 -76.06 -1.30 -56.07
CA LYS I 298 -76.80 -0.12 -55.67
C LYS I 298 -75.93 1.13 -55.72
N LEU I 299 -74.70 1.03 -55.24
CA LEU I 299 -73.76 2.13 -55.32
C LEU I 299 -73.00 2.08 -56.64
N GLU I 300 -72.43 3.22 -57.03
CA GLU I 300 -71.69 3.32 -58.28
C GLU I 300 -70.38 2.55 -58.13
N LYS I 301 -70.35 1.33 -58.67
CA LYS I 301 -69.17 0.46 -58.58
C LYS I 301 -68.89 0.07 -57.13
N ASP I 302 -69.93 0.02 -56.30
CA ASP I 302 -69.80 -0.37 -54.90
C ASP I 302 -68.81 0.53 -54.18
N LYS I 303 -68.95 1.84 -54.37
CA LYS I 303 -68.06 2.81 -53.75
C LYS I 303 -68.82 4.11 -53.53
N PHE I 304 -68.63 4.70 -52.36
CA PHE I 304 -69.20 5.99 -52.02
C PHE I 304 -68.10 6.85 -51.41
N GLU I 305 -67.66 7.87 -52.14
CA GLU I 305 -66.62 8.79 -51.69
C GLU I 305 -65.34 8.02 -51.33
N LYS I 306 -64.76 7.42 -52.37
CA LYS I 306 -63.48 6.70 -52.29
C LYS I 306 -63.44 5.69 -51.14
N THR I 307 -64.59 5.12 -50.79
CA THR I 307 -64.66 4.03 -49.82
C THR I 307 -65.53 2.93 -50.40
N MET I 308 -65.16 1.69 -50.12
CA MET I 308 -65.83 0.51 -50.69
C MET I 308 -66.65 -0.17 -49.61
N LEU I 309 -67.96 -0.31 -49.86
CA LEU I 309 -68.88 -0.93 -48.93
C LEU I 309 -69.36 -2.31 -49.37
N VAL I 310 -68.89 -2.80 -50.51
CA VAL I 310 -69.20 -4.15 -50.98
C VAL I 310 -67.99 -4.67 -51.75
N GLY I 311 -67.62 -5.92 -51.49
CA GLY I 311 -66.42 -6.47 -52.09
C GLY I 311 -66.50 -7.95 -52.39
N LYS I 312 -65.35 -8.61 -52.45
CA LYS I 312 -65.25 -9.98 -52.90
C LYS I 312 -64.47 -10.81 -51.90
N GLN I 313 -64.92 -12.04 -51.67
CA GLN I 313 -64.14 -13.03 -50.91
C GLN I 313 -64.49 -14.41 -51.47
N LYS I 314 -63.64 -14.93 -52.34
CA LYS I 314 -63.75 -16.28 -52.86
C LYS I 314 -65.15 -16.44 -53.47
N ASP I 315 -65.92 -17.47 -53.11
CA ASP I 315 -67.24 -17.70 -53.66
C ASP I 315 -68.33 -16.92 -52.94
N LYS I 316 -67.97 -15.86 -52.22
CA LYS I 316 -68.93 -15.07 -51.48
C LYS I 316 -68.63 -13.59 -51.66
N ASN I 317 -69.67 -12.78 -51.48
CA ASN I 317 -69.52 -11.35 -51.32
C ASN I 317 -69.48 -11.00 -49.84
N TRP I 318 -69.02 -9.78 -49.55
CA TRP I 318 -69.05 -9.26 -48.19
C TRP I 318 -69.66 -7.86 -48.22
N HIS I 319 -70.57 -7.61 -47.28
CA HIS I 319 -71.30 -6.35 -47.21
C HIS I 319 -71.12 -5.74 -45.83
N PHE I 320 -70.70 -4.48 -45.80
CA PHE I 320 -70.59 -3.73 -44.56
C PHE I 320 -71.98 -3.33 -44.08
N ALA I 321 -72.29 -3.63 -42.82
CA ALA I 321 -73.60 -3.38 -42.26
C ALA I 321 -73.46 -2.60 -40.95
N ILE I 322 -74.51 -1.87 -40.60
CA ILE I 322 -74.55 -1.14 -39.34
C ILE I 322 -75.90 -1.35 -38.68
N SER I 323 -75.94 -1.10 -37.37
CA SER I 323 -77.16 -1.12 -36.59
C SER I 323 -77.13 0.06 -35.62
N GLY I 324 -78.30 0.51 -35.21
CA GLY I 324 -78.42 1.73 -34.42
C GLY I 324 -79.29 1.54 -33.19
N ALA I 325 -78.84 2.10 -32.08
CA ALA I 325 -79.59 2.11 -30.84
C ALA I 325 -79.53 3.51 -30.24
N SER I 326 -80.69 4.03 -29.82
CA SER I 326 -80.80 5.38 -29.31
C SER I 326 -80.75 5.37 -27.79
N LYS I 327 -79.92 6.23 -27.22
CA LYS I 327 -79.72 6.30 -25.78
C LYS I 327 -79.79 7.75 -25.33
N LEU I 328 -80.12 7.93 -24.05
CA LEU I 328 -80.19 9.25 -23.44
C LEU I 328 -79.12 9.47 -22.37
N TYR I 329 -78.25 8.49 -22.13
CA TYR I 329 -77.14 8.61 -21.20
C TYR I 329 -75.84 8.32 -21.92
N PRO I 330 -74.80 9.14 -21.76
CA PRO I 330 -74.71 10.34 -20.90
C PRO I 330 -75.33 11.57 -21.55
N PHE I 331 -75.59 11.52 -22.86
CA PHE I 331 -76.34 12.57 -23.55
C PHE I 331 -77.01 11.95 -24.76
N PRO I 332 -78.05 12.58 -25.30
CA PRO I 332 -78.77 11.99 -26.43
C PRO I 332 -77.86 11.70 -27.60
N VAL I 333 -77.70 10.42 -27.92
CA VAL I 333 -76.85 9.97 -29.01
C VAL I 333 -77.52 8.81 -29.72
N LEU I 334 -76.93 8.42 -30.85
CA LEU I 334 -77.36 7.27 -31.63
C LEU I 334 -76.14 6.38 -31.82
N MET I 335 -76.04 5.33 -31.00
CA MET I 335 -74.87 4.46 -31.05
C MET I 335 -74.95 3.52 -32.25
N ILE I 336 -73.84 3.42 -32.98
CA ILE I 336 -73.75 2.65 -34.20
C ILE I 336 -72.78 1.49 -34.00
N SER I 337 -73.15 0.32 -34.48
CA SER I 337 -72.32 -0.88 -34.41
C SER I 337 -72.05 -1.39 -35.83
N SER I 338 -70.85 -1.92 -36.05
CA SER I 338 -70.40 -2.36 -37.36
C SER I 338 -70.47 -3.88 -37.46
N HIS I 339 -70.88 -4.37 -38.63
CA HIS I 339 -71.01 -5.79 -38.88
C HIS I 339 -70.68 -6.08 -40.34
N ILE I 340 -70.35 -7.34 -40.62
CA ILE I 340 -70.10 -7.83 -41.97
C ILE I 340 -71.01 -9.01 -42.24
N PHE I 341 -71.71 -8.98 -43.38
CA PHE I 341 -72.62 -10.05 -43.76
C PHE I 341 -72.29 -10.49 -45.18
N PHE I 342 -72.47 -11.78 -45.45
CA PHE I 342 -71.99 -12.41 -46.67
C PHE I 342 -73.16 -13.01 -47.44
N THR I 343 -73.24 -12.67 -48.72
CA THR I 343 -74.32 -13.12 -49.60
C THR I 343 -73.76 -14.05 -50.66
N ALA I 344 -74.53 -15.09 -51.00
CA ALA I 344 -74.04 -16.12 -51.92
C ALA I 344 -73.68 -15.51 -53.27
N ASP I 345 -74.66 -14.97 -53.98
CA ASP I 345 -74.46 -14.39 -55.30
C ASP I 345 -74.45 -12.88 -55.30
N GLY I 346 -74.28 -12.25 -54.13
CA GLY I 346 -74.33 -10.81 -54.02
C GLY I 346 -75.69 -10.24 -53.73
N LYS I 347 -76.73 -11.05 -53.72
CA LYS I 347 -78.10 -10.59 -53.45
C LYS I 347 -78.79 -11.40 -52.36
N LYS I 348 -78.52 -12.70 -52.28
CA LYS I 348 -79.17 -13.58 -51.32
C LYS I 348 -78.18 -13.97 -50.24
N LEU I 349 -78.63 -13.92 -48.99
CA LEU I 349 -77.79 -14.29 -47.87
C LEU I 349 -77.70 -15.81 -47.74
N ILE I 350 -76.84 -16.26 -46.81
CA ILE I 350 -76.64 -17.67 -46.55
C ILE I 350 -77.40 -18.04 -45.29
N ASP I 351 -78.30 -19.02 -45.40
CA ASP I 351 -79.11 -19.47 -44.27
C ASP I 351 -78.33 -20.45 -43.40
N SER I 352 -77.21 -19.97 -42.87
CA SER I 352 -76.36 -20.78 -42.00
C SER I 352 -75.47 -19.85 -41.21
N SER I 353 -75.57 -19.90 -39.88
CA SER I 353 -74.76 -19.04 -39.03
C SER I 353 -73.32 -19.50 -38.92
N SER I 354 -73.05 -20.79 -39.10
CA SER I 354 -71.68 -21.28 -39.01
C SER I 354 -70.81 -20.68 -40.11
N VAL I 355 -71.27 -20.77 -41.36
CA VAL I 355 -70.48 -20.23 -42.47
C VAL I 355 -70.39 -18.72 -42.38
N GLN I 356 -71.47 -18.07 -41.94
CA GLN I 356 -71.44 -16.62 -41.76
C GLN I 356 -70.37 -16.23 -40.74
N HIS I 357 -70.34 -16.94 -39.61
CA HIS I 357 -69.34 -16.64 -38.58
C HIS I 357 -67.92 -16.88 -39.11
N SER I 358 -67.70 -17.99 -39.81
CA SER I 358 -66.37 -18.28 -40.32
C SER I 358 -65.92 -17.23 -41.32
N SER I 359 -66.79 -16.86 -42.25
CA SER I 359 -66.43 -15.86 -43.26
C SER I 359 -66.20 -14.50 -42.62
N ARG I 360 -67.01 -14.14 -41.63
CA ARG I 360 -66.82 -12.87 -40.95
C ARG I 360 -65.49 -12.85 -40.20
N ARG I 361 -65.12 -13.98 -39.60
CA ARG I 361 -63.81 -14.08 -38.97
C ARG I 361 -62.68 -13.92 -40.00
N ARG I 362 -62.84 -14.51 -41.18
CA ARG I 362 -61.79 -14.41 -42.18
C ARG I 362 -61.65 -12.99 -42.73
N GLN I 363 -62.76 -12.26 -42.87
CA GLN I 363 -62.70 -10.97 -43.55
C GLN I 363 -62.05 -9.91 -42.66
N GLY I 364 -62.34 -9.91 -41.38
CA GLY I 364 -61.81 -8.90 -40.48
C GLY I 364 -60.37 -9.11 -40.09
N LYS I 365 -59.78 -10.23 -40.48
CA LYS I 365 -58.40 -10.52 -40.09
C LYS I 365 -57.44 -9.49 -40.64
N ASN I 366 -57.70 -8.97 -41.84
CA ASN I 366 -56.81 -8.01 -42.48
C ASN I 366 -57.20 -6.56 -42.23
N TRP I 367 -58.46 -6.28 -41.91
CA TRP I 367 -58.89 -4.92 -41.62
C TRP I 367 -58.23 -4.41 -40.35
N TRP I 368 -58.09 -3.08 -40.27
CA TRP I 368 -57.46 -2.43 -39.13
C TRP I 368 -58.26 -1.17 -38.80
N ASN I 369 -57.68 -0.31 -37.96
CA ASN I 369 -58.40 0.84 -37.45
C ASN I 369 -58.94 1.72 -38.57
N ASN I 370 -58.07 2.08 -39.53
CA ASN I 370 -58.48 3.02 -40.56
C ASN I 370 -59.60 2.44 -41.43
N THR I 371 -59.53 1.15 -41.74
CA THR I 371 -60.56 0.54 -42.57
C THR I 371 -61.93 0.65 -41.91
N TRP I 372 -62.03 0.21 -40.65
CA TRP I 372 -63.30 0.28 -39.94
C TRP I 372 -63.79 1.72 -39.85
N ARG I 373 -62.90 2.63 -39.47
CA ARG I 373 -63.29 4.03 -39.29
C ARG I 373 -63.84 4.60 -40.58
N THR I 374 -63.10 4.47 -41.68
CA THR I 374 -63.52 5.07 -42.94
C THR I 374 -64.82 4.45 -43.43
N LYS I 375 -64.96 3.13 -43.30
CA LYS I 375 -66.19 2.50 -43.77
C LYS I 375 -67.39 2.99 -42.98
N LEU I 376 -67.27 3.09 -41.65
CA LEU I 376 -68.39 3.60 -40.85
C LEU I 376 -68.73 5.03 -41.24
N LEU I 377 -67.72 5.90 -41.33
CA LEU I 377 -67.99 7.30 -41.68
C LEU I 377 -68.61 7.41 -43.05
N ALA I 378 -68.14 6.59 -44.01
CA ALA I 378 -68.71 6.63 -45.35
C ALA I 378 -70.17 6.20 -45.34
N PHE I 379 -70.51 5.16 -44.58
CA PHE I 379 -71.90 4.75 -44.52
C PHE I 379 -72.78 5.85 -43.92
N ILE I 380 -72.30 6.48 -42.84
CA ILE I 380 -73.08 7.54 -42.20
C ILE I 380 -73.27 8.70 -43.17
N LYS I 381 -72.20 9.11 -43.87
CA LYS I 381 -72.34 10.18 -44.84
C LYS I 381 -73.27 9.79 -45.99
N TYR I 382 -73.31 8.51 -46.34
CA TYR I 382 -74.25 8.06 -47.36
C TYR I 382 -75.67 8.24 -46.88
N LEU I 383 -75.94 7.93 -45.61
CA LEU I 383 -77.28 8.15 -45.06
C LEU I 383 -77.57 9.62 -44.79
N SER I 384 -76.56 10.48 -44.78
CA SER I 384 -76.77 11.92 -44.56
C SER I 384 -77.87 12.44 -45.47
N ASP I 385 -78.54 13.51 -45.02
CA ASP I 385 -79.69 14.04 -45.75
C ASP I 385 -79.36 15.27 -46.58
N ASP I 386 -78.95 16.37 -45.93
CA ASP I 386 -78.69 17.60 -46.69
C ASP I 386 -77.24 18.07 -46.61
N ASP I 387 -76.73 18.46 -45.44
CA ASP I 387 -75.35 18.92 -45.36
C ASP I 387 -74.63 18.36 -44.13
N THR I 388 -75.33 18.36 -42.99
CA THR I 388 -74.72 17.95 -41.73
C THR I 388 -75.67 17.19 -40.82
N SER I 389 -76.89 16.89 -41.26
CA SER I 389 -77.90 16.31 -40.39
C SER I 389 -78.71 15.28 -41.17
N PHE I 390 -79.63 14.63 -40.47
CA PHE I 390 -80.44 13.57 -41.05
C PHE I 390 -81.64 13.36 -40.14
N TYR I 391 -82.84 13.57 -40.67
CA TYR I 391 -84.03 13.67 -39.83
C TYR I 391 -84.75 12.34 -39.69
N LEU I 392 -85.51 12.22 -38.62
CA LEU I 392 -86.43 11.11 -38.39
C LEU I 392 -87.84 11.69 -38.32
N GLU I 393 -88.75 11.15 -39.13
CA GLU I 393 -90.11 11.67 -39.22
C GLU I 393 -90.90 11.24 -37.99
N MET I 394 -91.13 12.18 -37.07
CA MET I 394 -91.85 11.90 -35.83
C MET I 394 -93.32 12.27 -35.89
N GLY I 395 -93.81 12.74 -37.03
CA GLY I 395 -95.21 13.10 -37.13
C GLY I 395 -95.50 13.82 -38.44
N SER I 396 -96.61 14.57 -38.44
CA SER I 396 -97.01 15.30 -39.64
C SER I 396 -95.97 16.35 -40.02
N GLU I 397 -95.43 17.04 -39.03
CA GLU I 397 -94.44 18.09 -39.28
C GLU I 397 -93.17 17.88 -38.46
N GLU I 398 -93.31 17.34 -37.26
CA GLU I 398 -92.19 17.26 -36.33
C GLU I 398 -91.09 16.37 -36.89
N LYS I 399 -89.85 16.68 -36.50
CA LYS I 399 -88.69 15.93 -36.95
C LYS I 399 -87.64 15.91 -35.85
N VAL I 400 -86.84 14.85 -35.84
CA VAL I 400 -85.68 14.72 -34.96
C VAL I 400 -84.45 14.69 -35.85
N PHE I 401 -83.51 15.59 -35.59
CA PHE I 401 -82.34 15.78 -36.44
C PHE I 401 -81.12 15.14 -35.80
N VAL I 402 -80.42 14.31 -36.57
CA VAL I 402 -79.23 13.59 -36.10
C VAL I 402 -78.05 14.03 -36.95
N SER I 403 -76.94 14.35 -36.27
CA SER I 403 -75.74 14.75 -36.98
C SER I 403 -75.15 13.56 -37.75
N ASN I 404 -74.55 13.86 -38.88
CA ASN I 404 -73.96 12.84 -39.75
C ASN I 404 -72.45 12.72 -39.58
N GLU I 405 -71.88 13.35 -38.55
CA GLU I 405 -70.49 13.17 -38.19
C GLU I 405 -70.41 12.76 -36.73
N PRO I 406 -69.46 11.90 -36.36
CA PRO I 406 -69.41 11.39 -34.99
C PRO I 406 -68.82 12.39 -34.01
N VAL I 407 -69.02 12.10 -32.72
CA VAL I 407 -68.47 12.93 -31.66
C VAL I 407 -66.96 12.76 -31.62
N LYS I 408 -66.25 13.87 -31.44
CA LYS I 408 -64.80 13.91 -31.52
C LYS I 408 -64.20 14.02 -30.13
N PHE I 409 -63.21 13.18 -29.84
CA PHE I 409 -62.52 13.19 -28.56
C PHE I 409 -61.10 13.72 -28.75
N LYS I 410 -60.54 14.26 -27.67
CA LYS I 410 -59.21 14.85 -27.70
C LYS I 410 -58.42 14.40 -26.47
N GLY I 411 -57.15 14.07 -26.68
CA GLY I 411 -56.25 13.72 -25.61
C GLY I 411 -54.96 14.53 -25.69
N ASN I 412 -54.05 14.22 -24.77
CA ASN I 412 -52.77 14.92 -24.69
C ASN I 412 -51.57 14.00 -24.73
N VAL I 413 -51.76 12.70 -24.94
CA VAL I 413 -50.69 11.71 -24.91
C VAL I 413 -50.86 10.79 -26.10
N SER I 414 -49.73 10.45 -26.74
CA SER I 414 -49.75 9.57 -27.91
C SER I 414 -48.45 8.78 -27.91
N TYR I 415 -48.16 8.14 -29.04
CA TYR I 415 -46.92 7.41 -29.23
C TYR I 415 -46.25 7.86 -30.52
N ASN I 416 -44.94 7.68 -30.58
CA ASN I 416 -44.16 8.11 -31.73
C ASN I 416 -44.38 7.23 -32.95
N ILE I 417 -45.11 6.12 -32.80
CA ILE I 417 -45.36 5.20 -33.90
C ILE I 417 -44.01 4.78 -34.47
N PRO I 418 -43.23 3.96 -33.76
CA PRO I 418 -41.94 3.48 -34.27
C PRO I 418 -42.08 2.35 -35.30
N GLU I 419 -42.89 2.61 -36.33
CA GLU I 419 -43.10 1.68 -37.44
C GLU I 419 -43.02 0.21 -37.02
N MET L 1 -66.46 18.51 -28.34
CA MET L 1 -65.09 18.00 -28.07
C MET L 1 -64.94 17.62 -26.60
N LYS L 2 -64.55 16.37 -26.37
CA LYS L 2 -64.38 15.83 -25.03
C LYS L 2 -62.90 15.62 -24.74
N GLU L 3 -62.58 15.38 -23.47
CA GLU L 3 -61.22 15.30 -22.99
C GLU L 3 -60.92 13.90 -22.45
N LEU L 4 -59.71 13.42 -22.72
CA LEU L 4 -59.25 12.11 -22.26
C LEU L 4 -58.06 12.30 -21.34
N ILE L 5 -58.08 11.63 -20.20
CA ILE L 5 -56.93 11.56 -19.32
C ILE L 5 -56.21 10.25 -19.56
N TYR L 6 -54.92 10.23 -19.21
CA TYR L 6 -54.09 9.05 -19.38
C TYR L 6 -53.53 8.62 -18.03
N ILE L 7 -53.51 7.31 -17.80
CA ILE L 7 -53.14 6.73 -16.51
C ILE L 7 -51.83 5.97 -16.68
N GLU L 8 -50.88 6.24 -15.79
CA GLU L 8 -49.55 5.66 -15.89
C GLU L 8 -49.57 4.17 -15.55
N GLU L 9 -48.55 3.46 -16.04
CA GLU L 9 -48.43 2.02 -15.84
C GLU L 9 -48.04 1.72 -14.38
N PRO L 10 -48.48 0.57 -13.83
CA PRO L 10 -48.29 0.32 -12.38
C PRO L 10 -46.90 -0.14 -11.96
N LYS L 11 -46.23 -0.96 -12.79
CA LYS L 11 -44.93 -1.55 -12.46
C LYS L 11 -45.04 -2.67 -11.43
N ILE L 12 -44.27 -3.75 -11.63
CA ILE L 12 -44.28 -4.92 -10.79
C ILE L 12 -42.84 -5.20 -10.33
N LEU L 13 -42.73 -5.95 -9.23
CA LEU L 13 -41.47 -6.08 -8.50
C LEU L 13 -40.89 -7.49 -8.63
N PHE L 14 -39.58 -7.57 -8.82
CA PHE L 14 -38.86 -8.83 -9.01
C PHE L 14 -37.69 -8.94 -8.04
N ALA L 15 -36.83 -9.93 -8.27
CA ALA L 15 -35.67 -10.14 -7.40
C ALA L 15 -34.80 -8.89 -7.34
N HIS L 16 -33.97 -8.83 -6.29
CA HIS L 16 -33.03 -7.74 -6.05
C HIS L 16 -33.73 -6.42 -5.76
N GLY L 17 -35.05 -6.40 -5.71
CA GLY L 17 -35.78 -5.16 -5.53
C GLY L 17 -35.84 -4.30 -6.78
N GLN L 18 -35.92 -4.94 -7.95
CA GLN L 18 -35.95 -4.23 -9.23
C GLN L 18 -37.36 -4.22 -9.80
N LYS L 19 -37.66 -3.19 -10.59
CA LYS L 19 -38.99 -2.96 -11.12
C LYS L 19 -38.98 -2.99 -12.65
N CYS L 20 -40.17 -3.17 -13.21
CA CYS L 20 -40.36 -3.24 -14.66
C CYS L 20 -41.85 -3.35 -14.93
N THR L 21 -42.24 -3.04 -16.16
CA THR L 21 -43.63 -3.13 -16.57
C THR L 21 -43.96 -4.46 -17.24
N ASP L 22 -42.98 -5.13 -17.83
CA ASP L 22 -43.19 -6.41 -18.51
C ASP L 22 -42.71 -7.54 -17.61
N ALA L 23 -43.56 -8.56 -17.42
CA ALA L 23 -43.18 -9.69 -16.59
C ALA L 23 -42.00 -10.45 -17.20
N ARG L 24 -42.00 -10.63 -18.51
CA ARG L 24 -40.97 -11.43 -19.16
C ARG L 24 -39.60 -10.81 -18.97
N ASP L 25 -39.47 -9.50 -19.20
CA ASP L 25 -38.18 -8.85 -19.05
C ASP L 25 -37.69 -8.91 -17.60
N GLY L 26 -38.60 -8.70 -16.64
CA GLY L 26 -38.20 -8.78 -15.25
C GLY L 26 -37.74 -10.16 -14.85
N LEU L 27 -38.44 -11.20 -15.29
CA LEU L 27 -38.03 -12.56 -14.98
C LEU L 27 -36.71 -12.91 -15.66
N ALA L 28 -36.49 -12.41 -16.88
CA ALA L 28 -35.25 -12.71 -17.58
C ALA L 28 -34.07 -12.01 -16.93
N LEU L 29 -34.22 -10.75 -16.53
CA LEU L 29 -33.08 -9.97 -16.06
C LEU L 29 -32.79 -10.16 -14.58
N PHE L 30 -33.82 -10.30 -13.74
CA PHE L 30 -33.64 -10.36 -12.30
C PHE L 30 -34.10 -11.67 -11.67
N GLY L 31 -35.11 -12.33 -12.21
CA GLY L 31 -35.54 -13.61 -11.71
C GLY L 31 -36.64 -13.52 -10.67
N PRO L 32 -37.11 -14.67 -10.19
CA PRO L 32 -38.27 -14.70 -9.30
C PRO L 32 -37.96 -14.16 -7.92
N LEU L 33 -39.02 -13.96 -7.14
CA LEU L 33 -38.89 -13.42 -5.79
C LEU L 33 -38.29 -14.45 -4.83
N ASN L 34 -38.98 -15.57 -4.63
CA ASN L 34 -38.54 -16.58 -3.69
C ASN L 34 -37.64 -17.59 -4.39
N ASN L 35 -37.05 -18.48 -3.60
CA ASN L 35 -36.05 -19.42 -4.08
C ASN L 35 -36.48 -20.84 -3.73
N LEU L 36 -37.04 -21.54 -4.71
CA LEU L 36 -37.20 -22.98 -4.62
C LEU L 36 -35.87 -23.67 -4.90
N TYR L 37 -35.78 -24.94 -4.51
CA TYR L 37 -34.60 -25.72 -4.81
C TYR L 37 -34.79 -26.56 -6.08
N GLY L 38 -36.00 -27.05 -6.29
CA GLY L 38 -36.31 -27.79 -7.51
C GLY L 38 -37.75 -28.26 -7.47
N ILE L 39 -38.21 -28.77 -8.61
CA ILE L 39 -39.56 -29.29 -8.77
C ILE L 39 -39.46 -30.78 -9.07
N LYS L 40 -40.13 -31.60 -8.28
CA LYS L 40 -40.25 -33.03 -8.52
C LYS L 40 -41.62 -33.29 -9.13
N SER L 41 -41.63 -33.92 -10.31
CA SER L 41 -42.83 -34.03 -11.12
C SER L 41 -43.39 -35.46 -11.05
N GLY L 42 -44.69 -35.56 -10.86
CA GLY L 42 -45.41 -36.81 -11.01
C GLY L 42 -46.26 -36.77 -12.27
N VAL L 43 -46.10 -37.79 -13.11
CA VAL L 43 -46.78 -37.88 -14.40
C VAL L 43 -47.73 -39.06 -14.36
N ILE L 44 -48.95 -38.85 -14.90
CA ILE L 44 -49.94 -39.90 -15.02
C ILE L 44 -50.48 -39.89 -16.44
N GLY L 45 -50.47 -41.05 -17.09
CA GLY L 45 -50.90 -41.13 -18.47
C GLY L 45 -50.35 -42.39 -19.11
N THR L 46 -50.40 -42.41 -20.44
CA THR L 46 -49.89 -43.55 -21.20
C THR L 46 -48.38 -43.42 -21.39
N LYS L 47 -47.80 -44.36 -22.14
CA LYS L 47 -46.38 -44.27 -22.47
C LYS L 47 -46.11 -43.20 -23.51
N GLN L 48 -47.04 -43.05 -24.47
CA GLN L 48 -46.90 -41.97 -25.45
C GLN L 48 -46.87 -40.61 -24.76
N GLY L 49 -47.76 -40.41 -23.78
CA GLY L 49 -47.76 -39.16 -23.04
C GLY L 49 -46.51 -38.96 -22.22
N LEU L 50 -45.99 -40.04 -21.63
CA LEU L 50 -44.75 -39.93 -20.87
C LEU L 50 -43.59 -39.52 -21.78
N LYS L 51 -43.49 -40.13 -22.95
CA LYS L 51 -42.44 -39.75 -23.89
C LYS L 51 -42.59 -38.29 -24.32
N ILE L 52 -43.83 -37.87 -24.61
CA ILE L 52 -44.06 -36.51 -25.07
C ILE L 52 -43.66 -35.52 -23.98
N PHE L 53 -44.05 -35.81 -22.73
CA PHE L 53 -43.70 -34.90 -21.62
C PHE L 53 -42.19 -34.85 -21.41
N ARG L 54 -41.52 -36.00 -21.46
CA ARG L 54 -40.06 -35.98 -21.31
C ARG L 54 -39.41 -35.16 -22.42
N ASP L 55 -39.86 -35.34 -23.66
CA ASP L 55 -39.30 -34.58 -24.76
C ASP L 55 -39.51 -33.09 -24.57
N TYR L 56 -40.70 -32.68 -24.14
CA TYR L 56 -40.94 -31.26 -23.93
C TYR L 56 -40.09 -30.72 -22.79
N LEU L 57 -39.95 -31.47 -21.69
CA LEU L 57 -39.07 -31.04 -20.62
C LEU L 57 -37.65 -30.83 -21.12
N ASP L 58 -37.15 -31.75 -21.95
CA ASP L 58 -35.81 -31.56 -22.51
C ASP L 58 -35.77 -30.37 -23.45
N HIS L 59 -36.89 -30.06 -24.11
CA HIS L 59 -36.90 -28.98 -25.10
C HIS L 59 -36.66 -27.63 -24.46
N ILE L 60 -37.25 -27.38 -23.29
CA ILE L 60 -37.25 -26.04 -22.70
C ILE L 60 -36.12 -25.84 -21.70
N GLN L 61 -35.11 -26.70 -21.72
CA GLN L 61 -33.91 -26.45 -20.91
C GLN L 61 -32.98 -25.46 -21.60
N LYS L 62 -32.94 -25.46 -22.92
CA LYS L 62 -32.11 -24.56 -23.71
C LYS L 62 -32.87 -23.27 -24.02
N PRO L 63 -32.16 -22.22 -24.45
CA PRO L 63 -32.85 -21.00 -24.87
C PRO L 63 -33.74 -21.25 -26.08
N ILE L 64 -34.90 -20.59 -26.08
CA ILE L 64 -35.84 -20.63 -27.19
C ILE L 64 -36.09 -19.21 -27.67
N TYR L 65 -36.25 -19.06 -28.98
CA TYR L 65 -36.34 -17.76 -29.62
C TYR L 65 -37.66 -17.61 -30.35
N ASN L 66 -38.22 -16.41 -30.31
CA ASN L 66 -39.43 -16.09 -31.05
C ASN L 66 -39.09 -15.45 -32.39
N SER L 67 -40.05 -15.47 -33.30
CA SER L 67 -39.84 -14.86 -34.61
C SER L 67 -39.61 -13.36 -34.48
N ASN L 68 -40.47 -12.67 -33.74
CA ASN L 68 -40.35 -11.24 -33.49
C ASN L 68 -39.99 -11.04 -32.02
N SER L 69 -38.73 -10.67 -31.77
CA SER L 69 -38.27 -10.50 -30.39
C SER L 69 -38.89 -9.28 -29.73
N ILE L 70 -39.12 -8.21 -30.50
CA ILE L 70 -39.66 -6.99 -29.91
C ILE L 70 -41.04 -7.25 -29.31
N THR L 71 -41.90 -7.92 -30.07
CA THR L 71 -43.24 -8.20 -29.58
C THR L 71 -43.21 -9.18 -28.41
N ARG L 72 -42.51 -10.31 -28.57
CA ARG L 72 -42.42 -11.34 -27.54
C ARG L 72 -40.96 -11.58 -27.18
N PRO L 73 -40.53 -11.29 -25.96
CA PRO L 73 -39.15 -11.57 -25.57
C PRO L 73 -38.81 -13.05 -25.71
N MET L 74 -37.51 -13.33 -25.77
CA MET L 74 -37.02 -14.70 -25.90
C MET L 74 -37.19 -15.46 -24.59
N PHE L 75 -37.08 -16.79 -24.68
CA PHE L 75 -37.02 -17.64 -23.51
C PHE L 75 -35.60 -18.11 -23.31
N PRO L 76 -34.92 -17.76 -22.22
CA PRO L 76 -33.50 -18.16 -22.07
C PRO L 76 -33.31 -19.52 -21.42
N GLY L 77 -34.36 -20.32 -21.33
CA GLY L 77 -34.28 -21.61 -20.66
C GLY L 77 -34.81 -21.53 -19.24
N PHE L 78 -35.24 -22.68 -18.72
CA PHE L 78 -35.94 -22.68 -17.44
C PHE L 78 -35.04 -22.22 -16.31
N GLU L 79 -33.86 -22.84 -16.17
CA GLU L 79 -33.04 -22.59 -14.99
C GLU L 79 -32.36 -21.24 -15.04
N ALA L 80 -32.03 -20.75 -16.23
CA ALA L 80 -31.49 -19.39 -16.35
C ALA L 80 -32.45 -18.36 -15.78
N VAL L 81 -33.75 -18.57 -15.95
CA VAL L 81 -34.76 -17.65 -15.45
C VAL L 81 -35.06 -17.89 -13.99
N PHE L 82 -35.33 -19.14 -13.59
CA PHE L 82 -35.98 -19.41 -12.32
C PHE L 82 -35.02 -19.86 -11.23
N ASP L 83 -33.76 -20.12 -11.54
CA ASP L 83 -32.74 -20.43 -10.53
C ASP L 83 -33.09 -21.68 -9.73
N CYS L 84 -33.85 -22.59 -10.33
CA CYS L 84 -34.18 -23.86 -9.71
C CYS L 84 -34.13 -24.93 -10.78
N LYS L 85 -34.33 -26.18 -10.38
CA LYS L 85 -34.14 -27.33 -11.24
C LYS L 85 -35.49 -28.01 -11.48
N TRP L 86 -35.82 -28.21 -12.75
CA TRP L 86 -37.04 -28.93 -13.16
C TRP L 86 -36.65 -29.69 -14.42
N GLU L 87 -36.27 -30.95 -14.24
CA GLU L 87 -35.69 -31.78 -15.29
C GLU L 87 -36.48 -33.07 -15.41
N SER L 88 -36.14 -33.86 -16.44
CA SER L 88 -36.77 -35.17 -16.63
C SER L 88 -35.99 -36.27 -15.93
N THR L 89 -35.67 -36.02 -14.66
CA THR L 89 -35.01 -37.01 -13.81
C THR L 89 -35.71 -37.06 -12.46
N GLY L 90 -36.61 -36.11 -12.21
CA GLY L 90 -37.44 -36.13 -11.02
C GLY L 90 -38.81 -36.69 -11.30
N ILE L 91 -38.97 -37.46 -12.44
CA ILE L 91 -40.28 -37.97 -12.87
C ILE L 91 -40.57 -39.28 -12.17
N THR L 92 -41.77 -39.37 -11.58
CA THR L 92 -42.30 -40.61 -11.04
C THR L 92 -43.58 -40.91 -11.80
N PHE L 93 -43.61 -42.05 -12.48
CA PHE L 93 -44.62 -42.34 -13.50
C PHE L 93 -45.62 -43.37 -13.00
N LYS L 94 -46.90 -43.11 -13.25
CA LYS L 94 -47.99 -44.03 -12.93
C LYS L 94 -48.74 -44.32 -14.23
N GLU L 95 -48.53 -45.50 -14.78
CA GLU L 95 -49.06 -45.82 -16.10
C GLU L 95 -50.58 -46.02 -16.06
N VAL L 96 -51.20 -45.62 -17.14
CA VAL L 96 -52.64 -45.82 -17.33
C VAL L 96 -52.81 -46.52 -18.67
N THR L 97 -53.16 -47.80 -18.64
CA THR L 97 -53.24 -48.57 -19.87
C THR L 97 -54.33 -48.04 -20.79
N ASN L 98 -54.13 -48.22 -22.09
CA ASN L 98 -55.08 -47.75 -23.10
C ASN L 98 -56.39 -48.53 -23.09
N GLU L 99 -56.36 -49.80 -22.64
CA GLU L 99 -57.58 -50.59 -22.64
C GLU L 99 -58.65 -49.95 -21.76
N ASP L 100 -58.25 -49.41 -20.61
CA ASP L 100 -59.22 -48.77 -19.73
C ASP L 100 -59.85 -47.55 -20.39
N ILE L 101 -59.02 -46.69 -20.98
CA ILE L 101 -59.55 -45.48 -21.62
C ILE L 101 -60.49 -45.86 -22.76
N GLY L 102 -60.15 -46.92 -23.50
CA GLY L 102 -61.04 -47.36 -24.55
C GLY L 102 -62.35 -47.91 -24.03
N LYS L 103 -62.29 -48.73 -22.98
CA LYS L 103 -63.48 -49.45 -22.53
C LYS L 103 -64.44 -48.56 -21.77
N PHE L 104 -63.94 -47.61 -20.98
CA PHE L 104 -64.84 -46.73 -20.25
C PHE L 104 -65.50 -45.71 -21.16
N LEU L 105 -64.83 -45.31 -22.23
CA LEU L 105 -65.38 -44.31 -23.15
C LEU L 105 -66.31 -44.97 -24.15
N TYR L 106 -67.26 -45.79 -23.69
CA TYR L 106 -68.12 -46.55 -24.58
C TYR L 106 -69.58 -46.59 -24.16
N ASN L 107 -69.96 -45.99 -23.03
CA ASN L 107 -71.33 -46.09 -22.56
C ASN L 107 -72.30 -45.19 -23.33
N SER L 108 -71.79 -44.29 -24.16
CA SER L 108 -72.60 -43.35 -24.94
C SER L 108 -73.32 -42.34 -24.05
N SER L 109 -73.12 -42.40 -22.74
CA SER L 109 -73.71 -41.46 -21.80
C SER L 109 -72.61 -40.54 -21.29
N THR L 110 -72.77 -39.24 -21.50
CA THR L 110 -71.72 -38.30 -21.14
C THR L 110 -71.43 -38.34 -19.64
N HIS L 111 -72.47 -38.38 -18.81
CA HIS L 111 -72.27 -38.31 -17.37
C HIS L 111 -71.53 -39.54 -16.86
N LYS L 112 -72.01 -40.73 -17.22
CA LYS L 112 -71.37 -41.95 -16.73
C LYS L 112 -69.94 -42.06 -17.21
N ARG L 113 -69.70 -41.81 -18.49
CA ARG L 113 -68.35 -41.94 -19.03
C ARG L 113 -67.41 -40.90 -18.41
N THR L 114 -67.88 -39.66 -18.24
CA THR L 114 -67.04 -38.65 -17.61
C THR L 114 -66.70 -39.03 -16.17
N TYR L 115 -67.69 -39.50 -15.41
CA TYR L 115 -67.43 -39.89 -14.03
C TYR L 115 -66.44 -41.04 -13.98
N ASP L 116 -66.61 -42.04 -14.84
CA ASP L 116 -65.71 -43.19 -14.84
C ASP L 116 -64.29 -42.79 -15.21
N LEU L 117 -64.13 -41.94 -16.23
CA LEU L 117 -62.79 -41.51 -16.62
C LEU L 117 -62.11 -40.71 -15.52
N VAL L 118 -62.85 -39.78 -14.90
CA VAL L 118 -62.28 -38.98 -13.83
C VAL L 118 -61.87 -39.89 -12.67
N SER L 119 -62.72 -40.85 -12.31
CA SER L 119 -62.38 -41.76 -11.23
C SER L 119 -61.14 -42.57 -11.56
N LEU L 120 -61.07 -43.09 -12.80
CA LEU L 120 -59.90 -43.86 -13.21
C LEU L 120 -58.64 -43.05 -13.04
N PHE L 121 -58.66 -41.78 -13.46
CA PHE L 121 -57.45 -40.97 -13.38
C PHE L 121 -57.11 -40.60 -11.94
N ILE L 122 -58.11 -40.28 -11.12
CA ILE L 122 -57.81 -39.73 -9.80
C ILE L 122 -57.53 -40.78 -8.75
N ASP L 123 -58.01 -42.02 -8.93
CA ASP L 123 -57.75 -43.06 -7.94
C ASP L 123 -56.27 -43.36 -7.83
N LYS L 124 -55.57 -43.42 -8.97
CA LYS L 124 -54.14 -43.67 -8.94
C LYS L 124 -53.39 -42.55 -8.21
N ILE L 125 -53.77 -41.30 -8.46
CA ILE L 125 -53.10 -40.19 -7.79
C ILE L 125 -53.36 -40.26 -6.28
N ILE L 126 -54.60 -40.56 -5.89
CA ILE L 126 -54.91 -40.66 -4.47
C ILE L 126 -54.06 -41.74 -3.81
N SER L 127 -53.98 -42.91 -4.45
CA SER L 127 -53.19 -43.99 -3.89
C SER L 127 -51.72 -43.62 -3.80
N ALA L 128 -51.17 -43.04 -4.87
CA ALA L 128 -49.77 -42.64 -4.86
C ALA L 128 -49.49 -41.57 -3.80
N ASN L 129 -50.50 -40.80 -3.43
CA ASN L 129 -50.31 -39.80 -2.38
C ASN L 129 -50.46 -40.39 -0.99
N LYS L 130 -51.24 -41.47 -0.84
CA LYS L 130 -51.45 -42.06 0.48
C LYS L 130 -50.43 -43.14 0.82
N ASN L 131 -50.22 -44.09 -0.08
CA ASN L 131 -49.53 -45.34 0.25
C ASN L 131 -48.08 -45.39 -0.21
N GLU L 132 -47.48 -44.27 -0.60
CA GLU L 132 -46.12 -44.29 -1.13
C GLU L 132 -45.26 -43.27 -0.40
N ASP L 133 -43.95 -43.44 -0.56
CA ASP L 133 -42.95 -42.62 0.12
C ASP L 133 -42.39 -41.51 -0.73
N GLU L 134 -42.41 -41.65 -2.06
CA GLU L 134 -41.85 -40.63 -2.93
C GLU L 134 -42.58 -39.31 -2.76
N ASN L 135 -41.86 -38.23 -2.99
CA ASN L 135 -42.39 -36.88 -2.84
C ASN L 135 -42.68 -36.29 -4.21
N VAL L 136 -43.87 -35.75 -4.38
CA VAL L 136 -44.30 -35.15 -5.63
C VAL L 136 -44.78 -33.73 -5.34
N ASP L 137 -44.30 -32.77 -6.13
CA ASP L 137 -44.68 -31.38 -5.95
C ASP L 137 -45.92 -31.04 -6.80
N VAL L 138 -45.80 -31.21 -8.11
CA VAL L 138 -46.90 -30.95 -9.03
C VAL L 138 -47.14 -32.22 -9.83
N TRP L 139 -48.39 -32.67 -9.86
CA TRP L 139 -48.80 -33.79 -10.68
C TRP L 139 -49.22 -33.29 -12.05
N PHE L 140 -48.79 -33.99 -13.09
CA PHE L 140 -49.04 -33.59 -14.47
C PHE L 140 -49.87 -34.67 -15.15
N VAL L 141 -50.99 -34.27 -15.74
CA VAL L 141 -51.95 -35.16 -16.36
C VAL L 141 -51.91 -34.93 -17.86
N ILE L 142 -51.74 -36.00 -18.63
CA ILE L 142 -51.57 -35.93 -20.07
C ILE L 142 -52.69 -36.75 -20.69
N VAL L 143 -53.78 -36.09 -21.04
CA VAL L 143 -54.97 -36.75 -21.57
C VAL L 143 -54.84 -36.85 -23.08
N PRO L 144 -55.12 -38.00 -23.69
CA PRO L 144 -55.16 -38.06 -25.16
C PRO L 144 -56.25 -37.16 -25.71
N ASP L 145 -56.00 -36.63 -26.91
CA ASP L 145 -56.95 -35.71 -27.53
C ASP L 145 -58.31 -36.34 -27.76
N GLU L 146 -58.39 -37.67 -27.81
CA GLU L 146 -59.63 -38.33 -28.19
C GLU L 146 -60.67 -38.26 -27.08
N ILE L 147 -60.26 -38.21 -25.82
CA ILE L 147 -61.23 -38.08 -24.74
C ILE L 147 -61.61 -36.63 -24.48
N TYR L 148 -60.74 -35.67 -24.85
CA TYR L 148 -61.05 -34.26 -24.62
C TYR L 148 -62.28 -33.83 -25.42
N LYS L 149 -62.41 -34.30 -26.66
CA LYS L 149 -63.49 -33.85 -27.54
C LYS L 149 -64.86 -34.39 -27.12
N TYR L 150 -64.90 -35.42 -26.26
CA TYR L 150 -66.16 -36.05 -25.89
C TYR L 150 -66.67 -35.63 -24.52
N CYS L 151 -65.81 -35.11 -23.66
CA CYS L 151 -66.22 -34.68 -22.33
C CYS L 151 -66.38 -33.15 -22.34
N ARG L 152 -67.53 -32.72 -22.84
CA ARG L 152 -67.91 -31.31 -22.89
C ARG L 152 -69.40 -31.21 -22.61
N PRO L 153 -69.88 -30.03 -22.21
CA PRO L 153 -71.32 -29.90 -21.92
C PRO L 153 -72.21 -30.45 -23.01
N ASN L 154 -72.06 -29.98 -24.25
CA ASN L 154 -72.80 -30.49 -25.40
C ASN L 154 -71.84 -31.35 -26.21
N SER L 155 -71.85 -32.65 -25.94
CA SER L 155 -70.98 -33.60 -26.62
C SER L 155 -71.73 -34.89 -26.87
N VAL L 156 -71.61 -35.41 -28.10
CA VAL L 156 -72.25 -36.66 -28.51
C VAL L 156 -71.23 -37.51 -29.24
N LEU L 157 -71.16 -38.78 -28.87
CA LEU L 157 -70.19 -39.68 -29.49
C LEU L 157 -70.58 -39.97 -30.93
N PRO L 158 -69.69 -39.77 -31.91
CA PRO L 158 -70.05 -40.04 -33.30
C PRO L 158 -70.02 -41.52 -33.66
N ALA L 197 -75.42 -45.26 -8.28
CA ALA L 197 -74.68 -44.56 -9.33
C ALA L 197 -74.79 -43.05 -9.16
N GLU L 198 -74.00 -42.51 -8.24
CA GLU L 198 -73.99 -41.07 -7.97
C GLU L 198 -73.14 -40.34 -9.02
N THR L 199 -73.52 -40.54 -10.29
CA THR L 199 -72.78 -39.98 -11.42
C THR L 199 -73.52 -38.86 -12.13
N TYR L 200 -74.80 -38.62 -11.81
CA TYR L 200 -75.56 -37.53 -12.41
C TYR L 200 -75.54 -36.25 -11.57
N ASN L 201 -74.85 -36.26 -10.44
CA ASN L 201 -74.75 -35.09 -9.58
C ASN L 201 -73.57 -34.19 -9.92
N TYR L 202 -72.84 -34.52 -10.98
CA TYR L 202 -71.65 -33.76 -11.39
C TYR L 202 -71.83 -33.28 -12.82
N ASP L 203 -71.13 -32.18 -13.15
CA ASP L 203 -71.13 -31.69 -14.51
C ASP L 203 -70.33 -32.62 -15.42
N ALA L 204 -70.73 -32.69 -16.69
CA ALA L 204 -70.10 -33.59 -17.66
C ALA L 204 -68.97 -32.89 -18.39
N GLN L 205 -68.04 -32.35 -17.61
CA GLN L 205 -66.79 -31.79 -18.13
C GLN L 205 -65.63 -32.41 -17.37
N PHE L 206 -64.67 -32.95 -18.11
CA PHE L 206 -63.54 -33.64 -17.49
C PHE L 206 -62.80 -32.71 -16.53
N HIS L 207 -62.46 -31.52 -17.00
CA HIS L 207 -61.54 -30.65 -16.25
C HIS L 207 -62.16 -30.19 -14.93
N ASP L 208 -63.39 -29.67 -14.98
CA ASP L 208 -63.99 -29.12 -13.77
C ASP L 208 -64.21 -30.20 -12.72
N GLN L 209 -64.77 -31.34 -13.12
CA GLN L 209 -65.01 -32.42 -12.18
C GLN L 209 -63.71 -32.98 -11.64
N PHE L 210 -62.70 -33.12 -12.50
CA PHE L 210 -61.42 -33.64 -12.05
C PHE L 210 -60.79 -32.72 -11.01
N LYS L 211 -60.79 -31.42 -11.26
CA LYS L 211 -60.23 -30.49 -10.30
C LYS L 211 -61.05 -30.47 -9.02
N ALA L 212 -62.38 -30.59 -9.12
CA ALA L 212 -63.22 -30.52 -7.93
C ALA L 212 -63.02 -31.73 -7.03
N ARG L 213 -62.93 -32.93 -7.62
CA ARG L 213 -62.89 -34.14 -6.80
C ARG L 213 -61.55 -34.35 -6.10
N LEU L 214 -60.53 -33.56 -6.41
CA LEU L 214 -59.25 -33.61 -5.72
C LEU L 214 -59.10 -32.49 -4.69
N LEU L 215 -60.17 -31.72 -4.45
CA LEU L 215 -60.05 -30.58 -3.53
C LEU L 215 -59.86 -31.03 -2.09
N LYS L 216 -60.42 -32.18 -1.71
CA LYS L 216 -60.34 -32.63 -0.33
C LYS L 216 -59.05 -33.35 0.00
N HIS L 217 -58.15 -33.52 -0.97
CA HIS L 217 -56.83 -34.10 -0.73
C HIS L 217 -55.70 -33.12 -0.94
N THR L 218 -55.97 -31.92 -1.46
CA THR L 218 -54.99 -30.84 -1.61
C THR L 218 -53.76 -31.31 -2.38
N ILE L 219 -53.98 -31.64 -3.64
CA ILE L 219 -52.92 -32.04 -4.57
C ILE L 219 -52.88 -31.04 -5.71
N PRO L 220 -51.78 -30.31 -5.90
CA PRO L 220 -51.66 -29.48 -7.11
C PRO L 220 -51.55 -30.34 -8.36
N THR L 221 -52.03 -29.79 -9.47
CA THR L 221 -52.10 -30.55 -10.71
C THR L 221 -52.05 -29.60 -11.89
N GLN L 222 -51.56 -30.11 -13.03
CA GLN L 222 -51.53 -29.37 -14.29
C GLN L 222 -51.96 -30.31 -15.40
N ILE L 223 -53.10 -30.00 -16.03
CA ILE L 223 -53.62 -30.82 -17.12
C ILE L 223 -53.05 -30.34 -18.44
N PHE L 224 -52.57 -31.27 -19.25
CA PHE L 224 -52.10 -31.00 -20.59
C PHE L 224 -52.91 -31.83 -21.58
N ARG L 225 -52.83 -31.42 -22.85
CA ARG L 225 -53.32 -32.22 -23.95
C ARG L 225 -52.14 -32.73 -24.77
N GLU L 226 -52.27 -33.94 -25.29
CA GLU L 226 -51.17 -34.53 -26.06
C GLU L 226 -50.77 -33.64 -27.22
N SER L 227 -51.73 -32.93 -27.83
CA SER L 227 -51.43 -32.04 -28.94
C SER L 227 -50.85 -30.71 -28.50
N THR L 228 -50.94 -30.35 -27.22
CA THR L 228 -50.37 -29.10 -26.77
C THR L 228 -48.85 -29.18 -26.67
N LEU L 229 -48.33 -30.34 -26.28
CA LEU L 229 -46.89 -30.53 -26.17
C LEU L 229 -46.29 -31.09 -27.45
N ALA L 230 -46.94 -32.07 -28.06
CA ALA L 230 -46.54 -32.60 -29.36
C ALA L 230 -47.40 -31.95 -30.45
N TRP L 231 -47.21 -30.65 -30.61
CA TRP L 231 -48.03 -29.89 -31.55
C TRP L 231 -47.66 -30.14 -33.00
N ARG L 232 -46.46 -30.65 -33.26
CA ARG L 232 -46.06 -30.97 -34.63
C ARG L 232 -46.73 -32.26 -35.12
N ASP L 233 -46.83 -33.27 -34.24
CA ASP L 233 -47.21 -34.60 -34.69
C ASP L 233 -48.68 -34.71 -35.07
N PHE L 234 -49.52 -33.77 -34.64
CA PHE L 234 -50.95 -33.81 -34.94
C PHE L 234 -51.22 -32.88 -36.11
N LYS L 235 -51.73 -33.44 -37.21
CA LYS L 235 -51.81 -32.72 -38.48
C LYS L 235 -53.22 -32.79 -39.07
N ASN L 236 -53.36 -32.28 -40.30
CA ASN L 236 -54.64 -32.25 -40.99
C ASN L 236 -54.48 -32.85 -42.39
N ALA L 237 -55.50 -32.67 -43.24
CA ALA L 237 -55.42 -33.19 -44.60
C ALA L 237 -54.13 -32.77 -45.28
N PHE L 238 -53.71 -31.53 -45.07
CA PHE L 238 -52.39 -31.09 -45.49
C PHE L 238 -51.35 -31.41 -44.43
N GLY L 239 -50.09 -31.41 -44.84
CA GLY L 239 -49.01 -31.78 -43.95
C GLY L 239 -48.58 -30.68 -42.99
N LEU L 240 -49.55 -30.01 -42.38
CA LEU L 240 -49.29 -28.95 -41.42
C LEU L 240 -49.97 -29.26 -40.10
N PRO L 241 -49.41 -28.80 -38.99
CA PRO L 241 -50.10 -28.96 -37.70
C PRO L 241 -51.38 -28.15 -37.67
N ILE L 242 -52.36 -28.68 -36.93
CA ILE L 242 -53.61 -27.94 -36.74
C ILE L 242 -53.34 -26.63 -35.99
N ARG L 243 -52.52 -26.69 -34.95
CA ARG L 243 -52.05 -25.52 -34.23
C ARG L 243 -50.59 -25.30 -34.56
N ASP L 244 -50.27 -24.13 -35.09
CA ASP L 244 -48.92 -23.79 -35.53
C ASP L 244 -48.26 -22.91 -34.47
N PHE L 245 -47.28 -23.48 -33.76
CA PHE L 245 -46.53 -22.76 -32.73
C PHE L 245 -45.12 -22.42 -33.18
N SER L 246 -44.87 -22.40 -34.50
CA SER L 246 -43.52 -22.24 -35.00
C SER L 246 -42.92 -20.90 -34.58
N LYS L 247 -43.72 -19.83 -34.63
CA LYS L 247 -43.24 -18.48 -34.36
C LYS L 247 -43.64 -17.98 -32.97
N ILE L 248 -44.39 -18.76 -32.20
CA ILE L 248 -44.80 -18.37 -30.86
C ILE L 248 -44.44 -19.46 -29.88
N GLU L 249 -43.36 -20.20 -30.17
CA GLU L 249 -42.97 -21.32 -29.31
C GLU L 249 -42.40 -20.83 -27.99
N GLY L 250 -41.61 -19.74 -28.02
CA GLY L 250 -41.12 -19.18 -26.78
C GLY L 250 -42.22 -18.67 -25.87
N HIS L 251 -43.33 -18.21 -26.46
CA HIS L 251 -44.47 -17.79 -25.65
C HIS L 251 -45.07 -18.97 -24.89
N LEU L 252 -45.23 -20.10 -25.57
CA LEU L 252 -45.72 -21.31 -24.91
C LEU L 252 -44.75 -21.76 -23.82
N ALA L 253 -43.45 -21.70 -24.09
CA ALA L 253 -42.48 -22.08 -23.07
C ALA L 253 -42.58 -21.18 -21.85
N TRP L 254 -42.69 -19.86 -22.07
CA TRP L 254 -42.85 -18.92 -20.97
C TRP L 254 -44.08 -19.27 -20.14
N THR L 255 -45.21 -19.51 -20.80
CA THR L 255 -46.46 -19.73 -20.09
C THR L 255 -46.40 -21.02 -19.28
N ILE L 256 -45.97 -22.12 -19.91
CA ILE L 256 -45.92 -23.40 -19.20
C ILE L 256 -44.94 -23.33 -18.04
N SER L 257 -43.78 -22.73 -18.24
CA SER L 257 -42.80 -22.63 -17.16
C SER L 257 -43.33 -21.80 -16.00
N THR L 258 -43.99 -20.68 -16.29
CA THR L 258 -44.52 -19.84 -15.23
C THR L 258 -45.60 -20.58 -14.44
N ALA L 259 -46.49 -21.29 -15.14
CA ALA L 259 -47.52 -22.04 -14.45
C ALA L 259 -46.92 -23.13 -13.57
N ALA L 260 -45.93 -23.87 -14.10
CA ALA L 260 -45.32 -24.95 -13.31
C ALA L 260 -44.57 -24.39 -12.11
N PHE L 261 -43.96 -23.21 -12.25
CA PHE L 261 -43.23 -22.62 -11.15
C PHE L 261 -44.18 -22.07 -10.08
N TYR L 262 -45.36 -21.59 -10.49
CA TYR L 262 -46.32 -21.10 -9.51
C TYR L 262 -46.98 -22.25 -8.77
N LYS L 263 -47.36 -23.31 -9.48
CA LYS L 263 -48.04 -24.43 -8.84
C LYS L 263 -47.14 -25.24 -7.93
N ALA L 264 -45.82 -25.07 -8.01
CA ALA L 264 -44.88 -25.75 -7.12
C ALA L 264 -44.61 -24.97 -5.85
N GLY L 265 -45.26 -23.82 -5.65
CA GLY L 265 -45.07 -23.04 -4.44
C GLY L 265 -44.06 -21.93 -4.61
N GLY L 266 -44.09 -21.26 -5.76
CA GLY L 266 -43.17 -20.19 -6.06
C GLY L 266 -43.86 -18.85 -6.18
N LYS L 267 -43.04 -17.80 -6.25
CA LYS L 267 -43.50 -16.42 -6.34
C LYS L 267 -42.72 -15.73 -7.45
N PRO L 268 -43.29 -15.58 -8.65
CA PRO L 268 -42.51 -15.03 -9.76
C PRO L 268 -42.46 -13.50 -9.81
N TRP L 269 -43.46 -12.82 -9.27
CA TRP L 269 -43.43 -11.36 -9.18
C TRP L 269 -44.53 -10.92 -8.22
N LYS L 270 -44.58 -9.61 -7.97
CA LYS L 270 -45.58 -9.03 -7.08
C LYS L 270 -45.84 -7.60 -7.51
N LEU L 271 -46.86 -6.99 -6.91
CA LEU L 271 -47.21 -5.62 -7.22
C LEU L 271 -46.35 -4.67 -6.39
N SER L 272 -45.74 -3.69 -7.08
CA SER L 272 -44.81 -2.79 -6.40
C SER L 272 -45.55 -1.86 -5.44
N ASP L 273 -46.62 -1.24 -5.91
CA ASP L 273 -47.32 -0.18 -5.15
C ASP L 273 -48.76 -0.60 -4.89
N VAL L 274 -49.05 -0.98 -3.65
CA VAL L 274 -50.40 -1.24 -3.18
C VAL L 274 -50.60 -0.47 -1.90
N ARG L 275 -51.70 0.29 -1.82
CA ARG L 275 -51.91 1.18 -0.70
C ARG L 275 -52.25 0.39 0.55
N ASN L 276 -51.70 0.82 1.68
CA ASN L 276 -51.88 0.11 2.94
C ASN L 276 -53.29 0.29 3.49
N GLY L 277 -53.80 -0.74 4.16
CA GLY L 277 -55.11 -0.67 4.77
C GLY L 277 -56.26 -0.75 3.80
N VAL L 278 -56.05 -1.25 2.59
CA VAL L 278 -57.08 -1.34 1.57
C VAL L 278 -57.28 -2.82 1.25
N CYS L 279 -58.53 -3.28 1.37
CA CYS L 279 -58.91 -4.64 1.04
C CYS L 279 -59.80 -4.63 -0.19
N TYR L 280 -59.44 -5.41 -1.19
CA TYR L 280 -60.22 -5.53 -2.43
C TYR L 280 -60.93 -6.87 -2.45
N LEU L 281 -62.22 -6.84 -2.77
CA LEU L 281 -63.04 -8.03 -2.90
C LEU L 281 -63.49 -8.21 -4.34
N GLY L 282 -64.16 -9.33 -4.61
CA GLY L 282 -64.72 -9.59 -5.92
C GLY L 282 -65.89 -10.54 -5.83
N LEU L 283 -67.00 -10.20 -6.47
CA LEU L 283 -68.20 -11.02 -6.46
C LEU L 283 -68.54 -11.44 -7.87
N VAL L 284 -68.89 -12.72 -8.04
CA VAL L 284 -69.34 -13.27 -9.31
C VAL L 284 -70.41 -14.30 -9.02
N TYR L 285 -71.38 -14.41 -9.93
CA TYR L 285 -72.49 -15.35 -9.78
C TYR L 285 -72.39 -16.41 -10.86
N LYS L 286 -72.36 -17.68 -10.44
CA LYS L 286 -72.39 -18.81 -11.35
C LYS L 286 -73.67 -19.60 -11.08
N LYS L 287 -74.46 -19.84 -12.12
CA LYS L 287 -75.68 -20.61 -11.96
C LYS L 287 -75.35 -22.06 -11.67
N VAL L 288 -75.88 -22.59 -10.58
CA VAL L 288 -75.69 -23.99 -10.22
C VAL L 288 -76.66 -24.82 -11.03
N GLU L 289 -76.21 -25.25 -12.21
CA GLU L 289 -77.11 -25.90 -13.15
C GLU L 289 -77.59 -27.25 -12.62
N LYS L 290 -78.86 -27.55 -12.88
CA LYS L 290 -79.42 -28.90 -12.71
C LYS L 290 -79.20 -29.41 -11.29
N SER L 291 -79.68 -28.65 -10.30
CA SER L 291 -79.75 -29.11 -8.91
C SER L 291 -81.15 -28.84 -8.39
N LYS L 292 -82.08 -29.73 -8.73
CA LYS L 292 -83.45 -29.73 -8.22
C LYS L 292 -84.26 -28.51 -8.66
N ASN L 293 -83.60 -27.52 -9.27
CA ASN L 293 -84.24 -26.28 -9.71
C ASN L 293 -83.17 -25.40 -10.33
N PRO L 294 -83.55 -24.33 -11.01
CA PRO L 294 -82.56 -23.32 -11.41
C PRO L 294 -82.25 -22.37 -10.28
N ARG L 295 -81.07 -22.50 -9.68
CA ARG L 295 -80.59 -21.57 -8.67
C ARG L 295 -79.17 -21.16 -9.04
N ASN L 296 -78.61 -20.24 -8.25
CA ASN L 296 -77.31 -19.66 -8.52
C ASN L 296 -76.60 -19.29 -7.23
N ALA L 297 -75.27 -19.31 -7.28
CA ALA L 297 -74.41 -19.17 -6.13
C ALA L 297 -73.53 -17.92 -6.27
N CYS L 298 -72.62 -17.74 -5.32
CA CYS L 298 -71.71 -16.61 -5.32
C CYS L 298 -70.38 -17.01 -4.68
N CYS L 299 -69.29 -16.65 -5.35
CA CYS L 299 -67.94 -16.92 -4.87
C CYS L 299 -67.11 -15.65 -4.99
N ALA L 300 -66.12 -15.50 -4.11
CA ALA L 300 -65.40 -14.26 -3.97
C ALA L 300 -63.89 -14.50 -3.89
N ALA L 301 -63.14 -13.41 -4.01
CA ALA L 301 -61.69 -13.40 -3.86
C ALA L 301 -61.29 -12.13 -3.15
N GLN L 302 -60.06 -12.11 -2.62
CA GLN L 302 -59.61 -10.96 -1.85
C GLN L 302 -58.13 -10.72 -2.09
N MET L 303 -57.72 -9.47 -1.85
CA MET L 303 -56.33 -9.06 -2.01
C MET L 303 -56.06 -7.91 -1.06
N PHE L 304 -54.90 -7.93 -0.40
CA PHE L 304 -54.47 -6.82 0.42
C PHE L 304 -52.98 -6.92 0.67
N LEU L 305 -52.41 -5.82 1.14
CA LEU L 305 -50.99 -5.74 1.51
C LEU L 305 -50.87 -6.00 3.00
N ASP L 306 -50.06 -7.00 3.36
CA ASP L 306 -49.88 -7.37 4.76
C ASP L 306 -48.54 -6.84 5.28
N ASN L 307 -48.35 -6.96 6.59
CA ASN L 307 -47.11 -6.53 7.21
C ASN L 307 -45.95 -7.33 6.65
N GLY L 308 -44.85 -6.64 6.35
CA GLY L 308 -43.73 -7.23 5.66
C GLY L 308 -43.71 -6.98 4.16
N ASP L 309 -44.55 -6.07 3.67
CA ASP L 309 -44.60 -5.74 2.24
C ASP L 309 -45.00 -6.94 1.39
N GLY L 310 -45.78 -7.86 1.97
CA GLY L 310 -46.27 -9.00 1.24
C GLY L 310 -47.67 -8.78 0.70
N THR L 311 -47.99 -9.52 -0.36
CA THR L 311 -49.30 -9.46 -1.01
C THR L 311 -50.01 -10.78 -0.77
N VAL L 312 -51.21 -10.71 -0.21
CA VAL L 312 -52.00 -11.89 0.11
C VAL L 312 -53.13 -11.95 -0.92
N PHE L 313 -52.88 -12.67 -2.01
CA PHE L 313 -53.87 -12.88 -3.06
C PHE L 313 -54.40 -14.29 -2.92
N LYS L 314 -55.60 -14.42 -2.34
CA LYS L 314 -56.14 -15.73 -1.99
C LYS L 314 -57.65 -15.67 -2.14
N GLY L 315 -58.26 -16.84 -2.33
CA GLY L 315 -59.69 -16.92 -2.57
C GLY L 315 -60.51 -16.72 -1.31
N GLU L 316 -61.83 -16.72 -1.49
CA GLU L 316 -62.80 -16.53 -0.42
C GLU L 316 -63.92 -17.53 -0.68
N VAL L 317 -63.84 -18.69 -0.05
CA VAL L 317 -64.56 -19.86 -0.50
C VAL L 317 -65.85 -20.01 0.31
N GLY L 318 -66.73 -20.88 -0.18
CA GLY L 318 -68.00 -21.16 0.45
C GLY L 318 -69.09 -20.44 -0.28
N PRO L 319 -69.75 -21.12 -1.22
CA PRO L 319 -70.78 -20.45 -2.02
C PRO L 319 -71.99 -20.06 -1.16
N TRP L 320 -72.60 -18.95 -1.54
CA TRP L 320 -73.82 -18.45 -0.90
C TRP L 320 -74.91 -18.37 -1.96
N TYR L 321 -76.03 -19.04 -1.71
CA TYR L 321 -77.06 -19.26 -2.72
C TYR L 321 -78.28 -18.39 -2.45
N ASN L 322 -79.26 -18.50 -3.34
CA ASN L 322 -80.59 -17.96 -3.17
C ASN L 322 -81.54 -18.68 -4.13
N PRO L 323 -82.67 -19.21 -3.66
CA PRO L 323 -83.47 -20.10 -4.53
C PRO L 323 -84.02 -19.42 -5.78
N LYS L 324 -84.13 -18.09 -5.80
CA LYS L 324 -84.77 -17.42 -6.91
C LYS L 324 -84.01 -17.66 -8.21
N ASN L 325 -84.77 -17.74 -9.31
CA ASN L 325 -84.21 -18.01 -10.63
C ASN L 325 -84.01 -16.71 -11.39
N GLY L 326 -82.75 -16.44 -11.77
CA GLY L 326 -82.42 -15.21 -12.45
C GLY L 326 -82.15 -14.02 -11.56
N GLN L 327 -82.14 -14.21 -10.23
CA GLN L 327 -81.93 -13.13 -9.29
C GLN L 327 -80.47 -13.15 -8.84
N TYR L 328 -79.66 -12.24 -9.38
CA TYR L 328 -78.25 -12.16 -9.05
C TYR L 328 -78.05 -11.17 -7.90
N HIS L 329 -78.44 -11.61 -6.71
CA HIS L 329 -78.34 -10.81 -5.51
C HIS L 329 -78.21 -11.73 -4.31
N LEU L 330 -78.02 -11.14 -3.13
CA LEU L 330 -77.89 -11.88 -1.89
C LEU L 330 -79.01 -11.47 -0.93
N GLU L 331 -79.49 -12.43 -0.16
CA GLU L 331 -80.37 -12.11 0.95
C GLU L 331 -79.54 -11.51 2.08
N PRO L 332 -80.17 -10.73 2.97
CA PRO L 332 -79.38 -10.12 4.06
C PRO L 332 -78.61 -11.14 4.89
N LYS L 333 -79.22 -12.29 5.17
CA LYS L 333 -78.58 -13.29 5.99
C LYS L 333 -77.33 -13.85 5.32
N GLU L 334 -77.38 -14.05 4.00
CA GLU L 334 -76.25 -14.61 3.27
C GLU L 334 -75.18 -13.56 2.96
N ALA L 335 -75.47 -12.28 3.12
CA ALA L 335 -74.51 -11.22 2.88
C ALA L 335 -73.77 -10.81 4.14
N LYS L 336 -74.48 -10.80 5.27
CA LYS L 336 -73.82 -10.56 6.55
C LYS L 336 -72.72 -11.58 6.78
N ALA L 337 -72.98 -12.84 6.44
CA ALA L 337 -71.97 -13.88 6.61
C ALA L 337 -70.74 -13.61 5.77
N LEU L 338 -70.93 -13.23 4.50
CA LEU L 338 -69.79 -13.01 3.61
C LEU L 338 -68.93 -11.85 4.10
N LEU L 339 -69.58 -10.72 4.43
CA LEU L 339 -68.79 -9.59 4.93
C LEU L 339 -68.09 -9.94 6.23
N SER L 340 -68.77 -10.62 7.15
CA SER L 340 -68.14 -11.00 8.40
C SER L 340 -66.91 -11.87 8.14
N GLN L 341 -67.03 -12.83 7.22
CA GLN L 341 -65.92 -13.70 6.91
C GLN L 341 -64.72 -12.91 6.39
N SER L 342 -64.96 -12.03 5.41
CA SER L 342 -63.85 -11.27 4.83
C SER L 342 -63.19 -10.37 5.86
N LEU L 343 -63.99 -9.66 6.67
CA LEU L 343 -63.43 -8.78 7.68
C LEU L 343 -62.65 -9.56 8.73
N GLN L 344 -63.17 -10.72 9.14
CA GLN L 344 -62.47 -11.54 10.12
C GLN L 344 -61.15 -12.04 9.55
N SER L 345 -61.12 -12.43 8.28
CA SER L 345 -59.87 -12.87 7.67
C SER L 345 -58.83 -11.76 7.68
N TYR L 346 -59.22 -10.57 7.22
CA TYR L 346 -58.28 -9.46 7.19
C TYR L 346 -57.81 -9.11 8.60
N LYS L 347 -58.73 -9.07 9.56
CA LYS L 347 -58.36 -8.72 10.93
C LYS L 347 -57.41 -9.76 11.53
N GLU L 348 -57.67 -11.04 11.24
CA GLU L 348 -56.81 -12.10 11.76
C GLU L 348 -55.40 -11.97 11.22
N GLN L 349 -55.26 -11.69 9.93
CA GLN L 349 -53.91 -11.61 9.37
C GLN L 349 -53.20 -10.32 9.76
N ILE L 350 -53.93 -9.22 9.88
CA ILE L 350 -53.34 -7.91 10.11
C ILE L 350 -53.48 -7.46 11.55
N GLY L 351 -54.65 -7.69 12.16
CA GLY L 351 -54.92 -7.31 13.53
C GLY L 351 -55.87 -6.12 13.66
N GLU L 352 -55.99 -5.29 12.64
CA GLU L 352 -56.95 -4.20 12.62
C GLU L 352 -57.80 -4.32 11.37
N TYR L 353 -59.02 -3.79 11.44
CA TYR L 353 -59.92 -3.86 10.31
C TYR L 353 -59.41 -2.98 9.16
N PRO L 354 -59.79 -3.28 7.92
CA PRO L 354 -59.40 -2.43 6.81
C PRO L 354 -59.95 -1.02 6.97
N LYS L 355 -59.15 -0.03 6.57
CA LYS L 355 -59.64 1.35 6.53
C LYS L 355 -60.54 1.55 5.31
N GLU L 356 -60.23 0.89 4.21
CA GLU L 356 -61.00 0.98 2.98
C GLU L 356 -61.27 -0.42 2.45
N VAL L 357 -62.51 -0.65 2.01
CA VAL L 357 -62.90 -1.91 1.38
C VAL L 357 -63.59 -1.57 0.06
N PHE L 358 -63.09 -2.16 -1.03
CA PHE L 358 -63.66 -1.96 -2.35
C PHE L 358 -64.23 -3.29 -2.83
N ILE L 359 -65.53 -3.30 -3.16
CA ILE L 359 -66.20 -4.52 -3.59
C ILE L 359 -66.47 -4.42 -5.09
N HIS L 360 -65.54 -4.92 -5.89
CA HIS L 360 -65.73 -4.93 -7.33
C HIS L 360 -66.68 -6.06 -7.73
N ALA L 361 -67.49 -5.78 -8.75
CA ALA L 361 -68.47 -6.75 -9.21
C ALA L 361 -68.87 -6.40 -10.63
N LYS L 362 -69.51 -7.36 -11.30
CA LYS L 362 -69.99 -7.18 -12.67
C LYS L 362 -71.51 -7.05 -12.73
N THR L 363 -72.19 -7.00 -11.58
CA THR L 363 -73.60 -6.68 -11.48
C THR L 363 -73.75 -5.41 -10.64
N ARG L 364 -75.01 -5.03 -10.39
CA ARG L 364 -75.32 -3.83 -9.64
C ARG L 364 -75.99 -4.21 -8.32
N PHE L 365 -75.50 -3.64 -7.22
CA PHE L 365 -76.07 -3.91 -5.90
C PHE L 365 -77.42 -3.22 -5.76
N ASN L 366 -78.24 -3.74 -4.85
CA ASN L 366 -79.52 -3.14 -4.49
C ASN L 366 -79.51 -2.71 -3.04
N HIS L 367 -80.56 -2.00 -2.64
CA HIS L 367 -80.61 -1.44 -1.29
C HIS L 367 -80.77 -2.53 -0.24
N GLN L 368 -81.57 -3.56 -0.54
CA GLN L 368 -81.87 -4.57 0.46
C GLN L 368 -80.60 -5.26 0.96
N GLU L 369 -79.67 -5.56 0.06
CA GLU L 369 -78.44 -6.23 0.45
C GLU L 369 -77.37 -5.25 0.92
N TRP L 370 -77.26 -4.08 0.28
CA TRP L 370 -76.26 -3.11 0.72
C TRP L 370 -76.57 -2.61 2.13
N ASP L 371 -77.84 -2.64 2.55
CA ASP L 371 -78.15 -2.34 3.94
C ASP L 371 -77.79 -3.49 4.87
N ALA L 372 -77.75 -4.72 4.36
CA ALA L 372 -77.14 -5.81 5.13
C ALA L 372 -75.68 -5.51 5.40
N PHE L 373 -74.97 -5.02 4.39
CA PHE L 373 -73.70 -4.36 4.64
C PHE L 373 -73.92 -3.15 5.54
N LEU L 374 -72.82 -2.60 6.04
CA LEU L 374 -72.85 -1.35 6.81
C LEU L 374 -73.44 -1.52 8.20
N GLU L 375 -74.02 -2.68 8.49
CA GLU L 375 -74.41 -3.03 9.85
C GLU L 375 -73.67 -4.23 10.39
N VAL L 376 -72.83 -4.87 9.57
CA VAL L 376 -71.75 -5.71 10.08
C VAL L 376 -70.42 -4.97 10.01
N THR L 377 -70.30 -3.95 9.16
CA THR L 377 -69.08 -3.18 9.02
C THR L 377 -68.87 -2.28 10.24
N PRO L 378 -67.62 -2.05 10.66
CA PRO L 378 -67.38 -1.06 11.72
C PRO L 378 -67.62 0.36 11.24
N LYS L 379 -67.38 1.34 12.11
CA LYS L 379 -67.54 2.73 11.73
C LYS L 379 -66.26 3.33 11.15
N GLU L 380 -65.10 2.77 11.48
CA GLU L 380 -63.83 3.23 10.95
C GLU L 380 -63.42 2.41 9.73
N THR L 381 -64.29 2.41 8.72
CA THR L 381 -64.03 1.68 7.49
C THR L 381 -64.99 2.19 6.43
N ASN L 382 -64.50 2.29 5.20
CA ASN L 382 -65.26 2.87 4.08
C ASN L 382 -65.61 1.77 3.09
N LEU L 383 -66.89 1.62 2.81
CA LEU L 383 -67.38 0.63 1.85
C LEU L 383 -67.66 1.32 0.53
N VAL L 384 -67.05 0.82 -0.54
CA VAL L 384 -67.23 1.37 -1.88
C VAL L 384 -67.54 0.21 -2.83
N GLY L 385 -68.67 0.31 -3.53
CA GLY L 385 -69.06 -0.71 -4.49
C GLY L 385 -68.89 -0.26 -5.92
N VAL L 386 -68.06 -0.97 -6.67
CA VAL L 386 -67.71 -0.60 -8.05
C VAL L 386 -68.27 -1.66 -8.98
N THR L 387 -69.07 -1.23 -9.94
CA THR L 387 -69.57 -2.09 -11.00
C THR L 387 -68.68 -1.95 -12.23
N ILE L 388 -68.22 -3.08 -12.74
CA ILE L 388 -67.34 -3.11 -13.91
C ILE L 388 -68.04 -3.95 -14.98
N SER L 389 -68.25 -3.36 -16.15
CA SER L 389 -68.96 -4.02 -17.23
C SER L 389 -68.29 -3.68 -18.54
N LYS L 390 -68.53 -4.53 -19.55
CA LYS L 390 -68.00 -4.36 -20.89
C LYS L 390 -69.12 -4.47 -21.91
N THR L 391 -70.25 -3.81 -21.65
CA THR L 391 -71.43 -3.90 -22.48
C THR L 391 -71.65 -2.66 -23.35
N LYS L 392 -71.43 -1.47 -22.81
CA LYS L 392 -71.74 -0.25 -23.55
C LYS L 392 -70.84 -0.14 -24.79
N PRO L 393 -71.41 -0.04 -26.00
CA PRO L 393 -70.58 -0.04 -27.22
C PRO L 393 -70.02 1.34 -27.62
N LEU L 394 -68.90 1.70 -27.01
CA LEU L 394 -68.14 2.87 -27.41
C LEU L 394 -66.85 2.42 -28.10
N LYS L 395 -66.56 3.02 -29.25
CA LYS L 395 -65.33 2.74 -29.97
C LYS L 395 -64.68 4.05 -30.39
N LEU L 396 -63.37 4.14 -30.23
CA LEU L 396 -62.61 5.32 -30.61
C LEU L 396 -61.62 4.95 -31.71
N TYR L 397 -61.58 5.76 -32.76
CA TYR L 397 -60.72 5.54 -33.91
C TYR L 397 -59.77 6.72 -34.06
N LYS L 398 -58.55 6.45 -34.51
CA LYS L 398 -57.60 7.51 -34.79
C LYS L 398 -57.83 8.06 -36.19
N THR L 399 -57.68 9.37 -36.34
CA THR L 399 -57.83 10.03 -37.62
C THR L 399 -56.50 10.03 -38.35
N GLU L 400 -56.47 9.47 -39.56
CA GLU L 400 -55.26 9.36 -40.35
C GLU L 400 -54.19 8.56 -39.60
N GLY L 401 -54.49 7.28 -39.38
CA GLY L 401 -53.56 6.38 -38.76
C GLY L 401 -53.81 4.95 -39.18
N ASP L 402 -53.14 4.03 -38.51
CA ASP L 402 -53.35 2.60 -38.74
C ASP L 402 -53.40 1.77 -37.46
N TYR L 403 -52.96 2.30 -36.32
CA TYR L 403 -52.97 1.57 -35.06
C TYR L 403 -54.14 2.05 -34.20
N THR L 404 -54.23 1.50 -33.00
CA THR L 404 -55.35 1.72 -32.12
C THR L 404 -55.00 2.74 -31.04
N ILE L 405 -55.91 2.91 -30.08
CA ILE L 405 -55.72 3.88 -29.01
C ILE L 405 -54.81 3.32 -27.92
N LEU L 406 -54.21 4.22 -27.15
CA LEU L 406 -53.31 3.82 -26.08
C LEU L 406 -54.05 3.00 -25.02
N ARG L 407 -53.28 2.45 -24.08
CA ARG L 407 -53.82 1.59 -23.04
C ARG L 407 -54.14 2.32 -21.75
N GLY L 408 -53.76 3.57 -21.61
CA GLY L 408 -54.04 4.29 -20.37
C GLY L 408 -55.19 5.26 -20.47
N ASN L 409 -55.72 5.45 -21.68
CA ASN L 409 -56.73 6.48 -21.90
C ASN L 409 -58.02 6.15 -21.15
N ALA L 410 -58.64 7.20 -20.61
CA ALA L 410 -59.94 7.08 -19.96
C ALA L 410 -60.75 8.33 -20.22
N TYR L 411 -62.04 8.15 -20.49
CA TYR L 411 -62.98 9.25 -20.68
C TYR L 411 -63.86 9.32 -19.44
N VAL L 412 -63.67 10.36 -18.63
CA VAL L 412 -64.39 10.52 -17.38
C VAL L 412 -65.72 11.21 -17.68
N VAL L 413 -66.82 10.47 -17.55
CA VAL L 413 -68.12 11.01 -17.89
C VAL L 413 -68.67 11.88 -16.78
N ASN L 414 -68.34 11.56 -15.54
CA ASN L 414 -69.01 12.12 -14.37
C ASN L 414 -68.08 11.91 -13.19
N GLU L 415 -68.60 12.14 -11.98
CA GLU L 415 -67.87 11.80 -10.77
C GLU L 415 -68.18 10.39 -10.29
N ARG L 416 -69.09 9.68 -10.97
CA ARG L 416 -69.43 8.31 -10.62
C ARG L 416 -69.39 7.38 -11.83
N SER L 417 -68.76 7.81 -12.91
CA SER L 417 -68.75 7.04 -14.14
C SER L 417 -67.54 7.40 -14.98
N ALA L 418 -67.08 6.44 -15.77
CA ALA L 418 -65.90 6.65 -16.60
C ALA L 418 -65.70 5.44 -17.50
N PHE L 419 -64.97 5.65 -18.58
CA PHE L 419 -64.53 4.59 -19.47
C PHE L 419 -63.02 4.44 -19.34
N LEU L 420 -62.54 3.20 -19.29
CA LEU L 420 -61.12 2.92 -19.21
C LEU L 420 -60.75 1.91 -20.29
N TRP L 421 -59.64 2.17 -20.97
CA TRP L 421 -59.15 1.29 -22.04
C TRP L 421 -58.05 0.41 -21.46
N THR L 422 -58.39 -0.83 -21.13
CA THR L 422 -57.41 -1.80 -20.65
C THR L 422 -56.78 -2.60 -21.78
N VAL L 423 -57.28 -2.47 -23.00
CA VAL L 423 -56.71 -3.11 -24.18
C VAL L 423 -56.42 -2.03 -25.20
N GLY L 424 -55.21 -2.03 -25.73
CA GLY L 424 -54.81 -1.01 -26.69
C GLY L 424 -53.35 -1.14 -27.03
N TYR L 425 -52.85 -0.12 -27.72
CA TYR L 425 -51.46 -0.12 -28.18
C TYR L 425 -50.52 0.14 -27.02
N VAL L 426 -49.55 -0.73 -26.83
CA VAL L 426 -48.52 -0.61 -25.81
C VAL L 426 -47.21 -0.25 -26.50
N PRO L 427 -46.61 0.92 -26.20
CA PRO L 427 -45.40 1.32 -26.94
C PRO L 427 -44.22 0.39 -26.75
N LYS L 428 -44.09 -0.27 -25.60
CA LYS L 428 -42.90 -1.07 -25.33
C LYS L 428 -42.82 -2.26 -26.28
N ILE L 429 -43.90 -3.04 -26.39
CA ILE L 429 -43.93 -4.17 -27.29
C ILE L 429 -44.31 -3.78 -28.71
N GLN L 430 -44.55 -2.50 -28.96
CA GLN L 430 -44.77 -1.99 -30.32
C GLN L 430 -45.96 -2.68 -31.00
N THR L 431 -47.01 -2.93 -30.23
CA THR L 431 -48.24 -3.50 -30.79
C THR L 431 -49.34 -3.37 -29.76
N ALA L 432 -50.56 -3.70 -30.20
CA ALA L 432 -51.73 -3.68 -29.33
C ALA L 432 -52.01 -5.08 -28.82
N LEU L 433 -52.83 -5.15 -27.76
CA LEU L 433 -53.13 -6.40 -27.09
C LEU L 433 -54.34 -7.11 -27.68
N SER L 434 -54.90 -6.61 -28.78
CA SER L 434 -56.07 -7.21 -29.39
C SER L 434 -56.03 -6.98 -30.90
N MET L 435 -57.09 -7.40 -31.57
CA MET L 435 -57.30 -7.15 -32.99
C MET L 435 -58.52 -6.26 -33.18
N GLU L 436 -58.66 -5.73 -34.38
CA GLU L 436 -59.77 -4.83 -34.68
C GLU L 436 -59.61 -3.60 -33.77
N VAL L 437 -60.69 -3.06 -33.23
CA VAL L 437 -60.65 -1.93 -32.30
C VAL L 437 -61.16 -2.41 -30.95
N PRO L 438 -60.41 -2.25 -29.87
CA PRO L 438 -60.84 -2.79 -28.58
C PRO L 438 -62.06 -2.07 -28.03
N ASN L 439 -62.74 -2.75 -27.10
CA ASN L 439 -63.87 -2.14 -26.41
C ASN L 439 -63.42 -1.60 -25.07
N PRO L 440 -63.91 -0.44 -24.63
CA PRO L 440 -63.52 0.08 -23.32
C PRO L 440 -64.24 -0.68 -22.21
N LEU L 441 -63.78 -0.42 -20.99
CA LEU L 441 -64.33 -1.03 -19.78
C LEU L 441 -65.07 0.07 -19.03
N PHE L 442 -66.36 -0.14 -18.76
CA PHE L 442 -67.20 0.88 -18.16
C PHE L 442 -67.19 0.70 -16.64
N ILE L 443 -66.60 1.66 -15.93
CA ILE L 443 -66.53 1.66 -14.49
C ILE L 443 -67.56 2.65 -13.95
N GLU L 444 -68.31 2.23 -12.93
CA GLU L 444 -69.37 3.04 -12.36
C GLU L 444 -69.36 2.84 -10.85
N ILE L 445 -69.10 3.91 -10.11
CA ILE L 445 -69.24 3.86 -8.66
C ILE L 445 -70.71 3.73 -8.32
N ASN L 446 -71.08 2.65 -7.63
CA ASN L 446 -72.46 2.31 -7.37
C ASN L 446 -72.92 2.72 -5.98
N LYS L 447 -72.18 2.33 -4.94
CA LYS L 447 -72.52 2.67 -3.56
C LYS L 447 -71.29 3.24 -2.87
N GLY L 448 -71.54 4.16 -1.95
CA GLY L 448 -70.47 4.89 -1.31
C GLY L 448 -69.99 6.03 -2.17
N GLU L 449 -68.90 6.66 -1.74
CA GLU L 449 -68.28 7.76 -2.48
C GLU L 449 -66.79 7.50 -2.59
N ALA L 450 -66.26 7.68 -3.80
CA ALA L 450 -64.84 7.48 -4.06
C ALA L 450 -64.40 8.36 -5.21
N ASP L 451 -63.09 8.56 -5.31
CA ASP L 451 -62.52 9.33 -6.41
C ASP L 451 -62.32 8.42 -7.61
N ILE L 452 -62.95 8.76 -8.73
CA ILE L 452 -62.97 7.86 -9.88
C ILE L 452 -61.56 7.67 -10.44
N LYS L 453 -60.71 8.69 -10.39
CA LYS L 453 -59.33 8.52 -10.86
C LYS L 453 -58.60 7.47 -10.05
N GLN L 454 -58.76 7.50 -8.72
CA GLN L 454 -58.15 6.48 -7.88
C GLN L 454 -58.74 5.10 -8.17
N VAL L 455 -60.04 5.03 -8.45
CA VAL L 455 -60.68 3.76 -8.77
C VAL L 455 -60.06 3.16 -10.02
N LEU L 456 -59.90 3.99 -11.07
CA LEU L 456 -59.27 3.51 -12.30
C LEU L 456 -57.82 3.11 -12.03
N LYS L 457 -57.09 3.89 -11.24
CA LYS L 457 -55.71 3.56 -10.94
C LYS L 457 -55.60 2.20 -10.24
N ASP L 458 -56.53 1.92 -9.33
CA ASP L 458 -56.49 0.66 -8.61
C ASP L 458 -56.95 -0.50 -9.48
N ILE L 459 -57.86 -0.25 -10.43
CA ILE L 459 -58.28 -1.32 -11.34
C ILE L 459 -57.16 -1.67 -12.30
N LEU L 460 -56.42 -0.67 -12.77
CA LEU L 460 -55.40 -0.94 -13.78
C LEU L 460 -54.25 -1.77 -13.22
N SER L 461 -53.91 -1.59 -11.94
CA SER L 461 -52.87 -2.39 -11.32
C SER L 461 -53.34 -3.78 -10.93
N LEU L 462 -54.64 -4.03 -10.90
CA LEU L 462 -55.17 -5.35 -10.62
C LEU L 462 -55.14 -6.27 -11.84
N THR L 463 -54.67 -5.77 -12.99
CA THR L 463 -54.61 -6.56 -14.21
C THR L 463 -53.23 -7.16 -14.46
N LYS L 464 -52.29 -6.99 -13.55
CA LYS L 464 -50.92 -7.46 -13.73
C LYS L 464 -50.61 -8.72 -12.94
N LEU L 465 -51.62 -9.36 -12.35
CA LEU L 465 -51.40 -10.48 -11.43
C LEU L 465 -51.99 -11.78 -11.97
N ASN L 466 -51.85 -12.02 -13.27
CA ASN L 466 -52.37 -13.24 -13.89
C ASN L 466 -51.24 -14.27 -13.89
N TYR L 467 -51.22 -15.11 -12.84
CA TYR L 467 -50.22 -16.16 -12.75
C TYR L 467 -50.53 -17.36 -13.64
N ASN L 468 -51.78 -17.49 -14.08
CA ASN L 468 -52.13 -18.48 -15.09
C ASN L 468 -51.56 -18.13 -16.46
N ALA L 469 -51.03 -16.92 -16.63
CA ALA L 469 -50.55 -16.43 -17.92
C ALA L 469 -49.21 -15.74 -17.73
N CYS L 470 -48.46 -15.64 -18.83
CA CYS L 470 -47.24 -14.83 -18.89
C CYS L 470 -47.45 -13.84 -20.04
N ILE L 471 -48.10 -12.72 -19.71
CA ILE L 471 -48.47 -11.70 -20.68
C ILE L 471 -48.06 -10.35 -20.15
N PHE L 472 -48.18 -9.33 -21.00
CA PHE L 472 -47.87 -7.97 -20.55
C PHE L 472 -48.87 -7.50 -19.50
N ALA L 473 -50.15 -7.74 -19.73
CA ALA L 473 -51.20 -7.35 -18.80
C ALA L 473 -52.51 -7.94 -19.30
N ASP L 474 -53.49 -7.98 -18.40
CA ASP L 474 -54.78 -8.60 -18.68
C ASP L 474 -55.79 -7.54 -19.11
N GLY L 475 -56.98 -8.01 -19.50
CA GLY L 475 -58.03 -7.12 -19.97
C GLY L 475 -58.97 -6.66 -18.87
N GLU L 476 -59.19 -7.51 -17.88
CA GLU L 476 -60.06 -7.21 -16.75
C GLU L 476 -59.30 -7.49 -15.46
N PRO L 477 -59.72 -6.90 -14.34
CA PRO L 477 -59.06 -7.18 -13.07
C PRO L 477 -59.12 -8.66 -12.73
N VAL L 478 -58.05 -9.16 -12.11
CA VAL L 478 -58.01 -10.57 -11.75
C VAL L 478 -58.86 -10.88 -10.52
N THR L 479 -59.24 -9.87 -9.75
CA THR L 479 -60.18 -10.10 -8.67
C THR L 479 -61.50 -10.65 -9.19
N LEU L 480 -61.85 -10.32 -10.44
CA LEU L 480 -63.06 -10.83 -11.07
C LEU L 480 -62.82 -12.08 -11.90
N ARG L 481 -61.58 -12.33 -12.31
CA ARG L 481 -61.27 -13.49 -13.14
C ARG L 481 -60.95 -14.73 -12.32
N PHE L 482 -60.21 -14.58 -11.22
CA PHE L 482 -59.90 -15.71 -10.37
C PHE L 482 -61.09 -16.10 -9.49
N ALA L 483 -61.93 -15.13 -9.12
CA ALA L 483 -63.17 -15.44 -8.42
C ALA L 483 -64.17 -16.15 -9.31
N ASP L 484 -63.92 -16.23 -10.61
CA ASP L 484 -64.78 -16.93 -11.54
C ASP L 484 -64.37 -18.39 -11.70
N LYS L 485 -63.06 -18.68 -11.70
CA LYS L 485 -62.59 -20.05 -11.83
C LYS L 485 -63.00 -20.89 -10.63
N ILE L 486 -62.87 -20.32 -9.43
CA ILE L 486 -63.26 -21.05 -8.22
C ILE L 486 -64.75 -21.35 -8.24
N GLY L 487 -65.57 -20.38 -8.68
CA GLY L 487 -67.00 -20.63 -8.75
C GLY L 487 -67.39 -21.59 -9.85
N GLU L 488 -66.58 -21.67 -10.90
CA GLU L 488 -66.81 -22.64 -11.96
C GLU L 488 -66.45 -24.06 -11.54
N ILE L 489 -65.45 -24.22 -10.66
CA ILE L 489 -65.05 -25.53 -10.19
C ILE L 489 -65.87 -25.97 -8.99
N LEU L 490 -66.37 -25.04 -8.19
CA LEU L 490 -67.11 -25.39 -6.98
C LEU L 490 -68.55 -25.80 -7.29
N THR L 491 -69.06 -25.48 -8.48
CA THR L 491 -70.45 -25.80 -8.84
C THR L 491 -70.54 -27.03 -9.73
N ALA L 492 -69.46 -27.78 -9.90
CA ALA L 492 -69.45 -29.01 -10.69
C ALA L 492 -69.23 -30.23 -9.82
N SER L 493 -69.76 -30.21 -8.60
CA SER L 493 -69.61 -31.33 -7.67
C SER L 493 -70.57 -31.13 -6.51
N THR L 494 -70.73 -32.19 -5.73
CA THR L 494 -71.55 -32.10 -4.54
C THR L 494 -70.91 -31.16 -3.52
N ASP L 495 -71.72 -30.72 -2.55
CA ASP L 495 -71.22 -29.82 -1.52
C ASP L 495 -70.05 -30.46 -0.80
N ILE L 496 -68.97 -29.69 -0.62
CA ILE L 496 -67.78 -30.13 0.08
C ILE L 496 -67.45 -29.10 1.14
N LYS L 497 -67.25 -29.56 2.37
CA LYS L 497 -67.13 -28.68 3.52
C LYS L 497 -65.73 -28.09 3.62
N THR L 498 -65.68 -26.78 3.82
CA THR L 498 -64.42 -26.05 4.02
C THR L 498 -63.43 -26.40 2.92
N PRO L 499 -63.65 -25.94 1.68
CA PRO L 499 -62.67 -26.18 0.62
C PRO L 499 -61.46 -25.28 0.79
N PRO L 500 -60.37 -25.57 0.08
CA PRO L 500 -59.16 -24.76 0.22
C PRO L 500 -59.35 -23.36 -0.36
N LEU L 501 -58.54 -22.43 0.12
CA LEU L 501 -58.57 -21.05 -0.36
C LEU L 501 -57.46 -20.75 -1.36
N ALA L 502 -56.35 -21.47 -1.31
CA ALA L 502 -55.22 -21.19 -2.20
C ALA L 502 -55.62 -21.42 -3.65
N PHE L 503 -55.06 -20.60 -4.54
CA PHE L 503 -55.39 -20.71 -5.95
C PHE L 503 -54.68 -21.88 -6.61
N LYS L 504 -53.54 -22.32 -6.07
CA LYS L 504 -52.78 -23.36 -6.74
C LYS L 504 -53.57 -24.66 -6.85
N TYR L 505 -54.59 -24.86 -6.03
CA TYR L 505 -55.45 -26.03 -6.11
C TYR L 505 -56.61 -25.85 -7.07
N TYR L 506 -56.75 -24.68 -7.69
CA TYR L 506 -57.84 -24.40 -8.61
C TYR L 506 -57.38 -24.12 -10.02
N ILE L 507 -56.43 -23.21 -10.21
CA ILE L 507 -56.01 -22.81 -11.55
C ILE L 507 -55.11 -23.88 -12.14
N ARG M 1 5.89 -37.77 -14.17
CA ARG M 1 5.68 -37.56 -12.75
C ARG M 1 4.53 -38.43 -12.26
N ASN M 2 3.31 -38.03 -12.57
CA ASN M 2 2.14 -38.92 -12.45
C ASN M 2 1.68 -39.15 -11.02
N LYS M 3 2.40 -38.61 -10.03
CA LYS M 3 2.04 -38.80 -8.63
C LYS M 3 1.77 -37.47 -7.94
N ILE M 4 0.91 -37.51 -6.93
CA ILE M 4 0.54 -36.36 -6.12
C ILE M 4 1.04 -36.61 -4.70
N PHE M 5 1.84 -35.69 -4.19
CA PHE M 5 2.44 -35.82 -2.87
C PHE M 5 1.61 -35.05 -1.86
N ILE M 6 1.40 -35.64 -0.68
CA ILE M 6 0.62 -35.04 0.39
C ILE M 6 1.47 -35.02 1.65
N SER M 7 1.69 -33.84 2.20
CA SER M 7 2.49 -33.65 3.40
C SER M 7 1.60 -33.20 4.55
N HIS M 8 1.64 -33.93 5.66
CA HIS M 8 0.78 -33.65 6.79
C HIS M 8 1.53 -33.98 8.08
N ALA M 9 1.02 -33.44 9.18
CA ALA M 9 1.63 -33.60 10.50
C ALA M 9 1.04 -34.83 11.18
N THR M 10 1.65 -35.98 10.94
CA THR M 10 1.25 -37.20 11.63
C THR M 10 1.55 -37.06 13.12
N PRO M 11 0.71 -37.61 14.01
CA PRO M 11 -0.56 -38.32 13.79
C PRO M 11 -1.78 -37.47 14.12
N ASP M 12 -1.71 -36.16 13.96
CA ASP M 12 -2.81 -35.29 14.34
C ASP M 12 -3.84 -35.07 13.22
N ASP M 13 -3.39 -35.05 11.97
CA ASP M 13 -4.25 -34.78 10.83
C ASP M 13 -4.56 -36.06 10.05
N ASN M 14 -4.75 -37.17 10.76
CA ASN M 14 -4.95 -38.44 10.08
C ASN M 14 -6.34 -38.56 9.47
N ASP M 15 -7.38 -38.10 10.15
CA ASP M 15 -8.73 -38.30 9.63
C ASP M 15 -8.88 -37.66 8.26
N PHE M 16 -8.56 -36.37 8.15
CA PHE M 16 -8.70 -35.68 6.88
C PHE M 16 -7.77 -36.24 5.84
N THR M 17 -6.56 -36.63 6.23
CA THR M 17 -5.61 -37.17 5.26
C THR M 17 -6.11 -38.48 4.67
N ARG M 18 -6.61 -39.38 5.52
CA ARG M 18 -7.19 -40.62 5.02
C ARG M 18 -8.37 -40.34 4.11
N TRP M 19 -9.27 -39.43 4.53
CA TRP M 19 -10.43 -39.10 3.71
C TRP M 19 -10.01 -38.60 2.34
N LEU M 20 -9.08 -37.64 2.31
CA LEU M 20 -8.65 -37.04 1.04
C LEU M 20 -7.93 -38.05 0.17
N ALA M 21 -7.05 -38.86 0.75
CA ALA M 21 -6.33 -39.86 -0.03
C ALA M 21 -7.29 -40.86 -0.64
N LEU M 22 -8.27 -41.34 0.15
CA LEU M 22 -9.23 -42.30 -0.40
C LEU M 22 -10.06 -41.68 -1.50
N LYS M 23 -10.51 -40.43 -1.31
CA LYS M 23 -11.30 -39.79 -2.36
C LYS M 23 -10.50 -39.59 -3.63
N LEU M 24 -9.26 -39.11 -3.51
CA LEU M 24 -8.44 -38.87 -4.70
C LEU M 24 -8.10 -40.17 -5.41
N ILE M 25 -7.79 -41.23 -4.66
CA ILE M 25 -7.47 -42.51 -5.27
C ILE M 25 -8.70 -43.11 -5.93
N GLY M 26 -9.88 -42.82 -5.39
CA GLY M 26 -11.11 -43.25 -6.02
C GLY M 26 -11.50 -42.44 -7.24
N LEU M 27 -10.77 -41.36 -7.52
CA LEU M 27 -11.04 -40.52 -8.68
C LEU M 27 -10.00 -40.66 -9.78
N GLY M 28 -8.96 -41.48 -9.58
CA GLY M 28 -7.99 -41.75 -10.61
C GLY M 28 -6.64 -41.08 -10.45
N TYR M 29 -6.34 -40.52 -9.28
CA TYR M 29 -5.07 -39.87 -9.04
C TYR M 29 -4.20 -40.76 -8.15
N GLU M 30 -2.95 -40.94 -8.53
CA GLU M 30 -2.02 -41.72 -7.72
C GLU M 30 -1.46 -40.84 -6.60
N VAL M 31 -1.63 -41.30 -5.37
CA VAL M 31 -1.31 -40.51 -4.18
C VAL M 31 -0.20 -41.21 -3.41
N TRP M 32 0.82 -40.45 -3.05
CA TRP M 32 1.91 -40.93 -2.19
C TRP M 32 1.78 -40.25 -0.84
N CYS M 33 1.66 -41.04 0.23
CA CYS M 33 1.52 -40.50 1.57
C CYS M 33 2.07 -41.52 2.56
N ASP M 34 2.40 -41.03 3.76
CA ASP M 34 3.05 -41.85 4.77
C ASP M 34 2.09 -42.74 5.55
N ILE M 35 0.80 -42.76 5.19
CA ILE M 35 -0.19 -43.57 5.87
C ILE M 35 -0.66 -44.73 5.01
N LEU M 36 -0.31 -44.76 3.73
CA LEU M 36 -0.74 -45.80 2.82
C LEU M 36 0.16 -47.04 2.86
N PHE M 37 1.33 -46.96 3.52
CA PHE M 37 2.25 -48.08 3.62
C PHE M 37 2.43 -48.42 5.09
N LEU M 38 2.39 -49.72 5.39
CA LEU M 38 2.55 -50.22 6.76
C LEU M 38 3.99 -50.63 7.07
N ASP M 39 4.93 -50.41 6.15
CA ASP M 39 6.33 -50.75 6.35
C ASP M 39 7.15 -49.47 6.40
N LYS M 40 8.03 -49.37 7.39
CA LYS M 40 8.83 -48.18 7.62
C LYS M 40 10.23 -48.61 8.03
N GLY M 41 11.06 -47.64 8.44
CA GLY M 41 12.43 -47.97 8.89
C GLY M 41 13.48 -47.70 7.82
N VAL M 42 13.67 -48.64 6.89
CA VAL M 42 14.76 -48.49 5.86
C VAL M 42 14.50 -47.26 4.99
N ASP M 43 15.55 -46.50 4.68
CA ASP M 43 15.42 -45.31 3.80
C ASP M 43 14.16 -44.53 4.17
N PHE M 44 14.04 -44.14 5.44
CA PHE M 44 12.87 -43.35 5.90
C PHE M 44 12.88 -41.98 5.22
N TRP M 45 14.04 -41.55 4.72
CA TRP M 45 14.15 -40.22 4.07
C TRP M 45 14.47 -40.35 2.59
N SER M 46 15.44 -41.18 2.23
CA SER M 46 15.87 -41.29 0.81
C SER M 46 14.66 -41.44 -0.13
N ASN M 47 13.81 -42.45 0.12
CA ASN M 47 12.67 -42.70 -0.75
C ASN M 47 11.80 -41.46 -0.89
N ILE M 48 11.56 -40.75 0.21
CA ILE M 48 10.68 -39.59 0.18
C ILE M 48 11.29 -38.49 -0.68
N GLU M 49 12.56 -38.17 -0.44
CA GLU M 49 13.23 -37.14 -1.23
C GLU M 49 13.32 -37.54 -2.70
N LYS M 50 13.61 -38.83 -2.95
CA LYS M 50 13.66 -39.31 -4.32
C LYS M 50 12.32 -39.14 -5.02
N VAL M 51 11.22 -39.44 -4.32
CA VAL M 51 9.91 -39.33 -4.92
C VAL M 51 9.55 -37.87 -5.18
N ILE M 52 9.89 -36.98 -4.25
CA ILE M 52 9.62 -35.56 -4.46
C ILE M 52 10.39 -35.06 -5.68
N ARG M 53 11.67 -35.41 -5.77
CA ARG M 53 12.53 -34.84 -6.80
C ARG M 53 12.39 -35.51 -8.15
N GLU M 54 11.80 -36.71 -8.21
CA GLU M 54 11.84 -37.51 -9.44
C GLU M 54 10.48 -37.64 -10.11
N ASP M 55 9.44 -38.06 -9.39
CA ASP M 55 8.19 -38.44 -10.01
C ASP M 55 7.00 -37.87 -9.24
N THR M 56 7.09 -36.60 -8.87
CA THR M 56 6.00 -35.89 -8.21
C THR M 56 5.62 -34.68 -9.05
N CYS M 57 4.36 -34.62 -9.48
CA CYS M 57 3.87 -33.48 -10.26
C CYS M 57 3.21 -32.42 -9.40
N LYS M 58 2.55 -32.82 -8.31
CA LYS M 58 1.87 -31.88 -7.43
C LYS M 58 2.29 -32.14 -5.99
N PHE M 59 2.46 -31.06 -5.24
CA PHE M 59 2.77 -31.13 -3.81
C PHE M 59 1.62 -30.45 -3.08
N LEU M 60 0.84 -31.22 -2.33
CA LEU M 60 -0.26 -30.70 -1.54
C LEU M 60 0.14 -30.68 -0.07
N LEU M 61 0.03 -29.52 0.56
CA LEU M 61 0.39 -29.33 1.95
C LEU M 61 -0.86 -29.09 2.77
N VAL M 62 -1.06 -29.93 3.79
CA VAL M 62 -2.20 -29.79 4.69
C VAL M 62 -1.85 -28.71 5.72
N SER M 63 -2.26 -27.47 5.45
CA SER M 63 -1.90 -26.34 6.29
C SER M 63 -2.83 -26.29 7.49
N SER M 64 -2.28 -26.55 8.68
CA SER M 64 -3.05 -26.53 9.91
C SER M 64 -2.12 -26.17 11.06
N SER M 65 -2.68 -26.09 12.27
CA SER M 65 -1.89 -25.67 13.42
C SER M 65 -0.73 -26.63 13.67
N TYR M 66 -0.98 -27.93 13.54
CA TYR M 66 0.07 -28.92 13.81
C TYR M 66 1.17 -28.86 12.76
N SER M 67 0.80 -28.63 11.49
CA SER M 67 1.78 -28.69 10.41
C SER M 67 2.63 -27.43 10.31
N ASN M 68 2.22 -26.34 10.94
CA ASN M 68 3.06 -25.14 10.97
C ASN M 68 4.24 -25.37 11.90
N GLN M 69 5.44 -25.04 11.43
CA GLN M 69 6.66 -25.17 12.22
C GLN M 69 6.87 -26.61 12.68
N ARG M 70 6.65 -27.55 11.75
CA ARG M 70 6.89 -28.96 11.98
C ARG M 70 8.08 -29.38 11.14
N GLU M 71 9.09 -29.98 11.78
CA GLU M 71 10.40 -30.13 11.15
C GLU M 71 10.32 -30.93 9.86
N GLY M 72 9.66 -32.09 9.90
CA GLY M 72 9.56 -32.90 8.69
C GLY M 72 8.84 -32.18 7.58
N VAL M 73 7.73 -31.49 7.92
CA VAL M 73 6.99 -30.75 6.90
C VAL M 73 7.84 -29.60 6.35
N LEU M 74 8.64 -28.96 7.22
CA LEU M 74 9.49 -27.88 6.75
C LEU M 74 10.56 -28.38 5.78
N LYS M 75 11.19 -29.52 6.09
CA LYS M 75 12.15 -30.10 5.16
C LYS M 75 11.47 -30.48 3.86
N GLU M 76 10.27 -31.03 3.95
CA GLU M 76 9.51 -31.36 2.74
C GLU M 76 9.27 -30.11 1.90
N LEU M 77 8.90 -29.01 2.55
CA LEU M 77 8.67 -27.76 1.83
C LEU M 77 9.96 -27.27 1.18
N ALA M 78 11.09 -27.41 1.85
CA ALA M 78 12.35 -26.99 1.26
C ALA M 78 12.65 -27.78 -0.02
N VAL M 79 12.53 -29.10 0.06
CA VAL M 79 12.75 -29.93 -1.13
C VAL M 79 11.75 -29.57 -2.23
N ALA M 80 10.50 -29.33 -1.84
CA ALA M 80 9.47 -28.99 -2.82
C ALA M 80 9.79 -27.67 -3.51
N ALA M 81 10.26 -26.68 -2.76
CA ALA M 81 10.64 -25.41 -3.37
C ALA M 81 11.80 -25.60 -4.33
N LYS M 82 12.78 -26.40 -3.95
CA LYS M 82 13.90 -26.68 -4.86
C LYS M 82 13.39 -27.29 -6.16
N VAL M 83 12.52 -28.31 -6.06
CA VAL M 83 12.00 -28.95 -7.26
C VAL M 83 11.15 -28.00 -8.08
N LYS M 84 10.36 -27.15 -7.40
CA LYS M 84 9.51 -26.21 -8.11
C LYS M 84 10.33 -25.20 -8.90
N LYS M 85 11.43 -24.72 -8.31
CA LYS M 85 12.31 -23.83 -9.05
C LYS M 85 12.98 -24.58 -10.21
N GLN M 86 13.36 -25.84 -9.99
CA GLN M 86 13.99 -26.61 -11.06
C GLN M 86 13.05 -26.79 -12.26
N LEU M 87 11.77 -27.06 -11.99
CA LEU M 87 10.81 -27.32 -13.06
C LEU M 87 10.28 -26.07 -13.72
N LYS M 88 10.57 -24.89 -13.18
CA LYS M 88 10.03 -23.63 -13.70
C LYS M 88 8.51 -23.69 -13.77
N ASP M 89 7.90 -24.33 -12.78
CA ASP M 89 6.45 -24.41 -12.65
C ASP M 89 6.03 -23.47 -11.52
N ASP M 90 5.16 -22.51 -11.85
CA ASP M 90 4.77 -21.51 -10.87
C ASP M 90 3.79 -22.05 -9.84
N LYS M 91 2.96 -23.02 -10.21
CA LYS M 91 1.93 -23.57 -9.34
C LYS M 91 2.28 -25.03 -9.06
N PHE M 92 3.09 -25.25 -8.03
CA PHE M 92 3.54 -26.58 -7.65
C PHE M 92 3.17 -26.97 -6.22
N ILE M 93 3.13 -26.00 -5.29
CA ILE M 93 2.67 -26.23 -3.93
C ILE M 93 1.29 -25.60 -3.79
N ILE M 94 0.33 -26.38 -3.35
CA ILE M 94 -1.05 -25.94 -3.20
C ILE M 94 -1.48 -26.21 -1.76
N PRO M 95 -1.33 -25.24 -0.86
CA PRO M 95 -1.72 -25.46 0.54
C PRO M 95 -3.21 -25.68 0.69
N LEU M 96 -3.57 -26.51 1.66
CA LEU M 96 -4.96 -26.77 2.02
C LEU M 96 -5.18 -26.25 3.44
N ALA M 97 -6.17 -25.36 3.60
CA ALA M 97 -6.46 -24.72 4.88
C ALA M 97 -7.62 -25.45 5.53
N ILE M 98 -7.32 -26.24 6.56
CA ILE M 98 -8.33 -27.09 7.21
C ILE M 98 -8.59 -26.72 8.65
N ASP M 99 -7.78 -25.86 9.25
CA ASP M 99 -7.91 -25.52 10.66
C ASP M 99 -8.51 -24.12 10.81
N GLU M 100 -9.47 -23.99 11.73
CA GLU M 100 -10.10 -22.70 11.99
C GLU M 100 -9.27 -21.84 12.92
N GLN M 101 -8.44 -22.45 13.77
CA GLN M 101 -7.63 -21.67 14.71
C GLN M 101 -6.44 -21.01 14.03
N LEU M 102 -5.94 -21.59 12.94
CA LEU M 102 -4.76 -21.08 12.25
C LEU M 102 -5.17 -19.89 11.39
N SER M 103 -4.95 -18.68 11.91
CA SER M 103 -5.22 -17.47 11.14
C SER M 103 -4.18 -17.30 10.04
N TYR M 104 -4.62 -16.61 8.99
CA TYR M 104 -3.73 -16.41 7.82
C TYR M 104 -2.61 -15.43 8.22
N ASP M 105 -2.79 -14.68 9.31
CA ASP M 105 -1.75 -13.80 9.81
C ASP M 105 -0.55 -14.56 10.36
N ASP M 106 -0.71 -15.86 10.64
CA ASP M 106 0.31 -16.66 11.31
C ASP M 106 0.64 -17.93 10.53
N ILE M 107 0.86 -17.80 9.22
CA ILE M 107 1.26 -18.94 8.41
C ILE M 107 2.77 -18.88 8.16
N ASN M 108 3.32 -19.99 7.70
CA ASN M 108 4.75 -20.09 7.47
C ASN M 108 5.19 -19.16 6.34
N ILE M 109 6.45 -18.74 6.40
CA ILE M 109 6.99 -17.85 5.36
C ILE M 109 7.04 -18.56 4.02
N ASP M 110 7.33 -19.86 4.00
CA ASP M 110 7.45 -20.56 2.73
C ASP M 110 6.12 -20.59 1.99
N ILE M 111 5.00 -20.53 2.71
CA ILE M 111 3.68 -20.40 2.10
C ILE M 111 3.01 -19.21 2.79
N VAL M 112 3.27 -18.01 2.29
CA VAL M 112 2.55 -16.81 2.73
C VAL M 112 2.10 -15.94 1.58
N ARG M 113 2.62 -16.13 0.37
CA ARG M 113 2.21 -15.39 -0.81
C ARG M 113 1.37 -16.24 -1.75
N LEU M 114 1.01 -17.46 -1.35
CA LEU M 114 0.36 -18.41 -2.23
C LEU M 114 -1.15 -18.45 -1.97
N ASN M 115 -1.90 -18.70 -3.04
CA ASN M 115 -3.36 -18.75 -2.97
C ASN M 115 -3.79 -20.13 -2.48
N ALA M 116 -4.33 -20.19 -1.27
CA ALA M 116 -4.66 -21.46 -0.62
C ALA M 116 -6.13 -21.82 -0.83
N ILE M 117 -6.38 -23.12 -0.89
CA ILE M 117 -7.72 -23.66 -1.02
C ILE M 117 -8.33 -23.76 0.38
N ASP M 118 -9.59 -23.38 0.51
CA ASP M 118 -10.25 -23.30 1.81
C ASP M 118 -11.07 -24.56 2.06
N PHE M 119 -10.88 -25.17 3.23
CA PHE M 119 -11.66 -26.30 3.69
C PHE M 119 -12.40 -26.03 4.98
N LYS M 120 -12.22 -24.84 5.58
CA LYS M 120 -12.73 -24.59 6.92
C LYS M 120 -14.26 -24.64 6.96
N MET M 121 -14.93 -24.16 5.91
CA MET M 121 -16.38 -24.07 5.94
C MET M 121 -17.03 -25.41 5.62
N SER M 122 -16.58 -26.09 4.58
CA SER M 122 -17.15 -27.38 4.20
C SER M 122 -16.14 -28.12 3.35
N TRP M 123 -16.02 -29.43 3.58
CA TRP M 123 -14.99 -30.22 2.91
C TRP M 123 -15.35 -30.52 1.46
N ALA M 124 -16.64 -30.57 1.14
CA ALA M 124 -17.04 -30.84 -0.24
C ALA M 124 -16.69 -29.68 -1.15
N ARG M 125 -16.84 -28.45 -0.67
CA ARG M 125 -16.41 -27.30 -1.45
C ARG M 125 -14.91 -27.33 -1.68
N GLY M 126 -14.14 -27.71 -0.66
CA GLY M 126 -12.70 -27.86 -0.84
C GLY M 126 -12.35 -28.91 -1.88
N LEU M 127 -13.05 -30.04 -1.86
CA LEU M 127 -12.79 -31.08 -2.85
C LEU M 127 -13.15 -30.59 -4.26
N LYS M 128 -14.27 -29.89 -4.40
CA LYS M 128 -14.63 -29.33 -5.70
C LYS M 128 -13.55 -28.37 -6.18
N ASP M 129 -13.06 -27.51 -5.29
CA ASP M 129 -11.99 -26.58 -5.67
C ASP M 129 -10.75 -27.33 -6.11
N ILE M 130 -10.36 -28.37 -5.38
CA ILE M 130 -9.17 -29.14 -5.73
C ILE M 130 -9.33 -29.78 -7.10
N LEU M 131 -10.50 -30.38 -7.35
CA LEU M 131 -10.72 -31.06 -8.62
C LEU M 131 -10.71 -30.06 -9.78
N GLU M 132 -11.35 -28.90 -9.60
CA GLU M 132 -11.35 -27.90 -10.65
C GLU M 132 -9.94 -27.37 -10.92
N ALA M 133 -9.16 -27.14 -9.86
CA ALA M 133 -7.79 -26.70 -10.04
C ALA M 133 -6.98 -27.74 -10.79
N PHE M 134 -7.12 -29.01 -10.41
CA PHE M 134 -6.37 -30.07 -11.09
C PHE M 134 -6.75 -30.15 -12.56
N GLU M 135 -8.04 -30.05 -12.87
CA GLU M 135 -8.47 -30.09 -14.26
C GLU M 135 -7.91 -28.90 -15.04
N LYS M 136 -7.92 -27.71 -14.42
CA LYS M 136 -7.43 -26.52 -15.12
C LYS M 136 -5.94 -26.61 -15.37
N GLN M 137 -5.17 -27.12 -14.41
CA GLN M 137 -3.73 -27.22 -14.52
C GLN M 137 -3.28 -28.49 -15.23
N LYS M 138 -4.21 -29.33 -15.67
CA LYS M 138 -3.90 -30.53 -16.44
C LYS M 138 -3.01 -31.49 -15.65
N VAL M 139 -3.48 -31.86 -14.47
CA VAL M 139 -2.76 -32.87 -13.67
C VAL M 139 -3.02 -34.24 -14.27
N PRO M 140 -1.99 -35.04 -14.59
CA PRO M 140 -2.26 -36.36 -15.18
C PRO M 140 -3.06 -37.23 -14.24
N LYS M 141 -3.92 -38.07 -14.83
CA LYS M 141 -4.87 -38.85 -14.04
C LYS M 141 -5.27 -40.10 -14.78
N GLU M 142 -5.85 -41.04 -14.03
CA GLU M 142 -6.48 -42.24 -14.57
C GLU M 142 -7.99 -42.07 -14.57
N VAL M 143 -8.66 -42.88 -15.38
CA VAL M 143 -10.12 -42.94 -15.31
C VAL M 143 -10.54 -43.25 -13.88
N ALA M 144 -11.46 -42.45 -13.36
CA ALA M 144 -11.82 -42.55 -11.95
C ALA M 144 -12.34 -43.96 -11.64
N ASP M 145 -11.80 -44.55 -10.58
CA ASP M 145 -12.18 -45.90 -10.15
C ASP M 145 -12.21 -45.91 -8.62
N ALA M 146 -13.42 -45.97 -8.06
CA ALA M 146 -13.56 -46.03 -6.60
C ALA M 146 -13.11 -47.37 -6.02
N SER M 147 -12.95 -48.39 -6.86
CA SER M 147 -12.48 -49.69 -6.37
C SER M 147 -11.05 -49.61 -5.84
N LYS M 148 -10.23 -48.72 -6.41
CA LYS M 148 -8.90 -48.51 -5.86
C LYS M 148 -8.96 -48.06 -4.41
N SER M 149 -9.79 -47.05 -4.15
CA SER M 149 -9.97 -46.55 -2.79
C SER M 149 -10.56 -47.62 -1.90
N ASN M 150 -11.53 -48.39 -2.39
CA ASN M 150 -12.11 -49.46 -1.59
C ASN M 150 -11.05 -50.47 -1.19
N LEU M 151 -10.23 -50.91 -2.14
CA LEU M 151 -9.20 -51.89 -1.85
C LEU M 151 -8.18 -51.35 -0.86
N LEU M 152 -7.73 -50.12 -1.07
CA LEU M 152 -6.71 -49.55 -0.17
C LEU M 152 -7.27 -49.37 1.23
N TYR M 153 -8.53 -48.91 1.34
CA TYR M 153 -9.16 -48.78 2.64
C TYR M 153 -9.25 -50.14 3.33
N GLN M 154 -9.55 -51.17 2.53
CA GLN M 154 -9.69 -52.56 3.06
C GLN M 154 -8.35 -53.13 3.57
N GLN M 155 -7.29 -53.13 2.76
CA GLN M 155 -6.03 -53.80 3.19
C GLN M 155 -5.68 -53.39 4.63
N ILE M 156 -5.68 -52.09 4.94
CA ILE M 156 -5.35 -51.60 6.31
C ILE M 156 -6.51 -51.96 7.25
N PHE M 157 -7.69 -52.25 6.70
CA PHE M 157 -8.87 -52.52 7.58
C PHE M 157 -9.40 -53.94 7.33
N LEU M 158 -8.58 -54.81 6.70
CA LEU M 158 -8.98 -56.22 6.52
C LEU M 158 -7.80 -57.17 6.80
N HIS M 159 -6.62 -56.89 6.26
CA HIS M 159 -5.47 -57.83 6.42
C HIS M 159 -5.23 -58.03 7.92
N ASP M 160 -5.50 -57.01 8.73
CA ASP M 160 -5.35 -57.12 10.20
C ASP M 160 -6.72 -57.36 10.82
N LYS M 161 -7.75 -57.49 9.97
CA LYS M 161 -9.15 -57.66 10.46
C LYS M 161 -9.91 -58.64 9.57
N SER M 162 -9.45 -59.88 9.44
CA SER M 162 -10.09 -60.84 8.50
C SER M 162 -10.61 -62.09 9.23
N VAL M 163 -11.35 -62.95 8.52
CA VAL M 163 -11.90 -64.19 9.13
C VAL M 163 -10.75 -65.20 9.27
N ILE M 164 -10.48 -65.65 10.50
CA ILE M 164 -9.32 -66.53 10.64
C ILE M 164 -9.82 -67.94 10.89
N GLU M 165 -9.23 -68.90 10.19
CA GLU M 165 -9.52 -70.32 10.42
C GLU M 165 -8.70 -70.77 11.63
N LYS M 166 -9.37 -70.97 12.76
CA LYS M 166 -8.68 -71.26 14.01
C LYS M 166 -9.68 -71.92 14.96
N GLU M 167 -9.41 -73.17 15.32
CA GLU M 167 -10.32 -73.91 16.18
C GLU M 167 -10.46 -73.24 17.54
N GLU M 168 -11.69 -73.18 18.04
CA GLU M 168 -11.96 -72.70 19.38
C GLU M 168 -13.05 -73.56 20.02
N ILE M 169 -13.12 -73.50 21.35
CA ILE M 169 -14.10 -74.24 22.13
C ILE M 169 -14.78 -73.27 23.06
N TYR M 170 -16.10 -73.38 23.18
CA TYR M 170 -16.91 -72.48 24.00
C TYR M 170 -17.56 -73.24 25.14
N ASP M 171 -17.70 -72.56 26.27
CA ASP M 171 -18.50 -73.05 27.39
C ASP M 171 -19.93 -72.53 27.26
N SER M 172 -20.86 -73.23 27.90
CA SER M 172 -22.27 -72.84 27.86
C SER M 172 -22.89 -72.86 29.25
N ASN M 173 -24.20 -72.65 29.32
CA ASN M 173 -24.93 -72.66 30.59
C ASN M 173 -25.83 -73.89 30.71
N TRP M 174 -25.57 -74.94 29.92
CA TRP M 174 -26.37 -76.15 29.93
C TRP M 174 -25.66 -77.22 30.75
N LEU M 175 -26.35 -77.75 31.77
CA LEU M 175 -25.84 -78.83 32.58
C LEU M 175 -26.57 -80.11 32.20
N SER M 176 -25.83 -81.06 31.62
CA SER M 176 -26.45 -82.32 31.20
C SER M 176 -26.84 -83.15 32.41
N ILE M 177 -27.96 -83.86 32.29
CA ILE M 177 -28.42 -84.77 33.33
C ILE M 177 -27.79 -86.13 33.09
N LEU M 178 -27.20 -86.71 34.13
CA LEU M 178 -26.40 -87.92 33.98
C LEU M 178 -27.24 -89.19 34.09
N SER M 179 -28.08 -89.30 35.12
CA SER M 179 -28.82 -90.53 35.36
C SER M 179 -30.26 -90.22 35.73
N PHE M 180 -31.14 -91.17 35.45
CA PHE M 180 -32.55 -91.15 35.82
C PHE M 180 -32.87 -92.42 36.57
N PRO M 181 -33.93 -92.43 37.38
CA PRO M 181 -34.34 -93.67 38.05
C PRO M 181 -34.80 -94.73 37.06
N GLU M 182 -35.21 -95.90 37.59
CA GLU M 182 -35.60 -97.03 36.72
C GLU M 182 -37.05 -96.86 36.25
N GLU M 183 -38.01 -97.43 36.99
CA GLU M 183 -39.43 -97.33 36.61
C GLU M 183 -40.03 -96.04 37.20
N LEU M 184 -40.93 -95.39 36.45
CA LEU M 184 -41.60 -94.18 37.01
C LEU M 184 -42.40 -94.60 38.24
N ARG M 185 -43.19 -95.67 38.15
CA ARG M 185 -43.92 -96.22 39.33
C ARG M 185 -45.08 -95.30 39.74
N PHE M 186 -46.27 -95.50 39.14
CA PHE M 186 -47.47 -94.72 39.52
C PHE M 186 -48.24 -95.49 40.60
N HIS M 187 -48.14 -95.05 41.86
CA HIS M 187 -48.80 -95.78 42.98
C HIS M 187 -50.31 -95.84 42.71
N GLU M 188 -50.93 -97.00 42.99
CA GLU M 188 -52.39 -97.15 42.79
C GLU M 188 -53.11 -95.96 43.43
N VAL M 199 -50.86 -82.08 47.88
CA VAL M 199 -49.84 -83.11 47.73
C VAL M 199 -48.44 -82.57 47.53
N ARG M 200 -48.29 -81.27 47.22
CA ARG M 200 -46.95 -80.70 47.08
C ARG M 200 -46.37 -80.25 48.42
N GLU M 201 -46.89 -80.77 49.53
CA GLU M 201 -46.29 -80.61 50.84
C GLU M 201 -45.53 -81.84 51.29
N LEU M 202 -45.61 -82.94 50.55
CA LEU M 202 -44.92 -84.16 50.91
C LEU M 202 -43.41 -83.96 50.83
N THR M 203 -42.68 -84.83 51.51
CA THR M 203 -41.23 -84.70 51.61
C THR M 203 -40.50 -85.07 50.33
N PHE M 204 -41.18 -85.72 49.37
CA PHE M 204 -40.56 -86.08 48.11
C PHE M 204 -41.47 -85.65 46.96
N PRO M 205 -40.89 -85.38 45.79
CA PRO M 205 -41.70 -84.87 44.68
C PRO M 205 -42.82 -85.83 44.30
N ALA M 206 -43.99 -85.28 44.01
CA ALA M 206 -45.14 -86.06 43.58
C ALA M 206 -46.08 -85.17 42.78
N VAL M 207 -46.94 -85.82 42.00
CA VAL M 207 -47.94 -85.13 41.19
C VAL M 207 -49.24 -85.89 41.30
N ARG M 208 -50.34 -85.18 41.50
CA ARG M 208 -51.65 -85.79 41.50
C ARG M 208 -52.11 -86.02 40.06
N TYR M 209 -52.69 -87.20 39.81
CA TYR M 209 -53.11 -87.57 38.46
C TYR M 209 -54.26 -88.56 38.62
N LYS M 210 -55.48 -88.08 38.42
CA LYS M 210 -56.67 -88.93 38.52
C LYS M 210 -56.74 -89.43 39.96
N ASN M 211 -57.04 -90.70 40.20
CA ASN M 211 -56.99 -91.28 41.53
C ASN M 211 -55.59 -91.78 41.89
N TYR M 212 -54.61 -91.62 41.01
CA TYR M 212 -53.27 -92.11 41.21
C TYR M 212 -52.35 -91.02 41.76
N LEU M 213 -51.08 -91.37 41.94
CA LEU M 213 -50.05 -90.44 42.39
C LEU M 213 -48.77 -90.75 41.64
N CYS M 214 -48.37 -89.87 40.72
CA CYS M 214 -47.19 -90.08 39.90
C CYS M 214 -45.97 -89.60 40.68
N THR M 215 -44.99 -90.48 40.85
CA THR M 215 -43.80 -90.16 41.60
C THR M 215 -42.80 -91.30 41.48
N PHE M 216 -41.52 -90.97 41.62
CA PHE M 216 -40.47 -91.98 41.67
C PHE M 216 -40.33 -92.63 43.04
N ALA M 217 -40.78 -91.97 44.10
CA ALA M 217 -40.54 -92.43 45.46
C ALA M 217 -41.29 -93.74 45.72
N TRP M 218 -40.93 -94.38 46.83
CA TRP M 218 -41.41 -95.72 47.12
C TRP M 218 -42.91 -95.72 47.39
N ALA M 219 -43.51 -96.91 47.30
CA ALA M 219 -44.95 -97.04 47.48
C ALA M 219 -45.37 -96.67 48.90
N TYR M 220 -44.60 -97.11 49.90
CA TYR M 220 -44.87 -96.79 51.30
C TYR M 220 -44.07 -95.59 51.78
N ASP M 221 -43.42 -94.87 50.87
CA ASP M 221 -42.68 -93.68 51.26
C ASP M 221 -43.63 -92.59 51.76
N THR M 237 -50.37 -100.81 41.62
CA THR M 237 -49.43 -99.79 41.21
C THR M 237 -49.06 -99.99 39.75
N ILE M 238 -49.19 -98.93 38.96
CA ILE M 238 -48.89 -98.97 37.53
C ILE M 238 -47.45 -98.51 37.36
N ARG M 239 -46.58 -99.42 36.94
CA ARG M 239 -45.15 -99.12 36.78
C ARG M 239 -44.81 -99.05 35.31
N ILE M 240 -44.07 -98.02 34.92
CA ILE M 240 -43.63 -97.81 33.55
C ILE M 240 -42.13 -97.57 33.56
N PRO M 241 -41.37 -98.06 32.57
CA PRO M 241 -39.93 -97.77 32.56
C PRO M 241 -39.64 -96.39 32.00
N THR M 242 -38.71 -95.69 32.66
CA THR M 242 -38.40 -94.31 32.27
C THR M 242 -37.79 -94.25 30.88
N GLU M 243 -36.97 -95.23 30.52
CA GLU M 243 -36.29 -95.19 29.23
C GLU M 243 -37.28 -95.19 28.07
N GLU M 244 -38.31 -96.03 28.14
CA GLU M 244 -39.24 -96.12 27.03
C GLU M 244 -40.11 -94.86 26.90
N ILE M 245 -40.51 -94.28 28.03
CA ILE M 245 -41.31 -93.05 27.98
C ILE M 245 -40.47 -91.83 27.65
N LEU M 246 -39.14 -91.89 27.81
CA LEU M 246 -38.27 -90.83 27.34
C LEU M 246 -37.88 -91.01 25.88
N SER M 247 -37.91 -92.25 25.37
CA SER M 247 -37.61 -92.49 23.96
C SER M 247 -38.82 -92.27 23.06
N GLY M 248 -40.00 -92.02 23.64
CA GLY M 248 -41.18 -91.76 22.84
C GLY M 248 -41.91 -92.99 22.35
N SER M 249 -41.77 -94.12 23.04
CA SER M 249 -42.39 -95.36 22.60
C SER M 249 -43.38 -95.89 23.63
N TYR M 250 -44.21 -95.02 24.19
CA TYR M 250 -45.24 -95.42 25.14
C TYR M 250 -46.47 -94.55 24.94
N ASP M 251 -47.50 -95.11 24.30
CA ASP M 251 -48.79 -94.46 24.13
C ASP M 251 -49.85 -95.32 24.80
N SER M 252 -50.66 -94.71 25.66
CA SER M 252 -51.68 -95.45 26.39
C SER M 252 -52.89 -94.55 26.59
N ASN M 253 -54.06 -95.19 26.66
CA ASN M 253 -55.27 -94.47 27.04
C ASN M 253 -55.17 -93.95 28.47
N PHE M 254 -54.32 -94.56 29.30
CA PHE M 254 -54.07 -94.03 30.63
C PHE M 254 -53.40 -92.67 30.55
N ILE M 255 -52.35 -92.55 29.73
CA ILE M 255 -51.60 -91.30 29.61
C ILE M 255 -50.79 -91.36 28.32
N ARG M 256 -50.70 -90.22 27.64
CA ARG M 256 -49.95 -90.10 26.41
C ARG M 256 -48.49 -89.74 26.71
N ASN M 257 -47.66 -89.71 25.67
CA ASN M 257 -46.25 -89.38 25.86
C ASN M 257 -46.07 -87.96 26.36
N ALA M 258 -46.78 -87.00 25.76
CA ALA M 258 -46.56 -85.60 26.10
C ALA M 258 -46.86 -85.34 27.57
N GLU M 259 -47.98 -85.86 28.07
CA GLU M 259 -48.34 -85.61 29.46
C GLU M 259 -47.34 -86.25 30.41
N CYS M 260 -46.86 -87.46 30.09
CA CYS M 260 -45.88 -88.11 30.95
C CYS M 260 -44.56 -87.35 30.97
N LYS M 261 -44.15 -86.84 29.82
CA LYS M 261 -42.96 -85.98 29.78
C LYS M 261 -43.16 -84.74 30.62
N ARG M 262 -44.35 -84.13 30.53
CA ARG M 262 -44.64 -82.95 31.34
C ARG M 262 -44.58 -83.28 32.84
N LEU M 263 -45.11 -84.43 33.23
CA LEU M 263 -45.06 -84.83 34.64
C LEU M 263 -43.62 -85.05 35.08
N ILE M 264 -42.80 -85.67 34.22
CA ILE M 264 -41.39 -85.86 34.57
C ILE M 264 -40.70 -84.52 34.76
N VAL M 265 -40.96 -83.56 33.87
CA VAL M 265 -40.32 -82.25 34.00
C VAL M 265 -40.80 -81.55 35.27
N GLN M 266 -42.07 -81.69 35.61
CA GLN M 266 -42.59 -81.12 36.85
C GLN M 266 -41.88 -81.72 38.06
N LEU M 267 -41.71 -83.04 38.07
CA LEU M 267 -41.03 -83.69 39.18
C LEU M 267 -39.58 -83.23 39.26
N LEU M 268 -38.91 -83.07 38.11
CA LEU M 268 -37.53 -82.61 38.11
C LEU M 268 -37.43 -81.20 38.68
N ASN M 269 -38.32 -80.30 38.27
CA ASN M 269 -38.28 -78.94 38.78
C ASN M 269 -38.53 -78.91 40.29
N LYS M 270 -39.52 -79.69 40.76
CA LYS M 270 -39.80 -79.73 42.19
C LYS M 270 -38.60 -80.28 42.97
N ALA M 271 -37.96 -81.32 42.43
CA ALA M 271 -36.79 -81.88 43.08
C ALA M 271 -35.65 -80.88 43.15
N PHE M 272 -35.43 -80.14 42.05
CA PHE M 272 -34.39 -79.12 42.07
C PHE M 272 -34.69 -78.07 43.12
N GLU M 273 -35.95 -77.63 43.22
CA GLU M 273 -36.30 -76.64 44.22
C GLU M 273 -36.00 -77.16 45.63
N LEU M 274 -36.47 -78.36 45.95
CA LEU M 274 -36.25 -78.90 47.29
C LEU M 274 -34.75 -79.09 47.57
N ARG M 275 -34.01 -79.61 46.61
CA ARG M 275 -32.59 -79.88 46.82
C ARG M 275 -31.81 -78.58 47.04
N MET M 276 -32.13 -77.54 46.26
CA MET M 276 -31.48 -76.25 46.48
C MET M 276 -31.88 -75.67 47.82
N LYS M 277 -33.12 -75.91 48.27
CA LYS M 277 -33.52 -75.51 49.61
C LYS M 277 -32.69 -76.21 50.68
N ASP M 278 -32.40 -77.50 50.48
CA ASP M 278 -31.61 -78.24 51.46
C ASP M 278 -30.22 -77.64 51.65
N LYS M 279 -29.66 -77.04 50.59
CA LYS M 279 -28.32 -76.47 50.67
C LYS M 279 -28.24 -75.21 51.53
N GLU M 280 -29.38 -74.67 51.95
CA GLU M 280 -29.43 -73.42 52.71
C GLU M 280 -28.88 -72.26 51.87
N VAL M 281 -29.48 -72.09 50.70
CA VAL M 281 -29.16 -71.00 49.78
C VAL M 281 -30.33 -70.03 49.79
N GLN M 282 -30.03 -68.75 49.93
CA GLN M 282 -31.08 -67.75 50.05
C GLN M 282 -31.90 -67.67 48.77
N GLU M 283 -33.12 -67.14 48.90
CA GLU M 283 -34.10 -67.15 47.84
C GLU M 283 -34.49 -65.72 47.49
N TYR M 284 -34.91 -65.53 46.24
CA TYR M 284 -35.36 -64.23 45.75
C TYR M 284 -36.44 -64.48 44.70
N GLU M 285 -37.66 -64.02 44.98
CA GLU M 285 -38.80 -64.31 44.11
C GLU M 285 -38.83 -63.31 42.97
N MET M 286 -38.55 -63.78 41.76
CA MET M 286 -38.62 -62.95 40.57
C MET M 286 -40.06 -62.86 40.10
N SER M 287 -40.28 -62.28 38.92
CA SER M 287 -41.64 -62.07 38.44
C SER M 287 -42.37 -63.40 38.27
N ASN M 288 -41.72 -64.39 37.65
CA ASN M 288 -42.33 -65.69 37.41
C ASN M 288 -41.53 -66.87 37.95
N LYS M 289 -40.23 -66.73 38.16
CA LYS M 289 -39.37 -67.83 38.59
C LYS M 289 -38.70 -67.47 39.91
N THR M 290 -37.88 -68.39 40.40
CA THR M 290 -37.15 -68.22 41.65
C THR M 290 -35.66 -68.27 41.38
N ALA M 291 -34.92 -67.32 41.94
CA ALA M 291 -33.48 -67.28 41.86
C ALA M 291 -32.88 -67.50 43.24
N TYR M 292 -31.63 -67.97 43.26
CA TYR M 292 -30.93 -68.29 44.49
C TYR M 292 -29.60 -67.53 44.53
N TRP M 293 -29.15 -67.21 45.75
CA TRP M 293 -27.96 -66.41 45.93
C TRP M 293 -27.34 -66.73 47.28
N LEU M 294 -26.14 -66.20 47.50
CA LEU M 294 -25.37 -66.43 48.72
C LEU M 294 -25.29 -65.14 49.52
N GLU M 295 -25.27 -65.27 50.84
CA GLU M 295 -25.12 -64.13 51.73
C GLU M 295 -23.67 -63.67 51.72
N LYS M 296 -23.35 -62.70 52.57
CA LYS M 296 -21.98 -62.26 52.77
C LYS M 296 -21.43 -62.96 54.00
N GLY M 297 -20.25 -63.58 53.84
CA GLY M 297 -19.63 -64.32 54.91
C GLY M 297 -19.90 -65.82 54.89
N LYS M 298 -20.83 -66.28 54.05
CA LYS M 298 -21.06 -67.72 53.93
C LYS M 298 -19.81 -68.42 53.42
N LEU M 299 -19.16 -67.84 52.42
CA LEU M 299 -17.90 -68.34 51.89
C LEU M 299 -16.74 -67.56 52.50
N GLU M 300 -15.55 -68.18 52.45
CA GLU M 300 -14.36 -67.56 53.02
C GLU M 300 -13.97 -66.35 52.18
N LYS M 301 -14.15 -65.15 52.74
CA LYS M 301 -13.79 -63.91 52.08
C LYS M 301 -14.60 -63.69 50.80
N ASP M 302 -15.86 -64.11 50.79
CA ASP M 302 -16.75 -63.88 49.65
C ASP M 302 -16.15 -64.43 48.36
N LYS M 303 -15.50 -65.58 48.44
CA LYS M 303 -14.66 -66.06 47.36
C LYS M 303 -14.64 -67.58 47.36
N PHE M 304 -14.89 -68.17 46.19
CA PHE M 304 -14.84 -69.61 45.99
C PHE M 304 -13.80 -69.90 44.91
N GLU M 305 -12.69 -70.51 45.31
CA GLU M 305 -11.62 -70.87 44.38
C GLU M 305 -11.17 -69.66 43.57
N LYS M 306 -10.83 -68.60 44.29
CA LYS M 306 -10.25 -67.38 43.72
C LYS M 306 -11.23 -66.63 42.83
N THR M 307 -12.53 -66.93 42.95
CA THR M 307 -13.57 -66.24 42.20
C THR M 307 -14.50 -65.55 43.20
N MET M 308 -14.77 -64.27 42.97
CA MET M 308 -15.53 -63.44 43.89
C MET M 308 -17.01 -63.45 43.50
N LEU M 309 -17.86 -63.97 44.39
CA LEU M 309 -19.29 -64.06 44.14
C LEU M 309 -20.10 -63.06 44.96
N VAL M 310 -19.48 -62.30 45.84
CA VAL M 310 -20.14 -61.23 46.59
C VAL M 310 -19.21 -60.03 46.62
N GLY M 311 -19.76 -58.85 46.37
CA GLY M 311 -18.94 -57.66 46.28
C GLY M 311 -19.59 -56.43 46.85
N LYS M 312 -19.05 -55.26 46.52
CA LYS M 312 -19.47 -53.99 47.10
C LYS M 312 -19.73 -52.99 45.99
N GLN M 313 -20.89 -52.33 46.02
CA GLN M 313 -21.22 -51.25 45.10
C GLN M 313 -21.65 -50.05 45.93
N LYS M 314 -20.81 -49.02 45.97
CA LYS M 314 -21.12 -47.81 46.73
C LYS M 314 -21.49 -48.19 48.15
N ASP M 315 -22.76 -48.01 48.53
CA ASP M 315 -23.24 -48.36 49.86
C ASP M 315 -24.04 -49.66 49.87
N LYS M 316 -24.06 -50.38 48.76
CA LYS M 316 -24.79 -51.64 48.65
C LYS M 316 -23.81 -52.78 48.38
N ASN M 317 -24.33 -54.00 48.47
CA ASN M 317 -23.60 -55.20 48.10
C ASN M 317 -24.29 -55.85 46.90
N TRP M 318 -23.53 -56.60 46.12
CA TRP M 318 -24.07 -57.34 44.99
C TRP M 318 -23.76 -58.82 45.17
N HIS M 319 -24.74 -59.66 44.84
CA HIS M 319 -24.62 -61.10 44.97
C HIS M 319 -24.97 -61.75 43.64
N PHE M 320 -24.05 -62.53 43.09
CA PHE M 320 -24.32 -63.29 41.87
C PHE M 320 -25.37 -64.35 42.17
N ALA M 321 -26.38 -64.45 41.30
CA ALA M 321 -27.51 -65.34 41.51
C ALA M 321 -27.74 -66.19 40.28
N ILE M 322 -28.41 -67.33 40.47
CA ILE M 322 -28.72 -68.27 39.40
C ILE M 322 -30.13 -68.81 39.59
N SER M 323 -30.74 -69.19 38.47
CA SER M 323 -32.00 -69.92 38.47
C SER M 323 -31.89 -71.06 37.47
N GLY M 324 -32.64 -72.12 37.71
CA GLY M 324 -32.54 -73.32 36.89
C GLY M 324 -33.90 -73.77 36.38
N ALA M 325 -33.86 -74.46 35.25
CA ALA M 325 -35.06 -75.02 34.63
C ALA M 325 -34.66 -76.21 33.78
N SER M 326 -35.39 -77.31 33.92
CA SER M 326 -35.06 -78.57 33.26
C SER M 326 -35.89 -78.74 31.99
N LYS M 327 -35.24 -79.17 30.92
CA LYS M 327 -35.89 -79.40 29.64
C LYS M 327 -35.52 -80.78 29.13
N LEU M 328 -36.38 -81.33 28.28
CA LEU M 328 -36.14 -82.63 27.65
C LEU M 328 -35.80 -82.52 26.17
N TYR M 329 -35.78 -81.31 25.61
CA TYR M 329 -35.42 -81.09 24.22
C TYR M 329 -34.28 -80.08 24.14
N PRO M 330 -33.28 -80.33 23.27
CA PRO M 330 -33.08 -81.49 22.38
C PRO M 330 -32.73 -82.74 23.17
N PHE M 331 -31.98 -82.60 24.26
CA PHE M 331 -31.62 -83.68 25.15
C PHE M 331 -31.81 -83.25 26.59
N PRO M 332 -31.98 -84.18 27.52
CA PRO M 332 -32.17 -83.80 28.93
C PRO M 332 -31.05 -82.90 29.43
N VAL M 333 -31.40 -81.66 29.77
CA VAL M 333 -30.46 -80.67 30.24
C VAL M 333 -31.02 -80.01 31.49
N LEU M 334 -30.29 -79.01 31.99
CA LEU M 334 -30.74 -78.20 33.13
C LEU M 334 -30.20 -76.79 32.88
N MET M 335 -31.05 -75.93 32.33
CA MET M 335 -30.62 -74.61 31.90
C MET M 335 -30.41 -73.70 33.10
N ILE M 336 -29.35 -72.89 33.06
CA ILE M 336 -28.96 -72.04 34.16
C ILE M 336 -28.85 -70.60 33.66
N SER M 337 -29.49 -69.68 34.38
CA SER M 337 -29.45 -68.25 34.07
C SER M 337 -28.59 -67.53 35.10
N SER M 338 -28.26 -66.28 34.80
CA SER M 338 -27.39 -65.46 35.62
C SER M 338 -28.09 -64.14 35.95
N HIS M 339 -28.09 -63.77 37.22
CA HIS M 339 -28.65 -62.51 37.68
C HIS M 339 -27.69 -61.88 38.68
N ILE M 340 -27.98 -60.63 39.05
CA ILE M 340 -27.27 -59.92 40.12
C ILE M 340 -28.31 -59.25 40.99
N PHE M 341 -28.27 -59.52 42.29
CA PHE M 341 -29.20 -58.95 43.26
C PHE M 341 -28.42 -58.26 44.37
N PHE M 342 -29.06 -57.27 44.98
CA PHE M 342 -28.38 -56.34 45.88
C PHE M 342 -29.05 -56.31 47.24
N THR M 343 -28.24 -56.09 48.27
CA THR M 343 -28.70 -55.98 49.65
C THR M 343 -28.07 -54.76 50.29
N ALA M 344 -28.76 -54.22 51.30
CA ALA M 344 -28.29 -52.99 51.95
C ALA M 344 -27.03 -53.25 52.78
N ASP M 345 -27.00 -54.37 53.51
CA ASP M 345 -25.89 -54.67 54.40
C ASP M 345 -25.26 -56.03 54.15
N GLY M 346 -25.67 -56.74 53.10
CA GLY M 346 -25.15 -58.06 52.81
C GLY M 346 -26.07 -59.20 53.18
N LYS M 347 -27.10 -58.95 53.96
CA LYS M 347 -28.01 -60.00 54.40
C LYS M 347 -29.47 -59.70 54.10
N LYS M 348 -29.86 -58.43 54.11
CA LYS M 348 -31.26 -58.03 53.94
C LYS M 348 -31.44 -57.34 52.60
N LEU M 349 -32.36 -57.86 51.79
CA LEU M 349 -32.54 -57.36 50.43
C LEU M 349 -33.21 -55.98 50.45
N ILE M 350 -33.09 -55.29 49.32
CA ILE M 350 -33.69 -53.97 49.15
C ILE M 350 -35.07 -54.15 48.53
N ASP M 351 -36.08 -53.53 49.13
CA ASP M 351 -37.47 -53.72 48.72
C ASP M 351 -37.82 -52.62 47.70
N SER M 352 -37.29 -52.79 46.49
CA SER M 352 -37.61 -51.89 45.40
C SER M 352 -37.20 -52.50 44.05
N SER M 353 -38.16 -52.66 43.14
CA SER M 353 -37.84 -53.16 41.82
C SER M 353 -36.99 -52.15 41.04
N SER M 354 -37.31 -50.86 41.16
CA SER M 354 -36.60 -49.85 40.38
C SER M 354 -35.13 -49.75 40.80
N VAL M 355 -34.87 -49.72 42.11
CA VAL M 355 -33.50 -49.62 42.58
C VAL M 355 -32.70 -50.85 42.18
N GLN M 356 -33.30 -52.04 42.34
CA GLN M 356 -32.62 -53.27 41.92
C GLN M 356 -32.31 -53.23 40.43
N HIS M 357 -33.26 -52.81 39.61
CA HIS M 357 -33.06 -52.78 38.17
C HIS M 357 -31.94 -51.82 37.80
N SER M 358 -31.94 -50.61 38.37
CA SER M 358 -30.90 -49.64 38.06
C SER M 358 -29.53 -50.15 38.49
N SER M 359 -29.44 -50.70 39.71
CA SER M 359 -28.16 -51.19 40.20
C SER M 359 -27.64 -52.33 39.33
N ARG M 360 -28.53 -53.24 38.92
CA ARG M 360 -28.10 -54.34 38.07
C ARG M 360 -27.64 -53.83 36.71
N ARG M 361 -28.33 -52.83 36.16
CA ARG M 361 -27.91 -52.28 34.88
C ARG M 361 -26.54 -51.62 34.98
N ARG M 362 -26.26 -50.95 36.09
CA ARG M 362 -24.96 -50.31 36.24
C ARG M 362 -23.85 -51.29 36.57
N GLN M 363 -24.14 -52.34 37.35
CA GLN M 363 -23.09 -53.23 37.80
C GLN M 363 -22.54 -54.07 36.64
N GLY M 364 -23.40 -54.55 35.76
CA GLY M 364 -22.97 -55.33 34.63
C GLY M 364 -22.34 -54.55 33.51
N LYS M 365 -22.23 -53.22 33.67
CA LYS M 365 -21.72 -52.37 32.61
C LYS M 365 -20.28 -52.72 32.26
N ASN M 366 -19.52 -53.25 33.22
CA ASN M 366 -18.12 -53.60 33.00
C ASN M 366 -17.87 -55.11 33.07
N TRP M 367 -18.91 -55.92 33.21
CA TRP M 367 -18.76 -57.36 33.25
C TRP M 367 -18.82 -57.92 31.83
N TRP M 368 -17.79 -58.68 31.46
CA TRP M 368 -17.61 -59.15 30.10
C TRP M 368 -17.68 -60.68 30.06
N ASN M 369 -17.36 -61.23 28.89
CA ASN M 369 -17.51 -62.67 28.66
C ASN M 369 -16.86 -63.48 29.77
N ASN M 370 -15.60 -63.19 30.07
CA ASN M 370 -14.87 -63.99 31.04
C ASN M 370 -15.46 -63.82 32.44
N THR M 371 -15.92 -62.62 32.79
CA THR M 371 -16.47 -62.42 34.12
C THR M 371 -17.72 -63.27 34.35
N TRP M 372 -18.70 -63.17 33.43
CA TRP M 372 -19.90 -63.98 33.57
C TRP M 372 -19.57 -65.47 33.51
N ARG M 373 -18.67 -65.85 32.60
CA ARG M 373 -18.30 -67.26 32.45
C ARG M 373 -17.72 -67.82 33.74
N THR M 374 -16.74 -67.11 34.32
CA THR M 374 -16.11 -67.59 35.54
C THR M 374 -17.10 -67.61 36.70
N LYS M 375 -17.94 -66.58 36.82
CA LYS M 375 -18.88 -66.55 37.93
C LYS M 375 -19.87 -67.71 37.85
N LEU M 376 -20.39 -68.00 36.65
CA LEU M 376 -21.31 -69.12 36.52
C LEU M 376 -20.61 -70.44 36.80
N LEU M 377 -19.42 -70.65 36.24
CA LEU M 377 -18.71 -71.89 36.48
C LEU M 377 -18.40 -72.08 37.97
N ALA M 378 -18.10 -70.99 38.67
CA ALA M 378 -17.79 -71.09 40.09
C ALA M 378 -19.04 -71.35 40.92
N PHE M 379 -20.17 -70.73 40.55
CA PHE M 379 -21.40 -70.99 41.29
C PHE M 379 -21.84 -72.43 41.13
N ILE M 380 -21.74 -72.97 39.92
CA ILE M 380 -22.19 -74.35 39.71
C ILE M 380 -21.29 -75.33 40.45
N LYS M 381 -19.98 -75.10 40.42
CA LYS M 381 -19.06 -76.01 41.08
C LYS M 381 -19.28 -76.05 42.58
N TYR M 382 -19.73 -74.94 43.18
CA TYR M 382 -19.89 -74.88 44.62
C TYR M 382 -20.97 -75.84 45.10
N LEU M 383 -21.92 -76.20 44.24
CA LEU M 383 -23.00 -77.11 44.59
C LEU M 383 -22.67 -78.56 44.30
N SER M 384 -21.53 -78.84 43.68
CA SER M 384 -21.19 -80.22 43.32
C SER M 384 -21.05 -81.08 44.57
N ASP M 385 -21.43 -82.35 44.45
CA ASP M 385 -21.52 -83.23 45.61
C ASP M 385 -20.19 -83.90 45.94
N ASP M 386 -19.67 -84.73 45.03
CA ASP M 386 -18.43 -85.46 45.31
C ASP M 386 -17.29 -85.05 44.39
N ASP M 387 -17.37 -85.32 43.09
CA ASP M 387 -16.30 -84.90 42.20
C ASP M 387 -16.79 -84.30 40.89
N THR M 388 -17.83 -84.87 40.28
CA THR M 388 -18.23 -84.50 38.93
C THR M 388 -19.73 -84.46 38.73
N SER M 389 -20.53 -84.71 39.76
CA SER M 389 -21.97 -84.81 39.62
C SER M 389 -22.64 -84.11 40.80
N PHE M 390 -23.97 -84.08 40.74
CA PHE M 390 -24.77 -83.43 41.77
C PHE M 390 -26.17 -84.02 41.69
N TYR M 391 -26.59 -84.72 42.74
CA TYR M 391 -27.81 -85.52 42.69
C TYR M 391 -29.00 -84.71 43.21
N LEU M 392 -30.19 -85.15 42.80
CA LEU M 392 -31.46 -84.61 43.27
C LEU M 392 -32.22 -85.77 43.91
N GLU M 393 -32.40 -85.69 45.24
CA GLU M 393 -33.01 -86.78 45.98
C GLU M 393 -34.51 -86.80 45.69
N MET M 394 -34.92 -87.69 44.79
CA MET M 394 -36.30 -87.76 44.32
C MET M 394 -37.09 -88.89 44.97
N GLY M 395 -36.53 -89.53 46.00
CA GLY M 395 -37.24 -90.62 46.65
C GLY M 395 -36.41 -91.19 47.78
N SER M 396 -36.91 -92.29 48.35
CA SER M 396 -36.21 -92.92 49.45
C SER M 396 -34.81 -93.36 49.04
N GLU M 397 -34.69 -94.04 47.90
CA GLU M 397 -33.40 -94.42 47.35
C GLU M 397 -33.20 -93.95 45.91
N GLU M 398 -34.18 -93.30 45.30
CA GLU M 398 -34.03 -92.82 43.94
C GLU M 398 -33.19 -91.55 43.92
N LYS M 399 -32.50 -91.32 42.80
CA LYS M 399 -31.66 -90.14 42.65
C LYS M 399 -31.48 -89.82 41.18
N VAL M 400 -31.44 -88.52 40.88
CA VAL M 400 -31.15 -88.02 39.54
C VAL M 400 -29.83 -87.27 39.61
N PHE M 401 -28.87 -87.69 38.80
CA PHE M 401 -27.52 -87.12 38.80
C PHE M 401 -27.38 -86.12 37.67
N VAL M 402 -26.75 -84.98 37.97
CA VAL M 402 -26.52 -83.92 37.02
C VAL M 402 -25.05 -83.54 37.05
N SER M 403 -24.47 -83.33 35.87
CA SER M 403 -23.06 -82.94 35.79
C SER M 403 -22.86 -81.54 36.33
N ASN M 404 -21.69 -81.31 36.94
CA ASN M 404 -21.32 -79.99 37.42
C ASN M 404 -20.54 -79.18 36.40
N GLU M 405 -20.23 -79.76 35.24
CA GLU M 405 -19.51 -79.07 34.18
C GLU M 405 -20.42 -78.87 32.96
N PRO M 406 -20.41 -77.69 32.35
CA PRO M 406 -21.37 -77.41 31.28
C PRO M 406 -21.01 -78.14 29.99
N VAL M 407 -22.02 -78.24 29.12
CA VAL M 407 -21.82 -78.83 27.80
C VAL M 407 -20.87 -77.94 27.00
N LYS M 408 -20.05 -78.57 26.16
CA LYS M 408 -19.05 -77.87 25.37
C LYS M 408 -19.46 -77.80 23.91
N PHE M 409 -19.00 -76.75 23.24
CA PHE M 409 -19.21 -76.56 21.81
C PHE M 409 -17.87 -76.27 21.16
N LYS M 410 -17.75 -76.65 19.89
CA LYS M 410 -16.50 -76.54 19.15
C LYS M 410 -16.74 -75.75 17.87
N GLY M 411 -15.95 -74.70 17.67
CA GLY M 411 -16.03 -73.92 16.44
C GLY M 411 -14.76 -73.99 15.63
N ASN M 412 -14.87 -73.77 14.32
CA ASN M 412 -13.72 -73.77 13.42
C ASN M 412 -13.26 -72.39 13.00
N VAL M 413 -14.13 -71.39 13.07
CA VAL M 413 -13.85 -70.05 12.58
C VAL M 413 -13.82 -69.10 13.77
N SER M 414 -12.79 -68.27 13.85
CA SER M 414 -12.67 -67.28 14.91
C SER M 414 -11.96 -66.06 14.35
N TYR M 415 -11.67 -65.11 15.24
CA TYR M 415 -10.98 -63.88 14.89
C TYR M 415 -9.65 -63.80 15.63
N ASN M 416 -8.84 -62.83 15.25
CA ASN M 416 -7.46 -62.74 15.71
C ASN M 416 -7.30 -61.89 16.96
N ILE M 417 -8.41 -61.46 17.57
CA ILE M 417 -8.41 -60.64 18.79
C ILE M 417 -7.33 -59.56 18.68
N PRO M 418 -7.26 -58.80 17.59
CA PRO M 418 -6.18 -57.82 17.45
C PRO M 418 -6.49 -56.51 18.17
N GLU M 419 -6.41 -56.56 19.49
CA GLU M 419 -6.69 -55.41 20.36
C GLU M 419 -7.84 -54.56 19.83
N MET N 1 -19.13 -82.08 23.32
CA MET N 1 -18.46 -81.41 22.17
C MET N 1 -19.33 -81.47 20.92
N LYS N 2 -20.23 -80.50 20.79
CA LYS N 2 -21.06 -80.37 19.60
C LYS N 2 -20.24 -79.68 18.51
N GLU N 3 -20.91 -79.28 17.42
CA GLU N 3 -20.27 -78.66 16.28
C GLU N 3 -20.99 -77.37 15.94
N LEU N 4 -20.22 -76.35 15.56
CA LEU N 4 -20.77 -75.10 15.06
C LEU N 4 -20.36 -74.91 13.61
N ILE N 5 -21.22 -74.25 12.85
CA ILE N 5 -20.92 -73.88 11.47
C ILE N 5 -20.81 -72.36 11.40
N TYR N 6 -20.30 -71.86 10.27
CA TYR N 6 -20.09 -70.44 10.07
C TYR N 6 -20.75 -70.02 8.76
N ILE N 7 -21.40 -68.86 8.79
CA ILE N 7 -22.10 -68.30 7.65
C ILE N 7 -21.49 -66.95 7.31
N GLU N 8 -21.12 -66.77 6.04
CA GLU N 8 -20.39 -65.59 5.60
C GLU N 8 -21.30 -64.37 5.52
N GLU N 9 -20.66 -63.20 5.50
CA GLU N 9 -21.41 -61.95 5.46
C GLU N 9 -22.16 -61.83 4.14
N PRO N 10 -23.37 -61.26 4.14
CA PRO N 10 -24.19 -61.26 2.92
C PRO N 10 -23.75 -60.28 1.83
N LYS N 11 -23.12 -59.16 2.17
CA LYS N 11 -22.73 -58.14 1.21
C LYS N 11 -23.92 -57.38 0.63
N ILE N 12 -23.75 -56.08 0.39
CA ILE N 12 -24.78 -55.20 -0.15
C ILE N 12 -24.17 -54.37 -1.28
N LEU N 13 -25.03 -53.80 -2.11
CA LEU N 13 -24.64 -53.25 -3.40
C LEU N 13 -24.88 -51.73 -3.43
N PHE N 14 -23.92 -51.01 -4.00
CA PHE N 14 -23.93 -49.55 -4.01
C PHE N 14 -23.79 -49.01 -5.43
N ALA N 15 -23.55 -47.71 -5.56
CA ALA N 15 -23.36 -47.10 -6.87
C ALA N 15 -22.25 -47.79 -7.64
N HIS N 16 -22.30 -47.64 -8.97
CA HIS N 16 -21.29 -48.16 -9.89
C HIS N 16 -21.16 -49.68 -9.80
N GLY N 17 -22.17 -50.36 -9.29
CA GLY N 17 -22.13 -51.82 -9.23
C GLY N 17 -21.02 -52.37 -8.36
N GLN N 18 -20.71 -51.69 -7.26
CA GLN N 18 -19.69 -52.12 -6.33
C GLN N 18 -20.33 -52.59 -5.04
N LYS N 19 -19.73 -53.61 -4.42
CA LYS N 19 -20.28 -54.25 -3.24
C LYS N 19 -19.39 -54.01 -2.03
N CYS N 20 -20.04 -53.89 -0.87
CA CYS N 20 -19.36 -53.78 0.41
C CYS N 20 -20.27 -54.33 1.49
N THR N 21 -19.69 -54.67 2.63
CA THR N 21 -20.44 -55.21 3.76
C THR N 21 -20.81 -54.16 4.79
N ASP N 22 -20.52 -52.89 4.54
CA ASP N 22 -20.85 -51.81 5.45
C ASP N 22 -21.57 -50.71 4.69
N ALA N 23 -22.64 -50.19 5.28
CA ALA N 23 -23.37 -49.09 4.64
C ALA N 23 -22.60 -47.77 4.74
N ARG N 24 -21.99 -47.52 5.90
CA ARG N 24 -21.23 -46.28 6.07
C ARG N 24 -20.08 -46.21 5.09
N ASP N 25 -19.24 -47.24 5.05
CA ASP N 25 -18.09 -47.23 4.16
C ASP N 25 -18.52 -47.23 2.69
N GLY N 26 -19.53 -48.03 2.36
CA GLY N 26 -19.98 -48.09 0.98
C GLY N 26 -20.55 -46.78 0.49
N LEU N 27 -21.27 -46.07 1.35
CA LEU N 27 -21.81 -44.77 0.96
C LEU N 27 -20.73 -43.70 0.93
N ALA N 28 -19.78 -43.76 1.85
CA ALA N 28 -18.70 -42.78 1.89
C ALA N 28 -17.60 -43.07 0.86
N LEU N 29 -17.68 -44.18 0.14
CA LEU N 29 -16.72 -44.48 -0.92
C LEU N 29 -17.29 -44.34 -2.31
N PHE N 30 -18.54 -44.76 -2.53
CA PHE N 30 -19.13 -44.76 -3.86
C PHE N 30 -20.34 -43.84 -3.96
N GLY N 31 -21.32 -43.98 -3.09
CA GLY N 31 -22.53 -43.19 -3.15
C GLY N 31 -23.77 -44.04 -3.33
N PRO N 32 -24.94 -43.42 -3.24
CA PRO N 32 -26.20 -44.16 -3.29
C PRO N 32 -26.53 -44.58 -4.73
N LEU N 33 -27.67 -45.28 -4.86
CA LEU N 33 -28.03 -45.90 -6.13
C LEU N 33 -28.78 -44.96 -7.07
N ASN N 34 -29.46 -43.95 -6.56
CA ASN N 34 -30.23 -43.02 -7.39
C ASN N 34 -29.81 -41.59 -7.07
N ASN N 35 -30.39 -40.64 -7.80
CA ASN N 35 -29.93 -39.24 -7.82
C ASN N 35 -31.07 -38.30 -7.45
N LEU N 36 -31.19 -37.99 -6.16
CA LEU N 36 -32.00 -36.85 -5.74
C LEU N 36 -31.31 -35.57 -6.16
N TYR N 37 -32.11 -34.57 -6.53
CA TYR N 37 -31.57 -33.26 -6.85
C TYR N 37 -31.46 -32.36 -5.62
N GLY N 38 -32.36 -32.51 -4.66
CA GLY N 38 -32.29 -31.77 -3.43
C GLY N 38 -33.48 -32.11 -2.57
N ILE N 39 -33.41 -31.68 -1.31
CA ILE N 39 -34.46 -31.92 -0.34
C ILE N 39 -34.95 -30.55 0.14
N LYS N 40 -36.16 -30.18 -0.28
CA LYS N 40 -36.82 -28.97 0.22
C LYS N 40 -37.60 -29.35 1.46
N SER N 41 -37.21 -28.82 2.60
CA SER N 41 -37.77 -29.23 3.88
C SER N 41 -38.86 -28.27 4.33
N GLY N 42 -39.82 -28.81 5.08
CA GLY N 42 -40.85 -28.01 5.69
C GLY N 42 -40.86 -28.24 7.18
N VAL N 43 -40.53 -27.21 7.94
CA VAL N 43 -40.35 -27.29 9.39
C VAL N 43 -41.57 -26.67 10.06
N ILE N 44 -42.08 -27.34 11.08
CA ILE N 44 -43.22 -26.86 11.85
C ILE N 44 -42.88 -26.96 13.33
N GLY N 45 -43.14 -25.90 14.06
CA GLY N 45 -42.78 -25.83 15.47
C GLY N 45 -42.68 -24.39 15.92
N THR N 46 -42.15 -24.21 17.12
CA THR N 46 -41.94 -22.87 17.65
C THR N 46 -40.77 -22.21 16.93
N LYS N 47 -40.50 -20.96 17.28
CA LYS N 47 -39.35 -20.26 16.72
C LYS N 47 -38.04 -20.89 17.20
N GLN N 48 -37.99 -21.30 18.47
CA GLN N 48 -36.80 -21.96 18.99
C GLN N 48 -36.51 -23.25 18.25
N GLY N 49 -37.55 -24.03 17.94
CA GLY N 49 -37.36 -25.23 17.16
C GLY N 49 -36.79 -24.95 15.79
N LEU N 50 -37.27 -23.88 15.15
CA LEU N 50 -36.73 -23.50 13.86
C LEU N 50 -35.25 -23.13 13.98
N LYS N 51 -34.89 -22.37 15.01
CA LYS N 51 -33.50 -22.01 15.20
C LYS N 51 -32.63 -23.24 15.40
N ILE N 52 -33.11 -24.19 16.21
CA ILE N 52 -32.34 -25.40 16.46
C ILE N 52 -32.17 -26.21 15.18
N PHE N 53 -33.23 -26.31 14.38
CA PHE N 53 -33.13 -27.05 13.13
C PHE N 53 -32.16 -26.40 12.17
N ARG N 54 -32.20 -25.06 12.06
CA ARG N 54 -31.24 -24.37 11.21
C ARG N 54 -29.81 -24.62 11.68
N ASP N 55 -29.59 -24.52 12.99
CA ASP N 55 -28.28 -24.84 13.54
C ASP N 55 -27.84 -26.23 13.11
N TYR N 56 -28.70 -27.22 13.27
CA TYR N 56 -28.30 -28.60 12.98
C TYR N 56 -27.98 -28.77 11.49
N LEU N 57 -28.81 -28.20 10.61
CA LEU N 57 -28.51 -28.34 9.19
C LEU N 57 -27.18 -27.71 8.84
N ASP N 58 -26.93 -26.50 9.34
CA ASP N 58 -25.62 -25.88 9.09
C ASP N 58 -24.48 -26.77 9.60
N HIS N 59 -24.75 -27.58 10.62
CA HIS N 59 -23.71 -28.39 11.23
C HIS N 59 -23.30 -29.56 10.35
N ILE N 60 -24.27 -30.22 9.70
CA ILE N 60 -24.02 -31.51 9.06
C ILE N 60 -23.64 -31.36 7.59
N GLN N 61 -23.41 -30.14 7.13
CA GLN N 61 -22.84 -29.92 5.81
C GLN N 61 -21.33 -30.13 5.80
N LYS N 62 -20.73 -30.37 6.96
CA LYS N 62 -19.30 -30.46 7.17
C LYS N 62 -18.93 -31.81 7.78
N PRO N 63 -17.68 -32.22 7.68
CA PRO N 63 -17.27 -33.50 8.27
C PRO N 63 -17.49 -33.54 9.77
N ILE N 64 -17.88 -34.71 10.28
CA ILE N 64 -18.09 -34.94 11.70
C ILE N 64 -17.40 -36.23 12.09
N TYR N 65 -16.70 -36.22 13.21
CA TYR N 65 -15.85 -37.33 13.63
C TYR N 65 -16.38 -37.99 14.89
N ASN N 66 -16.16 -39.29 14.98
CA ASN N 66 -16.33 -40.05 16.23
C ASN N 66 -14.98 -40.18 16.93
N SER N 67 -15.04 -40.60 18.20
CA SER N 67 -13.81 -40.73 18.98
C SER N 67 -12.94 -41.87 18.48
N ASN N 68 -13.52 -42.86 17.82
CA ASN N 68 -12.79 -44.02 17.29
C ASN N 68 -13.27 -44.27 15.87
N SER N 69 -12.47 -43.84 14.90
CA SER N 69 -12.88 -43.96 13.50
C SER N 69 -12.95 -45.42 13.06
N ILE N 70 -12.16 -46.30 13.69
CA ILE N 70 -12.20 -47.72 13.34
C ILE N 70 -13.52 -48.33 13.79
N THR N 71 -13.93 -48.04 15.02
CA THR N 71 -15.18 -48.60 15.53
C THR N 71 -16.38 -47.98 14.83
N ARG N 72 -16.36 -46.67 14.62
CA ARG N 72 -17.48 -45.95 14.01
C ARG N 72 -16.97 -45.09 12.86
N PRO N 73 -17.23 -45.46 11.61
CA PRO N 73 -16.76 -44.64 10.49
C PRO N 73 -17.27 -43.20 10.57
N MET N 74 -16.43 -42.28 10.09
CA MET N 74 -16.73 -40.85 10.18
C MET N 74 -17.92 -40.47 9.32
N PHE N 75 -18.27 -39.19 9.37
CA PHE N 75 -19.26 -38.59 8.48
C PHE N 75 -18.58 -37.51 7.65
N PRO N 76 -18.42 -37.67 6.34
CA PRO N 76 -17.73 -36.64 5.54
C PRO N 76 -18.62 -35.49 5.09
N GLY N 77 -19.79 -35.33 5.68
CA GLY N 77 -20.68 -34.25 5.31
C GLY N 77 -21.78 -34.72 4.37
N PHE N 78 -22.95 -34.09 4.49
CA PHE N 78 -24.14 -34.60 3.82
C PHE N 78 -23.98 -34.61 2.30
N GLU N 79 -23.51 -33.50 1.73
CA GLU N 79 -23.58 -33.35 0.28
C GLU N 79 -22.43 -34.08 -0.40
N ALA N 80 -21.42 -34.47 0.36
CA ALA N 80 -20.37 -35.32 -0.20
C ALA N 80 -20.73 -36.79 -0.14
N VAL N 81 -21.52 -37.18 0.86
CA VAL N 81 -21.99 -38.56 0.95
C VAL N 81 -23.09 -38.82 -0.08
N PHE N 82 -24.09 -37.93 -0.16
CA PHE N 82 -25.32 -38.23 -0.87
C PHE N 82 -25.46 -37.51 -2.20
N ASP N 83 -24.56 -36.59 -2.54
CA ASP N 83 -24.59 -35.93 -3.85
C ASP N 83 -25.92 -35.22 -4.09
N CYS N 84 -26.49 -34.65 -3.03
CA CYS N 84 -27.68 -33.82 -3.14
C CYS N 84 -27.65 -32.79 -2.03
N LYS N 85 -28.48 -31.77 -2.17
CA LYS N 85 -28.45 -30.60 -1.31
C LYS N 85 -29.58 -30.66 -0.30
N TRP N 86 -29.25 -30.49 0.98
CA TRP N 86 -30.23 -30.39 2.07
C TRP N 86 -29.66 -29.39 3.07
N GLU N 87 -30.02 -28.11 2.90
CA GLU N 87 -29.46 -27.02 3.68
C GLU N 87 -30.57 -26.14 4.24
N SER N 88 -30.18 -25.13 5.00
CA SER N 88 -31.12 -24.27 5.71
C SER N 88 -31.50 -23.04 4.90
N THR N 89 -31.88 -23.24 3.65
CA THR N 89 -32.49 -22.19 2.83
C THR N 89 -33.73 -22.64 2.09
N GLY N 90 -33.93 -23.94 1.90
CA GLY N 90 -35.16 -24.44 1.33
C GLY N 90 -36.18 -24.72 2.42
N ILE N 91 -35.95 -24.16 3.60
CA ILE N 91 -36.81 -24.38 4.75
C ILE N 91 -38.03 -23.50 4.64
N THR N 92 -39.13 -23.93 5.10
CA THR N 92 -40.37 -23.18 5.22
C THR N 92 -40.90 -23.38 6.64
N PHE N 93 -41.28 -22.29 7.29
CA PHE N 93 -41.63 -22.31 8.70
C PHE N 93 -43.12 -22.08 8.89
N LYS N 94 -43.72 -22.86 9.79
CA LYS N 94 -45.12 -22.70 10.18
C LYS N 94 -45.19 -22.65 11.70
N GLU N 95 -45.42 -21.48 12.26
CA GLU N 95 -45.29 -21.30 13.70
C GLU N 95 -46.32 -22.12 14.46
N VAL N 96 -45.98 -22.60 15.67
CA VAL N 96 -46.90 -23.14 16.66
C VAL N 96 -46.61 -22.43 17.96
N THR N 97 -47.36 -21.36 18.25
CA THR N 97 -47.06 -20.51 19.39
C THR N 97 -47.28 -21.28 20.69
N ASN N 98 -46.57 -20.85 21.74
CA ASN N 98 -46.78 -21.43 23.05
C ASN N 98 -48.18 -21.19 23.57
N GLU N 99 -48.87 -20.16 23.07
CA GLU N 99 -50.28 -19.97 23.43
C GLU N 99 -51.11 -21.17 23.00
N ASP N 100 -50.81 -21.72 21.81
CA ASP N 100 -51.53 -22.90 21.35
C ASP N 100 -51.28 -24.10 22.25
N ILE N 101 -50.04 -24.26 22.73
CA ILE N 101 -49.68 -25.46 23.48
C ILE N 101 -50.18 -25.37 24.92
N GLY N 102 -50.19 -24.16 25.48
CA GLY N 102 -50.54 -24.02 26.88
C GLY N 102 -51.97 -24.42 27.18
N LYS N 103 -52.91 -24.00 26.34
CA LYS N 103 -54.32 -24.23 26.60
C LYS N 103 -54.74 -25.68 26.43
N PHE N 104 -53.86 -26.54 25.89
CA PHE N 104 -54.20 -27.94 25.62
C PHE N 104 -53.51 -28.92 26.55
N LEU N 105 -52.23 -28.72 26.86
CA LEU N 105 -51.52 -29.68 27.70
C LEU N 105 -51.79 -29.43 29.18
N TYR N 106 -53.06 -29.27 29.53
CA TYR N 106 -53.48 -29.05 30.91
C TYR N 106 -54.75 -29.79 31.28
N ASN N 107 -55.36 -30.53 30.35
CA ASN N 107 -56.66 -31.14 30.60
C ASN N 107 -56.63 -32.18 31.70
N SER N 108 -55.45 -32.68 32.06
CA SER N 108 -55.23 -33.73 33.05
C SER N 108 -55.73 -35.09 32.59
N SER N 109 -56.35 -35.18 31.42
CA SER N 109 -56.72 -36.45 30.81
C SER N 109 -55.83 -36.67 29.60
N THR N 110 -55.06 -37.65 29.63
CA THR N 110 -54.06 -37.87 28.59
C THR N 110 -54.70 -37.94 27.21
N HIS N 111 -55.83 -38.62 27.10
CA HIS N 111 -56.45 -38.86 25.80
C HIS N 111 -56.80 -37.55 25.11
N LYS N 112 -57.53 -36.68 25.82
CA LYS N 112 -58.03 -35.44 25.19
C LYS N 112 -56.88 -34.52 24.80
N ARG N 113 -55.88 -34.38 25.66
CA ARG N 113 -54.78 -33.47 25.34
C ARG N 113 -53.93 -34.03 24.21
N THR N 114 -53.73 -35.35 24.18
CA THR N 114 -53.05 -35.94 23.03
C THR N 114 -53.81 -35.65 21.75
N TYR N 115 -55.13 -35.83 21.77
CA TYR N 115 -55.94 -35.53 20.60
C TYR N 115 -55.78 -34.09 20.17
N ASP N 116 -55.88 -33.16 21.13
CA ASP N 116 -55.82 -31.74 20.80
C ASP N 116 -54.47 -31.36 20.21
N LEU N 117 -53.37 -31.87 20.77
CA LEU N 117 -52.06 -31.51 20.26
C LEU N 117 -51.82 -32.09 18.87
N VAL N 118 -52.21 -33.35 18.67
CA VAL N 118 -52.09 -33.94 17.35
C VAL N 118 -52.86 -33.11 16.33
N SER N 119 -54.09 -32.69 16.70
CA SER N 119 -54.87 -31.86 15.80
C SER N 119 -54.17 -30.53 15.53
N LEU N 120 -53.60 -29.92 16.57
CA LEU N 120 -52.95 -28.63 16.41
C LEU N 120 -51.82 -28.72 15.39
N PHE N 121 -51.05 -29.80 15.40
CA PHE N 121 -49.98 -29.92 14.42
C PHE N 121 -50.50 -30.29 13.03
N ILE N 122 -51.40 -31.28 12.96
CA ILE N 122 -51.76 -31.82 11.66
C ILE N 122 -52.65 -30.86 10.87
N ASP N 123 -53.46 -30.04 11.55
CA ASP N 123 -54.28 -29.08 10.81
C ASP N 123 -53.40 -28.08 10.07
N LYS N 124 -52.35 -27.59 10.74
CA LYS N 124 -51.40 -26.70 10.06
C LYS N 124 -50.69 -27.42 8.93
N ILE N 125 -50.26 -28.67 9.15
CA ILE N 125 -49.55 -29.39 8.10
C ILE N 125 -50.44 -29.55 6.87
N ILE N 126 -51.70 -29.95 7.09
CA ILE N 126 -52.61 -30.20 5.96
C ILE N 126 -53.00 -28.90 5.28
N SER N 127 -53.20 -27.83 6.05
CA SER N 127 -53.46 -26.53 5.44
C SER N 127 -52.32 -26.12 4.54
N ALA N 128 -51.08 -26.26 5.02
CA ALA N 128 -49.93 -25.93 4.19
C ALA N 128 -49.88 -26.82 2.95
N ASN N 129 -50.25 -28.09 3.09
CA ASN N 129 -50.17 -29.00 1.94
C ASN N 129 -51.19 -28.66 0.87
N LYS N 130 -52.42 -28.34 1.26
CA LYS N 130 -53.51 -28.23 0.29
C LYS N 130 -53.60 -26.86 -0.38
N ASN N 131 -53.20 -25.78 0.29
CA ASN N 131 -53.46 -24.42 -0.18
C ASN N 131 -52.20 -23.56 -0.16
N GLU N 132 -51.10 -24.08 -0.70
CA GLU N 132 -49.88 -23.30 -0.85
C GLU N 132 -49.12 -23.81 -2.07
N ASP N 133 -48.22 -22.97 -2.58
CA ASP N 133 -47.60 -23.19 -3.88
C ASP N 133 -46.22 -23.82 -3.81
N GLU N 134 -45.71 -24.13 -2.62
CA GLU N 134 -44.41 -24.76 -2.51
C GLU N 134 -44.51 -26.26 -2.79
N ASN N 135 -43.35 -26.91 -2.87
CA ASN N 135 -43.24 -28.35 -3.11
C ASN N 135 -42.31 -28.91 -2.03
N VAL N 136 -42.88 -29.26 -0.89
CA VAL N 136 -42.10 -29.67 0.29
C VAL N 136 -41.90 -31.18 0.23
N ASP N 137 -40.63 -31.60 0.30
CA ASP N 137 -40.30 -33.01 0.15
C ASP N 137 -40.56 -33.79 1.44
N VAL N 138 -40.19 -33.30 2.56
CA VAL N 138 -40.42 -33.91 3.86
C VAL N 138 -40.84 -32.83 4.83
N TRP N 139 -41.60 -33.22 5.86
CA TRP N 139 -42.08 -32.34 6.90
C TRP N 139 -41.39 -32.72 8.20
N PHE N 140 -40.68 -31.77 8.81
CA PHE N 140 -39.92 -32.03 10.03
C PHE N 140 -40.64 -31.36 11.20
N VAL N 141 -41.01 -32.18 12.18
CA VAL N 141 -41.84 -31.75 13.30
C VAL N 141 -40.94 -31.66 14.52
N ILE N 142 -40.74 -30.45 15.01
CA ILE N 142 -39.89 -30.21 16.17
C ILE N 142 -40.80 -30.16 17.39
N VAL N 143 -40.82 -31.23 18.16
CA VAL N 143 -41.73 -31.39 19.29
C VAL N 143 -41.00 -30.95 20.56
N PRO N 144 -41.45 -29.90 21.24
CA PRO N 144 -40.89 -29.60 22.56
C PRO N 144 -40.97 -30.80 23.48
N ASP N 145 -40.12 -30.78 24.51
CA ASP N 145 -39.95 -31.97 25.34
C ASP N 145 -41.23 -32.30 26.11
N GLU N 146 -41.93 -31.29 26.62
CA GLU N 146 -43.11 -31.55 27.44
C GLU N 146 -44.19 -32.28 26.65
N ILE N 147 -44.34 -31.98 25.37
CA ILE N 147 -45.38 -32.64 24.57
C ILE N 147 -45.12 -34.14 24.52
N TYR N 148 -43.88 -34.54 24.28
CA TYR N 148 -43.56 -35.96 24.22
C TYR N 148 -43.55 -36.61 25.60
N LYS N 149 -43.22 -35.85 26.64
CA LYS N 149 -43.00 -36.44 27.95
C LYS N 149 -44.25 -37.13 28.48
N TYR N 150 -45.37 -36.41 28.51
CA TYR N 150 -46.56 -36.90 29.21
C TYR N 150 -47.55 -37.63 28.31
N CYS N 151 -47.38 -37.56 26.99
CA CYS N 151 -48.31 -38.20 26.07
C CYS N 151 -48.12 -39.71 25.99
N ARG N 152 -47.30 -40.29 26.86
CA ARG N 152 -47.16 -41.74 26.92
C ARG N 152 -48.40 -42.36 27.56
N PRO N 153 -48.64 -43.65 27.33
CA PRO N 153 -49.83 -44.29 27.91
C PRO N 153 -49.81 -44.29 29.44
N ASN N 154 -48.78 -44.87 30.03
CA ASN N 154 -48.67 -44.98 31.49
C ASN N 154 -47.75 -43.90 32.05
N SER N 155 -48.18 -42.64 31.90
CA SER N 155 -47.47 -41.51 32.45
C SER N 155 -48.47 -40.46 32.90
N VAL N 156 -48.41 -40.09 34.18
CA VAL N 156 -49.31 -39.10 34.75
C VAL N 156 -48.50 -37.84 35.05
N LEU N 157 -49.20 -36.70 35.02
CA LEU N 157 -48.57 -35.44 35.40
C LEU N 157 -48.44 -35.37 36.91
N PRO N 158 -47.26 -35.01 37.45
CA PRO N 158 -47.10 -34.99 38.91
C PRO N 158 -48.05 -34.01 39.59
N ALA N 197 -65.57 -39.77 24.89
CA ALA N 197 -66.09 -40.84 24.06
C ALA N 197 -65.86 -40.57 22.59
N GLU N 198 -66.04 -39.31 22.19
CA GLU N 198 -65.84 -38.93 20.80
C GLU N 198 -64.38 -39.15 20.37
N THR N 199 -63.44 -38.79 21.23
CA THR N 199 -62.02 -38.93 20.94
C THR N 199 -61.39 -40.13 21.64
N TYR N 200 -62.21 -41.05 22.16
CA TYR N 200 -61.68 -42.24 22.82
C TYR N 200 -61.33 -43.35 21.84
N ASN N 201 -61.71 -43.23 20.57
CA ASN N 201 -61.33 -44.21 19.56
C ASN N 201 -59.97 -43.86 18.95
N TYR N 202 -58.99 -43.65 19.83
CA TYR N 202 -57.63 -43.31 19.42
C TYR N 202 -56.68 -43.74 20.51
N ASP N 203 -55.41 -43.91 20.13
CA ASP N 203 -54.39 -44.34 21.08
C ASP N 203 -54.01 -43.20 22.01
N ALA N 204 -53.24 -43.54 23.04
CA ALA N 204 -52.72 -42.57 24.00
C ALA N 204 -51.25 -42.27 23.74
N GLN N 205 -50.86 -42.20 22.47
CA GLN N 205 -49.49 -41.95 22.09
C GLN N 205 -49.46 -40.86 21.03
N PHE N 206 -48.62 -39.84 21.23
CA PHE N 206 -48.52 -38.75 20.27
C PHE N 206 -48.02 -39.26 18.92
N HIS N 207 -46.93 -40.03 18.92
CA HIS N 207 -46.30 -40.44 17.68
C HIS N 207 -47.23 -41.34 16.86
N ASP N 208 -47.84 -42.33 17.49
CA ASP N 208 -48.65 -43.29 16.76
C ASP N 208 -49.89 -42.62 16.16
N GLN N 209 -50.61 -41.85 16.97
CA GLN N 209 -51.80 -41.16 16.47
C GLN N 209 -51.43 -40.14 15.39
N PHE N 210 -50.33 -39.42 15.59
CA PHE N 210 -49.87 -38.47 14.58
C PHE N 210 -49.61 -39.16 13.26
N LYS N 211 -48.90 -40.29 13.28
CA LYS N 211 -48.63 -41.01 12.04
C LYS N 211 -49.89 -41.57 11.41
N ALA N 212 -50.84 -42.03 12.24
CA ALA N 212 -52.03 -42.69 11.71
C ALA N 212 -52.99 -41.68 11.07
N ARG N 213 -53.13 -40.50 11.68
CA ARG N 213 -54.13 -39.54 11.21
C ARG N 213 -53.67 -38.76 9.98
N LEU N 214 -52.42 -38.93 9.54
CA LEU N 214 -51.91 -38.30 8.34
C LEU N 214 -51.84 -39.25 7.16
N LEU N 215 -52.44 -40.45 7.27
CA LEU N 215 -52.18 -41.50 6.30
C LEU N 215 -52.88 -41.23 4.97
N LYS N 216 -54.12 -40.76 5.01
CA LYS N 216 -54.86 -40.55 3.77
C LYS N 216 -54.36 -39.35 2.98
N HIS N 217 -53.46 -38.55 3.54
CA HIS N 217 -52.85 -37.44 2.82
C HIS N 217 -51.52 -37.78 2.19
N THR N 218 -50.84 -38.83 2.67
CA THR N 218 -49.57 -39.29 2.11
C THR N 218 -48.50 -38.20 2.17
N ILE N 219 -48.17 -37.80 3.39
CA ILE N 219 -47.16 -36.77 3.63
C ILE N 219 -45.99 -37.37 4.41
N PRO N 220 -44.82 -37.55 3.80
CA PRO N 220 -43.66 -38.02 4.57
C PRO N 220 -43.32 -37.05 5.69
N THR N 221 -43.00 -37.61 6.86
CA THR N 221 -42.80 -36.82 8.07
C THR N 221 -41.65 -37.39 8.87
N GLN N 222 -40.97 -36.52 9.61
CA GLN N 222 -39.92 -36.92 10.54
C GLN N 222 -40.12 -36.14 11.84
N ILE N 223 -40.44 -36.86 12.92
CA ILE N 223 -40.62 -36.26 14.23
C ILE N 223 -39.26 -36.15 14.91
N PHE N 224 -38.95 -34.97 15.42
CA PHE N 224 -37.72 -34.73 16.17
C PHE N 224 -38.08 -34.21 17.56
N ARG N 225 -37.52 -34.84 18.58
CA ARG N 225 -37.52 -34.21 19.88
C ARG N 225 -36.65 -32.96 19.84
N GLU N 226 -36.93 -32.03 20.73
CA GLU N 226 -36.16 -30.78 20.75
C GLU N 226 -34.78 -31.01 21.34
N SER N 227 -34.65 -31.93 22.30
CA SER N 227 -33.38 -32.19 22.94
C SER N 227 -32.43 -33.01 22.09
N THR N 228 -32.94 -33.74 21.10
CA THR N 228 -32.06 -34.53 20.25
C THR N 228 -31.20 -33.64 19.36
N LEU N 229 -31.84 -32.67 18.68
CA LEU N 229 -31.10 -31.81 17.76
C LEU N 229 -30.14 -30.90 18.50
N ALA N 230 -30.53 -30.44 19.69
CA ALA N 230 -29.67 -29.63 20.54
C ALA N 230 -29.51 -30.36 21.87
N TRP N 231 -28.56 -31.29 21.92
CA TRP N 231 -28.31 -32.09 23.11
C TRP N 231 -27.37 -31.40 24.08
N ARG N 232 -26.70 -30.33 23.67
CA ARG N 232 -25.75 -29.66 24.54
C ARG N 232 -26.45 -28.80 25.60
N ASP N 233 -27.55 -28.17 25.22
CA ASP N 233 -28.18 -27.15 26.05
C ASP N 233 -29.26 -27.70 26.99
N PHE N 234 -29.54 -29.00 26.93
CA PHE N 234 -30.47 -29.63 27.86
C PHE N 234 -29.66 -30.39 28.90
N LYS N 235 -29.72 -29.93 30.15
CA LYS N 235 -28.85 -30.46 31.19
C LYS N 235 -29.64 -30.90 32.43
N ASN N 236 -28.91 -31.28 33.48
CA ASN N 236 -29.51 -31.70 34.73
C ASN N 236 -28.91 -30.86 35.87
N ALA N 237 -29.14 -31.24 37.12
CA ALA N 237 -28.55 -30.50 38.23
C ALA N 237 -27.11 -30.95 38.45
N PHE N 238 -26.33 -31.02 37.38
CA PHE N 238 -24.90 -31.21 37.46
C PHE N 238 -24.14 -30.41 36.41
N GLY N 239 -24.83 -29.69 35.52
CA GLY N 239 -24.17 -28.99 34.44
C GLY N 239 -23.75 -29.87 33.28
N LEU N 240 -24.33 -31.06 33.15
CA LEU N 240 -23.93 -32.00 32.11
C LEU N 240 -25.14 -32.41 31.29
N PRO N 241 -24.93 -32.77 30.02
CA PRO N 241 -26.07 -33.17 29.17
C PRO N 241 -26.82 -34.37 29.73
N ILE N 242 -28.14 -34.36 29.50
CA ILE N 242 -28.94 -35.56 29.79
C ILE N 242 -28.53 -36.70 28.88
N ARG N 243 -28.34 -36.41 27.59
CA ARG N 243 -27.80 -37.36 26.63
C ARG N 243 -26.49 -36.80 26.09
N ASP N 244 -25.41 -37.57 26.26
CA ASP N 244 -24.08 -37.15 25.85
C ASP N 244 -23.75 -37.80 24.51
N PHE N 245 -23.75 -36.98 23.45
CA PHE N 245 -23.45 -37.44 22.09
C PHE N 245 -22.03 -37.08 21.67
N SER N 246 -21.18 -36.66 22.61
CA SER N 246 -19.90 -36.06 22.25
C SER N 246 -19.02 -37.03 21.48
N LYS N 247 -19.02 -38.29 21.85
CA LYS N 247 -18.16 -39.29 21.22
C LYS N 247 -18.82 -40.00 20.05
N ILE N 248 -20.11 -39.77 19.81
CA ILE N 248 -20.84 -40.50 18.77
C ILE N 248 -21.60 -39.54 17.85
N GLU N 249 -21.08 -38.34 17.64
CA GLU N 249 -21.79 -37.36 16.81
C GLU N 249 -21.90 -37.83 15.37
N GLY N 250 -20.84 -38.43 14.84
CA GLY N 250 -20.88 -38.89 13.46
C GLY N 250 -21.93 -39.95 13.22
N HIS N 251 -22.13 -40.84 14.21
CA HIS N 251 -23.17 -41.86 14.09
C HIS N 251 -24.55 -41.23 14.03
N LEU N 252 -24.80 -40.22 14.87
CA LEU N 252 -26.07 -39.50 14.83
C LEU N 252 -26.28 -38.83 13.48
N ALA N 253 -25.24 -38.21 12.94
CA ALA N 253 -25.35 -37.58 11.63
C ALA N 253 -25.66 -38.60 10.55
N TRP N 254 -24.96 -39.74 10.57
CA TRP N 254 -25.26 -40.82 9.63
C TRP N 254 -26.73 -41.20 9.70
N THR N 255 -27.23 -41.43 10.91
CA THR N 255 -28.59 -41.94 11.06
C THR N 255 -29.61 -40.94 10.53
N ILE N 256 -29.49 -39.69 10.95
CA ILE N 256 -30.44 -38.67 10.54
C ILE N 256 -30.39 -38.46 9.03
N SER N 257 -29.17 -38.37 8.47
CA SER N 257 -29.04 -38.14 7.04
C SER N 257 -29.64 -39.29 6.24
N THR N 258 -29.38 -40.53 6.63
CA THR N 258 -29.93 -41.66 5.89
C THR N 258 -31.45 -41.68 5.98
N ALA N 259 -32.01 -41.41 7.16
CA ALA N 259 -33.46 -41.38 7.28
C ALA N 259 -34.07 -40.31 6.37
N ALA N 260 -33.54 -39.09 6.45
CA ALA N 260 -34.07 -38.02 5.62
C ALA N 260 -33.93 -38.34 4.14
N PHE N 261 -32.80 -38.92 3.74
CA PHE N 261 -32.59 -39.25 2.34
C PHE N 261 -33.59 -40.29 1.86
N TYR N 262 -33.85 -41.33 2.67
CA TYR N 262 -34.80 -42.36 2.27
C TYR N 262 -36.21 -41.79 2.16
N LYS N 263 -36.59 -40.92 3.10
CA LYS N 263 -37.97 -40.43 3.10
C LYS N 263 -38.28 -39.54 1.90
N ALA N 264 -37.28 -38.93 1.28
CA ALA N 264 -37.50 -38.07 0.12
C ALA N 264 -37.48 -38.82 -1.20
N GLY N 265 -37.27 -40.13 -1.18
CA GLY N 265 -37.32 -40.92 -2.40
C GLY N 265 -35.96 -41.38 -2.88
N GLY N 266 -35.05 -41.61 -1.96
CA GLY N 266 -33.71 -42.08 -2.28
C GLY N 266 -33.57 -43.58 -2.05
N LYS N 267 -32.63 -44.18 -2.78
CA LYS N 267 -32.30 -45.59 -2.62
C LYS N 267 -30.86 -45.67 -2.12
N PRO N 268 -30.63 -45.81 -0.82
CA PRO N 268 -29.24 -45.86 -0.32
C PRO N 268 -28.48 -47.10 -0.77
N TRP N 269 -29.09 -48.29 -0.63
CA TRP N 269 -28.42 -49.52 -1.03
C TRP N 269 -29.48 -50.58 -1.30
N LYS N 270 -29.04 -51.67 -1.94
CA LYS N 270 -29.89 -52.82 -2.23
C LYS N 270 -29.14 -54.09 -1.87
N LEU N 271 -29.85 -55.20 -1.85
CA LEU N 271 -29.20 -56.48 -1.58
C LEU N 271 -28.40 -56.93 -2.79
N SER N 272 -27.53 -57.91 -2.57
CA SER N 272 -26.51 -58.26 -3.55
C SER N 272 -26.97 -59.37 -4.50
N ASP N 273 -27.27 -60.55 -3.96
CA ASP N 273 -27.50 -61.75 -4.77
C ASP N 273 -28.77 -62.46 -4.33
N VAL N 274 -29.85 -61.71 -4.19
CA VAL N 274 -31.15 -62.33 -3.90
C VAL N 274 -31.54 -63.22 -5.07
N ARG N 275 -31.75 -64.50 -4.79
CA ARG N 275 -32.08 -65.45 -5.86
C ARG N 275 -33.48 -65.18 -6.39
N ASN N 276 -33.62 -65.28 -7.71
CA ASN N 276 -34.89 -65.02 -8.37
C ASN N 276 -35.93 -66.07 -7.97
N GLY N 277 -37.19 -65.65 -7.95
CA GLY N 277 -38.29 -66.56 -7.75
C GLY N 277 -38.72 -66.76 -6.32
N VAL N 278 -38.03 -66.16 -5.36
CA VAL N 278 -38.31 -66.34 -3.94
C VAL N 278 -39.00 -65.09 -3.42
N CYS N 279 -40.04 -65.29 -2.61
CA CYS N 279 -40.79 -64.20 -2.00
C CYS N 279 -40.80 -64.39 -0.50
N TYR N 280 -40.47 -63.34 0.23
CA TYR N 280 -40.49 -63.36 1.68
C TYR N 280 -41.70 -62.60 2.20
N LEU N 281 -42.16 -62.99 3.39
CA LEU N 281 -43.44 -62.49 3.90
C LEU N 281 -43.42 -62.57 5.42
N GLY N 282 -43.36 -61.43 6.08
CA GLY N 282 -43.44 -61.39 7.53
C GLY N 282 -44.87 -61.34 8.03
N LEU N 283 -45.06 -61.76 9.28
CA LEU N 283 -46.36 -61.73 9.93
C LEU N 283 -46.17 -61.37 11.39
N VAL N 284 -46.99 -60.46 11.90
CA VAL N 284 -46.93 -60.05 13.30
C VAL N 284 -48.34 -59.73 13.78
N TYR N 285 -48.68 -60.20 14.97
CA TYR N 285 -49.97 -59.94 15.59
C TYR N 285 -49.85 -58.82 16.61
N LYS N 286 -50.93 -58.06 16.78
CA LYS N 286 -50.96 -56.91 17.66
C LYS N 286 -52.30 -56.81 18.38
N LYS N 287 -52.25 -56.47 19.66
CA LYS N 287 -53.47 -56.21 20.42
C LYS N 287 -54.14 -54.91 19.93
N VAL N 288 -55.46 -54.87 20.08
CA VAL N 288 -56.23 -53.70 19.65
C VAL N 288 -56.64 -52.81 20.83
N GLU N 289 -56.68 -53.34 22.04
CA GLU N 289 -56.91 -52.54 23.24
C GLU N 289 -58.33 -51.97 23.29
N LYS N 290 -58.50 -50.68 22.97
CA LYS N 290 -59.76 -49.97 23.20
C LYS N 290 -60.79 -50.43 22.18
N SER N 291 -61.38 -51.59 22.44
CA SER N 291 -62.45 -52.13 21.62
C SER N 291 -63.20 -53.17 22.43
N LYS N 292 -64.43 -53.45 22.01
CA LYS N 292 -65.25 -54.42 22.73
C LYS N 292 -64.60 -55.79 22.75
N ASN N 293 -63.80 -56.10 21.74
CA ASN N 293 -63.09 -57.37 21.66
C ASN N 293 -61.63 -57.14 21.27
N PRO N 294 -60.73 -58.03 21.70
CA PRO N 294 -59.31 -57.83 21.38
C PRO N 294 -59.04 -57.76 19.89
N ARG N 295 -59.80 -58.52 19.10
CA ARG N 295 -59.76 -58.43 17.63
C ARG N 295 -58.33 -58.33 17.13
N ASN N 296 -57.53 -59.34 17.47
CA ASN N 296 -56.11 -59.34 17.13
C ASN N 296 -55.91 -59.02 15.66
N ALA N 297 -55.04 -58.06 15.39
CA ALA N 297 -54.75 -57.60 14.04
C ALA N 297 -53.45 -58.19 13.54
N CYS N 298 -53.41 -58.56 12.27
CA CYS N 298 -52.25 -59.17 11.65
C CYS N 298 -51.82 -58.35 10.44
N CYS N 299 -50.56 -57.94 10.42
CA CYS N 299 -49.99 -57.15 9.34
C CYS N 299 -48.73 -57.84 8.82
N ALA N 300 -48.47 -57.66 7.53
CA ALA N 300 -47.40 -58.37 6.85
C ALA N 300 -46.46 -57.38 6.16
N ALA N 301 -45.36 -57.92 5.64
CA ALA N 301 -44.40 -57.15 4.86
C ALA N 301 -43.82 -58.06 3.79
N GLN N 302 -43.88 -57.61 2.54
CA GLN N 302 -43.52 -58.42 1.39
C GLN N 302 -42.21 -57.92 0.78
N MET N 303 -41.39 -58.87 0.30
CA MET N 303 -40.11 -58.55 -0.30
C MET N 303 -39.76 -59.58 -1.36
N PHE N 304 -39.17 -59.12 -2.46
CA PHE N 304 -38.76 -60.01 -3.54
C PHE N 304 -37.89 -59.22 -4.53
N LEU N 305 -37.52 -59.87 -5.62
CA LEU N 305 -36.68 -59.31 -6.66
C LEU N 305 -37.54 -58.94 -7.86
N ASP N 306 -37.40 -57.70 -8.35
CA ASP N 306 -38.38 -57.10 -9.23
C ASP N 306 -38.20 -57.46 -10.70
N ASN N 307 -37.23 -58.34 -11.02
CA ASN N 307 -37.00 -58.76 -12.40
C ASN N 307 -36.26 -57.69 -13.20
N GLY N 308 -36.09 -56.51 -12.61
CA GLY N 308 -35.20 -55.51 -13.16
C GLY N 308 -33.92 -55.44 -12.35
N ASP N 309 -33.71 -56.46 -11.50
CA ASP N 309 -32.61 -56.51 -10.56
C ASP N 309 -32.71 -55.40 -9.51
N GLY N 310 -33.92 -54.91 -9.27
CA GLY N 310 -34.17 -53.96 -8.21
C GLY N 310 -34.46 -54.65 -6.89
N THR N 311 -35.21 -53.97 -6.04
CA THR N 311 -35.62 -54.53 -4.75
C THR N 311 -36.99 -53.95 -4.38
N VAL N 312 -38.00 -54.80 -4.38
CA VAL N 312 -39.35 -54.42 -3.99
C VAL N 312 -39.54 -54.82 -2.54
N PHE N 313 -39.65 -53.83 -1.66
CA PHE N 313 -39.80 -54.05 -0.22
C PHE N 313 -40.91 -53.11 0.26
N LYS N 314 -42.15 -53.60 0.22
CA LYS N 314 -43.31 -52.82 0.59
C LYS N 314 -44.25 -53.65 1.45
N GLY N 315 -45.01 -52.98 2.31
CA GLY N 315 -45.96 -53.68 3.14
C GLY N 315 -47.16 -54.17 2.37
N GLU N 316 -47.55 -55.41 2.66
CA GLU N 316 -48.74 -56.03 2.08
C GLU N 316 -49.77 -56.12 3.20
N VAL N 317 -50.52 -55.04 3.41
CA VAL N 317 -51.29 -54.88 4.64
C VAL N 317 -52.70 -54.42 4.33
N GLY N 318 -53.66 -55.15 4.87
CA GLY N 318 -54.90 -54.61 5.34
C GLY N 318 -55.25 -55.41 6.58
N PRO N 319 -55.34 -54.77 7.74
CA PRO N 319 -55.28 -55.53 8.99
C PRO N 319 -56.37 -56.59 9.07
N TRP N 320 -55.97 -57.85 9.05
CA TRP N 320 -56.89 -58.97 9.20
C TRP N 320 -57.09 -59.24 10.68
N TYR N 321 -58.31 -59.64 11.04
CA TYR N 321 -58.72 -59.67 12.42
C TYR N 321 -59.14 -61.07 12.85
N ASN N 322 -59.03 -61.31 14.15
CA ASN N 322 -59.46 -62.55 14.80
C ASN N 322 -60.25 -62.18 16.05
N PRO N 323 -61.54 -62.52 16.14
CA PRO N 323 -62.32 -62.07 17.30
C PRO N 323 -61.95 -62.76 18.60
N LYS N 324 -61.56 -64.03 18.55
CA LYS N 324 -61.29 -64.77 19.77
C LYS N 324 -60.15 -64.13 20.54
N ASN N 325 -60.30 -64.08 21.86
CA ASN N 325 -59.32 -63.42 22.72
C ASN N 325 -58.14 -64.35 23.00
N GLY N 326 -56.94 -63.81 22.91
CA GLY N 326 -55.73 -64.54 23.23
C GLY N 326 -55.23 -65.46 22.14
N GLN N 327 -55.93 -65.58 21.03
CA GLN N 327 -55.51 -66.42 19.92
C GLN N 327 -54.69 -65.60 18.94
N TYR N 328 -53.63 -66.20 18.42
CA TYR N 328 -52.75 -65.58 17.44
C TYR N 328 -52.71 -66.40 16.17
N HIS N 329 -53.90 -66.85 15.73
CA HIS N 329 -54.06 -67.61 14.50
C HIS N 329 -55.19 -67.01 13.69
N LEU N 330 -55.04 -67.07 12.37
CA LEU N 330 -56.07 -66.55 11.47
C LEU N 330 -57.12 -67.61 11.20
N GLU N 331 -58.36 -67.16 11.04
CA GLU N 331 -59.43 -68.02 10.59
C GLU N 331 -59.27 -68.27 9.09
N PRO N 332 -59.69 -69.44 8.59
CA PRO N 332 -59.34 -69.78 7.19
C PRO N 332 -59.61 -68.68 6.18
N LYS N 333 -60.70 -67.93 6.32
CA LYS N 333 -61.02 -66.92 5.30
C LYS N 333 -59.95 -65.84 5.21
N GLU N 334 -59.49 -65.33 6.36
CA GLU N 334 -58.44 -64.32 6.32
C GLU N 334 -57.12 -64.88 5.78
N ALA N 335 -56.78 -66.12 6.13
CA ALA N 335 -55.57 -66.71 5.56
C ALA N 335 -55.66 -66.80 4.05
N LYS N 336 -56.82 -67.26 3.54
CA LYS N 336 -57.03 -67.33 2.11
C LYS N 336 -56.85 -65.96 1.47
N ALA N 337 -57.53 -64.95 2.01
CA ALA N 337 -57.47 -63.62 1.42
C ALA N 337 -56.05 -63.06 1.46
N LEU N 338 -55.36 -63.23 2.60
CA LEU N 338 -54.00 -62.70 2.73
C LEU N 338 -53.07 -63.32 1.70
N LEU N 339 -53.06 -64.65 1.61
CA LEU N 339 -52.13 -65.29 0.68
C LEU N 339 -52.50 -64.96 -0.76
N SER N 340 -53.80 -64.89 -1.07
CA SER N 340 -54.21 -64.50 -2.42
C SER N 340 -53.73 -63.10 -2.76
N GLN N 341 -53.86 -62.16 -1.82
CA GLN N 341 -53.42 -60.80 -2.06
C GLN N 341 -51.91 -60.74 -2.29
N SER N 342 -51.15 -61.46 -1.48
CA SER N 342 -49.69 -61.46 -1.65
C SER N 342 -49.30 -62.07 -3.00
N LEU N 343 -49.93 -63.18 -3.37
CA LEU N 343 -49.65 -63.81 -4.65
C LEU N 343 -49.98 -62.86 -5.80
N GLN N 344 -51.11 -62.17 -5.71
CA GLN N 344 -51.50 -61.24 -6.76
C GLN N 344 -50.52 -60.08 -6.85
N SER N 345 -50.07 -59.55 -5.72
CA SER N 345 -49.07 -58.49 -5.73
C SER N 345 -47.82 -58.95 -6.48
N TYR N 346 -47.32 -60.15 -6.13
CA TYR N 346 -46.13 -60.65 -6.82
C TYR N 346 -46.39 -60.82 -8.31
N LYS N 347 -47.53 -61.41 -8.68
CA LYS N 347 -47.78 -61.69 -10.09
C LYS N 347 -47.89 -60.41 -10.89
N GLU N 348 -48.55 -59.39 -10.34
CA GLU N 348 -48.63 -58.11 -11.04
C GLU N 348 -47.27 -57.45 -11.15
N GLN N 349 -46.45 -57.52 -10.10
CA GLN N 349 -45.17 -56.82 -10.12
C GLN N 349 -44.13 -57.56 -10.96
N ILE N 350 -44.34 -58.86 -11.23
CA ILE N 350 -43.37 -59.67 -11.97
C ILE N 350 -43.96 -60.18 -13.29
N GLY N 351 -45.02 -60.99 -13.21
CA GLY N 351 -45.62 -61.55 -14.40
C GLY N 351 -45.98 -63.01 -14.27
N GLU N 352 -45.44 -63.68 -13.25
CA GLU N 352 -45.78 -65.07 -12.98
C GLU N 352 -45.65 -65.32 -11.48
N TYR N 353 -46.27 -66.39 -11.02
CA TYR N 353 -46.35 -66.66 -9.59
C TYR N 353 -44.97 -67.01 -9.03
N PRO N 354 -44.77 -66.85 -7.72
CA PRO N 354 -43.49 -67.22 -7.12
C PRO N 354 -43.19 -68.70 -7.28
N LYS N 355 -41.90 -69.00 -7.43
CA LYS N 355 -41.46 -70.39 -7.39
C LYS N 355 -41.19 -70.86 -5.96
N GLU N 356 -41.20 -69.96 -4.98
CA GLU N 356 -40.92 -70.31 -3.60
C GLU N 356 -41.39 -69.16 -2.72
N VAL N 357 -42.11 -69.48 -1.65
CA VAL N 357 -42.64 -68.48 -0.73
C VAL N 357 -42.24 -68.88 0.69
N PHE N 358 -41.62 -67.96 1.41
CA PHE N 358 -41.25 -68.16 2.81
C PHE N 358 -42.04 -67.18 3.68
N ILE N 359 -42.67 -67.70 4.73
CA ILE N 359 -43.39 -66.88 5.69
C ILE N 359 -42.60 -66.89 6.99
N HIS N 360 -42.18 -65.71 7.44
CA HIS N 360 -41.49 -65.56 8.71
C HIS N 360 -42.45 -65.00 9.74
N ALA N 361 -42.61 -65.73 10.85
CA ALA N 361 -43.50 -65.31 11.92
C ALA N 361 -42.81 -65.50 13.26
N LYS N 362 -43.39 -64.91 14.29
CA LYS N 362 -42.94 -65.09 15.66
C LYS N 362 -43.74 -66.15 16.41
N THR N 363 -44.72 -66.78 15.75
CA THR N 363 -45.58 -67.75 16.39
C THR N 363 -45.74 -68.97 15.47
N ARG N 364 -46.13 -70.08 16.08
CA ARG N 364 -46.36 -71.32 15.33
C ARG N 364 -47.69 -71.25 14.59
N PHE N 365 -47.82 -72.10 13.58
CA PHE N 365 -49.01 -72.18 12.75
C PHE N 365 -49.76 -73.48 13.03
N ASN N 366 -51.05 -73.37 13.29
CA ASN N 366 -51.89 -74.56 13.47
C ASN N 366 -52.28 -75.12 12.12
N HIS N 367 -52.94 -76.28 12.14
CA HIS N 367 -53.16 -77.02 10.90
C HIS N 367 -54.24 -76.39 10.03
N GLN N 368 -55.32 -75.88 10.63
CA GLN N 368 -56.39 -75.28 9.83
C GLN N 368 -55.87 -74.08 9.06
N GLU N 369 -55.05 -73.24 9.70
CA GLU N 369 -54.48 -72.09 9.02
C GLU N 369 -53.62 -72.51 7.85
N TRP N 370 -52.80 -73.54 8.02
CA TRP N 370 -51.92 -73.96 6.93
C TRP N 370 -52.71 -74.59 5.79
N ASP N 371 -53.76 -75.35 6.11
CA ASP N 371 -54.62 -75.88 5.05
C ASP N 371 -55.29 -74.74 4.29
N ALA N 372 -55.76 -73.72 5.00
CA ALA N 372 -56.29 -72.54 4.32
C ALA N 372 -55.26 -71.94 3.38
N PHE N 373 -54.04 -71.73 3.86
CA PHE N 373 -52.96 -71.25 3.00
C PHE N 373 -52.79 -72.14 1.77
N LEU N 374 -52.87 -73.46 1.97
CA LEU N 374 -52.53 -74.38 0.89
C LEU N 374 -53.63 -74.47 -0.17
N GLU N 375 -54.88 -74.21 0.20
CA GLU N 375 -55.95 -74.27 -0.79
C GLU N 375 -55.80 -73.18 -1.85
N VAL N 376 -55.29 -72.01 -1.48
CA VAL N 376 -55.22 -70.87 -2.39
C VAL N 376 -53.79 -70.67 -2.93
N THR N 377 -52.98 -71.72 -2.95
CA THR N 377 -51.61 -71.64 -3.43
C THR N 377 -51.46 -72.41 -4.73
N PRO N 378 -50.72 -71.90 -5.73
CA PRO N 378 -50.67 -72.59 -7.03
C PRO N 378 -50.02 -73.96 -6.94
N LYS N 379 -50.06 -74.70 -8.06
CA LYS N 379 -49.48 -76.04 -8.09
C LYS N 379 -47.97 -76.00 -7.93
N GLU N 380 -47.30 -75.17 -8.74
CA GLU N 380 -45.84 -75.10 -8.77
C GLU N 380 -45.33 -73.97 -7.90
N THR N 381 -45.66 -74.03 -6.61
CA THR N 381 -45.17 -73.07 -5.63
C THR N 381 -45.03 -73.77 -4.29
N ASN N 382 -43.80 -73.82 -3.78
CA ASN N 382 -43.52 -74.44 -2.49
C ASN N 382 -43.71 -73.40 -1.39
N LEU N 383 -44.45 -73.78 -0.35
CA LEU N 383 -44.77 -72.91 0.77
C LEU N 383 -44.06 -73.42 2.01
N VAL N 384 -43.28 -72.56 2.66
CA VAL N 384 -42.53 -72.91 3.85
C VAL N 384 -42.80 -71.86 4.92
N GLY N 385 -43.16 -72.32 6.12
CA GLY N 385 -43.40 -71.45 7.25
C GLY N 385 -42.32 -71.62 8.30
N VAL N 386 -41.76 -70.49 8.74
CA VAL N 386 -40.64 -70.46 9.66
C VAL N 386 -41.06 -69.71 10.93
N THR N 387 -40.36 -69.97 12.02
CA THR N 387 -40.60 -69.33 13.30
C THR N 387 -39.28 -68.84 13.89
N ILE N 388 -39.23 -67.56 14.24
CA ILE N 388 -38.05 -66.94 14.82
C ILE N 388 -38.41 -66.47 16.22
N SER N 389 -37.64 -66.93 17.22
CA SER N 389 -37.93 -66.66 18.61
C SER N 389 -36.67 -66.23 19.34
N LYS N 390 -36.86 -65.41 20.37
CA LYS N 390 -35.79 -64.99 21.25
C LYS N 390 -35.88 -65.59 22.65
N THR N 391 -37.03 -66.17 23.01
CA THR N 391 -37.24 -66.72 24.34
C THR N 391 -36.70 -68.15 24.37
N LYS N 392 -35.37 -68.26 24.45
CA LYS N 392 -34.72 -69.56 24.58
C LYS N 392 -33.36 -69.37 25.24
N PRO N 393 -33.15 -69.87 26.46
CA PRO N 393 -31.86 -69.65 27.13
C PRO N 393 -30.77 -70.58 26.60
N LEU N 394 -29.83 -70.01 25.85
CA LEU N 394 -28.63 -70.72 25.44
C LEU N 394 -27.56 -69.69 25.18
N LYS N 395 -26.45 -69.76 25.90
CA LYS N 395 -25.35 -68.82 25.77
C LYS N 395 -24.06 -69.58 25.60
N LEU N 396 -23.14 -69.01 24.82
CA LEU N 396 -21.81 -69.58 24.61
C LEU N 396 -20.78 -68.56 25.04
N TYR N 397 -19.82 -69.01 25.85
CA TYR N 397 -18.77 -68.15 26.38
C TYR N 397 -17.43 -68.57 25.79
N LYS N 398 -16.69 -67.60 25.24
CA LYS N 398 -15.32 -67.85 24.87
C LYS N 398 -14.48 -68.07 26.12
N THR N 399 -13.69 -69.14 26.12
CA THR N 399 -12.97 -69.54 27.32
C THR N 399 -11.73 -68.70 27.59
N GLU N 400 -11.18 -68.02 26.58
CA GLU N 400 -9.87 -67.40 26.69
C GLU N 400 -9.91 -65.91 26.96
N GLY N 401 -10.55 -65.14 26.09
CA GLY N 401 -10.44 -63.69 26.11
C GLY N 401 -11.57 -63.00 26.87
N ASP N 402 -11.87 -61.77 26.43
CA ASP N 402 -12.95 -60.97 26.98
C ASP N 402 -13.86 -60.44 25.89
N TYR N 403 -13.84 -61.06 24.71
CA TYR N 403 -14.71 -60.70 23.60
C TYR N 403 -15.66 -61.86 23.31
N THR N 404 -16.82 -61.53 22.76
CA THR N 404 -17.92 -62.48 22.64
C THR N 404 -17.77 -63.35 21.38
N ILE N 405 -18.75 -64.22 21.16
CA ILE N 405 -18.72 -65.12 20.02
C ILE N 405 -18.84 -64.34 18.72
N LEU N 406 -18.43 -64.98 17.63
CA LEU N 406 -18.44 -64.38 16.30
C LEU N 406 -19.88 -64.29 15.78
N ARG N 407 -20.07 -63.52 14.71
CA ARG N 407 -21.43 -63.20 14.27
C ARG N 407 -22.05 -64.31 13.42
N GLY N 408 -21.28 -64.92 12.52
CA GLY N 408 -21.87 -65.87 11.59
C GLY N 408 -22.04 -67.28 12.11
N ASN N 409 -21.93 -67.50 13.42
CA ASN N 409 -21.96 -68.85 13.96
C ASN N 409 -23.39 -69.37 14.06
N ALA N 410 -23.52 -70.69 14.16
CA ALA N 410 -24.82 -71.33 14.23
C ALA N 410 -24.70 -72.79 14.64
N TYR N 411 -25.50 -73.22 15.61
CA TYR N 411 -25.57 -74.60 16.02
C TYR N 411 -26.84 -75.22 15.42
N VAL N 412 -26.67 -76.27 14.63
CA VAL N 412 -27.76 -76.91 13.91
C VAL N 412 -28.23 -78.09 14.74
N VAL N 413 -29.32 -77.90 15.47
CA VAL N 413 -29.84 -78.96 16.33
C VAL N 413 -30.30 -80.14 15.51
N ASN N 414 -30.93 -79.88 14.37
CA ASN N 414 -31.58 -80.92 13.58
C ASN N 414 -31.66 -80.44 12.14
N GLU N 415 -32.44 -81.16 11.33
CA GLU N 415 -32.76 -80.70 9.99
C GLU N 415 -33.91 -79.69 9.99
N ARG N 416 -34.58 -79.52 11.14
CA ARG N 416 -35.72 -78.61 11.25
C ARG N 416 -35.56 -77.61 12.40
N SER N 417 -34.34 -77.41 12.88
CA SER N 417 -34.10 -76.42 13.92
C SER N 417 -32.63 -76.03 13.88
N ALA N 418 -32.34 -74.87 14.49
CA ALA N 418 -30.97 -74.39 14.58
C ALA N 418 -30.95 -73.12 15.41
N PHE N 419 -29.80 -72.83 15.99
CA PHE N 419 -29.55 -71.59 16.71
C PHE N 419 -28.65 -70.72 15.83
N LEU N 420 -29.06 -69.48 15.59
CA LEU N 420 -28.31 -68.56 14.73
C LEU N 420 -27.94 -67.32 15.54
N TRP N 421 -26.66 -67.03 15.61
CA TRP N 421 -26.18 -65.81 16.25
C TRP N 421 -26.19 -64.68 15.24
N THR N 422 -27.08 -63.70 15.43
CA THR N 422 -27.09 -62.51 14.62
C THR N 422 -26.46 -61.32 15.32
N VAL N 423 -26.22 -61.41 16.63
CA VAL N 423 -25.54 -60.38 17.40
C VAL N 423 -24.28 -61.00 18.00
N GLY N 424 -23.15 -60.36 17.78
CA GLY N 424 -21.90 -60.89 18.30
C GLY N 424 -20.75 -60.03 17.86
N TYR N 425 -19.55 -60.60 17.98
CA TYR N 425 -18.34 -59.87 17.58
C TYR N 425 -18.23 -59.82 16.07
N VAL N 426 -18.06 -58.62 15.54
CA VAL N 426 -17.85 -58.39 14.12
C VAL N 426 -16.39 -57.97 13.92
N PRO N 427 -15.58 -58.76 13.21
CA PRO N 427 -14.15 -58.43 13.13
C PRO N 427 -13.85 -57.23 12.25
N LYS N 428 -14.75 -56.86 11.34
CA LYS N 428 -14.50 -55.72 10.47
C LYS N 428 -14.43 -54.41 11.26
N ILE N 429 -15.30 -54.24 12.25
CA ILE N 429 -15.33 -53.04 13.07
C ILE N 429 -14.62 -53.23 14.41
N GLN N 430 -14.13 -54.43 14.70
CA GLN N 430 -13.30 -54.67 15.88
C GLN N 430 -14.09 -54.46 17.17
N THR N 431 -15.33 -54.92 17.19
CA THR N 431 -16.16 -54.83 18.40
C THR N 431 -17.40 -55.70 18.19
N ALA N 432 -18.19 -55.81 19.25
CA ALA N 432 -19.44 -56.57 19.23
C ALA N 432 -20.64 -55.64 19.21
N LEU N 433 -21.72 -56.09 18.59
CA LEU N 433 -22.90 -55.26 18.44
C LEU N 433 -23.68 -55.12 19.75
N SER N 434 -23.39 -55.97 20.75
CA SER N 434 -23.99 -55.87 22.06
C SER N 434 -22.90 -55.58 23.09
N MET N 435 -23.31 -55.46 24.36
CA MET N 435 -22.38 -55.22 25.45
C MET N 435 -22.08 -56.50 26.21
N GLU N 436 -23.10 -57.19 26.71
CA GLU N 436 -22.92 -58.41 27.47
C GLU N 436 -22.93 -59.61 26.52
N VAL N 437 -23.00 -60.81 27.08
CA VAL N 437 -23.02 -62.03 26.26
C VAL N 437 -24.33 -62.06 25.48
N PRO N 438 -24.30 -62.13 24.16
CA PRO N 438 -25.53 -62.01 23.38
C PRO N 438 -26.35 -63.29 23.38
N ASN N 439 -27.60 -63.15 22.95
CA ASN N 439 -28.54 -64.25 22.83
C ASN N 439 -28.70 -64.65 21.36
N PRO N 440 -28.84 -65.93 21.04
CA PRO N 440 -29.09 -66.32 19.65
C PRO N 440 -30.57 -66.29 19.30
N LEU N 441 -30.85 -66.37 18.01
CA LEU N 441 -32.20 -66.56 17.51
C LEU N 441 -32.46 -68.04 17.32
N PHE N 442 -33.64 -68.49 17.72
CA PHE N 442 -34.04 -69.87 17.53
C PHE N 442 -34.95 -69.94 16.30
N ILE N 443 -34.50 -70.64 15.26
CA ILE N 443 -35.21 -70.72 13.98
C ILE N 443 -35.71 -72.15 13.82
N GLU N 444 -37.02 -72.29 13.56
CA GLU N 444 -37.66 -73.59 13.41
C GLU N 444 -38.45 -73.62 12.10
N ILE N 445 -38.28 -74.70 11.34
CA ILE N 445 -39.10 -74.93 10.16
C ILE N 445 -40.38 -75.62 10.62
N ASN N 446 -41.40 -74.83 10.94
CA ASN N 446 -42.61 -75.38 11.53
C ASN N 446 -43.46 -76.13 10.51
N LYS N 447 -43.61 -75.56 9.32
CA LYS N 447 -44.44 -76.15 8.28
C LYS N 447 -43.68 -76.15 6.97
N GLY N 448 -43.92 -77.18 6.16
CA GLY N 448 -43.31 -77.29 4.86
C GLY N 448 -42.10 -78.20 4.85
N GLU N 449 -41.29 -78.01 3.81
CA GLU N 449 -40.07 -78.79 3.62
C GLU N 449 -39.04 -77.91 2.91
N ALA N 450 -37.93 -77.63 3.59
CA ALA N 450 -36.88 -76.80 3.03
C ALA N 450 -35.54 -77.26 3.59
N ASP N 451 -34.51 -76.46 3.38
CA ASP N 451 -33.17 -76.72 3.89
C ASP N 451 -32.83 -75.68 4.94
N ILE N 452 -32.46 -76.15 6.14
CA ILE N 452 -32.22 -75.22 7.25
C ILE N 452 -31.02 -74.34 6.96
N LYS N 453 -30.04 -74.84 6.21
CA LYS N 453 -28.88 -74.01 5.86
C LYS N 453 -29.31 -72.82 5.02
N GLN N 454 -30.17 -73.05 4.02
CA GLN N 454 -30.67 -71.96 3.20
C GLN N 454 -31.51 -70.99 4.04
N VAL N 455 -32.32 -71.52 4.95
CA VAL N 455 -33.15 -70.66 5.79
C VAL N 455 -32.26 -69.75 6.64
N LEU N 456 -31.22 -70.31 7.25
CA LEU N 456 -30.32 -69.50 8.05
C LEU N 456 -29.60 -68.45 7.20
N LYS N 457 -29.12 -68.86 6.03
CA LYS N 457 -28.42 -67.91 5.16
C LYS N 457 -29.32 -66.77 4.75
N ASP N 458 -30.56 -67.08 4.34
CA ASP N 458 -31.50 -66.04 3.94
C ASP N 458 -31.83 -65.12 5.11
N ILE N 459 -32.09 -65.70 6.29
CA ILE N 459 -32.46 -64.88 7.44
C ILE N 459 -31.32 -63.92 7.79
N LEU N 460 -30.08 -64.38 7.68
CA LEU N 460 -28.96 -63.51 8.01
C LEU N 460 -28.84 -62.37 7.01
N SER N 461 -29.16 -62.62 5.73
CA SER N 461 -29.02 -61.58 4.72
C SER N 461 -30.16 -60.57 4.76
N LEU N 462 -31.25 -60.87 5.48
CA LEU N 462 -32.34 -59.92 5.64
C LEU N 462 -32.10 -58.95 6.80
N THR N 463 -30.98 -59.06 7.50
CA THR N 463 -30.66 -58.14 8.58
C THR N 463 -29.93 -56.89 8.09
N LYS N 464 -29.80 -56.73 6.77
CA LYS N 464 -28.98 -55.67 6.19
C LYS N 464 -29.80 -54.62 5.44
N LEU N 465 -31.11 -54.55 5.69
CA LEU N 465 -32.00 -53.62 5.00
C LEU N 465 -32.79 -52.78 5.97
N ASN N 466 -32.16 -52.32 7.04
CA ASN N 466 -32.81 -51.42 7.99
C ASN N 466 -32.53 -49.98 7.56
N TYR N 467 -33.47 -49.39 6.82
CA TYR N 467 -33.33 -48.03 6.36
C TYR N 467 -33.72 -46.99 7.43
N ASN N 468 -34.39 -47.41 8.49
CA ASN N 468 -34.62 -46.54 9.62
C ASN N 468 -33.36 -46.33 10.45
N ALA N 469 -32.29 -47.07 10.18
CA ALA N 469 -31.04 -46.96 10.91
C ALA N 469 -29.89 -46.99 9.91
N CYS N 470 -28.75 -46.44 10.35
CA CYS N 470 -27.49 -46.53 9.61
C CYS N 470 -26.51 -47.28 10.52
N ILE N 471 -26.57 -48.61 10.45
CA ILE N 471 -25.79 -49.48 11.32
C ILE N 471 -25.19 -50.59 10.47
N PHE N 472 -24.18 -51.27 11.02
CA PHE N 472 -23.55 -52.36 10.29
C PHE N 472 -24.55 -53.48 10.01
N ALA N 473 -25.29 -53.91 11.03
CA ALA N 473 -26.26 -54.99 10.86
C ALA N 473 -27.25 -54.94 12.01
N ASP N 474 -28.37 -55.63 11.82
CA ASP N 474 -29.46 -55.67 12.78
C ASP N 474 -29.66 -57.09 13.29
N GLY N 475 -30.21 -57.20 14.50
CA GLY N 475 -30.41 -58.49 15.12
C GLY N 475 -31.60 -59.29 14.64
N GLU N 476 -32.52 -58.66 13.91
CA GLU N 476 -33.73 -59.32 13.43
C GLU N 476 -33.88 -59.10 11.93
N PRO N 477 -34.49 -60.05 11.21
CA PRO N 477 -34.83 -59.80 9.81
C PRO N 477 -35.87 -58.69 9.72
N VAL N 478 -35.71 -57.84 8.69
CA VAL N 478 -36.58 -56.67 8.57
C VAL N 478 -37.95 -57.01 8.02
N THR N 479 -38.15 -58.22 7.51
CA THR N 479 -39.51 -58.65 7.16
C THR N 479 -40.38 -58.75 8.41
N LEU N 480 -39.78 -59.02 9.56
CA LEU N 480 -40.50 -59.12 10.82
C LEU N 480 -40.47 -57.83 11.64
N ARG N 481 -39.68 -56.85 11.24
CA ARG N 481 -39.56 -55.60 11.99
C ARG N 481 -40.37 -54.46 11.37
N PHE N 482 -40.47 -54.40 10.04
CA PHE N 482 -41.29 -53.38 9.41
C PHE N 482 -42.76 -53.75 9.41
N ALA N 483 -43.07 -55.06 9.41
CA ALA N 483 -44.45 -55.48 9.61
C ALA N 483 -44.95 -55.07 10.98
N ASP N 484 -44.10 -55.20 12.01
CA ASP N 484 -44.47 -54.76 13.34
C ASP N 484 -44.70 -53.25 13.38
N LYS N 485 -43.84 -52.48 12.72
CA LYS N 485 -43.99 -51.03 12.73
C LYS N 485 -45.26 -50.60 12.00
N ILE N 486 -45.61 -51.27 10.90
CA ILE N 486 -46.88 -51.01 10.25
C ILE N 486 -48.03 -51.35 11.19
N GLY N 487 -47.96 -52.52 11.83
CA GLY N 487 -49.05 -52.95 12.68
C GLY N 487 -49.31 -52.02 13.85
N GLU N 488 -48.25 -51.44 14.41
CA GLU N 488 -48.41 -50.59 15.59
C GLU N 488 -48.81 -49.16 15.23
N ILE N 489 -48.81 -48.79 13.95
CA ILE N 489 -49.35 -47.50 13.53
C ILE N 489 -50.83 -47.62 13.19
N LEU N 490 -51.19 -48.55 12.31
CA LEU N 490 -52.59 -48.75 11.98
C LEU N 490 -53.26 -49.66 13.01
N THR N 491 -53.03 -49.37 14.28
CA THR N 491 -53.82 -49.86 15.39
C THR N 491 -54.21 -48.75 16.34
N ALA N 492 -53.61 -47.56 16.22
CA ALA N 492 -53.97 -46.38 16.98
C ALA N 492 -55.18 -45.66 16.41
N SER N 493 -55.94 -46.30 15.52
CA SER N 493 -57.12 -45.68 14.93
C SER N 493 -57.90 -46.74 14.19
N THR N 494 -59.11 -46.37 13.77
CA THR N 494 -59.98 -47.25 13.01
C THR N 494 -60.49 -46.63 11.72
N ASP N 495 -60.31 -45.33 11.52
CA ASP N 495 -60.85 -44.64 10.36
C ASP N 495 -60.07 -44.91 9.08
N ILE N 496 -58.90 -45.55 9.17
CA ILE N 496 -58.08 -45.79 7.99
C ILE N 496 -58.66 -46.96 7.21
N LYS N 497 -58.84 -46.76 5.91
CA LYS N 497 -59.33 -47.81 5.01
C LYS N 497 -58.44 -47.83 3.77
N THR N 498 -58.00 -49.02 3.37
CA THR N 498 -57.10 -49.18 2.24
C THR N 498 -55.88 -48.28 2.45
N PRO N 499 -55.01 -48.58 3.40
CA PRO N 499 -53.89 -47.69 3.70
C PRO N 499 -52.82 -47.78 2.62
N PRO N 500 -51.87 -46.85 2.60
CA PRO N 500 -50.74 -46.97 1.67
C PRO N 500 -49.83 -48.11 2.06
N LEU N 501 -49.06 -48.59 1.08
CA LEU N 501 -48.11 -49.68 1.31
C LEU N 501 -46.69 -49.21 1.50
N ALA N 502 -46.31 -48.08 0.90
CA ALA N 502 -44.93 -47.62 0.97
C ALA N 502 -44.49 -47.40 2.41
N PHE N 503 -43.24 -47.77 2.70
CA PHE N 503 -42.75 -47.74 4.08
C PHE N 503 -42.47 -46.33 4.59
N LYS N 504 -42.42 -45.33 3.70
CA LYS N 504 -42.00 -44.00 4.13
C LYS N 504 -43.10 -43.21 4.84
N TYR N 505 -44.32 -43.74 4.89
CA TYR N 505 -45.39 -43.09 5.64
C TYR N 505 -45.52 -43.59 7.07
N TYR N 506 -44.77 -44.63 7.46
CA TYR N 506 -44.82 -45.18 8.80
C TYR N 506 -43.52 -45.02 9.59
N ILE N 507 -42.38 -44.88 8.92
CA ILE N 507 -41.12 -44.71 9.62
C ILE N 507 -40.64 -43.27 9.50
MG MG Q . 50.21 17.99 -4.91
PA NAD R . 5.68 16.33 -7.74
O1A NAD R . 6.26 16.43 -6.39
O2A NAD R . 6.16 17.26 -8.82
O5B NAD R . 5.76 14.83 -8.26
C5B NAD R . 6.65 14.57 -9.38
C4B NAD R . 7.93 13.93 -8.88
O4B NAD R . 7.59 12.79 -8.07
C3B NAD R . 8.83 14.82 -8.01
O3B NAD R . 10.18 14.65 -8.39
C2B NAD R . 8.58 14.29 -6.61
O2B NAD R . 9.63 14.56 -5.70
C1B NAD R . 8.44 12.80 -6.93
N9A NAD R . 7.83 11.98 -5.88
C8A NAD R . 6.96 10.93 -6.09
N7A NAD R . 6.57 10.35 -4.99
C5A NAD R . 7.25 11.03 -3.99
C6A NAD R . 7.27 10.87 -2.59
N6A NAD R . 6.56 9.95 -1.94
N1A NAD R . 8.04 11.72 -1.88
C2A NAD R . 8.75 12.64 -2.53
N3A NAD R . 8.82 12.88 -3.84
C4A NAD R . 8.04 12.02 -4.53
O3 NAD R . 4.10 16.48 -7.61
PN NAD R . 2.88 16.52 -8.64
O1N NAD R . 2.99 15.36 -9.56
O2N NAD R . 2.80 17.88 -9.23
O5D NAD R . 1.67 16.29 -7.64
C5D NAD R . 1.83 15.26 -6.64
C4D NAD R . 2.29 15.88 -5.34
O4D NAD R . 1.26 16.75 -4.82
C3D NAD R . 2.57 14.92 -4.19
O3D NAD R . 1.51 13.97 -4.09
C2D NAD R . 2.49 15.86 -2.99
O2D NAD R . 3.74 16.43 -2.65
C1D NAD R . 1.45 16.91 -3.43
N1N NAD R . 1.91 18.30 -3.19
C2N NAD R . 1.75 18.87 -1.97
C3N NAD R . 2.18 20.17 -1.74
C7N NAD R . 2.01 20.79 -0.38
O7N NAD R . 2.84 21.60 0.02
N7N NAD R . 0.94 20.42 0.33
C4N NAD R . 2.76 20.88 -2.79
C5N NAD R . 2.89 20.28 -4.03
C6N NAD R . 2.46 19.00 -4.21
MG MG S . 37.15 50.23 9.13
PA NAD T . -9.85 -12.09 4.44
O1A NAD T . -10.47 -12.80 5.58
O2A NAD T . -8.47 -12.49 4.02
O5B NAD T . -10.83 -12.19 3.17
C5B NAD T . -10.35 -11.61 1.93
C4B NAD T . -10.14 -12.70 0.92
O4B NAD T . -9.38 -13.78 1.49
C3B NAD T . -9.33 -12.30 -0.32
O3B NAD T . -10.10 -11.56 -1.25
C2B NAD T . -8.93 -13.68 -0.85
O2B NAD T . -9.97 -14.27 -1.59
C1B NAD T . -8.70 -14.47 0.45
N9A NAD T . -7.28 -14.59 0.81
C8A NAD T . -6.54 -13.72 1.56
N7A NAD T . -5.29 -14.10 1.72
C5A NAD T . -5.23 -15.31 1.03
C6A NAD T . -4.16 -16.22 0.83
N6A NAD T . -2.93 -16.04 1.32
N1A NAD T . -4.44 -17.32 0.09
C2A NAD T . -5.67 -17.49 -0.38
N3A NAD T . -6.73 -16.70 -0.25
C4A NAD T . -6.44 -15.61 0.47
O3 NAD T . -9.86 -10.52 4.74
PN NAD T . -8.81 -9.32 4.58
O1N NAD T . -9.49 -8.03 4.85
O2N NAD T . -7.57 -9.64 5.33
O5D NAD T . -8.51 -9.44 3.01
C5D NAD T . -7.80 -8.35 2.41
C4D NAD T . -7.74 -8.61 0.93
O4D NAD T . -7.17 -7.47 0.22
C3D NAD T . -6.87 -9.78 0.48
O3D NAD T . -5.63 -9.74 1.19
C2D NAD T . -6.60 -9.44 -0.99
O2D NAD T . -7.47 -10.12 -1.87
C1D NAD T . -6.78 -7.91 -1.05
N1N NAD T . -7.85 -7.52 -2.02
C2N NAD T . -9.07 -7.22 -1.53
C3N NAD T . -10.10 -6.86 -2.37
C7N NAD T . -11.43 -6.55 -1.73
O7N NAD T . -11.48 -6.18 -0.56
N7N NAD T . -12.51 -6.71 -2.49
C4N NAD T . -9.87 -6.82 -3.73
C5N NAD T . -8.61 -7.14 -4.22
C6N NAD T . -7.62 -7.48 -3.34
MG MG U . -53.90 -23.44 -15.60
MG MG V . -37.52 -43.07 11.61
#